data_9GM6
#
_entry.id   9GM6
#
_cell.length_a   1.00
_cell.length_b   1.00
_cell.length_c   1.00
_cell.angle_alpha   90.00
_cell.angle_beta   90.00
_cell.angle_gamma   90.00
#
_symmetry.space_group_name_H-M   'P 1'
#
loop_
_entity.id
_entity.type
_entity.pdbx_description
1 polymer 'Chromosome partition protein MukF'
2 polymer 'Chromosome partition protein MukE'
3 polymer 'Chromosome partition protein MukB'
4 polymer 'Acyl carrier protein'
5 non-polymer 'MAGNESIUM ION'
6 non-polymer "ADENOSINE-5'-TRIPHOSPHATE"
#
loop_
_entity_poly.entity_id
_entity_poly.type
_entity_poly.pdbx_seq_one_letter_code
_entity_poly.pdbx_strand_id
1 'polypeptide(L)'
;MSEYSQTVPELVSWARKNDFSISLPVERLAFLMAIAVLNSERLDGEMSEGELIDAFREVCKGFEQTAESVAVRANNAIND
MVRQKLLNRFTSELADGNAIYRLTPLGISISDYYIRQREFSTLRLSMQLSIVANELHRAAEAAEEGGDEFHWHRNVFAPL
KYSVAEIFDSIDMSQRLMDEQQNFVKEDIAALLNQDWQAAIANCEQLLSETSGTLRELQDTLEAAGDKLQANLLRIQDAN
MGSGGSELVDKLVFDLQSKLDRIISWGQQAIDLWIGYDRHVHKFIRTAIDMDKNRIFSQRLRQSVQHYFDNPWTLTVANA
ERLLDMRDEELALRNEEVTGELPLELEYEEFSEINDQLAAMIEKALLVYQQEQRPLDLGAVLRDYLAQHPLPRHFDVARI
LVDQAVRLGVAEADFSGLPAEWLAINDYGAKVQAHVIDTY
;
C
2 'polypeptide(L)'
;MSSTHIEQFMPVKLAQALANSLFPELDSQLRAGRHIGIDDLDNHAFLMDFQEQLEEFYARYNVELIRAPEGFFYLRPRST
TLIPRSVLSELDMMVGKILCYLYLSPERLANQGIFTSQELYEELISLADEGKLMKFVNQRSSGSDLDKQKLQEKVRTTLN
RLRRLGMVYFLPNNNNKFTITEAVFRFGADVRSGDDPREIQLRMIRDGEAMPVEGSLSLDDSENDETPDNSAEGAGDEQP
;
E,F
3 'polypeptide(L)'
;MIERGKFRSLTLVNWNGFFARTFDLDELVTTLSGGNGAGKSTTMAAFVTALIPDLTLLHFRNTTEAGATSGSRDKGLHGK
LRAGVCYSTLDVINSRHQRVVVGVRLQQVAGRDRKVDIKPFMIQGLPTAIQPTQLLTENVGERQARVLPLNELKDRLDEM
EGVQFKQFNSITDYHAQMFDLGVIPKRLRSASDRSKFYRLIEASLYGGISSAITRSLRDYLLPENSGVRKAFQDMEAALR
ENRITLEAIRVTQSDRDLFKHLITEATSYVSADYMRHANERRTHLDEALALRGELFGSHKQLATEQYRHVEMARELAEQS
GASSDLETDHQAASDHLNLVQTAMRQQEKIDRYQVDLEELSYRLEEQTDVVEEAGELQAEYEARTEATEQEVDELKSQLA
DYQQALDVQQTRAIQYQQALQALERARELCRLPDLSVDNAEEWLETFQAKEQQATEALLALEQKLSVADAAHNQFEQAYQ
LVKNIVGETSRSEAWQSARELLRDWPSQRHLADRVQPLRMRLSELEQRLNNQQNAERLLSEFCKRQGRQYQAEDLEALQN
ELEARQEALSLSVNEGGERRMEMRQELEQLKQKIQSLTARAPVWLAAQDTLNQLCEQSGETLASSNDVTEYMQQLLERER
EATVERDEVAAQKRELEKQIERLSQPSGAEDSRMIALAERFGGVLLSEIYDDITIDDAPYFSALYGPARHGIVVPDLSLV
RPHLETLEDCPEDLYLIEGDPQSFDDSVFNAEEQTNAVLVKSSDRQWRYSRYPELPLFGRAARENRLEALNLERDALAER
YATLSFDVQKIQRAHQAFSQFVGKHLSVAFDTDPEAEIRELRQRHTELEREVSRFEDQTQQQRQQYAQAKESLTTLNRLI
PQVTLLLDETLIDRVEEVREEMDEAQEAARFLQQHGSALTKLEPMVAVLQSDPQQHEQLQQDYETAKHSQHQAKQQAFAL
VEIVQRRVHFSYSDSAGMLSENADLNDKLRQRLEHAESDRSRAREQLRQQQAQYSQFNQVLASLKSSYETKQDMLKELLQ
EMKDIGVQADANAEMRARERRDRLHEALSVNRSRVNQLEKQIAFCEAEMENVQKKLRKLERDYYQIREQVVSAKAGWCAV
MRMVKDNGVERRLHRRELAYMEGGALRSMSDKALGALRLAVADNEHLRDALRLSEDPKRPERKVQFFIAVYQHLRERIRQ
DIIRTDDPVDAIEQMEIELARLTEELTAREQKLAISSKSVANIIRKTIQREQNRIRMLNQGLQAVSFGQVRGVRLNVNVR
ESHAILLDVLSEQQEQHQDLFNSQRLTFSEAMAKLYQRLNPQVDMGQRLPQTIGEELLDYRNYLELDVEVNRGSDGWLKA
ESGALSTGEAIGTGMSILVMVVQSWEEESRRLRGKDISPCRLLFLDEAARLDAKSIATLFELCERLQMQLIIAAPENISP
EKGTTYKLVRKVFKNHEHVHVVGLRGFGQDAPATQLISDVTA
;
A,B
4 'polypeptide(L)'
;MSTIEERVKKIIGEQLGVKQEEVTNNASFVEDLGAD(4HH)LDTVELVMALEEEFDTEIPDEEAEKITTVQAAIDYINGH
QA
;
G,D
#
loop_
_chem_comp.id
_chem_comp.type
_chem_comp.name
_chem_comp.formula
ATP non-polymer ADENOSINE-5'-TRIPHOSPHATE 'C10 H16 N5 O13 P3'
MG non-polymer 'MAGNESIUM ION' 'Mg 2'
#
# COMPACT_ATOMS: atom_id res chain seq x y z
N ILE A 296 -16.05 49.39 -9.08
CA ILE A 296 -15.54 48.57 -7.99
C ILE A 296 -14.01 48.41 -8.07
N PHE A 297 -13.45 48.02 -9.22
CA PHE A 297 -11.99 47.96 -9.29
C PHE A 297 -11.28 49.28 -9.52
N SER A 298 -11.91 50.31 -10.07
CA SER A 298 -11.13 51.48 -10.43
C SER A 298 -10.31 51.95 -9.24
N GLN A 299 -10.96 52.15 -8.10
CA GLN A 299 -10.25 52.52 -6.88
C GLN A 299 -9.29 51.41 -6.48
N ARG A 300 -9.79 50.18 -6.54
CA ARG A 300 -9.09 48.98 -6.05
C ARG A 300 -7.68 48.89 -6.61
N LEU A 301 -7.55 49.09 -7.92
CA LEU A 301 -6.27 48.93 -8.62
C LEU A 301 -5.50 50.24 -8.67
N ARG A 302 -6.20 51.36 -8.89
CA ARG A 302 -5.52 52.64 -9.03
C ARG A 302 -4.75 53.01 -7.76
N GLN A 303 -5.36 52.81 -6.59
CA GLN A 303 -4.61 53.09 -5.36
C GLN A 303 -3.39 52.19 -5.25
N SER A 304 -3.53 50.93 -5.63
CA SER A 304 -2.40 50.01 -5.57
C SER A 304 -1.23 50.53 -6.40
N VAL A 305 -1.49 50.99 -7.62
CA VAL A 305 -0.38 51.53 -8.41
C VAL A 305 0.18 52.77 -7.72
N GLN A 306 -0.69 53.64 -7.20
CA GLN A 306 -0.20 54.85 -6.56
C GLN A 306 0.78 54.54 -5.43
N HIS A 307 0.53 53.47 -4.66
CA HIS A 307 1.27 53.24 -3.42
C HIS A 307 2.10 51.96 -3.48
N TYR A 308 2.50 51.52 -4.67
CA TYR A 308 3.27 50.27 -4.78
C TYR A 308 4.53 50.30 -3.93
N PHE A 309 5.32 51.36 -4.06
CA PHE A 309 6.66 51.44 -3.47
C PHE A 309 6.68 51.52 -1.96
N ASP A 310 5.51 51.63 -1.32
CA ASP A 310 5.46 51.47 0.12
C ASP A 310 5.50 50.00 0.53
N ASN A 311 5.18 49.09 -0.37
CA ASN A 311 5.22 47.64 -0.11
C ASN A 311 5.51 46.91 -1.41
N PRO A 312 6.67 47.12 -2.02
CA PRO A 312 6.96 46.50 -3.31
C PRO A 312 7.03 44.98 -3.23
N TRP A 313 6.33 44.33 -4.16
CA TRP A 313 6.24 42.88 -4.24
C TRP A 313 6.41 42.43 -5.68
N THR A 314 6.87 41.18 -5.86
CA THR A 314 7.16 40.67 -7.19
C THR A 314 6.69 39.23 -7.37
N LEU A 315 6.16 38.94 -8.57
CA LEU A 315 5.66 37.64 -8.95
C LEU A 315 6.80 36.67 -9.23
N THR A 316 6.45 35.39 -9.23
CA THR A 316 7.37 34.31 -9.61
C THR A 316 6.96 33.71 -10.93
N VAL A 317 7.95 33.29 -11.73
CA VAL A 317 7.72 32.63 -13.00
C VAL A 317 8.74 31.52 -13.18
N ALA A 318 8.36 30.52 -13.97
CA ALA A 318 9.29 29.44 -14.29
C ALA A 318 10.33 29.93 -15.31
N ASN A 319 11.61 29.68 -15.01
CA ASN A 319 12.71 30.26 -15.78
C ASN A 319 13.78 29.19 -16.09
N ALA A 320 13.33 28.04 -16.58
CA ALA A 320 14.24 26.91 -16.81
C ALA A 320 15.50 27.35 -17.56
N GLU A 321 16.59 26.63 -17.33
CA GLU A 321 17.89 27.03 -17.87
C GLU A 321 17.96 26.78 -19.37
N ARG A 322 18.76 27.58 -20.05
CA ARG A 322 19.00 27.40 -21.47
C ARG A 322 20.05 26.33 -21.70
N LEU A 323 19.96 25.68 -22.85
CA LEU A 323 20.89 24.60 -23.20
C LEU A 323 22.21 25.18 -23.69
N LEU A 324 23.26 25.05 -22.89
CA LEU A 324 24.58 25.51 -23.27
C LEU A 324 25.13 24.67 -24.43
N ASP A 325 25.71 25.33 -25.42
CA ASP A 325 26.31 24.67 -26.55
C ASP A 325 27.69 25.26 -26.82
N MET A 326 28.51 24.50 -27.54
CA MET A 326 29.83 24.99 -27.92
C MET A 326 29.69 26.18 -28.85
N ARG A 327 30.48 27.23 -28.59
CA ARG A 327 30.59 28.31 -29.55
C ARG A 327 31.21 27.75 -30.82
N ASP A 328 30.61 28.04 -31.96
CA ASP A 328 31.15 27.56 -33.22
C ASP A 328 32.39 28.36 -33.60
N GLU A 329 33.52 27.67 -33.68
CA GLU A 329 34.74 28.28 -34.19
C GLU A 329 34.67 28.39 -35.70
N GLU A 330 35.47 29.29 -36.26
CA GLU A 330 35.48 29.48 -37.70
C GLU A 330 35.76 28.15 -38.39
N LEU A 331 34.97 27.83 -39.39
CA LEU A 331 35.07 26.53 -40.04
C LEU A 331 36.41 26.38 -40.74
N ALA A 332 37.12 25.31 -40.42
CA ALA A 332 38.44 25.03 -40.97
C ALA A 332 38.38 23.74 -41.77
N LEU A 333 38.38 23.87 -43.10
CA LEU A 333 38.34 22.71 -43.98
C LEU A 333 39.74 22.14 -44.18
N ARG A 334 39.80 20.95 -44.76
CA ARG A 334 41.06 20.28 -45.06
C ARG A 334 41.42 20.51 -46.52
N ASN A 335 42.53 21.22 -46.74
CA ASN A 335 43.06 21.50 -48.07
C ASN A 335 44.40 20.82 -48.24
N GLU A 336 44.54 20.03 -49.31
CA GLU A 336 45.75 19.24 -49.49
C GLU A 336 46.30 19.20 -50.91
N GLU A 337 45.65 19.83 -51.89
CA GLU A 337 46.16 19.88 -53.26
C GLU A 337 46.48 18.47 -53.76
N VAL A 338 45.47 17.61 -53.73
CA VAL A 338 45.66 16.21 -54.10
C VAL A 338 45.92 16.09 -55.59
N THR A 339 46.74 15.12 -55.97
CA THR A 339 47.07 14.86 -57.36
C THR A 339 47.04 13.35 -57.58
N GLY A 340 46.96 12.94 -58.84
CA GLY A 340 46.96 11.53 -59.16
C GLY A 340 46.94 11.31 -60.65
N GLU A 341 47.23 10.06 -61.03
CA GLU A 341 47.25 9.66 -62.43
C GLU A 341 45.83 9.47 -62.94
N LEU A 342 45.55 10.01 -64.12
CA LEU A 342 44.19 10.06 -64.63
C LEU A 342 43.87 8.79 -65.43
N PRO A 343 42.70 8.17 -65.24
CA PRO A 343 42.44 6.86 -65.87
C PRO A 343 42.37 6.92 -67.38
N LEU A 344 42.66 5.77 -68.01
CA LEU A 344 42.64 5.59 -69.45
C LEU A 344 41.25 5.23 -69.96
N GLU A 345 41.18 4.88 -71.25
CA GLU A 345 39.92 4.46 -71.86
C GLU A 345 39.50 3.07 -71.35
N LEU A 346 38.19 2.88 -71.25
CA LEU A 346 37.64 1.66 -70.63
C LEU A 346 37.84 0.44 -71.52
N GLU A 347 38.29 -0.65 -70.91
CA GLU A 347 38.45 -1.93 -71.62
C GLU A 347 37.16 -2.76 -71.49
N TYR A 348 37.22 -4.00 -71.97
CA TYR A 348 36.04 -4.85 -72.02
C TYR A 348 36.42 -6.32 -71.87
N GLU A 349 35.41 -7.12 -71.49
CA GLU A 349 35.55 -8.55 -71.26
C GLU A 349 34.20 -9.20 -71.57
N GLU A 350 34.23 -10.46 -72.01
CA GLU A 350 33.06 -11.11 -72.60
C GLU A 350 32.71 -12.40 -71.88
N PHE A 351 31.43 -12.77 -71.95
CA PHE A 351 30.93 -13.99 -71.33
C PHE A 351 30.97 -15.18 -72.28
N SER A 352 30.93 -16.38 -71.69
CA SER A 352 30.90 -17.64 -72.42
C SER A 352 29.49 -18.24 -72.33
N GLU A 353 29.02 -18.81 -73.44
CA GLU A 353 27.68 -19.38 -73.54
C GLU A 353 27.67 -20.90 -73.48
N ILE A 354 28.73 -21.51 -72.97
CA ILE A 354 28.81 -22.98 -72.96
C ILE A 354 27.66 -23.59 -72.16
N ASN A 355 27.32 -22.99 -71.02
CA ASN A 355 26.26 -23.56 -70.18
C ASN A 355 24.89 -23.45 -70.85
N ASP A 356 24.63 -22.37 -71.60
CA ASP A 356 23.37 -22.25 -72.31
C ASP A 356 23.26 -23.34 -73.37
N GLN A 357 24.35 -23.59 -74.10
CA GLN A 357 24.37 -24.66 -75.07
C GLN A 357 24.08 -26.00 -74.39
N LEU A 358 24.71 -26.24 -73.24
CA LEU A 358 24.48 -27.46 -72.49
C LEU A 358 23.00 -27.61 -72.13
N ALA A 359 22.38 -26.53 -71.67
CA ALA A 359 20.95 -26.57 -71.37
C ALA A 359 20.15 -26.93 -72.62
N ALA A 360 20.55 -26.40 -73.77
CA ALA A 360 19.82 -26.71 -75.00
C ALA A 360 19.90 -28.19 -75.34
N MET A 361 21.10 -28.78 -75.31
CA MET A 361 21.18 -30.21 -75.59
C MET A 361 20.33 -31.01 -74.61
N ILE A 362 20.41 -30.68 -73.31
CA ILE A 362 19.68 -31.49 -72.35
C ILE A 362 18.17 -31.37 -72.55
N GLU A 363 17.66 -30.15 -72.76
CA GLU A 363 16.22 -30.01 -72.91
C GLU A 363 15.72 -30.72 -74.15
N LYS A 364 16.46 -30.61 -75.27
CA LYS A 364 16.06 -31.38 -76.46
C LYS A 364 16.09 -32.88 -76.19
N ALA A 365 17.11 -33.36 -75.49
CA ALA A 365 17.19 -34.80 -75.22
C ALA A 365 16.07 -35.27 -74.31
N LEU A 366 15.61 -34.41 -73.40
CA LEU A 366 14.61 -34.80 -72.41
C LEU A 366 13.18 -34.63 -72.88
N LEU A 367 12.93 -33.84 -73.92
CA LEU A 367 11.55 -33.58 -74.32
C LEU A 367 10.75 -34.85 -74.63
N VAL A 368 11.42 -35.94 -75.03
CA VAL A 368 10.70 -37.13 -75.45
C VAL A 368 9.88 -37.72 -74.30
N TYR A 369 10.41 -37.67 -73.09
CA TYR A 369 9.72 -38.29 -71.95
C TYR A 369 8.33 -37.71 -71.77
N GLN A 370 8.19 -36.39 -71.85
CA GLN A 370 6.88 -35.79 -71.72
C GLN A 370 5.98 -36.21 -72.87
N GLN A 371 6.48 -36.13 -74.10
CA GLN A 371 5.65 -36.39 -75.26
C GLN A 371 5.08 -37.80 -75.23
N GLU A 372 5.88 -38.79 -74.83
CA GLU A 372 5.35 -40.13 -74.63
C GLU A 372 4.78 -40.34 -73.23
N GLN A 373 4.94 -39.37 -72.33
CA GLN A 373 4.50 -39.52 -70.95
C GLN A 373 5.14 -40.74 -70.31
N ARG A 374 6.40 -40.98 -70.65
CA ARG A 374 7.13 -42.12 -70.14
C ARG A 374 7.63 -41.85 -68.72
N PRO A 375 7.47 -42.78 -67.79
CA PRO A 375 8.01 -42.56 -66.44
C PRO A 375 9.50 -42.29 -66.48
N LEU A 376 9.91 -41.23 -65.77
CA LEU A 376 11.30 -40.77 -65.74
C LEU A 376 11.92 -41.06 -64.37
N ASP A 377 13.10 -41.68 -64.38
CA ASP A 377 13.89 -41.93 -63.19
C ASP A 377 15.19 -41.15 -63.26
N LEU A 378 15.41 -40.25 -62.28
CA LEU A 378 16.60 -39.42 -62.31
C LEU A 378 17.87 -40.25 -62.22
N GLY A 379 17.86 -41.32 -61.45
CA GLY A 379 19.06 -42.12 -61.29
C GLY A 379 19.60 -42.61 -62.62
N ALA A 380 18.77 -43.33 -63.37
CA ALA A 380 19.21 -43.88 -64.64
C ALA A 380 19.60 -42.78 -65.62
N VAL A 381 18.78 -41.72 -65.70
CA VAL A 381 19.03 -40.67 -66.68
C VAL A 381 20.35 -39.98 -66.38
N LEU A 382 20.60 -39.66 -65.11
CA LEU A 382 21.86 -39.02 -64.75
C LEU A 382 23.04 -39.93 -65.03
N ARG A 383 22.91 -41.23 -64.70
CA ARG A 383 24.02 -42.14 -64.94
C ARG A 383 24.34 -42.24 -66.43
N ASP A 384 23.30 -42.31 -67.28
CA ASP A 384 23.55 -42.38 -68.71
C ASP A 384 24.11 -41.06 -69.25
N TYR A 385 23.61 -39.93 -68.77
CA TYR A 385 23.98 -38.64 -69.33
C TYR A 385 25.34 -38.15 -68.86
N LEU A 386 25.75 -38.49 -67.63
CA LEU A 386 27.08 -38.07 -67.18
C LEU A 386 28.19 -38.78 -67.95
N ALA A 387 27.91 -39.95 -68.51
CA ALA A 387 28.94 -40.66 -69.26
C ALA A 387 29.40 -39.88 -70.48
N GLN A 388 28.63 -38.89 -70.92
CA GLN A 388 28.94 -38.16 -72.14
C GLN A 388 29.81 -36.93 -71.90
N HIS A 389 30.23 -36.67 -70.67
CA HIS A 389 31.09 -35.53 -70.36
C HIS A 389 32.16 -35.95 -69.37
N PRO A 390 33.28 -35.22 -69.33
CA PRO A 390 34.35 -35.55 -68.38
C PRO A 390 34.01 -35.15 -66.95
N LEU A 391 34.75 -35.74 -66.01
CA LEU A 391 34.48 -35.60 -64.59
C LEU A 391 34.40 -34.16 -64.11
N PRO A 392 35.30 -33.25 -64.46
CA PRO A 392 35.22 -31.89 -63.90
C PRO A 392 33.89 -31.20 -64.16
N ARG A 393 33.23 -31.53 -65.26
CA ARG A 393 31.96 -30.89 -65.63
C ARG A 393 30.73 -31.61 -65.11
N HIS A 394 30.88 -32.75 -64.43
CA HIS A 394 29.72 -33.53 -64.00
C HIS A 394 28.76 -32.71 -63.13
N PHE A 395 29.31 -32.00 -62.14
CA PHE A 395 28.46 -31.28 -61.19
C PHE A 395 27.50 -30.32 -61.91
N ASP A 396 28.02 -29.52 -62.84
CA ASP A 396 27.17 -28.58 -63.55
C ASP A 396 26.12 -29.30 -64.37
N VAL A 397 26.50 -30.41 -65.01
CA VAL A 397 25.56 -31.18 -65.81
C VAL A 397 24.43 -31.70 -64.93
N ALA A 398 24.78 -32.24 -63.76
CA ALA A 398 23.78 -32.73 -62.83
C ALA A 398 22.81 -31.63 -62.44
N ARG A 399 23.35 -30.47 -62.03
CA ARG A 399 22.49 -29.36 -61.65
C ARG A 399 21.52 -29.01 -62.77
N ILE A 400 22.04 -28.80 -63.98
CA ILE A 400 21.19 -28.34 -65.08
C ILE A 400 20.15 -29.40 -65.41
N LEU A 401 20.55 -30.68 -65.43
CA LEU A 401 19.60 -31.74 -65.75
C LEU A 401 18.47 -31.76 -64.73
N VAL A 402 18.80 -31.62 -63.45
CA VAL A 402 17.74 -31.57 -62.45
C VAL A 402 16.83 -30.37 -62.70
N ASP A 403 17.42 -29.21 -63.03
CA ASP A 403 16.59 -28.04 -63.28
C ASP A 403 15.59 -28.32 -64.40
N GLN A 404 16.02 -29.00 -65.47
CA GLN A 404 15.10 -29.27 -66.56
C GLN A 404 14.08 -30.35 -66.21
N ALA A 405 14.48 -31.36 -65.44
CA ALA A 405 13.60 -32.51 -65.22
C ALA A 405 12.43 -32.18 -64.32
N VAL A 406 12.63 -31.33 -63.31
CA VAL A 406 11.59 -31.11 -62.31
C VAL A 406 10.38 -30.40 -62.88
N ARG A 407 10.54 -29.71 -64.02
CA ARG A 407 9.40 -29.03 -64.63
C ARG A 407 8.39 -29.99 -65.22
N LEU A 408 8.76 -31.25 -65.41
CA LEU A 408 7.88 -32.24 -66.06
C LEU A 408 7.16 -33.05 -64.99
N GLY A 409 5.92 -32.67 -64.69
CA GLY A 409 5.09 -33.46 -63.80
C GLY A 409 5.61 -33.52 -62.37
N VAL A 410 4.97 -34.40 -61.61
CA VAL A 410 5.31 -34.62 -60.20
C VAL A 410 5.41 -36.12 -59.95
N ALA A 411 5.98 -36.46 -58.79
CA ALA A 411 6.08 -37.85 -58.35
C ALA A 411 5.00 -38.11 -57.30
N GLU A 412 4.06 -38.98 -57.62
CA GLU A 412 2.96 -39.26 -56.70
C GLU A 412 3.42 -39.95 -55.43
N ALA A 413 4.58 -40.60 -55.47
CA ALA A 413 5.07 -41.32 -54.29
C ALA A 413 5.37 -40.39 -53.13
N ASP A 414 5.55 -39.09 -53.40
CA ASP A 414 5.97 -38.16 -52.35
C ASP A 414 4.96 -38.09 -51.22
N PHE A 415 3.69 -38.42 -51.48
CA PHE A 415 2.64 -38.36 -50.47
C PHE A 415 2.49 -39.66 -49.70
N SER A 416 3.38 -40.63 -49.91
CA SER A 416 3.29 -41.92 -49.24
C SER A 416 3.92 -41.91 -47.85
N GLY A 417 4.69 -40.87 -47.51
CA GLY A 417 5.42 -40.87 -46.26
C GLY A 417 6.66 -41.73 -46.25
N LEU A 418 7.10 -42.21 -47.41
CA LEU A 418 8.24 -43.12 -47.49
C LEU A 418 9.41 -42.42 -48.16
N PRO A 419 10.51 -42.16 -47.45
CA PRO A 419 11.64 -41.45 -48.08
C PRO A 419 12.28 -42.28 -49.19
N ALA A 420 12.87 -41.57 -50.15
CA ALA A 420 13.60 -42.20 -51.23
C ALA A 420 15.06 -42.46 -50.83
N GLU A 421 15.70 -43.36 -51.56
CA GLU A 421 17.08 -43.75 -51.30
C GLU A 421 18.05 -42.87 -52.08
N TRP A 422 19.32 -42.92 -51.68
CA TRP A 422 20.39 -42.18 -52.35
C TRP A 422 21.04 -43.08 -53.39
N LEU A 423 20.70 -42.86 -54.67
CA LEU A 423 21.23 -43.66 -55.76
C LEU A 423 22.57 -43.11 -56.24
N ALA A 424 23.51 -44.02 -56.50
CA ALA A 424 24.78 -43.64 -57.09
C ALA A 424 24.63 -43.49 -58.60
N ILE A 425 25.34 -42.51 -59.17
CA ILE A 425 25.21 -42.18 -60.58
C ILE A 425 26.54 -42.16 -61.31
N ASN A 426 27.66 -42.35 -60.62
CA ASN A 426 28.96 -42.42 -61.28
C ASN A 426 29.98 -42.91 -60.26
N ASP A 427 31.20 -43.11 -60.73
CA ASP A 427 32.28 -43.50 -59.84
C ASP A 427 32.84 -42.25 -59.17
N TYR A 428 33.76 -42.41 -58.21
CA TYR A 428 34.19 -41.31 -57.36
C TYR A 428 33.12 -40.89 -56.35
N GLY A 429 31.94 -41.48 -56.42
CA GLY A 429 31.00 -41.38 -55.32
C GLY A 429 30.04 -40.21 -55.32
N ALA A 430 29.28 -40.03 -56.39
CA ALA A 430 28.21 -39.04 -56.43
C ALA A 430 26.86 -39.74 -56.27
N LYS A 431 25.93 -39.06 -55.61
CA LYS A 431 24.67 -39.66 -55.21
C LYS A 431 23.52 -38.73 -55.58
N VAL A 432 22.32 -39.29 -55.72
CA VAL A 432 21.11 -38.53 -56.02
C VAL A 432 19.95 -39.12 -55.24
N GLN A 433 19.00 -38.26 -54.86
CA GLN A 433 17.79 -38.66 -54.14
C GLN A 433 16.59 -38.07 -54.85
N ALA A 434 15.69 -38.93 -55.34
CA ALA A 434 14.48 -38.46 -55.98
C ALA A 434 13.55 -39.63 -56.25
N HIS A 435 12.26 -39.41 -56.05
CA HIS A 435 11.24 -40.38 -56.43
C HIS A 435 11.01 -40.33 -57.94
N VAL A 436 10.47 -41.44 -58.45
CA VAL A 436 10.15 -41.51 -59.87
C VAL A 436 9.02 -40.56 -60.20
N ILE A 437 9.10 -39.95 -61.38
CA ILE A 437 8.11 -38.99 -61.84
C ILE A 437 7.00 -39.76 -62.56
N ASP A 438 5.79 -39.71 -62.02
CA ASP A 438 4.66 -40.47 -62.57
C ASP A 438 3.55 -39.60 -63.12
N THR A 439 3.19 -38.51 -62.45
CA THR A 439 2.03 -37.71 -62.83
C THR A 439 2.47 -36.58 -63.75
N TYR A 440 2.13 -36.69 -65.03
CA TYR A 440 2.47 -35.66 -66.01
C TYR A 440 1.22 -34.87 -66.41
N SER B 2 -2.37 -7.91 -17.86
CA SER B 2 -1.23 -8.77 -18.27
C SER B 2 0.08 -7.99 -18.31
N SER B 3 1.18 -8.72 -18.49
CA SER B 3 2.50 -8.09 -18.52
C SER B 3 2.71 -7.37 -19.85
N THR B 4 3.75 -6.55 -19.88
CA THR B 4 4.09 -5.74 -21.06
C THR B 4 2.85 -4.99 -21.55
N HIS B 5 2.24 -4.24 -20.64
CA HIS B 5 0.98 -3.58 -20.88
C HIS B 5 1.08 -2.16 -20.32
N ILE B 6 0.71 -1.17 -21.13
CA ILE B 6 0.98 0.24 -20.78
C ILE B 6 0.51 0.53 -19.36
N GLU B 7 -0.64 -0.03 -18.99
CA GLU B 7 -1.23 0.29 -17.69
C GLU B 7 -0.31 -0.07 -16.53
N GLN B 8 0.62 -1.00 -16.73
CA GLN B 8 1.52 -1.37 -15.64
C GLN B 8 2.33 -0.18 -15.16
N PHE B 9 2.73 0.71 -16.07
CA PHE B 9 3.64 1.79 -15.76
C PHE B 9 3.00 3.17 -15.81
N MET B 10 1.95 3.34 -16.62
CA MET B 10 1.38 4.65 -16.84
C MET B 10 -0.10 4.60 -17.18
N PRO B 11 -0.88 5.57 -16.72
CA PRO B 11 -2.27 5.68 -17.18
C PRO B 11 -2.32 5.90 -18.69
N VAL B 12 -3.34 5.31 -19.33
CA VAL B 12 -3.45 5.39 -20.78
C VAL B 12 -3.62 6.83 -21.23
N LYS B 13 -4.45 7.62 -20.53
CA LYS B 13 -4.68 8.99 -20.95
C LYS B 13 -3.40 9.83 -20.88
N LEU B 14 -2.58 9.59 -19.87
CA LEU B 14 -1.33 10.35 -19.76
C LEU B 14 -0.39 10.01 -20.91
N ALA B 15 -0.23 8.72 -21.20
CA ALA B 15 0.61 8.32 -22.34
C ALA B 15 0.06 8.89 -23.64
N GLN B 16 -1.26 8.88 -23.79
CA GLN B 16 -1.90 9.43 -24.97
C GLN B 16 -1.57 10.92 -25.11
N ALA B 17 -1.59 11.64 -24.00
CA ALA B 17 -1.25 13.06 -24.05
C ALA B 17 0.21 13.26 -24.43
N LEU B 18 1.12 12.55 -23.76
CA LEU B 18 2.54 12.75 -24.03
C LEU B 18 2.91 12.37 -25.46
N ALA B 19 2.13 11.50 -26.08
CA ALA B 19 2.42 11.10 -27.45
C ALA B 19 1.90 12.09 -28.48
N ASN B 20 1.15 13.10 -28.05
CA ASN B 20 0.57 14.04 -28.99
C ASN B 20 1.64 14.93 -29.62
N SER B 21 1.34 15.43 -30.82
CA SER B 21 2.30 16.24 -31.56
C SER B 21 2.46 17.63 -31.00
N LEU B 22 1.49 18.11 -30.20
CA LEU B 22 1.58 19.43 -29.61
C LEU B 22 2.38 19.48 -28.33
N PHE B 23 2.64 18.32 -27.71
CA PHE B 23 3.28 18.31 -26.40
C PHE B 23 4.66 18.94 -26.38
N PRO B 24 5.59 18.63 -27.29
CA PRO B 24 6.95 19.17 -27.13
C PRO B 24 6.99 20.69 -27.15
N GLU B 25 6.31 21.32 -28.11
CA GLU B 25 6.25 22.77 -28.16
C GLU B 25 5.74 23.33 -26.83
N LEU B 26 4.61 22.80 -26.36
CA LEU B 26 3.96 23.34 -25.18
C LEU B 26 4.82 23.14 -23.93
N ASP B 27 5.44 21.97 -23.80
CA ASP B 27 6.31 21.71 -22.66
C ASP B 27 7.49 22.67 -22.65
N SER B 28 8.14 22.85 -23.80
CA SER B 28 9.26 23.77 -23.86
C SER B 28 8.82 25.18 -23.47
N GLN B 29 7.68 25.63 -23.99
CA GLN B 29 7.25 26.98 -23.65
C GLN B 29 6.87 27.11 -22.19
N LEU B 30 6.13 26.14 -21.65
CA LEU B 30 5.68 26.24 -20.26
C LEU B 30 6.87 26.28 -19.32
N ARG B 31 7.88 25.45 -19.55
CA ARG B 31 9.05 25.51 -18.68
C ARG B 31 9.73 26.88 -18.79
N ALA B 32 9.57 27.55 -19.94
CA ALA B 32 10.17 28.87 -20.13
C ALA B 32 9.37 29.97 -19.45
N GLY B 33 8.20 29.68 -18.89
CA GLY B 33 7.41 30.66 -18.18
C GLY B 33 6.25 31.25 -18.95
N ARG B 34 5.98 30.77 -20.17
CA ARG B 34 4.93 31.36 -20.99
C ARG B 34 3.57 31.06 -20.40
N HIS B 35 2.68 32.07 -20.43
CA HIS B 35 1.31 31.91 -20.01
C HIS B 35 0.42 31.57 -21.20
N ILE B 36 -0.61 30.77 -20.97
CA ILE B 36 -1.47 30.26 -22.03
C ILE B 36 -2.88 30.81 -21.82
N GLY B 37 -3.36 31.55 -22.81
CA GLY B 37 -4.69 32.12 -22.77
C GLY B 37 -5.66 31.42 -23.71
N ILE B 38 -6.82 32.06 -23.90
CA ILE B 38 -7.86 31.50 -24.74
C ILE B 38 -7.57 31.63 -26.22
N ASP B 39 -6.71 32.56 -26.63
CA ASP B 39 -6.62 32.90 -28.05
C ASP B 39 -5.90 31.80 -28.84
N ASP B 40 -4.84 31.23 -28.28
CA ASP B 40 -4.13 30.14 -28.94
C ASP B 40 -4.87 28.82 -28.70
N LEU B 41 -5.95 28.66 -29.48
CA LEU B 41 -6.86 27.54 -29.31
C LEU B 41 -6.19 26.18 -29.22
N ASP B 42 -5.27 25.88 -30.14
CA ASP B 42 -4.70 24.54 -30.17
C ASP B 42 -4.16 24.17 -28.80
N ASN B 43 -3.29 25.04 -28.26
CA ASN B 43 -2.63 24.74 -26.99
C ASN B 43 -3.62 24.74 -25.83
N HIS B 44 -4.53 25.71 -25.82
CA HIS B 44 -5.46 25.83 -24.70
C HIS B 44 -6.41 24.64 -24.65
N ALA B 45 -6.95 24.24 -25.80
CA ALA B 45 -7.81 23.07 -25.86
C ALA B 45 -7.03 21.82 -25.45
N PHE B 46 -5.78 21.68 -25.90
CA PHE B 46 -5.01 20.53 -25.46
C PHE B 46 -4.85 20.52 -23.95
N LEU B 47 -4.56 21.67 -23.35
CA LEU B 47 -4.41 21.73 -21.90
C LEU B 47 -5.71 21.35 -21.20
N MET B 48 -6.85 21.85 -21.70
CA MET B 48 -8.12 21.51 -21.09
C MET B 48 -8.42 20.02 -21.19
N ASP B 49 -8.06 19.40 -22.31
CA ASP B 49 -8.42 18.00 -22.51
C ASP B 49 -7.75 17.09 -21.49
N PHE B 50 -6.48 17.34 -21.18
CA PHE B 50 -5.70 16.46 -20.30
C PHE B 50 -5.22 17.15 -19.03
N GLN B 51 -5.98 18.11 -18.51
CA GLN B 51 -5.47 18.94 -17.41
C GLN B 51 -4.92 18.11 -16.26
N GLU B 52 -5.71 17.14 -15.78
CA GLU B 52 -5.30 16.41 -14.58
C GLU B 52 -4.05 15.57 -14.83
N GLN B 53 -3.92 14.99 -16.02
CA GLN B 53 -2.73 14.21 -16.33
C GLN B 53 -1.48 15.10 -16.31
N LEU B 54 -1.56 16.28 -16.93
CA LEU B 54 -0.40 17.17 -16.92
C LEU B 54 -0.08 17.65 -15.52
N GLU B 55 -1.10 17.96 -14.71
CA GLU B 55 -0.80 18.37 -13.34
C GLU B 55 -0.11 17.25 -12.56
N GLU B 56 -0.58 16.01 -12.72
CA GLU B 56 0.06 14.92 -11.99
C GLU B 56 1.46 14.66 -12.51
N PHE B 57 1.67 14.83 -13.82
CA PHE B 57 3.00 14.63 -14.41
C PHE B 57 4.00 15.65 -13.89
N TYR B 58 3.68 16.93 -14.03
CA TYR B 58 4.61 17.97 -13.59
C TYR B 58 4.81 17.96 -12.08
N ALA B 59 3.88 17.37 -11.33
CA ALA B 59 4.08 17.25 -9.89
C ALA B 59 5.35 16.47 -9.56
N ARG B 60 5.80 15.61 -10.47
CA ARG B 60 7.03 14.86 -10.23
C ARG B 60 8.23 15.79 -10.10
N TYR B 61 8.15 16.96 -10.72
CA TYR B 61 9.23 17.94 -10.68
C TYR B 61 9.10 18.91 -9.50
N ASN B 62 8.10 18.71 -8.64
CA ASN B 62 7.80 19.66 -7.56
C ASN B 62 7.44 21.03 -8.12
N VAL B 63 6.55 21.05 -9.10
CA VAL B 63 5.97 22.28 -9.62
C VAL B 63 4.49 22.06 -9.86
N GLU B 64 3.68 23.06 -9.56
CA GLU B 64 2.24 23.01 -9.78
C GLU B 64 1.91 23.63 -11.12
N LEU B 65 1.18 22.89 -11.95
CA LEU B 65 0.54 23.46 -13.13
C LEU B 65 -0.78 24.07 -12.70
N ILE B 66 -0.91 25.39 -12.83
CA ILE B 66 -2.00 26.13 -12.20
C ILE B 66 -2.88 26.77 -13.27
N ARG B 67 -4.17 26.83 -12.94
CA ARG B 67 -5.21 27.41 -13.78
C ARG B 67 -5.88 28.56 -13.05
N ALA B 68 -5.68 29.77 -13.55
CA ALA B 68 -6.29 30.95 -12.97
C ALA B 68 -7.78 30.99 -13.30
N PRO B 69 -8.58 31.68 -12.49
CA PRO B 69 -10.02 31.76 -12.79
C PRO B 69 -10.31 32.39 -14.12
N GLU B 70 -9.46 33.29 -14.61
CA GLU B 70 -9.66 33.88 -15.94
C GLU B 70 -9.42 32.88 -17.06
N GLY B 71 -8.96 31.68 -16.75
CA GLY B 71 -8.88 30.61 -17.72
C GLY B 71 -7.52 30.36 -18.32
N PHE B 72 -6.46 30.99 -17.81
CA PHE B 72 -5.12 30.83 -18.33
C PHE B 72 -4.25 29.99 -17.41
N PHE B 73 -3.49 29.07 -18.00
CA PHE B 73 -2.61 28.15 -17.30
C PHE B 73 -1.21 28.73 -17.16
N TYR B 74 -0.48 28.25 -16.17
CA TYR B 74 0.93 28.57 -16.01
C TYR B 74 1.52 27.69 -14.92
N LEU B 75 2.85 27.78 -14.79
CA LEU B 75 3.62 26.94 -13.88
C LEU B 75 4.08 27.75 -12.69
N ARG B 76 3.90 27.21 -11.49
CA ARG B 76 4.42 27.84 -10.27
C ARG B 76 5.32 26.85 -9.53
N PRO B 77 6.65 27.07 -9.49
CA PRO B 77 7.53 26.12 -8.81
C PRO B 77 7.41 26.19 -7.30
N ARG B 78 7.67 25.06 -6.65
CA ARG B 78 7.72 25.01 -5.20
C ARG B 78 9.13 25.36 -4.70
N SER B 79 9.28 25.40 -3.37
CA SER B 79 10.59 25.69 -2.79
C SER B 79 11.61 24.63 -3.12
N THR B 80 11.19 23.36 -3.18
CA THR B 80 12.08 22.26 -3.54
C THR B 80 12.02 21.96 -5.03
N THR B 81 11.77 22.98 -5.85
CA THR B 81 11.53 22.79 -7.27
C THR B 81 12.74 22.17 -7.95
N LEU B 82 12.47 21.29 -8.92
CA LEU B 82 13.51 20.76 -9.78
C LEU B 82 13.81 21.70 -10.94
N ILE B 83 12.99 22.71 -11.14
CA ILE B 83 13.13 23.67 -12.24
C ILE B 83 13.36 25.04 -11.63
N PRO B 84 14.35 25.81 -12.09
CA PRO B 84 14.64 27.09 -11.47
C PRO B 84 13.45 28.05 -11.51
N ARG B 85 13.49 29.04 -10.63
CA ARG B 85 12.43 30.01 -10.44
C ARG B 85 13.03 31.41 -10.42
N SER B 86 12.28 32.38 -10.95
CA SER B 86 12.78 33.74 -11.07
C SER B 86 11.64 34.72 -10.82
N VAL B 87 12.01 35.97 -10.56
CA VAL B 87 11.06 37.02 -10.20
C VAL B 87 11.22 38.20 -11.14
N LEU B 88 10.11 38.87 -11.42
CA LEU B 88 10.10 40.02 -12.33
C LEU B 88 10.61 41.28 -11.64
N SER B 89 11.06 42.23 -12.45
CA SER B 89 11.53 43.52 -11.96
C SER B 89 10.34 44.44 -11.64
N GLU B 90 10.63 45.47 -10.82
CA GLU B 90 9.58 46.39 -10.42
C GLU B 90 9.06 47.23 -11.59
N LEU B 91 9.93 47.59 -12.54
CA LEU B 91 9.45 48.26 -13.74
C LEU B 91 8.51 47.37 -14.53
N ASP B 92 8.82 46.08 -14.61
CA ASP B 92 7.90 45.13 -15.22
C ASP B 92 6.54 45.20 -14.55
N MET B 93 6.53 45.34 -13.22
CA MET B 93 5.27 45.44 -12.50
C MET B 93 4.52 46.71 -12.84
N MET B 94 5.22 47.84 -12.91
CA MET B 94 4.52 49.07 -13.25
C MET B 94 3.83 48.92 -14.59
N VAL B 95 4.55 48.43 -15.61
CA VAL B 95 3.94 48.28 -16.92
C VAL B 95 2.84 47.22 -16.91
N GLY B 96 3.00 46.17 -16.12
CA GLY B 96 1.99 45.13 -16.07
C GLY B 96 0.68 45.62 -15.49
N LYS B 97 0.75 46.30 -14.35
CA LYS B 97 -0.46 46.84 -13.75
C LYS B 97 -1.11 47.86 -14.69
N ILE B 98 -0.30 48.65 -15.40
CA ILE B 98 -0.88 49.59 -16.35
C ILE B 98 -1.57 48.86 -17.49
N LEU B 99 -0.96 47.79 -18.00
CA LEU B 99 -1.61 47.00 -19.04
C LEU B 99 -2.94 46.43 -18.56
N CYS B 100 -2.98 45.98 -17.30
CA CYS B 100 -4.25 45.50 -16.74
C CYS B 100 -5.29 46.60 -16.74
N TYR B 101 -4.92 47.77 -16.20
CA TYR B 101 -5.86 48.88 -16.14
C TYR B 101 -6.35 49.26 -17.53
N LEU B 102 -5.48 49.17 -18.53
CA LEU B 102 -5.91 49.36 -19.90
C LEU B 102 -6.94 48.31 -20.32
N TYR B 103 -6.68 47.05 -20.00
CA TYR B 103 -7.61 46.00 -20.41
C TYR B 103 -9.00 46.23 -19.83
N LEU B 104 -9.06 46.65 -18.57
CA LEU B 104 -10.36 46.87 -17.94
C LEU B 104 -11.08 48.09 -18.52
N SER B 105 -10.33 49.14 -18.84
CA SER B 105 -10.89 50.45 -19.13
C SER B 105 -11.90 50.38 -20.27
N PRO B 106 -13.19 50.65 -20.01
CA PRO B 106 -14.14 50.74 -21.13
C PRO B 106 -14.00 52.00 -21.96
N GLU B 107 -13.45 53.08 -21.40
CA GLU B 107 -13.31 54.30 -22.18
C GLU B 107 -12.44 54.07 -23.42
N ARG B 108 -11.48 53.16 -23.33
CA ARG B 108 -10.62 52.81 -24.46
C ARG B 108 -11.03 51.52 -25.14
N LEU B 109 -12.20 50.98 -24.82
CA LEU B 109 -12.70 49.81 -25.54
C LEU B 109 -12.87 50.10 -27.03
N ALA B 110 -13.08 51.38 -27.39
CA ALA B 110 -13.27 51.73 -28.79
C ALA B 110 -12.06 51.36 -29.64
N ASN B 111 -10.88 51.31 -29.03
CA ASN B 111 -9.68 50.92 -29.78
C ASN B 111 -9.77 49.49 -30.29
N GLN B 112 -10.72 48.71 -29.79
CA GLN B 112 -10.90 47.32 -30.22
C GLN B 112 -9.67 46.48 -29.94
N GLY B 113 -8.97 46.79 -28.84
CA GLY B 113 -7.87 46.00 -28.36
C GLY B 113 -6.50 46.43 -28.85
N ILE B 114 -6.41 47.29 -29.84
CA ILE B 114 -5.13 47.70 -30.41
C ILE B 114 -4.65 48.94 -29.69
N PHE B 115 -3.51 48.83 -29.00
CA PHE B 115 -2.92 49.94 -28.27
C PHE B 115 -1.54 50.26 -28.83
N THR B 116 -1.10 51.48 -28.57
CA THR B 116 0.20 51.95 -29.01
C THR B 116 1.08 52.23 -27.79
N SER B 117 2.39 52.03 -27.97
CA SER B 117 3.33 52.23 -26.88
C SER B 117 3.22 53.64 -26.30
N GLN B 118 2.94 54.63 -27.15
CA GLN B 118 2.81 56.00 -26.67
C GLN B 118 1.64 56.14 -25.70
N GLU B 119 0.50 55.52 -26.03
CA GLU B 119 -0.66 55.59 -25.14
C GLU B 119 -0.34 54.94 -23.79
N LEU B 120 0.32 53.78 -23.82
CA LEU B 120 0.72 53.10 -22.59
C LEU B 120 1.62 54.00 -21.76
N TYR B 121 2.61 54.61 -22.39
CA TYR B 121 3.50 55.50 -21.67
C TYR B 121 2.75 56.67 -21.05
N GLU B 122 1.82 57.25 -21.80
CA GLU B 122 1.07 58.40 -21.29
C GLU B 122 0.25 58.00 -20.08
N GLU B 123 -0.40 56.84 -20.12
CA GLU B 123 -1.18 56.40 -18.97
C GLU B 123 -0.29 56.18 -17.76
N LEU B 124 0.83 55.48 -17.98
CA LEU B 124 1.76 55.23 -16.88
C LEU B 124 2.19 56.53 -16.22
N ILE B 125 2.65 57.49 -17.01
CA ILE B 125 3.07 58.75 -16.40
C ILE B 125 1.89 59.45 -15.76
N SER B 126 0.67 59.22 -16.29
CA SER B 126 -0.50 59.86 -15.71
C SER B 126 -0.72 59.40 -14.27
N LEU B 127 -0.53 58.12 -13.98
CA LEU B 127 -0.85 57.67 -12.63
C LEU B 127 0.33 57.67 -11.68
N ALA B 128 1.50 57.22 -12.11
CA ALA B 128 2.64 57.12 -11.19
C ALA B 128 3.28 58.49 -10.98
N ASP B 129 4.20 58.53 -10.02
CA ASP B 129 4.97 59.75 -9.75
C ASP B 129 6.11 59.82 -10.76
N GLU B 130 5.96 60.67 -11.77
CA GLU B 130 6.90 60.70 -12.88
C GLU B 130 8.34 60.80 -12.41
N GLY B 131 8.68 61.91 -11.75
CA GLY B 131 10.06 62.16 -11.41
C GLY B 131 10.63 61.15 -10.43
N LYS B 132 9.81 60.69 -9.49
CA LYS B 132 10.33 59.77 -8.49
C LYS B 132 10.48 58.37 -9.07
N LEU B 133 9.61 58.01 -10.02
CA LEU B 133 9.79 56.78 -10.79
C LEU B 133 11.01 56.88 -11.69
N MET B 134 11.26 58.09 -12.21
CA MET B 134 12.45 58.34 -13.01
C MET B 134 13.73 57.95 -12.27
N LYS B 135 13.68 57.94 -10.93
CA LYS B 135 14.87 57.61 -10.14
C LYS B 135 15.47 56.27 -10.53
N PHE B 136 14.64 55.32 -10.97
CA PHE B 136 15.14 54.00 -11.33
C PHE B 136 15.79 53.97 -12.70
N VAL B 137 15.34 54.81 -13.64
CA VAL B 137 15.97 54.83 -14.96
C VAL B 137 17.40 55.36 -14.86
N ASN B 138 17.57 56.49 -14.18
CA ASN B 138 18.88 57.10 -14.02
C ASN B 138 18.87 57.92 -12.74
N GLN B 139 19.93 57.80 -11.94
CA GLN B 139 19.95 58.41 -10.62
C GLN B 139 20.00 59.93 -10.66
N ARG B 140 20.28 60.53 -11.82
CA ARG B 140 20.45 61.97 -11.95
C ARG B 140 19.33 62.60 -12.78
N SER B 141 18.27 61.85 -13.07
CA SER B 141 17.21 62.37 -13.91
C SER B 141 16.43 63.47 -13.19
N SER B 142 16.15 64.56 -13.91
CA SER B 142 15.35 65.66 -13.38
C SER B 142 14.37 66.19 -14.42
N GLY B 143 13.88 65.31 -15.30
CA GLY B 143 12.95 65.70 -16.33
C GLY B 143 13.55 66.01 -17.68
N SER B 144 14.85 65.74 -17.87
CA SER B 144 15.49 66.03 -19.15
C SER B 144 14.92 65.12 -20.24
N ASP B 145 14.80 65.67 -21.44
CA ASP B 145 14.25 64.91 -22.56
C ASP B 145 15.12 63.71 -22.90
N LEU B 146 16.44 63.82 -22.73
CA LEU B 146 17.32 62.68 -22.95
C LEU B 146 16.93 61.53 -22.02
N ASP B 147 16.74 61.84 -20.74
CA ASP B 147 16.35 60.82 -19.78
C ASP B 147 14.93 60.33 -20.05
N LYS B 148 14.06 61.20 -20.54
CA LYS B 148 12.73 60.76 -20.94
C LYS B 148 12.81 59.72 -22.04
N GLN B 149 13.68 59.95 -23.03
CA GLN B 149 13.83 58.98 -24.11
C GLN B 149 14.38 57.67 -23.55
N LYS B 150 15.29 57.76 -22.59
CA LYS B 150 15.80 56.55 -21.96
C LYS B 150 14.68 55.78 -21.26
N LEU B 151 13.81 56.49 -20.55
CA LEU B 151 12.67 55.82 -19.92
C LEU B 151 11.79 55.15 -20.96
N GLN B 152 11.50 55.86 -22.05
CA GLN B 152 10.65 55.28 -23.08
C GLN B 152 11.27 54.01 -23.64
N GLU B 153 12.59 54.02 -23.88
CA GLU B 153 13.25 52.86 -24.45
C GLU B 153 13.27 51.69 -23.48
N LYS B 154 13.50 51.97 -22.19
CA LYS B 154 13.41 50.90 -21.21
C LYS B 154 12.00 50.30 -21.16
N VAL B 155 10.97 51.15 -21.24
CA VAL B 155 9.60 50.66 -21.29
C VAL B 155 9.40 49.77 -22.51
N ARG B 156 9.92 50.21 -23.66
CA ARG B 156 9.80 49.43 -24.89
C ARG B 156 10.42 48.04 -24.70
N THR B 157 11.59 48.00 -24.07
CA THR B 157 12.30 46.74 -23.87
C THR B 157 11.52 45.81 -22.94
N THR B 158 11.03 46.35 -21.82
CA THR B 158 10.24 45.52 -20.92
C THR B 158 8.98 45.02 -21.60
N LEU B 159 8.34 45.85 -22.40
CA LEU B 159 7.15 45.42 -23.12
C LEU B 159 7.49 44.25 -24.05
N ASN B 160 8.65 44.30 -24.70
CA ASN B 160 9.07 43.16 -25.51
C ASN B 160 9.23 41.90 -24.66
N ARG B 161 9.86 42.04 -23.48
CA ARG B 161 10.02 40.87 -22.62
C ARG B 161 8.65 40.30 -22.23
N LEU B 162 7.71 41.15 -21.84
CA LEU B 162 6.37 40.66 -21.56
C LEU B 162 5.73 40.01 -22.77
N ARG B 163 6.08 40.47 -23.98
CA ARG B 163 5.61 39.75 -25.16
C ARG B 163 6.09 38.32 -25.14
N ARG B 164 7.35 38.09 -24.77
CA ARG B 164 7.83 36.71 -24.72
C ARG B 164 7.08 35.89 -23.67
N LEU B 165 6.70 36.49 -22.55
CA LEU B 165 5.93 35.77 -21.54
C LEU B 165 4.51 35.46 -21.99
N GLY B 166 4.08 35.94 -23.15
CA GLY B 166 2.73 35.72 -23.60
C GLY B 166 1.72 36.71 -23.07
N MET B 167 2.17 37.77 -22.41
CA MET B 167 1.24 38.76 -21.86
C MET B 167 0.72 39.73 -22.91
N VAL B 168 1.29 39.73 -24.11
CA VAL B 168 0.90 40.71 -25.13
C VAL B 168 1.36 40.20 -26.49
N TYR B 169 0.56 40.48 -27.51
CA TYR B 169 0.82 40.06 -28.89
C TYR B 169 1.04 41.30 -29.73
N PHE B 170 2.17 41.36 -30.44
CA PHE B 170 2.36 42.39 -31.44
C PHE B 170 1.52 42.07 -32.67
N LEU B 171 1.19 43.11 -33.43
CA LEU B 171 0.47 42.89 -34.67
C LEU B 171 1.38 42.25 -35.71
N PRO B 172 0.79 41.51 -36.65
CA PRO B 172 1.63 40.74 -37.60
C PRO B 172 2.62 41.59 -38.39
N ASN B 173 2.27 42.83 -38.72
CA ASN B 173 3.12 43.68 -39.54
C ASN B 173 3.61 44.94 -38.86
N ASN B 174 3.00 45.34 -37.74
CA ASN B 174 3.33 46.57 -37.04
C ASN B 174 3.81 46.22 -35.64
N ASN B 175 5.05 46.60 -35.32
CA ASN B 175 5.60 46.37 -33.99
C ASN B 175 5.38 47.52 -33.04
N ASN B 176 4.79 48.63 -33.51
CA ASN B 176 4.47 49.76 -32.64
C ASN B 176 3.09 49.64 -32.01
N LYS B 177 2.31 48.64 -32.40
CA LYS B 177 0.96 48.44 -31.89
C LYS B 177 0.80 46.98 -31.48
N PHE B 178 -0.06 46.74 -30.49
CA PHE B 178 -0.15 45.43 -29.88
C PHE B 178 -1.53 45.23 -29.29
N THR B 179 -1.84 43.96 -28.98
CA THR B 179 -3.13 43.58 -28.39
C THR B 179 -2.90 42.81 -27.09
N ILE B 180 -3.77 43.06 -26.12
CA ILE B 180 -3.63 42.47 -24.79
C ILE B 180 -4.18 41.05 -24.78
N THR B 181 -3.81 40.31 -23.73
CA THR B 181 -4.40 39.01 -23.42
C THR B 181 -4.80 39.00 -21.94
N GLU B 182 -5.68 38.06 -21.59
CA GLU B 182 -6.21 38.01 -20.24
C GLU B 182 -5.16 37.65 -19.19
N ALA B 183 -4.00 37.13 -19.58
CA ALA B 183 -3.00 36.72 -18.61
C ALA B 183 -2.54 37.88 -17.73
N VAL B 184 -2.72 39.12 -18.19
CA VAL B 184 -2.26 40.28 -17.44
C VAL B 184 -2.91 40.39 -16.07
N PHE B 185 -4.06 39.73 -15.85
CA PHE B 185 -4.76 39.91 -14.58
C PHE B 185 -3.99 39.36 -13.39
N ARG B 186 -2.94 38.58 -13.58
CA ARG B 186 -2.15 38.17 -12.42
C ARG B 186 -1.47 39.34 -11.74
N PHE B 187 -1.31 40.47 -12.43
CA PHE B 187 -0.77 41.66 -11.79
C PHE B 187 -1.72 42.26 -10.76
N GLY B 188 -2.99 41.90 -10.80
CA GLY B 188 -3.96 42.38 -9.83
C GLY B 188 -4.14 41.50 -8.62
N ALA B 189 -3.29 40.48 -8.45
CA ALA B 189 -3.51 39.50 -7.41
C ALA B 189 -3.50 40.10 -6.01
N ASP B 190 -2.90 41.28 -5.83
CA ASP B 190 -2.81 41.86 -4.50
C ASP B 190 -4.03 42.69 -4.11
N VAL B 191 -4.99 42.88 -5.01
CA VAL B 191 -6.14 43.74 -4.75
C VAL B 191 -7.47 43.11 -5.14
N ARG B 192 -7.47 41.93 -5.77
CA ARG B 192 -8.75 41.40 -6.25
C ARG B 192 -9.70 41.07 -5.11
N SER B 193 -9.21 40.98 -3.87
CA SER B 193 -10.07 40.79 -2.71
C SER B 193 -10.00 42.04 -1.83
N GLY B 194 -11.16 42.53 -1.42
CA GLY B 194 -11.26 43.73 -0.62
C GLY B 194 -10.97 43.51 0.85
N ASP B 195 -9.71 43.32 1.20
CA ASP B 195 -9.32 43.05 2.58
C ASP B 195 -7.98 43.73 2.86
N ASP B 196 -7.48 43.53 4.07
CA ASP B 196 -6.26 44.18 4.51
C ASP B 196 -5.11 43.83 3.57
N PRO B 197 -4.42 44.81 2.98
CA PRO B 197 -3.34 44.46 2.05
C PRO B 197 -2.24 43.58 2.65
N ARG B 198 -1.86 43.80 3.91
CA ARG B 198 -0.73 43.05 4.46
C ARG B 198 -1.03 41.57 4.58
N GLU B 199 -2.25 41.22 5.01
CA GLU B 199 -2.59 39.82 5.10
C GLU B 199 -2.66 39.18 3.72
N ILE B 200 -3.16 39.92 2.73
CA ILE B 200 -3.11 39.44 1.36
C ILE B 200 -1.67 39.15 0.96
N GLN B 201 -0.77 40.10 1.23
CA GLN B 201 0.63 39.93 0.85
C GLN B 201 1.22 38.70 1.49
N LEU B 202 0.95 38.51 2.78
CA LEU B 202 1.49 37.34 3.48
C LEU B 202 0.92 36.04 2.89
N ARG B 203 -0.36 36.03 2.55
CA ARG B 203 -0.92 34.82 1.95
C ARG B 203 -0.27 34.54 0.59
N MET B 204 -0.10 35.58 -0.23
CA MET B 204 0.58 35.36 -1.51
C MET B 204 1.98 34.81 -1.33
N ILE B 205 2.76 35.38 -0.40
CA ILE B 205 4.12 34.90 -0.24
C ILE B 205 4.13 33.48 0.29
N ARG B 206 3.17 33.13 1.16
CA ARG B 206 3.09 31.76 1.64
C ARG B 206 2.70 30.81 0.53
N ASP B 207 1.85 31.25 -0.39
CA ASP B 207 1.43 30.41 -1.51
C ASP B 207 2.47 30.31 -2.61
N GLY B 208 3.53 31.12 -2.54
CA GLY B 208 4.56 31.12 -3.57
C GLY B 208 4.27 31.99 -4.77
N GLU B 209 3.15 32.73 -4.76
CA GLU B 209 2.83 33.57 -5.90
C GLU B 209 3.84 34.71 -6.07
N ALA B 210 4.20 35.37 -4.97
CA ALA B 210 5.00 36.58 -5.06
C ALA B 210 5.98 36.69 -3.91
N MET B 211 7.21 37.07 -4.24
CA MET B 211 8.30 37.34 -3.32
C MET B 211 8.46 38.83 -3.09
N PRO B 212 9.10 39.22 -1.99
CA PRO B 212 9.45 40.62 -1.78
C PRO B 212 10.76 40.95 -2.48
N VAL B 213 11.22 42.18 -2.28
CA VAL B 213 12.48 42.62 -2.85
C VAL B 213 13.32 43.30 -1.77
N PHE C 9 -0.74 5.32 -29.55
CA PHE C 9 -0.07 4.54 -28.46
C PHE C 9 1.37 4.99 -28.27
N MET C 10 2.08 4.28 -27.40
CA MET C 10 3.45 4.60 -27.08
C MET C 10 4.20 3.29 -26.83
N PRO C 11 5.45 3.17 -27.28
CA PRO C 11 6.19 1.92 -27.05
C PRO C 11 6.25 1.60 -25.57
N VAL C 12 6.12 0.31 -25.26
CA VAL C 12 6.05 -0.10 -23.86
C VAL C 12 7.34 0.25 -23.13
N LYS C 13 8.49 -0.02 -23.74
CA LYS C 13 9.75 0.24 -23.05
C LYS C 13 9.98 1.73 -22.86
N LEU C 14 9.54 2.57 -23.78
CA LEU C 14 9.66 4.01 -23.59
C LEU C 14 8.82 4.47 -22.40
N ALA C 15 7.58 3.98 -22.31
CA ALA C 15 6.75 4.32 -21.16
C ALA C 15 7.40 3.85 -19.87
N GLN C 16 7.96 2.64 -19.87
CA GLN C 16 8.67 2.16 -18.70
C GLN C 16 9.81 3.10 -18.34
N ALA C 17 10.61 3.47 -19.34
CA ALA C 17 11.79 4.29 -19.07
C ALA C 17 11.39 5.61 -18.43
N LEU C 18 10.45 6.32 -19.05
CA LEU C 18 10.10 7.63 -18.52
C LEU C 18 9.24 7.54 -17.26
N ALA C 19 8.70 6.36 -16.96
CA ALA C 19 8.03 6.17 -15.67
C ALA C 19 9.02 6.05 -14.52
N ASN C 20 10.28 5.76 -14.80
CA ASN C 20 11.26 5.53 -13.75
C ASN C 20 11.46 6.80 -12.93
N SER C 21 11.71 6.61 -11.63
CA SER C 21 11.87 7.74 -10.73
C SER C 21 13.08 8.59 -11.06
N LEU C 22 14.09 8.03 -11.72
CA LEU C 22 15.29 8.79 -12.02
C LEU C 22 15.10 9.75 -13.20
N PHE C 23 14.04 9.59 -13.99
CA PHE C 23 13.92 10.36 -15.22
C PHE C 23 13.81 11.86 -14.99
N PRO C 24 12.94 12.38 -14.13
CA PRO C 24 12.78 13.85 -14.08
C PRO C 24 14.08 14.58 -13.82
N GLU C 25 14.88 14.09 -12.88
CA GLU C 25 16.14 14.75 -12.56
C GLU C 25 17.09 14.70 -13.74
N LEU C 26 17.24 13.51 -14.35
CA LEU C 26 18.13 13.38 -15.49
C LEU C 26 17.68 14.27 -16.65
N ASP C 27 16.38 14.37 -16.88
CA ASP C 27 15.85 15.25 -17.91
C ASP C 27 16.24 16.69 -17.63
N SER C 28 16.05 17.13 -16.39
CA SER C 28 16.41 18.50 -16.04
C SER C 28 17.90 18.75 -16.27
N GLN C 29 18.75 17.81 -15.87
CA GLN C 29 20.19 18.01 -16.07
C GLN C 29 20.54 18.01 -17.56
N LEU C 30 19.99 17.08 -18.32
CA LEU C 30 20.32 16.98 -19.73
C LEU C 30 19.92 18.24 -20.48
N ARG C 31 18.73 18.75 -20.21
CA ARG C 31 18.29 19.94 -20.94
C ARG C 31 19.16 21.14 -20.63
N ALA C 32 19.83 21.15 -19.47
CA ALA C 32 20.78 22.20 -19.16
C ALA C 32 22.11 22.00 -19.86
N GLY C 33 22.33 20.87 -20.53
CA GLY C 33 23.56 20.61 -21.23
C GLY C 33 24.58 19.76 -20.48
N ARG C 34 24.25 19.26 -19.30
CA ARG C 34 25.19 18.47 -18.54
C ARG C 34 25.56 17.19 -19.26
N HIS C 35 26.79 16.74 -19.06
CA HIS C 35 27.31 15.51 -19.64
C HIS C 35 27.32 14.43 -18.58
N ILE C 36 26.85 13.24 -18.94
CA ILE C 36 26.77 12.11 -18.01
C ILE C 36 27.92 11.18 -18.32
N GLY C 37 28.84 11.02 -17.36
CA GLY C 37 29.99 10.15 -17.50
C GLY C 37 29.80 8.83 -16.79
N ILE C 38 30.86 8.03 -16.81
CA ILE C 38 30.82 6.75 -16.12
C ILE C 38 30.82 6.94 -14.61
N ASP C 39 31.13 8.15 -14.12
CA ASP C 39 31.14 8.38 -12.68
C ASP C 39 29.74 8.21 -12.09
N ASP C 40 28.73 8.77 -12.75
CA ASP C 40 27.35 8.72 -12.25
C ASP C 40 26.80 7.33 -12.53
N LEU C 41 27.05 6.43 -11.57
CA LEU C 41 26.73 5.01 -11.76
C LEU C 41 25.29 4.81 -12.23
N ASP C 42 24.33 5.29 -11.44
CA ASP C 42 22.94 4.98 -11.72
C ASP C 42 22.46 5.67 -13.00
N ASN C 43 22.77 6.96 -13.16
CA ASN C 43 22.33 7.67 -14.37
C ASN C 43 22.94 7.02 -15.62
N HIS C 44 24.23 6.72 -15.57
CA HIS C 44 24.89 6.13 -16.72
C HIS C 44 24.28 4.77 -17.06
N ALA C 45 24.03 3.94 -16.04
CA ALA C 45 23.41 2.65 -16.29
C ALA C 45 22.02 2.83 -16.88
N PHE C 46 21.24 3.79 -16.37
CA PHE C 46 19.91 4.04 -16.89
C PHE C 46 19.96 4.40 -18.37
N LEU C 47 20.86 5.30 -18.74
CA LEU C 47 20.99 5.65 -20.15
C LEU C 47 21.42 4.46 -20.98
N MET C 48 22.38 3.68 -20.49
CA MET C 48 22.79 2.49 -21.23
C MET C 48 21.60 1.58 -21.48
N ASP C 49 20.73 1.43 -20.49
CA ASP C 49 19.63 0.49 -20.64
C ASP C 49 18.56 1.00 -21.60
N PHE C 50 18.25 2.30 -21.57
CA PHE C 50 17.11 2.82 -22.33
C PHE C 50 17.50 3.76 -23.47
N GLN C 51 18.75 3.71 -23.93
CA GLN C 51 19.18 4.59 -25.02
C GLN C 51 18.28 4.50 -26.24
N GLU C 52 17.96 3.27 -26.67
CA GLU C 52 17.24 3.12 -27.94
C GLU C 52 15.94 3.90 -27.95
N GLN C 53 15.30 4.07 -26.80
CA GLN C 53 14.04 4.79 -26.73
C GLN C 53 14.24 6.25 -26.37
N LEU C 54 15.21 6.57 -25.51
CA LEU C 54 15.44 7.97 -25.19
C LEU C 54 15.89 8.77 -26.41
N GLU C 55 16.67 8.15 -27.29
CA GLU C 55 17.05 8.85 -28.51
C GLU C 55 15.82 9.28 -29.29
N GLU C 56 14.85 8.39 -29.41
CA GLU C 56 13.62 8.74 -30.11
C GLU C 56 12.85 9.81 -29.36
N PHE C 57 12.79 9.71 -28.04
CA PHE C 57 12.06 10.70 -27.25
C PHE C 57 12.61 12.10 -27.48
N TYR C 58 13.93 12.26 -27.44
CA TYR C 58 14.50 13.58 -27.62
C TYR C 58 14.55 14.03 -29.08
N ALA C 59 14.45 13.11 -30.03
CA ALA C 59 14.39 13.54 -31.43
C ALA C 59 13.13 14.34 -31.70
N ARG C 60 12.08 14.10 -30.91
CA ARG C 60 10.84 14.86 -31.04
C ARG C 60 11.04 16.34 -30.75
N TYR C 61 12.14 16.69 -30.07
CA TYR C 61 12.48 18.07 -29.76
C TYR C 61 13.48 18.67 -30.73
N ASN C 62 13.80 17.98 -31.83
CA ASN C 62 14.88 18.39 -32.73
C ASN C 62 16.19 18.55 -31.97
N VAL C 63 16.45 17.63 -31.04
CA VAL C 63 17.70 17.61 -30.29
C VAL C 63 18.24 16.18 -30.31
N GLU C 64 19.55 16.06 -30.45
CA GLU C 64 20.21 14.77 -30.67
C GLU C 64 20.83 14.30 -29.36
N LEU C 65 20.62 13.02 -29.04
CA LEU C 65 21.22 12.38 -27.88
C LEU C 65 22.40 11.54 -28.36
N ILE C 66 23.62 11.96 -28.01
CA ILE C 66 24.84 11.34 -28.50
C ILE C 66 25.59 10.68 -27.35
N ARG C 67 26.11 9.49 -27.62
CA ARG C 67 27.05 8.80 -26.73
C ARG C 67 28.44 8.94 -27.33
N ALA C 68 29.31 9.66 -26.65
CA ALA C 68 30.66 9.86 -27.15
C ALA C 68 31.42 8.53 -27.16
N PRO C 69 32.40 8.39 -28.05
CA PRO C 69 33.17 7.14 -28.09
C PRO C 69 33.86 6.84 -26.78
N GLU C 70 34.21 7.86 -26.00
CA GLU C 70 34.83 7.61 -24.70
C GLU C 70 33.85 6.99 -23.71
N GLY C 71 32.55 7.29 -23.85
CA GLY C 71 31.55 6.64 -23.03
C GLY C 71 30.48 7.55 -22.45
N PHE C 72 30.75 8.85 -22.43
CA PHE C 72 29.83 9.81 -21.82
C PHE C 72 28.72 10.21 -22.77
N PHE C 73 27.56 10.53 -22.20
CA PHE C 73 26.37 10.94 -22.92
C PHE C 73 26.21 12.45 -22.88
N TYR C 74 25.55 13.00 -23.91
CA TYR C 74 25.22 14.41 -23.93
C TYR C 74 24.25 14.69 -25.07
N LEU C 75 23.64 15.87 -25.01
CA LEU C 75 22.66 16.31 -26.00
C LEU C 75 23.29 17.34 -26.94
N ARG C 76 22.96 17.25 -28.22
CA ARG C 76 23.39 18.22 -29.21
C ARG C 76 22.18 18.81 -29.92
N PRO C 77 21.92 20.12 -29.82
CA PRO C 77 20.74 20.69 -30.50
C PRO C 77 20.99 20.91 -31.98
N ARG C 78 19.92 20.75 -32.76
CA ARG C 78 19.93 21.10 -34.16
C ARG C 78 19.61 22.59 -34.32
N SER C 79 19.62 23.08 -35.57
CA SER C 79 19.26 24.46 -35.81
C SER C 79 17.79 24.72 -35.48
N THR C 80 16.94 23.71 -35.64
CA THR C 80 15.52 23.81 -35.35
C THR C 80 15.17 23.35 -33.94
N THR C 81 16.12 23.45 -33.00
CA THR C 81 15.92 22.95 -31.65
C THR C 81 14.70 23.59 -31.01
N LEU C 82 13.91 22.77 -30.31
CA LEU C 82 12.78 23.28 -29.55
C LEU C 82 13.17 23.75 -28.15
N ILE C 83 14.39 23.43 -27.69
CA ILE C 83 14.87 23.92 -26.41
C ILE C 83 15.72 25.17 -26.66
N PRO C 84 15.47 26.28 -25.95
CA PRO C 84 16.30 27.47 -26.14
C PRO C 84 17.79 27.21 -25.93
N ARG C 85 18.59 27.64 -26.89
CA ARG C 85 20.03 27.40 -26.89
C ARG C 85 20.80 28.56 -26.26
N SER C 86 22.03 28.26 -25.88
CA SER C 86 22.96 29.26 -25.34
C SER C 86 24.37 28.81 -25.69
N VAL C 87 25.31 29.76 -25.66
CA VAL C 87 26.63 29.55 -26.22
C VAL C 87 27.72 30.02 -25.25
N LEU C 88 28.81 29.26 -25.20
CA LEU C 88 29.94 29.53 -24.32
C LEU C 88 30.78 30.70 -24.82
N SER C 89 31.56 31.28 -23.92
CA SER C 89 32.48 32.37 -24.22
C SER C 89 33.82 31.84 -24.72
N GLU C 90 34.55 32.71 -25.43
CA GLU C 90 35.88 32.35 -25.91
C GLU C 90 36.77 31.85 -24.78
N LEU C 91 36.81 32.59 -23.67
CA LEU C 91 37.62 32.17 -22.55
C LEU C 91 37.21 30.78 -22.07
N ASP C 92 35.94 30.45 -22.23
CA ASP C 92 35.46 29.13 -21.82
C ASP C 92 36.13 28.03 -22.64
N MET C 93 36.14 28.16 -23.96
CA MET C 93 36.82 27.15 -24.76
C MET C 93 38.33 27.14 -24.51
N MET C 94 38.92 28.31 -24.26
CA MET C 94 40.34 28.32 -23.92
C MET C 94 40.61 27.45 -22.69
N VAL C 95 39.84 27.67 -21.62
CA VAL C 95 40.03 26.88 -20.40
C VAL C 95 39.73 25.41 -20.67
N GLY C 96 38.71 25.13 -21.47
CA GLY C 96 38.39 23.74 -21.75
C GLY C 96 39.51 23.01 -22.45
N LYS C 97 40.12 23.65 -23.45
CA LYS C 97 41.25 23.04 -24.13
C LYS C 97 42.45 22.89 -23.20
N ILE C 98 42.62 23.84 -22.26
CA ILE C 98 43.67 23.66 -21.26
C ILE C 98 43.41 22.42 -20.42
N LEU C 99 42.19 22.25 -19.93
CA LEU C 99 41.87 21.06 -19.14
C LEU C 99 42.10 19.81 -19.95
N CYS C 100 41.76 19.83 -21.23
CA CYS C 100 42.02 18.66 -22.07
C CYS C 100 43.52 18.37 -22.12
N TYR C 101 44.34 19.41 -22.20
CA TYR C 101 45.79 19.18 -22.16
C TYR C 101 46.22 18.58 -20.83
N LEU C 102 45.68 19.07 -19.72
CA LEU C 102 46.08 18.58 -18.40
C LEU C 102 45.71 17.12 -18.18
N TYR C 103 44.81 16.57 -19.00
CA TYR C 103 44.47 15.15 -18.91
C TYR C 103 45.59 14.33 -19.56
N LEU C 104 46.76 14.41 -18.93
CA LEU C 104 48.03 13.95 -19.47
C LEU C 104 48.46 12.66 -18.78
N SER C 105 49.60 12.12 -19.20
CA SER C 105 50.15 10.90 -18.59
C SER C 105 50.89 11.22 -17.29
N PRO C 106 51.81 12.19 -17.29
CA PRO C 106 52.50 12.52 -16.03
C PRO C 106 51.56 13.06 -14.98
N GLU C 107 50.35 13.46 -15.36
CA GLU C 107 49.35 13.90 -14.41
C GLU C 107 49.17 12.89 -13.27
N ARG C 108 49.16 11.60 -13.60
CA ARG C 108 48.91 10.57 -12.61
C ARG C 108 49.92 10.64 -11.47
N LEU C 109 51.19 10.75 -11.81
CA LEU C 109 52.25 10.87 -10.83
C LEU C 109 52.36 12.26 -10.26
N ALA C 110 51.96 13.28 -11.04
CA ALA C 110 52.12 14.66 -10.59
C ALA C 110 51.07 15.04 -9.54
N ASN C 111 49.82 14.61 -9.71
CA ASN C 111 48.76 15.06 -8.84
C ASN C 111 47.78 13.98 -8.40
N GLN C 112 47.91 12.75 -8.89
CA GLN C 112 46.99 11.68 -8.51
C GLN C 112 45.54 12.07 -8.76
N GLY C 113 45.31 12.77 -9.87
CA GLY C 113 43.97 13.09 -10.31
C GLY C 113 43.34 14.31 -9.67
N ILE C 114 44.03 14.97 -8.74
CA ILE C 114 43.47 16.10 -8.01
C ILE C 114 44.35 17.32 -8.27
N PHE C 115 43.77 18.32 -8.91
CA PHE C 115 44.45 19.57 -9.25
C PHE C 115 44.01 20.70 -8.33
N THR C 116 44.58 21.88 -8.57
CA THR C 116 44.21 23.08 -7.85
C THR C 116 43.94 24.19 -8.86
N SER C 117 43.24 25.22 -8.39
CA SER C 117 42.98 26.38 -9.24
C SER C 117 44.28 27.01 -9.74
N GLN C 118 45.32 27.03 -8.89
CA GLN C 118 46.56 27.68 -9.27
C GLN C 118 47.24 26.97 -10.44
N GLU C 119 47.19 25.64 -10.46
CA GLU C 119 47.75 24.92 -11.60
C GLU C 119 47.17 25.46 -12.90
N LEU C 120 45.84 25.56 -12.96
CA LEU C 120 45.18 26.00 -14.17
C LEU C 120 45.49 27.47 -14.45
N TYR C 121 45.46 28.31 -13.42
CA TYR C 121 45.74 29.72 -13.61
C TYR C 121 47.11 29.92 -14.25
N GLU C 122 48.12 29.28 -13.66
CA GLU C 122 49.49 29.46 -14.15
C GLU C 122 49.68 28.82 -15.52
N GLU C 123 49.05 27.67 -15.76
CA GLU C 123 49.14 27.05 -17.08
C GLU C 123 48.53 27.96 -18.14
N LEU C 124 47.35 28.50 -17.85
CA LEU C 124 46.69 29.40 -18.79
C LEU C 124 47.58 30.59 -19.10
N ILE C 125 48.13 31.22 -18.06
CA ILE C 125 48.94 32.41 -18.27
C ILE C 125 50.21 32.07 -19.04
N SER C 126 50.78 30.89 -18.79
CA SER C 126 52.06 30.55 -19.42
C SER C 126 51.88 30.16 -20.88
N LEU C 127 50.79 29.49 -21.21
CA LEU C 127 50.68 28.85 -22.52
C LEU C 127 50.01 29.75 -23.56
N ALA C 128 49.09 30.62 -23.13
CA ALA C 128 48.38 31.46 -24.08
C ALA C 128 49.21 32.67 -24.48
N ASP C 129 48.81 33.29 -25.60
CA ASP C 129 49.42 34.53 -26.05
C ASP C 129 48.78 35.72 -25.36
N GLU C 130 49.58 36.77 -25.18
CA GLU C 130 49.13 37.94 -24.44
C GLU C 130 47.95 38.63 -25.13
N GLY C 131 47.96 38.69 -26.47
CA GLY C 131 46.92 39.43 -27.17
C GLY C 131 45.53 38.87 -26.91
N LYS C 132 45.38 37.55 -26.98
CA LYS C 132 44.08 36.97 -26.73
C LYS C 132 43.70 37.07 -25.25
N LEU C 133 44.69 37.08 -24.35
CA LEU C 133 44.38 37.35 -22.95
C LEU C 133 43.76 38.75 -22.77
N MET C 134 44.38 39.76 -23.39
CA MET C 134 43.80 41.10 -23.33
C MET C 134 42.42 41.11 -23.94
N LYS C 135 42.24 40.43 -25.07
CA LYS C 135 40.91 40.35 -25.67
C LYS C 135 39.91 39.72 -24.72
N PHE C 136 40.37 38.76 -23.90
CA PHE C 136 39.47 38.15 -22.94
C PHE C 136 39.06 39.14 -21.86
N VAL C 137 40.03 39.81 -21.22
CA VAL C 137 39.62 40.71 -20.14
C VAL C 137 39.06 42.00 -20.74
N ASN C 138 39.89 42.76 -21.45
CA ASN C 138 39.44 43.99 -22.10
C ASN C 138 40.60 44.53 -22.94
N GLN C 139 40.31 45.08 -24.12
CA GLN C 139 41.39 45.51 -24.99
C GLN C 139 42.20 46.65 -24.37
N ARG C 140 41.57 47.47 -23.53
CA ARG C 140 42.30 48.58 -22.94
C ARG C 140 43.30 48.14 -21.88
N SER C 141 43.25 46.88 -21.45
CA SER C 141 44.15 46.39 -20.42
C SER C 141 45.57 46.25 -20.95
N SER C 142 46.54 46.40 -20.04
CA SER C 142 47.95 46.19 -20.39
C SER C 142 48.70 45.76 -19.13
N GLY C 143 48.94 44.45 -19.03
CA GLY C 143 49.89 43.90 -18.07
C GLY C 143 49.84 44.48 -16.66
N SER C 144 48.65 44.74 -16.14
CA SER C 144 48.51 45.37 -14.83
C SER C 144 47.92 44.41 -13.81
N ASP C 145 48.20 44.70 -12.54
CA ASP C 145 47.77 43.82 -11.45
C ASP C 145 46.26 43.64 -11.43
N LEU C 146 45.52 44.73 -11.56
CA LEU C 146 44.06 44.64 -11.53
C LEU C 146 43.54 43.78 -12.67
N ASP C 147 44.18 43.86 -13.84
CA ASP C 147 43.78 43.00 -14.95
C ASP C 147 43.98 41.53 -14.60
N LYS C 148 45.10 41.20 -13.96
CA LYS C 148 45.35 39.82 -13.57
C LYS C 148 44.37 39.35 -12.50
N GLN C 149 44.00 40.24 -11.58
CA GLN C 149 42.99 39.88 -10.59
C GLN C 149 41.64 39.62 -11.25
N LYS C 150 41.27 40.47 -12.20
CA LYS C 150 40.03 40.27 -12.94
C LYS C 150 40.06 38.96 -13.71
N LEU C 151 41.20 38.65 -14.32
CA LEU C 151 41.34 37.41 -15.07
C LEU C 151 41.22 36.20 -14.14
N GLN C 152 41.80 36.28 -12.94
CA GLN C 152 41.59 35.22 -11.94
C GLN C 152 40.11 35.06 -11.60
N GLU C 153 39.42 36.18 -11.39
CA GLU C 153 38.00 36.10 -11.05
C GLU C 153 37.22 35.44 -12.18
N LYS C 154 37.53 35.83 -13.42
CA LYS C 154 36.86 35.24 -14.58
C LYS C 154 37.17 33.76 -14.71
N VAL C 155 38.41 33.37 -14.37
CA VAL C 155 38.77 31.96 -14.43
C VAL C 155 37.94 31.15 -13.43
N ARG C 156 37.81 31.65 -12.21
CA ARG C 156 36.95 30.96 -11.24
C ARG C 156 35.53 30.87 -11.75
N THR C 157 35.02 31.95 -12.35
CA THR C 157 33.65 31.95 -12.83
C THR C 157 33.43 30.91 -13.92
N THR C 158 34.28 30.92 -14.95
CA THR C 158 34.13 29.97 -16.03
C THR C 158 34.36 28.54 -15.56
N LEU C 159 35.25 28.34 -14.58
CA LEU C 159 35.45 27.01 -14.02
C LEU C 159 34.17 26.52 -13.36
N ASN C 160 33.46 27.40 -12.66
CA ASN C 160 32.17 27.00 -12.10
C ASN C 160 31.16 26.67 -13.20
N ARG C 161 31.15 27.45 -14.29
CA ARG C 161 30.28 27.11 -15.40
C ARG C 161 30.58 25.69 -15.89
N LEU C 162 31.86 25.37 -16.07
CA LEU C 162 32.24 24.05 -16.53
C LEU C 162 31.83 22.99 -15.52
N ARG C 163 31.93 23.29 -14.23
CA ARG C 163 31.46 22.35 -13.24
C ARG C 163 29.97 22.07 -13.42
N ARG C 164 29.20 23.09 -13.77
CA ARG C 164 27.79 22.83 -14.08
C ARG C 164 27.66 21.94 -15.31
N LEU C 165 28.55 22.09 -16.30
CA LEU C 165 28.50 21.16 -17.43
C LEU C 165 28.93 19.75 -17.04
N GLY C 166 29.49 19.55 -15.86
CA GLY C 166 29.97 18.24 -15.48
C GLY C 166 31.39 17.93 -15.90
N MET C 167 32.07 18.89 -16.52
CA MET C 167 33.43 18.65 -17.00
C MET C 167 34.37 18.39 -15.82
N VAL C 168 34.24 19.17 -14.75
CA VAL C 168 35.18 19.19 -13.64
C VAL C 168 34.41 19.03 -12.34
N TYR C 169 34.92 18.19 -11.44
CA TYR C 169 34.29 17.94 -10.14
C TYR C 169 35.13 18.58 -9.04
N PHE C 170 34.53 19.50 -8.29
CA PHE C 170 35.19 20.10 -7.16
C PHE C 170 35.20 19.13 -5.99
N LEU C 171 36.32 19.06 -5.28
CA LEU C 171 36.36 18.23 -4.08
C LEU C 171 35.53 18.90 -2.99
N PRO C 172 34.77 18.12 -2.21
CA PRO C 172 33.77 18.77 -1.33
C PRO C 172 34.39 19.47 -0.14
N ASN C 173 34.87 20.68 -0.39
CA ASN C 173 35.30 21.61 0.65
C ASN C 173 35.38 22.98 -0.02
N ASN C 174 35.48 24.02 0.80
CA ASN C 174 35.40 25.37 0.26
C ASN C 174 36.57 25.68 -0.66
N ASN C 175 37.71 25.03 -0.47
CA ASN C 175 38.89 25.37 -1.25
C ASN C 175 38.71 24.90 -2.69
N ASN C 176 39.45 25.54 -3.59
CA ASN C 176 39.29 25.32 -5.03
C ASN C 176 40.34 24.32 -5.50
N LYS C 177 40.05 23.04 -5.28
CA LYS C 177 40.82 21.94 -5.81
C LYS C 177 39.85 20.93 -6.41
N PHE C 178 40.21 20.35 -7.56
CA PHE C 178 39.25 19.61 -8.35
C PHE C 178 39.93 18.46 -9.08
N THR C 179 39.10 17.63 -9.71
CA THR C 179 39.53 16.53 -10.55
C THR C 179 38.84 16.62 -11.90
N ILE C 180 39.51 16.14 -12.93
CA ILE C 180 39.06 16.27 -14.31
C ILE C 180 38.42 14.95 -14.74
N THR C 181 37.24 15.04 -15.35
CA THR C 181 36.54 13.87 -15.83
C THR C 181 36.88 13.61 -17.30
N GLU C 182 36.59 12.38 -17.74
CA GLU C 182 36.87 11.98 -19.10
C GLU C 182 36.11 12.81 -20.13
N ALA C 183 34.96 13.36 -19.75
CA ALA C 183 34.13 14.07 -20.71
C ALA C 183 34.81 15.32 -21.23
N VAL C 184 35.90 15.77 -20.60
CA VAL C 184 36.65 16.90 -21.10
C VAL C 184 37.15 16.66 -22.51
N PHE C 185 37.23 15.40 -22.95
CA PHE C 185 37.70 15.11 -24.30
C PHE C 185 36.89 15.84 -25.35
N ARG C 186 35.70 16.34 -25.02
CA ARG C 186 34.89 17.01 -26.02
C ARG C 186 35.60 18.24 -26.59
N PHE C 187 36.46 18.86 -25.79
CA PHE C 187 37.24 19.99 -26.28
C PHE C 187 38.42 19.55 -27.14
N GLY C 188 38.73 18.27 -27.15
CA GLY C 188 40.01 17.80 -27.67
C GLY C 188 40.11 17.89 -29.18
N ALA C 189 41.31 17.59 -29.67
CA ALA C 189 41.64 17.70 -31.08
C ALA C 189 41.18 16.45 -31.84
N ASP C 190 41.29 16.53 -33.17
CA ASP C 190 41.13 15.36 -34.01
C ASP C 190 42.39 14.49 -33.93
N VAL C 191 42.20 13.18 -33.86
CA VAL C 191 43.30 12.23 -33.73
C VAL C 191 43.45 11.47 -35.04
N ARG C 192 44.67 11.45 -35.57
CA ARG C 192 45.02 10.73 -36.78
C ARG C 192 46.00 9.62 -36.44
N SER C 193 46.06 8.62 -37.31
CA SER C 193 46.85 7.43 -37.05
C SER C 193 48.26 7.79 -36.63
N GLY C 194 48.63 7.41 -35.41
CA GLY C 194 49.97 7.57 -34.90
C GLY C 194 50.31 8.93 -34.33
N ASP C 195 49.37 9.88 -34.33
CA ASP C 195 49.68 11.22 -33.87
C ASP C 195 49.74 11.27 -32.35
N ASP C 196 50.66 12.07 -31.83
CA ASP C 196 50.85 12.21 -30.38
C ASP C 196 49.82 13.19 -29.81
N PRO C 197 49.03 12.79 -28.81
CA PRO C 197 48.04 13.73 -28.26
C PRO C 197 48.62 15.03 -27.76
N ARG C 198 49.78 15.02 -27.11
CA ARG C 198 50.32 16.28 -26.59
C ARG C 198 50.52 17.26 -27.73
N GLU C 199 51.14 16.80 -28.81
CA GLU C 199 51.49 17.68 -29.92
C GLU C 199 50.25 18.27 -30.56
N ILE C 200 49.25 17.43 -30.86
CA ILE C 200 48.06 17.93 -31.53
C ILE C 200 47.28 18.89 -30.64
N GLN C 201 47.18 18.58 -29.34
CA GLN C 201 46.50 19.48 -28.43
C GLN C 201 47.21 20.84 -28.39
N LEU C 202 48.54 20.82 -28.29
CA LEU C 202 49.29 22.07 -28.29
C LEU C 202 49.10 22.80 -29.61
N ARG C 203 49.10 22.07 -30.72
CA ARG C 203 48.94 22.69 -32.03
C ARG C 203 47.62 23.46 -32.11
N MET C 204 46.54 22.89 -31.58
CA MET C 204 45.31 23.68 -31.55
C MET C 204 45.41 24.85 -30.58
N ILE C 205 46.02 24.64 -29.40
CA ILE C 205 46.07 25.73 -28.43
C ILE C 205 46.84 26.92 -29.00
N ARG C 206 47.84 26.65 -29.84
CA ARG C 206 48.60 27.71 -30.50
C ARG C 206 47.74 28.45 -31.53
N ILE D 2 36.53 -36.73 -28.35
CA ILE D 2 36.78 -37.13 -29.77
C ILE D 2 35.44 -37.55 -30.40
N GLU D 3 35.34 -37.40 -31.72
CA GLU D 3 34.14 -37.78 -32.47
C GLU D 3 32.92 -36.96 -32.03
N ARG D 4 33.00 -35.67 -32.35
CA ARG D 4 31.89 -34.76 -32.09
C ARG D 4 30.59 -35.28 -32.67
N GLY D 5 29.48 -34.98 -31.99
CA GLY D 5 28.17 -35.38 -32.48
C GLY D 5 27.74 -34.58 -33.70
N LYS D 6 26.67 -35.06 -34.33
CA LYS D 6 26.18 -34.48 -35.58
C LYS D 6 24.66 -34.50 -35.62
N PHE D 7 24.08 -33.48 -36.27
CA PHE D 7 22.67 -33.53 -36.66
C PHE D 7 22.56 -34.36 -37.93
N ARG D 8 21.62 -35.31 -37.94
CA ARG D 8 21.51 -36.19 -39.10
C ARG D 8 20.40 -35.80 -40.07
N SER D 9 19.22 -35.40 -39.59
CA SER D 9 18.14 -35.12 -40.52
C SER D 9 17.10 -34.20 -39.88
N LEU D 10 16.31 -33.57 -40.76
CA LEU D 10 15.23 -32.67 -40.38
C LEU D 10 13.97 -33.11 -41.11
N THR D 11 12.86 -33.22 -40.38
CA THR D 11 11.61 -33.72 -40.95
C THR D 11 10.48 -32.73 -40.69
N LEU D 12 9.70 -32.47 -41.75
CA LEU D 12 8.51 -31.64 -41.70
C LEU D 12 7.29 -32.48 -42.04
N VAL D 13 6.20 -32.26 -41.31
CA VAL D 13 4.94 -32.95 -41.58
C VAL D 13 3.82 -31.93 -41.58
N ASN D 14 3.11 -31.85 -42.70
CA ASN D 14 1.88 -31.06 -42.81
C ASN D 14 2.15 -29.58 -42.56
N TRP D 15 3.30 -29.10 -43.01
CA TRP D 15 3.52 -27.66 -43.08
C TRP D 15 3.06 -27.10 -44.42
N ASN D 16 3.05 -25.78 -44.50
CA ASN D 16 2.60 -25.10 -45.70
C ASN D 16 3.53 -25.48 -46.84
N GLY D 17 3.02 -26.28 -47.79
CA GLY D 17 3.81 -26.73 -48.91
C GLY D 17 4.53 -28.04 -48.71
N PHE D 18 4.57 -28.57 -47.48
CA PHE D 18 5.26 -29.82 -47.18
C PHE D 18 4.27 -30.70 -46.41
N PHE D 19 3.73 -31.73 -47.07
CA PHE D 19 2.93 -32.69 -46.32
C PHE D 19 3.82 -33.60 -45.48
N ALA D 20 4.86 -34.14 -46.09
CA ALA D 20 5.78 -35.05 -45.39
C ALA D 20 7.11 -35.01 -46.13
N ARG D 21 8.11 -34.39 -45.53
CA ARG D 21 9.42 -34.20 -46.16
C ARG D 21 10.51 -34.38 -45.13
N THR D 22 11.59 -35.05 -45.52
CA THR D 22 12.75 -35.26 -44.67
C THR D 22 14.01 -34.84 -45.42
N PHE D 23 14.82 -34.01 -44.78
CA PHE D 23 16.09 -33.55 -45.34
C PHE D 23 17.24 -34.26 -44.63
N ASP D 24 18.14 -34.84 -45.42
CA ASP D 24 19.33 -35.50 -44.89
C ASP D 24 20.46 -34.48 -44.84
N LEU D 25 20.82 -34.05 -43.64
CA LEU D 25 21.79 -32.98 -43.48
C LEU D 25 23.21 -33.47 -43.71
N ASP D 26 24.03 -32.59 -44.30
CA ASP D 26 25.42 -32.88 -44.57
C ASP D 26 26.26 -32.76 -43.31
N GLU D 27 27.42 -33.43 -43.34
CA GLU D 27 28.35 -33.32 -42.22
C GLU D 27 29.02 -31.95 -42.14
N LEU D 28 29.18 -31.25 -43.28
CA LEU D 28 29.77 -29.93 -43.24
C LEU D 28 28.83 -28.83 -43.72
N VAL D 29 28.27 -28.96 -44.91
CA VAL D 29 27.50 -27.89 -45.52
C VAL D 29 26.27 -28.46 -46.22
N THR D 30 25.12 -27.86 -45.95
CA THR D 30 23.87 -28.16 -46.63
C THR D 30 23.34 -26.89 -47.25
N THR D 31 23.01 -26.94 -48.54
CA THR D 31 22.62 -25.76 -49.30
C THR D 31 21.19 -25.93 -49.79
N LEU D 32 20.32 -24.99 -49.42
CA LEU D 32 18.95 -24.95 -49.90
C LEU D 32 18.87 -24.00 -51.10
N SER D 33 18.19 -24.43 -52.15
CA SER D 33 18.21 -23.67 -53.39
C SER D 33 16.86 -23.75 -54.08
N GLY D 34 16.32 -22.60 -54.49
CA GLY D 34 15.09 -22.54 -55.23
C GLY D 34 14.63 -21.10 -55.44
N GLY D 35 13.75 -20.90 -56.41
CA GLY D 35 13.29 -19.55 -56.72
C GLY D 35 12.64 -18.87 -55.54
N ASN D 36 12.36 -17.58 -55.73
CA ASN D 36 11.73 -16.80 -54.69
C ASN D 36 10.40 -17.43 -54.27
N GLY D 37 10.14 -17.43 -52.97
CA GLY D 37 8.91 -17.98 -52.45
C GLY D 37 8.83 -19.49 -52.46
N ALA D 38 9.94 -20.19 -52.76
CA ALA D 38 9.89 -21.64 -52.85
C ALA D 38 9.67 -22.27 -51.48
N GLY D 39 10.30 -21.74 -50.44
CA GLY D 39 10.10 -22.26 -49.09
C GLY D 39 11.35 -22.51 -48.27
N LYS D 40 12.47 -21.88 -48.65
CA LYS D 40 13.74 -22.10 -47.97
C LYS D 40 13.69 -21.59 -46.52
N SER D 41 13.35 -20.31 -46.37
CA SER D 41 13.24 -19.73 -45.03
C SER D 41 12.25 -20.50 -44.19
N THR D 42 11.26 -21.13 -44.81
CA THR D 42 10.30 -21.94 -44.07
C THR D 42 10.99 -23.12 -43.40
N THR D 43 11.89 -23.78 -44.12
CA THR D 43 12.63 -24.89 -43.53
C THR D 43 13.49 -24.43 -42.37
N MET D 44 14.18 -23.30 -42.52
CA MET D 44 14.95 -22.83 -41.37
C MET D 44 14.05 -22.44 -40.21
N ALA D 45 12.86 -21.89 -40.48
CA ALA D 45 11.91 -21.62 -39.42
C ALA D 45 11.57 -22.90 -38.67
N ALA D 46 11.33 -23.98 -39.41
CA ALA D 46 11.04 -25.25 -38.77
C ALA D 46 12.20 -25.68 -37.87
N PHE D 47 13.42 -25.59 -38.39
CA PHE D 47 14.56 -26.02 -37.59
C PHE D 47 14.60 -25.27 -36.27
N VAL D 48 14.56 -23.94 -36.33
CA VAL D 48 14.77 -23.21 -35.09
C VAL D 48 13.59 -23.39 -34.15
N THR D 49 12.37 -23.49 -34.68
CA THR D 49 11.23 -23.65 -33.77
C THR D 49 11.30 -25.00 -33.06
N ALA D 50 11.75 -26.04 -33.74
CA ALA D 50 11.98 -27.31 -33.05
C ALA D 50 13.07 -27.17 -32.01
N LEU D 51 14.10 -26.38 -32.31
CA LEU D 51 15.22 -26.25 -31.38
C LEU D 51 14.82 -25.47 -30.12
N ILE D 52 14.13 -24.35 -30.28
CA ILE D 52 13.72 -23.49 -29.17
C ILE D 52 12.21 -23.28 -29.21
N PRO D 53 11.42 -24.16 -28.62
CA PRO D 53 9.96 -24.03 -28.64
C PRO D 53 9.43 -23.06 -27.59
N ASP D 54 9.74 -21.77 -27.74
CA ASP D 54 9.27 -20.74 -26.83
C ASP D 54 8.56 -19.66 -27.63
N LEU D 55 7.25 -19.52 -27.42
CA LEU D 55 6.45 -18.59 -28.22
C LEU D 55 6.69 -17.13 -27.85
N THR D 56 7.31 -16.87 -26.69
CA THR D 56 7.62 -15.48 -26.34
C THR D 56 8.76 -14.95 -27.19
N LEU D 57 9.73 -15.79 -27.52
CA LEU D 57 10.91 -15.39 -28.29
C LEU D 57 10.69 -15.52 -29.79
N LEU D 58 10.02 -16.59 -30.22
CA LEU D 58 9.89 -16.89 -31.64
C LEU D 58 9.24 -15.76 -32.41
N HIS D 59 9.99 -15.17 -33.36
CA HIS D 59 9.49 -14.06 -34.16
C HIS D 59 10.23 -14.10 -35.51
N PHE D 60 9.55 -14.55 -36.54
CA PHE D 60 10.15 -14.68 -37.87
C PHE D 60 9.78 -13.47 -38.74
N ARG D 61 10.43 -12.36 -38.42
CA ARG D 61 10.27 -11.15 -39.24
C ARG D 61 10.90 -11.37 -40.62
N ASN D 62 10.44 -10.58 -41.58
CA ASN D 62 10.96 -10.66 -42.93
C ASN D 62 12.43 -10.24 -42.98
N THR D 63 13.14 -10.75 -43.98
CA THR D 63 14.56 -10.43 -44.09
C THR D 63 14.77 -8.95 -44.38
N THR D 64 13.99 -8.37 -45.29
CA THR D 64 13.94 -6.92 -45.37
C THR D 64 13.30 -6.40 -44.09
N GLU D 65 13.67 -5.18 -43.71
CA GLU D 65 13.34 -4.64 -42.38
C GLU D 65 13.96 -5.51 -41.28
N ALA D 66 15.18 -5.96 -41.52
CA ALA D 66 15.80 -7.01 -40.71
C ALA D 66 15.97 -6.62 -39.24
N GLY D 67 16.00 -5.33 -38.92
CA GLY D 67 16.43 -4.90 -37.60
C GLY D 67 15.45 -4.05 -36.83
N ALA D 68 14.20 -3.97 -37.31
CA ALA D 68 13.25 -3.02 -36.75
C ALA D 68 12.70 -3.53 -35.42
N THR D 69 11.74 -2.78 -34.89
CA THR D 69 11.12 -3.09 -33.60
C THR D 69 10.15 -4.26 -33.74
N SER D 70 9.46 -4.56 -32.63
CA SER D 70 8.47 -5.63 -32.63
C SER D 70 7.37 -5.36 -33.64
N GLY D 71 6.86 -4.14 -33.67
CA GLY D 71 5.84 -3.76 -34.63
C GLY D 71 4.55 -4.53 -34.47
N SER D 72 4.24 -5.39 -35.45
CA SER D 72 2.96 -6.07 -35.46
C SER D 72 2.86 -7.07 -34.31
N ARG D 73 1.63 -7.47 -34.02
CA ARG D 73 1.37 -8.52 -33.05
C ARG D 73 1.52 -9.91 -33.65
N ASP D 74 1.53 -10.01 -34.97
CA ASP D 74 1.77 -11.29 -35.63
C ASP D 74 3.24 -11.65 -35.58
N LYS D 75 3.53 -12.87 -35.14
CA LYS D 75 4.90 -13.35 -35.07
C LYS D 75 5.35 -14.05 -36.34
N GLY D 76 4.47 -14.17 -37.34
CA GLY D 76 4.85 -14.71 -38.63
C GLY D 76 4.91 -16.23 -38.71
N LEU D 77 4.57 -16.93 -37.64
CA LEU D 77 4.64 -18.39 -37.62
C LEU D 77 3.33 -19.04 -38.05
N HIS D 78 2.19 -18.47 -37.62
CA HIS D 78 0.90 -19.11 -37.86
C HIS D 78 0.70 -19.46 -39.33
N GLY D 79 1.04 -18.55 -40.22
CA GLY D 79 0.78 -18.77 -41.64
C GLY D 79 1.54 -19.92 -42.25
N LYS D 80 2.61 -20.37 -41.60
CA LYS D 80 3.41 -21.46 -42.15
C LYS D 80 2.83 -22.84 -41.86
N LEU D 81 1.86 -22.94 -40.95
CA LEU D 81 1.20 -24.18 -40.63
C LEU D 81 -0.01 -24.41 -41.55
N ARG D 82 -0.62 -25.57 -41.40
CA ARG D 82 -1.85 -25.91 -42.11
C ARG D 82 -2.88 -26.41 -41.11
N ALA D 83 -4.13 -26.47 -41.56
CA ALA D 83 -5.19 -26.99 -40.70
C ALA D 83 -4.87 -28.42 -40.28
N GLY D 84 -5.09 -28.70 -38.99
CA GLY D 84 -4.85 -30.02 -38.47
C GLY D 84 -3.63 -30.07 -37.56
N VAL D 85 -2.89 -31.17 -37.63
CA VAL D 85 -1.76 -31.42 -36.74
C VAL D 85 -0.49 -31.35 -37.56
N CYS D 86 0.55 -30.75 -37.00
CA CYS D 86 1.83 -30.58 -37.68
C CYS D 86 2.96 -30.96 -36.74
N TYR D 87 4.08 -31.40 -37.33
CA TYR D 87 5.25 -31.82 -36.56
C TYR D 87 6.53 -31.22 -37.14
N SER D 88 7.53 -31.11 -36.26
CA SER D 88 8.90 -30.79 -36.65
C SER D 88 9.83 -31.58 -35.75
N THR D 89 10.74 -32.35 -36.34
CA THR D 89 11.59 -33.26 -35.58
C THR D 89 13.02 -33.23 -36.09
N LEU D 90 13.96 -33.45 -35.18
CA LEU D 90 15.38 -33.57 -35.48
C LEU D 90 15.88 -34.96 -35.11
N ASP D 91 16.85 -35.45 -35.86
CA ASP D 91 17.49 -36.73 -35.59
C ASP D 91 18.98 -36.50 -35.35
N VAL D 92 19.49 -36.99 -34.22
CA VAL D 92 20.82 -36.67 -33.77
C VAL D 92 21.59 -37.93 -33.39
N ILE D 93 22.90 -37.88 -33.57
CA ILE D 93 23.82 -38.96 -33.22
C ILE D 93 24.89 -38.38 -32.31
N ASN D 94 24.96 -38.87 -31.07
CA ASN D 94 25.92 -38.38 -30.10
C ASN D 94 27.30 -38.97 -30.34
N SER D 95 28.26 -38.51 -29.55
CA SER D 95 29.57 -39.15 -29.53
C SER D 95 29.47 -40.61 -29.09
N ARG D 96 28.47 -40.94 -28.28
CA ARG D 96 28.22 -42.31 -27.87
C ARG D 96 27.60 -43.14 -28.98
N HIS D 97 27.20 -42.51 -30.09
CA HIS D 97 26.48 -43.16 -31.17
C HIS D 97 25.09 -43.62 -30.76
N GLN D 98 24.45 -42.90 -29.85
CA GLN D 98 23.06 -43.16 -29.50
C GLN D 98 22.15 -42.33 -30.39
N ARG D 99 21.15 -42.97 -30.99
CA ARG D 99 20.20 -42.29 -31.86
C ARG D 99 19.05 -41.73 -31.03
N VAL D 100 18.89 -40.42 -31.03
CA VAL D 100 17.85 -39.73 -30.28
C VAL D 100 17.07 -38.84 -31.24
N VAL D 101 15.74 -38.87 -31.13
CA VAL D 101 14.85 -38.07 -31.94
C VAL D 101 14.14 -37.08 -31.04
N VAL D 102 14.22 -35.80 -31.38
CA VAL D 102 13.65 -34.71 -30.61
C VAL D 102 12.79 -33.86 -31.52
N GLY D 103 11.66 -33.39 -31.02
CA GLY D 103 10.76 -32.62 -31.85
C GLY D 103 9.61 -32.02 -31.06
N VAL D 104 8.68 -31.42 -31.79
CA VAL D 104 7.53 -30.74 -31.22
C VAL D 104 6.31 -31.02 -32.09
N ARG D 105 5.12 -30.90 -31.49
CA ARG D 105 3.86 -31.01 -32.21
C ARG D 105 3.20 -29.63 -32.25
N LEU D 106 2.76 -29.23 -33.44
CA LEU D 106 2.25 -27.90 -33.70
C LEU D 106 0.82 -27.96 -34.23
N GLN D 107 -0.01 -27.00 -33.81
CA GLN D 107 -1.41 -26.94 -34.18
C GLN D 107 -1.89 -25.50 -34.17
N GLN D 108 -2.70 -25.14 -35.16
CA GLN D 108 -3.29 -23.80 -35.24
C GLN D 108 -4.45 -23.68 -34.26
N VAL D 109 -4.32 -22.76 -33.30
CA VAL D 109 -5.41 -22.51 -32.36
C VAL D 109 -6.48 -21.68 -33.07
N ALA D 110 -7.72 -22.16 -33.03
CA ALA D 110 -8.80 -21.49 -33.72
C ALA D 110 -9.17 -20.18 -33.04
N GLY D 111 -9.38 -19.15 -33.84
CA GLY D 111 -9.85 -17.88 -33.31
C GLY D 111 -9.71 -16.79 -34.34
N ARG D 112 -10.09 -15.58 -33.93
CA ARG D 112 -9.88 -14.42 -34.79
C ARG D 112 -8.40 -14.21 -35.05
N ASP D 113 -7.60 -14.28 -33.99
CA ASP D 113 -6.18 -14.01 -34.06
C ASP D 113 -5.42 -15.25 -34.52
N ARG D 114 -4.18 -15.03 -34.91
CA ARG D 114 -3.32 -16.06 -35.48
C ARG D 114 -2.36 -16.54 -34.40
N LYS D 115 -2.77 -17.58 -33.69
CA LYS D 115 -2.03 -18.12 -32.55
C LYS D 115 -1.75 -19.60 -32.79
N VAL D 116 -0.76 -20.14 -32.08
CA VAL D 116 -0.29 -21.50 -32.29
C VAL D 116 -0.11 -22.20 -30.95
N ASP D 117 -0.31 -23.51 -30.95
CA ASP D 117 -0.10 -24.36 -29.78
C ASP D 117 1.04 -25.33 -30.06
N ILE D 118 1.91 -25.53 -29.07
CA ILE D 118 3.16 -26.25 -29.25
C ILE D 118 3.41 -27.16 -28.06
N LYS D 119 3.89 -28.39 -28.33
CA LYS D 119 4.17 -29.38 -27.30
C LYS D 119 5.44 -30.18 -27.63
N PRO D 120 6.50 -30.09 -26.84
CA PRO D 120 7.72 -30.86 -27.12
C PRO D 120 7.61 -32.32 -26.72
N PHE D 121 8.52 -33.13 -27.27
CA PHE D 121 8.60 -34.54 -26.96
C PHE D 121 9.96 -35.07 -27.40
N MET D 122 10.30 -36.27 -26.92
CA MET D 122 11.57 -36.91 -27.25
C MET D 122 11.40 -38.42 -27.26
N ILE D 123 12.15 -39.09 -28.13
CA ILE D 123 12.13 -40.54 -28.29
C ILE D 123 13.57 -41.04 -28.27
N GLN D 124 13.80 -42.14 -27.55
CA GLN D 124 15.13 -42.75 -27.50
C GLN D 124 15.02 -44.24 -27.79
N GLY D 125 16.10 -44.80 -28.32
CA GLY D 125 16.18 -46.23 -28.56
C GLY D 125 15.53 -46.71 -29.84
N LEU D 126 15.11 -45.80 -30.70
CA LEU D 126 14.46 -46.23 -31.95
C LEU D 126 15.44 -47.05 -32.79
N PRO D 127 14.98 -48.12 -33.43
CA PRO D 127 15.85 -48.85 -34.35
C PRO D 127 16.29 -47.94 -35.50
N THR D 128 17.46 -48.25 -36.04
CA THR D 128 17.97 -47.51 -37.19
C THR D 128 17.15 -47.75 -38.44
N ALA D 129 16.23 -48.72 -38.43
CA ALA D 129 15.48 -49.09 -39.62
C ALA D 129 14.19 -48.29 -39.80
N ILE D 130 13.78 -47.50 -38.82
CA ILE D 130 12.50 -46.79 -38.85
C ILE D 130 12.77 -45.29 -38.96
N GLN D 131 12.10 -44.63 -39.97
CA GLN D 131 12.22 -43.21 -40.28
C GLN D 131 11.09 -42.42 -39.61
N PRO D 132 11.31 -41.13 -39.30
CA PRO D 132 10.27 -40.35 -38.60
C PRO D 132 8.95 -40.28 -39.35
N THR D 133 9.00 -40.09 -40.67
CA THR D 133 7.78 -39.96 -41.45
C THR D 133 6.92 -41.21 -41.29
N GLN D 134 7.55 -42.38 -41.20
CA GLN D 134 6.80 -43.61 -41.00
C GLN D 134 6.13 -43.62 -39.63
N LEU D 135 6.83 -43.15 -38.61
CA LEU D 135 6.24 -43.13 -37.27
C LEU D 135 5.00 -42.24 -37.25
N LEU D 136 5.06 -41.08 -37.90
CA LEU D 136 4.01 -40.09 -37.71
C LEU D 136 2.84 -40.18 -38.69
N THR D 137 2.83 -41.14 -39.62
CA THR D 137 1.74 -41.24 -40.59
C THR D 137 1.21 -42.66 -40.71
N GLU D 138 -0.09 -42.77 -40.99
CA GLU D 138 -0.75 -44.04 -41.27
C GLU D 138 -1.04 -44.15 -42.76
N ASN D 139 -0.67 -45.29 -43.36
CA ASN D 139 -0.86 -45.50 -44.79
C ASN D 139 -2.25 -46.08 -45.09
N VAL D 140 -3.27 -45.27 -44.84
CA VAL D 140 -4.65 -45.65 -45.07
C VAL D 140 -4.91 -45.80 -46.57
N GLY D 141 -6.07 -46.37 -46.92
CA GLY D 141 -6.37 -46.67 -48.31
C GLY D 141 -6.39 -45.46 -49.23
N GLU D 142 -6.55 -44.25 -48.67
CA GLU D 142 -6.68 -43.08 -49.52
C GLU D 142 -5.36 -42.78 -50.25
N ARG D 143 -5.45 -41.85 -51.20
CA ARG D 143 -4.28 -41.46 -51.96
C ARG D 143 -3.20 -40.90 -51.04
N GLN D 144 -3.61 -40.18 -49.99
CA GLN D 144 -2.70 -39.51 -49.08
C GLN D 144 -2.86 -40.06 -47.67
N ALA D 145 -1.75 -40.19 -46.97
CA ALA D 145 -1.74 -40.80 -45.65
C ALA D 145 -2.44 -39.91 -44.63
N ARG D 146 -2.55 -40.42 -43.41
CA ARG D 146 -3.17 -39.70 -42.31
C ARG D 146 -2.13 -39.43 -41.23
N VAL D 147 -2.01 -38.17 -40.82
CA VAL D 147 -1.12 -37.81 -39.73
C VAL D 147 -1.81 -38.13 -38.42
N LEU D 148 -1.10 -38.83 -37.54
CA LEU D 148 -1.71 -39.35 -36.33
C LEU D 148 -1.32 -38.55 -35.09
N PRO D 149 -2.30 -38.15 -34.25
CA PRO D 149 -1.98 -37.31 -33.09
C PRO D 149 -1.10 -37.98 -32.04
N LEU D 150 -0.83 -37.24 -30.96
CA LEU D 150 0.08 -37.72 -29.93
C LEU D 150 -0.45 -38.96 -29.22
N ASN D 151 -1.77 -39.10 -29.09
CA ASN D 151 -2.31 -40.29 -28.44
C ASN D 151 -1.95 -41.53 -29.22
N GLU D 152 -2.24 -41.54 -30.53
CA GLU D 152 -1.87 -42.66 -31.37
C GLU D 152 -0.37 -42.88 -31.34
N LEU D 153 0.41 -41.80 -31.34
CA LEU D 153 1.86 -41.93 -31.36
C LEU D 153 2.37 -42.59 -30.09
N LYS D 154 1.84 -42.17 -28.94
CA LYS D 154 2.26 -42.78 -27.68
C LYS D 154 1.92 -44.25 -27.65
N ASP D 155 0.70 -44.60 -28.08
CA ASP D 155 0.32 -46.01 -28.12
C ASP D 155 1.23 -46.78 -29.07
N ARG D 156 1.56 -46.20 -30.22
CA ARG D 156 2.35 -46.90 -31.22
C ARG D 156 3.78 -47.12 -30.72
N LEU D 157 4.36 -46.12 -30.07
CA LEU D 157 5.73 -46.23 -29.59
C LEU D 157 5.84 -47.16 -28.40
N ASP D 158 4.92 -47.06 -27.44
CA ASP D 158 5.01 -47.89 -26.24
C ASP D 158 5.00 -49.37 -26.60
N GLU D 159 4.41 -49.72 -27.74
CA GLU D 159 4.38 -51.12 -28.17
C GLU D 159 5.77 -51.64 -28.50
N MET D 160 6.68 -50.75 -28.90
CA MET D 160 8.02 -51.18 -29.29
C MET D 160 8.83 -51.62 -28.08
N GLU D 161 9.78 -52.52 -28.32
CA GLU D 161 10.66 -53.03 -27.27
C GLU D 161 11.87 -52.11 -27.13
N GLY D 162 12.09 -51.61 -25.92
CA GLY D 162 13.25 -50.80 -25.62
C GLY D 162 13.12 -49.34 -26.00
N VAL D 163 12.06 -48.95 -26.68
CA VAL D 163 11.88 -47.56 -27.09
C VAL D 163 11.15 -46.82 -25.98
N GLN D 164 11.65 -45.63 -25.64
CA GLN D 164 11.08 -44.80 -24.60
C GLN D 164 10.57 -43.51 -25.22
N PHE D 165 9.35 -43.12 -24.85
CA PHE D 165 8.73 -41.89 -25.32
C PHE D 165 8.50 -40.97 -24.13
N LYS D 166 9.15 -39.81 -24.14
CA LYS D 166 9.06 -38.82 -23.08
C LYS D 166 8.36 -37.58 -23.62
N GLN D 167 7.36 -37.09 -22.90
CA GLN D 167 6.56 -35.95 -23.31
C GLN D 167 6.64 -34.89 -22.22
N PHE D 168 7.10 -33.70 -22.57
CA PHE D 168 7.44 -32.68 -21.61
C PHE D 168 6.29 -31.71 -21.35
N ASN D 169 6.27 -31.19 -20.11
CA ASN D 169 5.28 -30.21 -19.69
C ASN D 169 5.84 -28.80 -19.62
N SER D 170 7.16 -28.65 -19.57
CA SER D 170 7.79 -27.34 -19.51
C SER D 170 9.05 -27.35 -20.38
N ILE D 171 9.36 -26.18 -20.93
CA ILE D 171 10.51 -26.06 -21.83
C ILE D 171 11.81 -26.34 -21.08
N THR D 172 11.86 -25.99 -19.80
CA THR D 172 13.07 -26.18 -19.01
C THR D 172 13.50 -27.65 -18.98
N ASP D 173 12.54 -28.56 -18.77
CA ASP D 173 12.87 -29.98 -18.74
C ASP D 173 13.42 -30.42 -20.08
N TYR D 174 12.80 -29.94 -21.15
CA TYR D 174 13.20 -30.33 -22.50
C TYR D 174 14.63 -29.92 -22.78
N HIS D 175 14.98 -28.67 -22.42
CA HIS D 175 16.35 -28.22 -22.61
C HIS D 175 17.32 -28.97 -21.71
N ALA D 176 16.90 -29.29 -20.49
CA ALA D 176 17.77 -30.07 -19.60
C ALA D 176 18.13 -31.41 -20.23
N GLN D 177 17.13 -32.13 -20.73
CA GLN D 177 17.41 -33.41 -21.39
C GLN D 177 18.30 -33.21 -22.61
N MET D 178 18.03 -32.18 -23.42
CA MET D 178 18.87 -31.98 -24.59
C MET D 178 20.32 -31.75 -24.20
N PHE D 179 20.57 -30.94 -23.17
CA PHE D 179 21.94 -30.71 -22.75
C PHE D 179 22.58 -31.99 -22.24
N ASP D 180 21.86 -32.78 -21.43
CA ASP D 180 22.46 -33.98 -20.88
C ASP D 180 22.94 -34.92 -21.97
N LEU D 181 22.27 -34.92 -23.12
CA LEU D 181 22.63 -35.78 -24.23
C LEU D 181 23.59 -35.12 -25.21
N GLY D 182 24.04 -33.91 -24.94
CA GLY D 182 25.02 -33.25 -25.79
C GLY D 182 24.46 -32.76 -27.11
N VAL D 183 23.24 -32.25 -27.12
CA VAL D 183 22.69 -31.67 -28.34
C VAL D 183 22.91 -30.16 -28.40
N ILE D 184 23.14 -29.52 -27.26
CA ILE D 184 23.39 -28.08 -27.22
C ILE D 184 24.58 -27.80 -26.32
N PRO D 185 25.29 -26.68 -26.49
CA PRO D 185 26.54 -26.46 -25.77
C PRO D 185 26.38 -25.92 -24.36
N LYS D 186 25.17 -25.56 -23.93
CA LYS D 186 24.96 -24.93 -22.63
C LYS D 186 23.56 -25.27 -22.16
N ARG D 187 23.42 -25.55 -20.87
CA ARG D 187 22.10 -25.91 -20.35
C ARG D 187 21.37 -24.64 -19.94
N LEU D 188 20.23 -24.41 -20.58
CA LEU D 188 19.48 -23.15 -20.50
C LEU D 188 18.75 -23.11 -19.16
N ARG D 189 19.47 -22.65 -18.14
CA ARG D 189 18.93 -22.60 -16.78
C ARG D 189 17.59 -21.88 -16.74
N SER D 190 17.53 -20.68 -17.32
CA SER D 190 16.41 -19.79 -17.10
C SER D 190 16.06 -19.07 -18.39
N ALA D 191 14.96 -18.32 -18.35
CA ALA D 191 14.47 -17.62 -19.53
C ALA D 191 15.52 -16.69 -20.12
N SER D 192 16.35 -16.07 -19.27
CA SER D 192 17.40 -15.21 -19.78
C SER D 192 18.39 -15.98 -20.64
N ASP D 193 18.76 -17.18 -20.19
CA ASP D 193 19.64 -18.03 -20.99
C ASP D 193 18.98 -18.39 -22.32
N ARG D 194 17.68 -18.69 -22.29
CA ARG D 194 16.99 -18.97 -23.54
C ARG D 194 17.07 -17.77 -24.47
N SER D 195 16.88 -16.57 -23.93
CA SER D 195 16.91 -15.37 -24.74
C SER D 195 18.27 -15.18 -25.39
N LYS D 196 19.34 -15.37 -24.63
CA LYS D 196 20.68 -15.21 -25.22
C LYS D 196 20.94 -16.27 -26.28
N PHE D 197 20.55 -17.51 -26.03
CA PHE D 197 20.75 -18.55 -27.04
C PHE D 197 20.00 -18.23 -28.33
N TYR D 198 18.76 -17.76 -28.19
CA TYR D 198 17.98 -17.38 -29.36
C TYR D 198 18.61 -16.19 -30.07
N ARG D 199 19.12 -15.23 -29.31
CA ARG D 199 19.84 -14.12 -29.91
C ARG D 199 20.96 -14.64 -30.80
N LEU D 200 21.73 -15.59 -30.29
CA LEU D 200 22.82 -16.16 -31.07
C LEU D 200 22.29 -16.74 -32.37
N ILE D 201 21.27 -17.61 -32.28
CA ILE D 201 20.78 -18.30 -33.46
C ILE D 201 20.26 -17.30 -34.49
N GLU D 202 19.39 -16.38 -34.07
CA GLU D 202 18.75 -15.50 -35.03
C GLU D 202 19.73 -14.49 -35.60
N ALA D 203 20.70 -14.03 -34.80
CA ALA D 203 21.76 -13.19 -35.34
C ALA D 203 22.53 -13.92 -36.43
N SER D 204 22.82 -15.21 -36.22
CA SER D 204 23.46 -15.97 -37.28
C SER D 204 22.55 -16.07 -38.50
N LEU D 205 21.25 -16.24 -38.27
CA LEU D 205 20.32 -16.45 -39.37
C LEU D 205 20.27 -15.24 -40.30
N TYR D 206 20.03 -14.05 -39.74
CA TYR D 206 19.92 -12.88 -40.61
C TYR D 206 21.27 -12.35 -41.07
N GLY D 207 22.31 -12.48 -40.26
CA GLY D 207 23.63 -12.04 -40.64
C GLY D 207 23.89 -10.59 -40.31
N GLY D 208 25.17 -10.27 -40.18
CA GLY D 208 25.63 -8.93 -39.84
C GLY D 208 26.09 -8.86 -38.39
N ILE D 209 26.82 -7.78 -38.10
CA ILE D 209 27.31 -7.55 -36.74
C ILE D 209 26.10 -7.24 -35.87
N SER D 210 25.74 -8.19 -35.01
CA SER D 210 24.55 -8.04 -34.19
C SER D 210 24.73 -6.89 -33.20
N SER D 211 23.72 -6.02 -33.12
CA SER D 211 23.78 -4.92 -32.16
C SER D 211 23.76 -5.45 -30.73
N ALA D 212 22.86 -6.38 -30.44
CA ALA D 212 22.72 -6.86 -29.06
C ALA D 212 23.96 -7.59 -28.60
N ILE D 213 24.55 -8.43 -29.46
CA ILE D 213 25.78 -9.11 -29.09
C ILE D 213 26.87 -8.09 -28.79
N THR D 214 26.93 -7.03 -29.61
CA THR D 214 27.97 -6.04 -29.46
C THR D 214 27.82 -5.26 -28.15
N ARG D 215 26.59 -4.93 -27.77
CA ARG D 215 26.38 -4.17 -26.54
C ARG D 215 26.92 -4.92 -25.33
N SER D 216 26.52 -6.19 -25.16
CA SER D 216 26.78 -6.95 -23.95
C SER D 216 27.92 -7.95 -24.10
N LEU D 217 28.98 -7.57 -24.81
CA LEU D 217 30.05 -8.50 -25.18
C LEU D 217 30.60 -9.28 -23.99
N ARG D 218 30.85 -8.60 -22.86
CA ARG D 218 31.37 -9.32 -21.70
C ARG D 218 30.37 -10.33 -21.17
N ASP D 219 29.08 -10.03 -21.26
CA ASP D 219 28.07 -10.98 -20.76
C ASP D 219 28.07 -12.26 -21.57
N TYR D 220 28.44 -12.19 -22.84
CA TYR D 220 28.45 -13.38 -23.70
C TYR D 220 29.77 -14.14 -23.62
N LEU D 221 30.90 -13.43 -23.68
CA LEU D 221 32.18 -14.13 -23.84
C LEU D 221 32.85 -14.56 -22.54
N LEU D 222 32.41 -14.10 -21.38
CA LEU D 222 33.13 -14.44 -20.15
C LEU D 222 32.29 -15.29 -19.23
N PRO D 223 32.81 -16.43 -18.75
CA PRO D 223 32.08 -17.21 -17.75
C PRO D 223 32.12 -16.54 -16.39
N GLU D 224 31.09 -16.79 -15.60
CA GLU D 224 30.98 -16.23 -14.25
C GLU D 224 31.62 -17.19 -13.26
N ASN D 225 32.45 -16.65 -12.37
CA ASN D 225 33.24 -17.45 -11.44
C ASN D 225 32.70 -17.27 -10.03
N SER D 226 32.40 -18.38 -9.37
CA SER D 226 31.85 -18.35 -8.02
C SER D 226 32.92 -18.29 -6.93
N GLY D 227 34.15 -18.77 -7.21
CA GLY D 227 35.14 -18.91 -6.16
C GLY D 227 35.37 -17.61 -5.41
N VAL D 228 35.42 -16.50 -6.13
CA VAL D 228 35.72 -15.20 -5.53
C VAL D 228 34.65 -14.79 -4.51
N ARG D 229 33.46 -15.38 -4.57
CA ARG D 229 32.29 -14.87 -3.86
C ARG D 229 31.89 -15.67 -2.61
N LYS D 230 31.83 -16.99 -2.74
CA LYS D 230 31.10 -17.77 -1.74
C LYS D 230 31.82 -17.76 -0.40
N ALA D 231 33.15 -17.67 -0.43
CA ALA D 231 33.89 -17.45 0.80
C ALA D 231 33.29 -16.31 1.60
N PHE D 232 33.04 -15.20 0.93
CA PHE D 232 32.65 -13.99 1.60
C PHE D 232 31.17 -14.02 1.94
N GLN D 233 30.36 -14.74 1.16
CA GLN D 233 28.99 -14.97 1.61
C GLN D 233 28.95 -15.78 2.90
N ASP D 234 29.78 -16.81 3.02
CA ASP D 234 29.77 -17.56 4.28
C ASP D 234 30.33 -16.74 5.43
N MET D 235 31.42 -16.02 5.20
CA MET D 235 31.99 -15.21 6.28
C MET D 235 31.01 -14.13 6.69
N GLU D 236 30.28 -13.58 5.73
CA GLU D 236 29.31 -12.51 5.97
C GLU D 236 28.06 -13.01 6.67
N ALA D 237 27.85 -14.33 6.73
CA ALA D 237 26.56 -14.87 7.15
C ALA D 237 26.20 -14.44 8.58
N ALA D 238 27.15 -14.52 9.50
CA ALA D 238 26.83 -14.22 10.90
C ALA D 238 26.28 -12.80 11.04
N LEU D 239 26.87 -11.84 10.33
CA LEU D 239 26.38 -10.47 10.40
C LEU D 239 25.00 -10.33 9.77
N ARG D 240 24.77 -11.00 8.64
CA ARG D 240 23.50 -10.88 7.95
C ARG D 240 22.35 -11.33 8.85
N GLU D 241 22.51 -12.50 9.48
CA GLU D 241 21.47 -13.02 10.36
C GLU D 241 21.22 -12.06 11.52
N ASN D 242 22.28 -11.53 12.10
CA ASN D 242 22.15 -10.63 13.25
C ASN D 242 21.39 -9.37 12.85
N ARG D 243 21.73 -8.79 11.70
CA ARG D 243 21.05 -7.58 11.24
C ARG D 243 19.56 -7.86 11.02
N ILE D 244 19.25 -8.97 10.36
CA ILE D 244 17.84 -9.29 10.10
C ILE D 244 17.08 -9.48 11.41
N THR D 245 17.71 -10.15 12.38
CA THR D 245 17.07 -10.35 13.68
C THR D 245 16.78 -9.01 14.34
N LEU D 246 17.74 -8.08 14.29
CA LEU D 246 17.55 -6.78 14.90
C LEU D 246 16.38 -6.04 14.24
N GLU D 247 16.29 -6.10 12.92
CA GLU D 247 15.18 -5.41 12.26
C GLU D 247 13.85 -6.03 12.67
N ALA D 248 13.80 -7.37 12.76
CA ALA D 248 12.56 -8.03 13.16
C ALA D 248 12.14 -7.61 14.56
N ILE D 249 13.08 -7.56 15.50
CA ILE D 249 12.71 -7.17 16.85
C ILE D 249 12.16 -5.75 16.85
N ARG D 250 12.73 -4.86 16.03
CA ARG D 250 12.19 -3.51 15.99
C ARG D 250 10.74 -3.49 15.49
N VAL D 251 10.47 -4.14 14.37
CA VAL D 251 9.12 -4.09 13.80
C VAL D 251 8.12 -4.68 14.78
N THR D 252 8.43 -5.84 15.35
CA THR D 252 7.48 -6.49 16.24
C THR D 252 7.27 -5.66 17.50
N GLN D 253 8.32 -4.99 17.99
CA GLN D 253 8.15 -4.11 19.14
C GLN D 253 7.11 -3.03 18.83
N SER D 254 7.23 -2.37 17.68
CA SER D 254 6.28 -1.32 17.36
C SER D 254 4.86 -1.88 17.30
N ASP D 255 4.68 -3.01 16.63
CA ASP D 255 3.33 -3.57 16.49
C ASP D 255 2.73 -3.91 17.85
N ARG D 256 3.51 -4.54 18.72
CA ARG D 256 3.01 -4.91 20.02
C ARG D 256 2.61 -3.68 20.83
N ASP D 257 3.45 -2.65 20.81
CA ASP D 257 3.10 -1.47 21.60
C ASP D 257 1.78 -0.88 21.12
N LEU D 258 1.62 -0.74 19.81
CA LEU D 258 0.40 -0.15 19.28
C LEU D 258 -0.82 -0.97 19.70
N PHE D 259 -0.79 -2.28 19.42
CA PHE D 259 -1.91 -3.12 19.79
C PHE D 259 -2.23 -2.99 21.26
N LYS D 260 -1.23 -3.18 22.12
CA LYS D 260 -1.49 -3.29 23.54
C LYS D 260 -2.06 -2.00 24.12
N HIS D 261 -1.67 -0.84 23.58
CA HIS D 261 -2.20 0.38 24.17
C HIS D 261 -3.61 0.67 23.63
N LEU D 262 -3.78 0.58 22.31
CA LEU D 262 -5.07 0.93 21.73
C LEU D 262 -6.18 0.00 22.22
N ILE D 263 -5.90 -1.30 22.27
CA ILE D 263 -6.92 -2.24 22.72
C ILE D 263 -7.34 -1.93 24.15
N THR D 264 -6.37 -1.62 25.01
CA THR D 264 -6.69 -1.35 26.41
C THR D 264 -7.60 -0.14 26.54
N GLU D 265 -7.25 0.96 25.87
CA GLU D 265 -8.09 2.15 25.99
C GLU D 265 -9.49 1.90 25.44
N ALA D 266 -9.60 1.27 24.27
CA ALA D 266 -10.93 0.99 23.73
C ALA D 266 -11.75 0.16 24.70
N THR D 267 -11.15 -0.91 25.24
CA THR D 267 -11.88 -1.82 26.11
C THR D 267 -12.37 -1.10 27.36
N SER D 268 -11.50 -0.32 28.01
CA SER D 268 -11.92 0.34 29.23
C SER D 268 -13.03 1.35 28.93
N TYR D 269 -12.81 2.20 27.93
CA TYR D 269 -13.81 3.23 27.61
C TYR D 269 -15.17 2.62 27.36
N VAL D 270 -15.23 1.50 26.63
CA VAL D 270 -16.53 0.93 26.31
C VAL D 270 -17.14 0.23 27.53
N SER D 271 -16.35 -0.60 28.20
CA SER D 271 -16.90 -1.46 29.24
C SER D 271 -17.38 -0.66 30.44
N ALA D 272 -16.65 0.39 30.81
CA ALA D 272 -17.06 1.18 31.97
C ALA D 272 -18.45 1.77 31.76
N ASP D 273 -18.70 2.34 30.58
CA ASP D 273 -20.02 2.87 30.28
C ASP D 273 -21.08 1.78 30.28
N TYR D 274 -20.75 0.62 29.71
CA TYR D 274 -21.70 -0.49 29.71
C TYR D 274 -22.14 -0.83 31.13
N MET D 275 -21.17 -0.94 32.04
CA MET D 275 -21.52 -1.28 33.42
C MET D 275 -22.27 -0.14 34.10
N ARG D 276 -21.95 1.11 33.77
CA ARG D 276 -22.68 2.21 34.37
C ARG D 276 -24.16 2.14 33.98
N HIS D 277 -24.43 1.81 32.72
CA HIS D 277 -25.83 1.62 32.31
C HIS D 277 -26.49 0.48 33.07
N ALA D 278 -25.77 -0.63 33.26
CA ALA D 278 -26.34 -1.72 34.03
C ALA D 278 -26.74 -1.25 35.43
N ASN D 279 -25.84 -0.52 36.10
CA ASN D 279 -26.13 -0.05 37.44
C ASN D 279 -27.29 0.94 37.45
N GLU D 280 -27.37 1.80 36.44
CA GLU D 280 -28.50 2.73 36.37
C GLU D 280 -29.82 1.99 36.26
N ARG D 281 -29.85 0.95 35.44
CA ARG D 281 -31.08 0.16 35.32
C ARG D 281 -31.42 -0.48 36.66
N ARG D 282 -30.42 -1.02 37.35
CA ARG D 282 -30.71 -1.62 38.65
C ARG D 282 -31.30 -0.59 39.61
N THR D 283 -30.73 0.62 39.63
CA THR D 283 -31.27 1.66 40.50
C THR D 283 -32.70 2.01 40.14
N HIS D 284 -33.00 2.09 38.83
CA HIS D 284 -34.36 2.38 38.41
C HIS D 284 -35.33 1.31 38.88
N LEU D 285 -34.94 0.04 38.76
CA LEU D 285 -35.81 -1.03 39.21
C LEU D 285 -36.02 -0.96 40.72
N ASP D 286 -34.96 -0.71 41.47
CA ASP D 286 -35.10 -0.61 42.93
C ASP D 286 -36.03 0.54 43.31
N GLU D 287 -35.87 1.69 42.67
CA GLU D 287 -36.73 2.83 42.95
C GLU D 287 -38.19 2.50 42.64
N ALA D 288 -38.43 1.88 41.49
CA ALA D 288 -39.79 1.51 41.11
C ALA D 288 -40.41 0.58 42.16
N LEU D 289 -39.68 -0.47 42.54
CA LEU D 289 -40.23 -1.42 43.49
C LEU D 289 -40.50 -0.77 44.85
N ALA D 290 -39.56 0.07 45.33
CA ALA D 290 -39.77 0.69 46.64
C ALA D 290 -40.99 1.58 46.65
N LEU D 291 -41.10 2.48 45.66
CA LEU D 291 -42.21 3.40 45.65
C LEU D 291 -43.53 2.67 45.40
N ARG D 292 -43.52 1.66 44.53
CA ARG D 292 -44.68 0.79 44.36
C ARG D 292 -45.11 0.17 45.69
N GLY D 293 -44.16 -0.40 46.43
CA GLY D 293 -44.51 -1.08 47.66
C GLY D 293 -45.19 -0.15 48.63
N GLU D 294 -44.56 1.00 48.89
CA GLU D 294 -45.13 1.88 49.90
C GLU D 294 -46.42 2.52 49.40
N LEU D 295 -46.53 2.80 48.10
CA LEU D 295 -47.77 3.31 47.54
C LEU D 295 -48.91 2.34 47.77
N PHE D 296 -48.71 1.07 47.40
CA PHE D 296 -49.78 0.09 47.55
C PHE D 296 -50.16 -0.09 49.02
N GLY D 297 -49.15 -0.18 49.90
CA GLY D 297 -49.45 -0.38 51.30
C GLY D 297 -50.24 0.77 51.90
N SER D 298 -49.80 2.00 51.63
CA SER D 298 -50.52 3.15 52.15
C SER D 298 -51.91 3.24 51.54
N HIS D 299 -52.06 2.82 50.28
CA HIS D 299 -53.38 2.85 49.64
C HIS D 299 -54.36 1.95 50.39
N LYS D 300 -53.98 0.70 50.62
CA LYS D 300 -54.89 -0.18 51.36
C LYS D 300 -55.10 0.29 52.80
N GLN D 301 -54.05 0.83 53.43
CA GLN D 301 -54.22 1.35 54.79
C GLN D 301 -55.23 2.48 54.83
N LEU D 302 -55.16 3.40 53.86
CA LEU D 302 -56.09 4.51 53.82
C LEU D 302 -57.52 4.02 53.60
N ALA D 303 -57.72 3.02 52.75
CA ALA D 303 -59.07 2.48 52.57
C ALA D 303 -59.61 1.96 53.90
N THR D 304 -58.81 1.16 54.61
CA THR D 304 -59.26 0.59 55.88
C THR D 304 -59.56 1.69 56.88
N GLU D 305 -58.70 2.70 56.94
CA GLU D 305 -58.89 3.80 57.87
C GLU D 305 -60.17 4.56 57.57
N GLN D 306 -60.47 4.77 56.28
CA GLN D 306 -61.72 5.40 55.91
C GLN D 306 -62.91 4.61 56.44
N TYR D 307 -62.88 3.29 56.28
CA TYR D 307 -64.00 2.47 56.76
C TYR D 307 -64.20 2.64 58.26
N ARG D 308 -63.11 2.53 59.04
CA ARG D 308 -63.23 2.67 60.48
C ARG D 308 -63.73 4.06 60.88
N HIS D 309 -63.20 5.08 60.21
CA HIS D 309 -63.61 6.46 60.49
C HIS D 309 -65.11 6.63 60.30
N VAL D 310 -65.64 6.07 59.21
CA VAL D 310 -67.08 6.15 58.97
C VAL D 310 -67.85 5.49 60.12
N GLU D 311 -67.36 4.35 60.61
CA GLU D 311 -68.07 3.68 61.70
C GLU D 311 -68.15 4.57 62.94
N MET D 312 -67.02 5.17 63.33
CA MET D 312 -67.04 6.04 64.51
C MET D 312 -67.95 7.25 64.28
N ALA D 313 -67.94 7.82 63.08
CA ALA D 313 -68.83 8.94 62.81
C ALA D 313 -70.29 8.54 62.99
N ARG D 314 -70.64 7.33 62.57
CA ARG D 314 -72.02 6.87 62.69
C ARG D 314 -72.45 6.81 64.16
N GLU D 315 -71.63 6.18 65.00
CA GLU D 315 -72.05 6.06 66.40
C GLU D 315 -72.10 7.43 67.07
N LEU D 316 -71.22 8.36 66.68
CA LEU D 316 -71.33 9.71 67.24
C LEU D 316 -72.59 10.43 66.77
N ALA D 317 -73.03 10.19 65.54
CA ALA D 317 -74.30 10.77 65.10
C ALA D 317 -75.43 10.30 66.01
N GLU D 318 -75.45 9.00 66.32
CA GLU D 318 -76.49 8.50 67.22
C GLU D 318 -76.43 9.19 68.58
N GLN D 319 -75.22 9.35 69.13
CA GLN D 319 -75.13 10.04 70.42
C GLN D 319 -75.58 11.50 70.32
N SER D 320 -75.35 12.17 69.19
CA SER D 320 -75.84 13.55 69.05
C SER D 320 -77.36 13.59 69.12
N GLY D 321 -78.03 12.68 68.41
CA GLY D 321 -79.48 12.62 68.51
C GLY D 321 -79.95 12.37 69.94
N ALA D 322 -79.28 11.42 70.61
CA ALA D 322 -79.62 11.14 72.00
C ALA D 322 -79.44 12.38 72.88
N SER D 323 -78.40 13.17 72.61
CA SER D 323 -78.17 14.38 73.40
C SER D 323 -79.30 15.37 73.21
N SER D 324 -79.81 15.52 71.99
CA SER D 324 -80.95 16.41 71.79
C SER D 324 -82.17 15.92 72.57
N ASP D 325 -82.43 14.61 72.53
CA ASP D 325 -83.56 14.07 73.28
C ASP D 325 -83.40 14.33 74.78
N LEU D 326 -82.18 14.12 75.29
CA LEU D 326 -81.91 14.36 76.71
C LEU D 326 -82.12 15.83 77.06
N GLU D 327 -81.73 16.73 76.16
CA GLU D 327 -81.97 18.15 76.40
C GLU D 327 -83.46 18.44 76.52
N THR D 328 -84.28 17.81 75.67
CA THR D 328 -85.73 17.98 75.82
C THR D 328 -86.18 17.53 77.20
N ASP D 329 -85.76 16.33 77.61
CA ASP D 329 -86.19 15.80 78.90
C ASP D 329 -85.75 16.70 80.04
N HIS D 330 -84.52 17.23 79.97
CA HIS D 330 -83.99 18.05 81.05
C HIS D 330 -84.62 19.43 81.06
N GLN D 331 -85.04 19.95 79.91
CA GLN D 331 -85.86 21.16 79.90
C GLN D 331 -87.14 20.94 80.70
N ALA D 332 -87.81 19.82 80.43
CA ALA D 332 -88.99 19.48 81.23
C ALA D 332 -88.63 19.38 82.71
N ALA D 333 -87.48 18.80 83.02
CA ALA D 333 -87.07 18.63 84.42
C ALA D 333 -86.87 19.96 85.12
N SER D 334 -86.22 20.91 84.44
CA SER D 334 -86.04 22.25 85.02
C SER D 334 -87.38 22.92 85.25
N ASP D 335 -88.29 22.79 84.28
CA ASP D 335 -89.64 23.31 84.48
C ASP D 335 -90.28 22.69 85.72
N HIS D 336 -90.12 21.38 85.90
CA HIS D 336 -90.70 20.73 87.07
C HIS D 336 -90.12 21.26 88.36
N LEU D 337 -88.80 21.45 88.41
CA LEU D 337 -88.19 22.03 89.61
C LEU D 337 -88.79 23.39 89.92
N ASN D 338 -88.92 24.25 88.91
CA ASN D 338 -89.49 25.57 89.16
C ASN D 338 -90.93 25.46 89.64
N LEU D 339 -91.69 24.50 89.09
CA LEU D 339 -93.09 24.36 89.49
C LEU D 339 -93.21 23.95 90.96
N VAL D 340 -92.34 23.05 91.42
CA VAL D 340 -92.41 22.57 92.79
C VAL D 340 -92.16 23.73 93.75
N GLU D 526 -84.21 -7.59 110.75
CA GLU D 526 -82.99 -8.04 111.41
C GLU D 526 -81.90 -8.33 110.38
N GLN D 527 -82.31 -8.76 109.20
CA GLN D 527 -81.37 -8.95 108.11
C GLN D 527 -80.74 -7.63 107.70
N ARG D 528 -81.55 -6.57 107.64
CA ARG D 528 -81.02 -5.25 107.31
C ARG D 528 -79.99 -4.80 108.35
N LEU D 529 -80.26 -5.09 109.63
CA LEU D 529 -79.29 -4.77 110.67
C LEU D 529 -78.02 -5.58 110.50
N ASN D 530 -78.14 -6.83 110.07
CA ASN D 530 -76.96 -7.62 109.74
C ASN D 530 -76.12 -6.94 108.66
N ASN D 531 -76.78 -6.45 107.62
CA ASN D 531 -76.04 -5.77 106.55
C ASN D 531 -75.38 -4.49 107.05
N GLN D 532 -76.09 -3.73 107.89
CA GLN D 532 -75.52 -2.52 108.46
C GLN D 532 -74.28 -2.84 109.28
N GLN D 533 -74.37 -3.87 110.13
CA GLN D 533 -73.22 -4.27 110.93
C GLN D 533 -72.06 -4.71 110.05
N ASN D 534 -72.34 -5.45 108.99
CA ASN D 534 -71.28 -5.89 108.09
C ASN D 534 -70.59 -4.70 107.44
N ALA D 535 -71.37 -3.72 106.97
CA ALA D 535 -70.78 -2.53 106.37
C ALA D 535 -69.91 -1.79 107.37
N GLU D 536 -70.40 -1.63 108.60
CA GLU D 536 -69.61 -0.94 109.62
C GLU D 536 -68.31 -1.69 109.89
N ARG D 537 -68.38 -3.01 110.01
CA ARG D 537 -67.20 -3.80 110.31
C ARG D 537 -66.16 -3.66 109.20
N LEU D 538 -66.59 -3.80 107.95
CA LEU D 538 -65.64 -3.72 106.83
C LEU D 538 -65.06 -2.31 106.71
N LEU D 539 -65.87 -1.28 106.98
CA LEU D 539 -65.34 0.08 106.96
C LEU D 539 -64.24 0.24 108.00
N SER D 540 -64.53 -0.14 109.24
CA SER D 540 -63.53 -0.02 110.30
C SER D 540 -62.29 -0.85 109.97
N GLU D 541 -62.49 -1.99 109.31
CA GLU D 541 -61.35 -2.83 108.95
C GLU D 541 -60.45 -2.12 107.97
N PHE D 542 -61.02 -1.52 106.93
CA PHE D 542 -60.16 -0.87 105.94
C PHE D 542 -59.50 0.38 106.49
N CYS D 543 -60.16 1.10 107.41
CA CYS D 543 -59.60 2.36 107.88
C CYS D 543 -58.11 2.26 108.20
N LYS D 544 -57.67 1.12 108.73
CA LYS D 544 -56.31 0.96 109.23
C LYS D 544 -55.37 0.23 108.29
N ARG D 545 -55.90 -0.41 107.23
CA ARG D 545 -55.04 -1.13 106.31
C ARG D 545 -54.20 -0.20 105.46
N GLN D 546 -54.83 0.85 104.91
CA GLN D 546 -54.10 1.93 104.26
C GLN D 546 -54.63 3.24 104.81
N GLY D 547 -53.73 4.08 105.32
CA GLY D 547 -54.14 5.21 106.12
C GLY D 547 -54.57 4.73 107.48
N ARG D 548 -54.99 5.68 108.32
CA ARG D 548 -55.52 5.36 109.63
C ARG D 548 -56.99 5.72 109.82
N GLN D 549 -57.44 6.88 109.33
CA GLN D 549 -58.86 7.14 109.21
C GLN D 549 -59.16 7.61 107.79
N TYR D 550 -58.30 8.48 107.28
CA TYR D 550 -58.17 8.78 105.86
C TYR D 550 -59.53 8.94 105.18
N GLN D 551 -60.33 9.84 105.77
CA GLN D 551 -61.64 10.25 105.24
C GLN D 551 -62.49 9.07 104.76
N ALA D 552 -62.70 8.09 105.65
CA ALA D 552 -63.54 6.96 105.31
C ALA D 552 -65.02 7.32 105.18
N GLU D 553 -65.44 8.48 105.70
CA GLU D 553 -66.86 8.82 105.66
C GLU D 553 -67.38 8.85 104.23
N ASP D 554 -66.60 9.41 103.30
CA ASP D 554 -66.96 9.40 101.89
C ASP D 554 -65.63 9.28 101.13
N LEU D 555 -65.29 8.04 100.78
CA LEU D 555 -63.96 7.70 100.28
C LEU D 555 -63.94 7.55 98.77
N GLU D 556 -64.95 8.05 98.07
CA GLU D 556 -65.01 7.93 96.62
C GLU D 556 -63.77 8.53 95.96
N ALA D 557 -63.33 9.70 96.44
CA ALA D 557 -62.22 10.38 95.79
C ALA D 557 -60.96 9.53 95.74
N LEU D 558 -60.69 8.78 96.82
CA LEU D 558 -59.47 7.98 96.87
C LEU D 558 -59.43 6.97 95.73
N GLN D 559 -60.59 6.43 95.32
CA GLN D 559 -60.60 5.43 94.26
C GLN D 559 -60.01 5.99 92.97
N ASN D 560 -60.29 7.26 92.66
CA ASN D 560 -59.72 7.86 91.45
C ASN D 560 -58.19 7.93 91.55
N GLU D 561 -57.68 8.32 92.71
CA GLU D 561 -56.23 8.31 92.93
C GLU D 561 -55.67 6.92 92.65
N LEU D 562 -56.30 5.91 93.23
CA LEU D 562 -55.87 4.55 93.02
C LEU D 562 -56.01 4.13 91.56
N GLU D 563 -56.95 4.73 90.82
CA GLU D 563 -57.05 4.45 89.39
C GLU D 563 -55.85 5.00 88.63
N ALA D 564 -55.42 6.21 88.97
CA ALA D 564 -54.19 6.74 88.36
C ALA D 564 -53.01 5.82 88.67
N ARG D 565 -52.91 5.39 89.93
CA ARG D 565 -51.87 4.44 90.30
C ARG D 565 -51.97 3.15 89.49
N GLN D 566 -53.20 2.67 89.30
CA GLN D 566 -53.40 1.41 88.57
C GLN D 566 -52.93 1.51 87.13
N GLU D 567 -53.24 2.61 86.45
CA GLU D 567 -52.74 2.80 85.09
C GLU D 567 -51.21 2.88 85.07
N ALA D 568 -50.65 3.68 85.98
CA ALA D 568 -49.20 3.79 86.04
C ALA D 568 -48.56 2.45 86.33
N LEU D 569 -49.27 1.55 87.02
CA LEU D 569 -48.74 0.22 87.27
C LEU D 569 -48.46 -0.50 85.96
N SER D 570 -49.45 -0.56 85.08
CA SER D 570 -49.26 -1.19 83.79
C SER D 570 -48.11 -0.54 83.04
N LEU D 571 -48.12 0.79 82.94
CA LEU D 571 -47.05 1.46 82.21
C LEU D 571 -45.67 1.09 82.76
N SER D 572 -45.48 1.25 84.07
CA SER D 572 -44.17 1.04 84.67
C SER D 572 -43.70 -0.39 84.47
N VAL D 573 -44.57 -1.36 84.74
CA VAL D 573 -44.12 -2.75 84.69
C VAL D 573 -43.86 -3.16 83.25
N ASN D 574 -44.72 -2.74 82.32
CA ASN D 574 -44.48 -3.08 80.92
C ASN D 574 -43.13 -2.54 80.44
N GLU D 575 -42.88 -1.25 80.68
CA GLU D 575 -41.64 -0.66 80.21
C GLU D 575 -40.42 -1.31 80.86
N GLY D 576 -40.46 -1.49 82.18
CA GLY D 576 -39.33 -2.11 82.86
C GLY D 576 -39.04 -3.50 82.35
N GLY D 577 -40.09 -4.33 82.23
CA GLY D 577 -39.90 -5.67 81.69
C GLY D 577 -39.31 -5.65 80.30
N GLU D 578 -39.82 -4.76 79.44
CA GLU D 578 -39.30 -4.69 78.08
C GLU D 578 -37.82 -4.32 78.07
N ARG D 579 -37.44 -3.36 78.91
CA ARG D 579 -36.02 -2.99 78.98
C ARG D 579 -35.16 -4.17 79.41
N ARG D 580 -35.52 -4.81 80.52
CA ARG D 580 -34.68 -5.92 80.99
C ARG D 580 -34.61 -7.02 79.95
N MET D 581 -35.73 -7.26 79.25
CA MET D 581 -35.75 -8.28 78.19
C MET D 581 -34.83 -7.89 77.03
N GLU D 582 -34.84 -6.61 76.65
CA GLU D 582 -33.95 -6.14 75.60
C GLU D 582 -32.49 -6.44 75.96
N MET D 583 -32.11 -6.14 77.20
CA MET D 583 -30.73 -6.43 77.58
C MET D 583 -30.48 -7.91 77.82
N ARG D 584 -31.51 -8.71 78.12
CA ARG D 584 -31.30 -10.15 78.10
C ARG D 584 -30.90 -10.62 76.71
N GLN D 585 -31.58 -10.13 75.67
CA GLN D 585 -31.19 -10.50 74.32
C GLN D 585 -29.82 -9.93 73.96
N GLU D 586 -29.55 -8.69 74.37
CA GLU D 586 -28.22 -8.13 74.11
C GLU D 586 -27.14 -8.93 74.83
N LEU D 587 -27.44 -9.42 76.03
CA LEU D 587 -26.52 -10.28 76.75
C LEU D 587 -26.29 -11.58 75.99
N GLU D 588 -27.36 -12.15 75.44
CA GLU D 588 -27.19 -13.34 74.61
C GLU D 588 -26.31 -13.04 73.41
N GLN D 589 -26.50 -11.88 72.78
CA GLN D 589 -25.67 -11.50 71.65
C GLN D 589 -24.21 -11.37 72.05
N LEU D 590 -23.95 -10.74 73.20
CA LEU D 590 -22.58 -10.61 73.68
C LEU D 590 -21.98 -11.98 74.00
N LYS D 591 -22.78 -12.85 74.62
CA LYS D 591 -22.34 -14.21 74.90
C LYS D 591 -21.96 -14.92 73.61
N GLN D 592 -22.79 -14.78 72.58
CA GLN D 592 -22.52 -15.42 71.30
C GLN D 592 -21.30 -14.81 70.61
N LYS D 593 -21.12 -13.49 70.74
CA LYS D 593 -19.92 -12.86 70.20
C LYS D 593 -18.67 -13.41 70.88
N ILE D 594 -18.69 -13.52 72.20
CA ILE D 594 -17.57 -14.09 72.93
C ILE D 594 -17.37 -15.55 72.53
N GLN D 595 -18.47 -16.29 72.35
CA GLN D 595 -18.35 -17.69 71.93
C GLN D 595 -17.73 -17.80 70.54
N SER D 596 -18.12 -16.92 69.62
CA SER D 596 -17.53 -16.93 68.29
C SER D 596 -16.04 -16.60 68.36
N LEU D 597 -15.71 -15.55 69.10
CA LEU D 597 -14.31 -15.17 69.28
C LEU D 597 -13.53 -16.32 69.93
N THR D 598 -14.16 -17.05 70.84
CA THR D 598 -13.50 -18.15 71.54
C THR D 598 -13.28 -19.33 70.60
N ALA D 599 -14.30 -19.69 69.83
CA ALA D 599 -14.15 -20.76 68.84
C ALA D 599 -13.06 -20.40 67.85
N ARG D 600 -12.92 -19.12 67.53
CA ARG D 600 -11.85 -18.67 66.64
C ARG D 600 -10.52 -18.47 67.37
N ALA D 601 -10.53 -18.44 68.70
CA ALA D 601 -9.29 -18.21 69.44
C ALA D 601 -8.26 -19.31 69.24
N PRO D 602 -8.53 -20.57 69.57
CA PRO D 602 -7.49 -21.60 69.36
C PRO D 602 -7.13 -21.78 67.91
N VAL D 603 -8.07 -21.56 66.99
CA VAL D 603 -7.75 -21.59 65.57
C VAL D 603 -6.75 -20.51 65.25
N TRP D 604 -6.98 -19.30 65.75
CA TRP D 604 -6.03 -18.21 65.52
C TRP D 604 -4.68 -18.52 66.12
N LEU D 605 -4.67 -19.05 67.35
CA LEU D 605 -3.41 -19.34 68.01
C LEU D 605 -2.61 -20.40 67.25
N ALA D 606 -3.29 -21.45 66.81
CA ALA D 606 -2.61 -22.46 65.99
C ALA D 606 -2.08 -21.85 64.70
N ALA D 607 -2.87 -20.98 64.07
CA ALA D 607 -2.42 -20.30 62.86
C ALA D 607 -1.14 -19.52 63.13
N GLN D 608 -1.12 -18.74 64.22
CA GLN D 608 0.06 -17.95 64.56
C GLN D 608 1.26 -18.87 64.85
N ASP D 609 1.02 -19.96 65.59
CA ASP D 609 2.09 -20.87 65.94
C ASP D 609 2.75 -21.45 64.69
N THR D 610 1.94 -22.07 63.83
CA THR D 610 2.51 -22.66 62.63
C THR D 610 3.03 -21.58 61.68
N LEU D 611 2.44 -20.39 61.71
CA LEU D 611 2.98 -19.29 60.91
C LEU D 611 4.39 -18.95 61.35
N ASN D 612 4.62 -18.83 62.66
CA ASN D 612 5.96 -18.55 63.15
C ASN D 612 6.91 -19.68 62.78
N GLN D 613 6.47 -20.93 62.93
CA GLN D 613 7.33 -22.06 62.59
C GLN D 613 7.69 -22.05 61.11
N LEU D 614 6.71 -21.84 60.25
CA LEU D 614 6.95 -21.81 58.82
C LEU D 614 7.81 -20.61 58.44
N CYS D 615 7.61 -19.48 59.11
CA CYS D 615 8.44 -18.30 58.89
C CYS D 615 9.89 -18.58 59.25
N GLU D 616 10.13 -19.28 60.35
CA GLU D 616 11.49 -19.60 60.75
C GLU D 616 12.10 -20.64 59.81
N GLN D 617 11.29 -21.58 59.32
CA GLN D 617 11.80 -22.54 58.34
C GLN D 617 12.26 -21.85 57.07
N SER D 618 11.72 -20.66 56.80
CA SER D 618 12.12 -19.88 55.63
C SER D 618 13.16 -18.83 56.02
N GLY D 619 14.04 -18.53 55.07
CA GLY D 619 15.02 -17.47 55.31
C GLY D 619 14.35 -16.12 55.50
N GLU D 620 13.40 -15.78 54.63
CA GLU D 620 12.72 -14.49 54.70
C GLU D 620 11.60 -14.56 55.74
N THR D 621 11.35 -13.43 56.39
CA THR D 621 10.33 -13.33 57.41
C THR D 621 9.05 -12.76 56.83
N LEU D 622 7.92 -13.36 57.21
CA LEU D 622 6.61 -13.04 56.66
C LEU D 622 5.86 -12.09 57.57
N ALA D 623 5.07 -11.20 56.98
CA ALA D 623 4.33 -10.21 57.76
C ALA D 623 2.89 -9.97 57.29
N SER D 624 2.52 -10.38 56.09
CA SER D 624 1.16 -10.14 55.59
C SER D 624 0.79 -11.19 54.56
N SER D 625 -0.52 -11.32 54.33
CA SER D 625 -1.02 -12.37 53.44
C SER D 625 -0.44 -12.23 52.04
N ASN D 626 -0.53 -11.03 51.47
CA ASN D 626 0.06 -10.82 50.14
C ASN D 626 1.56 -11.05 50.19
N ASP D 627 2.20 -10.72 51.32
CA ASP D 627 3.61 -11.02 51.48
C ASP D 627 3.86 -12.52 51.46
N VAL D 628 2.99 -13.29 52.10
CA VAL D 628 3.13 -14.74 52.08
C VAL D 628 3.02 -15.27 50.65
N THR D 629 2.04 -14.80 49.89
CA THR D 629 1.90 -15.26 48.51
C THR D 629 3.06 -14.80 47.64
N GLU D 630 3.59 -13.61 47.90
CA GLU D 630 4.78 -13.15 47.18
C GLU D 630 5.94 -14.09 47.43
N TYR D 631 6.18 -14.43 48.69
CA TYR D 631 7.23 -15.39 49.00
C TYR D 631 6.98 -16.72 48.31
N MET D 632 5.72 -17.15 48.25
CA MET D 632 5.41 -18.42 47.62
C MET D 632 5.81 -18.41 46.15
N GLN D 633 5.47 -17.33 45.43
CA GLN D 633 5.82 -17.31 44.02
C GLN D 633 7.34 -17.22 43.84
N GLN D 634 8.03 -16.52 44.74
CA GLN D 634 9.49 -16.54 44.70
C GLN D 634 10.01 -17.96 44.85
N LEU D 635 9.39 -18.74 45.75
CA LEU D 635 9.80 -20.11 45.96
C LEU D 635 9.61 -20.94 44.69
N LEU D 636 8.47 -20.77 44.01
CA LEU D 636 8.26 -21.50 42.76
C LEU D 636 9.32 -21.12 41.72
N GLU D 637 9.64 -19.84 41.62
CA GLU D 637 10.66 -19.41 40.66
C GLU D 637 11.98 -20.10 40.93
N ARG D 638 12.43 -20.08 42.20
CA ARG D 638 13.69 -20.71 42.55
C ARG D 638 13.67 -22.20 42.25
N GLU D 639 12.54 -22.86 42.55
CA GLU D 639 12.41 -24.29 42.27
C GLU D 639 12.59 -24.58 40.78
N ARG D 640 11.95 -23.79 39.93
CA ARG D 640 12.09 -23.98 38.48
C ARG D 640 13.54 -23.84 38.04
N GLU D 641 14.22 -22.80 38.52
CA GLU D 641 15.62 -22.63 38.13
C GLU D 641 16.46 -23.82 38.57
N ALA D 642 16.25 -24.30 39.80
CA ALA D 642 17.05 -25.40 40.31
C ALA D 642 16.85 -26.67 39.47
N THR D 643 15.60 -26.99 39.13
CA THR D 643 15.40 -28.19 38.33
C THR D 643 16.00 -28.04 36.94
N VAL D 644 15.99 -26.83 36.38
CA VAL D 644 16.66 -26.62 35.10
C VAL D 644 18.14 -26.97 35.24
N GLU D 645 18.78 -26.48 36.30
CA GLU D 645 20.21 -26.73 36.45
C GLU D 645 20.52 -28.22 36.63
N ARG D 646 19.72 -28.93 37.42
CA ARG D 646 20.02 -30.35 37.60
C ARG D 646 19.83 -31.11 36.29
N ASP D 647 18.87 -30.68 35.47
CA ASP D 647 18.74 -31.31 34.15
C ASP D 647 19.96 -31.02 33.28
N GLU D 648 20.47 -29.80 33.33
CA GLU D 648 21.68 -29.47 32.57
C GLU D 648 22.83 -30.37 32.95
N VAL D 649 23.05 -30.53 34.26
CA VAL D 649 24.16 -31.37 34.71
C VAL D 649 23.94 -32.82 34.29
N ALA D 650 22.69 -33.30 34.34
CA ALA D 650 22.44 -34.66 33.90
C ALA D 650 22.80 -34.83 32.42
N ALA D 651 22.50 -33.82 31.59
CA ALA D 651 22.86 -33.92 30.18
C ALA D 651 24.37 -33.98 30.00
N GLN D 652 25.11 -33.13 30.70
CA GLN D 652 26.57 -33.18 30.56
C GLN D 652 27.12 -34.51 31.04
N LYS D 653 26.54 -35.07 32.10
CA LYS D 653 27.01 -36.35 32.60
C LYS D 653 26.72 -37.46 31.58
N ARG D 654 25.58 -37.36 30.89
CA ARG D 654 25.34 -38.28 29.78
C ARG D 654 26.42 -38.15 28.71
N GLU D 655 26.82 -36.92 28.40
CA GLU D 655 27.84 -36.75 27.37
C GLU D 655 29.15 -37.40 27.80
N LEU D 656 29.55 -37.18 29.06
CA LEU D 656 30.77 -37.80 29.56
C LEU D 656 30.66 -39.32 29.56
N GLU D 657 29.51 -39.85 29.96
CA GLU D 657 29.32 -41.30 29.96
C GLU D 657 29.40 -41.86 28.55
N LYS D 658 28.85 -41.13 27.58
CA LYS D 658 28.97 -41.54 26.19
C LYS D 658 30.43 -41.54 25.74
N GLN D 659 31.18 -40.52 26.15
CA GLN D 659 32.60 -40.46 25.78
C GLN D 659 33.37 -41.63 26.39
N ILE D 660 33.07 -41.99 27.63
CA ILE D 660 33.75 -43.10 28.29
C ILE D 660 33.34 -44.42 27.64
N GLU D 661 32.06 -44.56 27.30
CA GLU D 661 31.60 -45.75 26.60
C GLU D 661 32.31 -45.91 25.27
N ARG D 662 32.62 -44.79 24.61
CA ARG D 662 33.37 -44.79 23.37
C ARG D 662 34.78 -45.34 23.56
N LEU D 663 35.20 -45.55 24.80
CA LEU D 663 36.44 -46.26 25.14
C LEU D 663 36.17 -47.75 25.30
N SER D 664 35.63 -48.36 24.25
CA SER D 664 35.04 -49.69 24.36
C SER D 664 36.06 -50.73 24.84
N GLN D 665 37.13 -50.92 24.06
CA GLN D 665 38.03 -52.04 24.28
C GLN D 665 39.44 -51.72 23.79
N PRO D 666 40.49 -51.98 24.59
CA PRO D 666 40.47 -52.45 25.98
C PRO D 666 40.13 -51.30 26.92
N SER D 667 40.73 -50.14 26.60
CA SER D 667 40.42 -48.87 27.23
C SER D 667 40.68 -47.82 26.17
N GLY D 668 39.64 -47.48 25.42
CA GLY D 668 39.80 -46.75 24.18
C GLY D 668 39.52 -47.68 23.02
N ALA D 669 38.46 -47.41 22.28
CA ALA D 669 37.96 -48.38 21.32
C ALA D 669 38.97 -48.61 20.18
N GLU D 670 39.10 -49.87 19.78
CA GLU D 670 39.89 -50.25 18.61
C GLU D 670 39.00 -51.06 17.67
N ASP D 671 39.12 -50.79 16.37
CA ASP D 671 38.19 -51.36 15.39
C ASP D 671 38.44 -52.87 15.30
N SER D 672 37.40 -53.66 15.57
CA SER D 672 37.52 -55.11 15.51
C SER D 672 37.69 -55.60 14.07
N ARG D 673 37.10 -54.88 13.11
CA ARG D 673 37.23 -55.26 11.71
C ARG D 673 38.70 -55.33 11.31
N MET D 674 39.51 -54.41 11.80
CA MET D 674 40.94 -54.45 11.50
C MET D 674 41.59 -55.69 12.11
N ILE D 675 41.11 -56.13 13.28
CA ILE D 675 41.60 -57.37 13.85
C ILE D 675 41.27 -58.55 12.94
N ALA D 676 40.05 -58.56 12.41
CA ALA D 676 39.67 -59.62 11.47
C ALA D 676 40.58 -59.61 10.25
N LEU D 677 40.85 -58.42 9.71
CA LEU D 677 41.73 -58.33 8.55
C LEU D 677 43.14 -58.81 8.88
N ALA D 678 43.65 -58.43 10.06
CA ALA D 678 44.95 -58.93 10.49
C ALA D 678 44.94 -60.45 10.64
N GLU D 679 43.78 -61.02 10.95
CA GLU D 679 43.68 -62.47 11.00
C GLU D 679 43.69 -63.08 9.60
N ARG D 680 43.11 -62.37 8.63
CA ARG D 680 43.02 -62.92 7.27
C ARG D 680 44.36 -62.90 6.55
N PHE D 681 45.31 -62.09 6.99
CA PHE D 681 46.64 -62.06 6.42
C PHE D 681 47.67 -62.26 7.53
N GLY D 682 48.71 -63.04 7.24
CA GLY D 682 49.75 -63.24 8.23
C GLY D 682 50.37 -61.92 8.63
N GLY D 683 50.10 -61.49 9.86
CA GLY D 683 50.60 -60.21 10.32
C GLY D 683 49.89 -59.78 11.59
N VAL D 684 50.25 -58.58 12.04
CA VAL D 684 49.73 -58.03 13.29
C VAL D 684 49.45 -56.55 13.11
N LEU D 685 48.49 -56.05 13.88
CA LEU D 685 48.16 -54.64 13.86
C LEU D 685 49.30 -53.83 14.49
N LEU D 686 49.67 -52.73 13.81
CA LEU D 686 50.86 -51.97 14.21
C LEU D 686 50.70 -51.37 15.61
N SER D 687 49.55 -50.78 15.90
CA SER D 687 49.31 -50.23 17.23
C SER D 687 49.48 -51.30 18.28
N GLU D 688 49.05 -52.52 17.99
CA GLU D 688 49.25 -53.64 18.92
C GLU D 688 50.73 -53.91 19.13
N ILE D 689 51.57 -53.63 18.13
CA ILE D 689 53.00 -53.83 18.28
C ILE D 689 53.61 -52.75 19.17
N TYR D 690 53.23 -51.49 18.97
CA TYR D 690 53.76 -50.40 19.81
C TYR D 690 52.80 -49.93 20.88
N ASP D 691 51.83 -50.76 21.30
CA ASP D 691 50.89 -50.30 22.31
C ASP D 691 51.53 -50.07 23.68
N ASP D 692 52.77 -50.54 23.90
CA ASP D 692 53.39 -50.48 25.21
C ASP D 692 54.55 -49.50 25.29
N ILE D 693 54.82 -48.74 24.22
CA ILE D 693 55.95 -47.84 24.26
C ILE D 693 55.68 -46.69 25.23
N THR D 694 56.77 -46.06 25.68
CA THR D 694 56.68 -45.06 26.74
C THR D 694 55.83 -43.87 26.30
N ILE D 695 55.13 -43.28 27.26
CA ILE D 695 54.31 -42.11 26.99
C ILE D 695 55.15 -40.92 26.56
N ASP D 696 56.41 -40.88 26.99
CA ASP D 696 57.27 -39.76 26.59
C ASP D 696 57.50 -39.74 25.09
N ASP D 697 57.79 -40.92 24.50
CA ASP D 697 58.06 -41.00 23.07
C ASP D 697 56.82 -41.26 22.24
N ALA D 698 55.69 -41.61 22.86
CA ALA D 698 54.48 -41.89 22.10
C ALA D 698 54.07 -40.77 21.16
N PRO D 699 54.02 -39.49 21.58
CA PRO D 699 53.66 -38.45 20.62
C PRO D 699 54.61 -38.39 19.44
N TYR D 700 55.90 -38.60 19.68
CA TYR D 700 56.88 -38.60 18.59
C TYR D 700 56.55 -39.70 17.57
N PHE D 701 56.30 -40.91 18.05
CA PHE D 701 55.98 -42.00 17.13
C PHE D 701 54.69 -41.72 16.36
N SER D 702 53.66 -41.23 17.05
CA SER D 702 52.41 -40.94 16.36
C SER D 702 52.61 -39.88 15.28
N ALA D 703 53.42 -38.86 15.56
CA ALA D 703 53.75 -37.89 14.53
C ALA D 703 54.50 -38.56 13.38
N LEU D 704 55.37 -39.52 13.72
CA LEU D 704 56.18 -40.17 12.69
C LEU D 704 55.31 -40.95 11.72
N TYR D 705 54.37 -41.74 12.23
CA TYR D 705 53.60 -42.62 11.36
C TYR D 705 52.44 -41.93 10.62
N GLY D 706 51.85 -40.89 11.20
CA GLY D 706 50.77 -40.20 10.54
C GLY D 706 49.58 -41.10 10.27
N PRO D 707 48.96 -40.97 9.08
CA PRO D 707 47.77 -41.80 8.82
C PRO D 707 48.05 -43.28 8.90
N ALA D 708 49.27 -43.72 8.57
CA ALA D 708 49.59 -45.13 8.61
C ALA D 708 49.59 -45.71 10.00
N ARG D 709 49.26 -44.94 11.05
CA ARG D 709 49.28 -45.47 12.40
C ARG D 709 48.48 -46.76 12.51
N HIS D 710 47.32 -46.81 11.85
CA HIS D 710 46.48 -48.01 11.86
C HIS D 710 46.78 -48.81 10.60
N GLY D 711 47.54 -49.90 10.76
CA GLY D 711 47.91 -50.74 9.65
C GLY D 711 48.40 -52.08 10.15
N ILE D 712 48.54 -53.01 9.22
CA ILE D 712 48.90 -54.39 9.51
C ILE D 712 50.32 -54.63 9.04
N VAL D 713 51.10 -55.31 9.88
CA VAL D 713 52.49 -55.65 9.56
C VAL D 713 52.50 -57.04 8.94
N VAL D 714 52.64 -57.11 7.62
CA VAL D 714 52.61 -58.35 6.87
C VAL D 714 53.99 -58.54 6.20
N PRO D 715 54.82 -59.46 6.69
CA PRO D 715 56.17 -59.59 6.13
C PRO D 715 56.24 -60.17 4.72
N ASP D 716 55.13 -60.63 4.14
CA ASP D 716 55.17 -61.29 2.85
C ASP D 716 54.70 -60.42 1.68
N LEU D 717 53.54 -59.78 1.80
CA LEU D 717 52.96 -58.97 0.73
C LEU D 717 52.56 -59.82 -0.48
N SER D 718 52.69 -61.13 -0.38
CA SER D 718 52.24 -62.01 -1.46
C SER D 718 50.83 -62.53 -1.22
N LEU D 719 50.40 -62.58 0.04
CA LEU D 719 49.06 -63.03 0.36
C LEU D 719 48.00 -61.98 0.01
N VAL D 720 48.38 -60.71 0.02
CA VAL D 720 47.40 -59.64 -0.12
C VAL D 720 46.99 -59.46 -1.57
N ARG D 721 47.98 -59.36 -2.47
CA ARG D 721 47.70 -59.03 -3.86
C ARG D 721 46.64 -59.93 -4.49
N PRO D 722 46.66 -61.26 -4.31
CA PRO D 722 45.55 -62.05 -4.84
C PRO D 722 44.23 -61.75 -4.15
N HIS D 723 44.26 -61.55 -2.84
CA HIS D 723 43.06 -61.29 -2.06
C HIS D 723 42.59 -59.84 -2.15
N LEU D 724 43.36 -58.98 -2.82
CA LEU D 724 43.08 -57.55 -2.78
C LEU D 724 41.73 -57.24 -3.42
N GLU D 725 41.47 -57.79 -4.60
CA GLU D 725 40.18 -57.56 -5.26
C GLU D 725 39.02 -58.15 -4.50
N THR D 726 39.28 -59.00 -3.50
CA THR D 726 38.25 -59.60 -2.68
C THR D 726 37.87 -58.74 -1.47
N LEU D 727 38.61 -57.66 -1.21
CA LEU D 727 38.39 -56.84 -0.02
C LEU D 727 37.35 -55.77 -0.33
N GLU D 728 36.23 -55.82 0.38
CA GLU D 728 35.18 -54.82 0.21
C GLU D 728 34.71 -54.20 1.52
N ASP D 729 34.69 -54.97 2.62
CA ASP D 729 34.27 -54.42 3.91
C ASP D 729 35.37 -53.61 4.59
N CYS D 730 36.58 -53.63 4.05
CA CYS D 730 37.73 -53.01 4.70
C CYS D 730 37.56 -51.49 4.78
N PRO D 731 38.30 -50.85 5.69
CA PRO D 731 38.29 -49.38 5.74
C PRO D 731 38.73 -48.78 4.41
N GLU D 732 38.17 -47.61 4.10
CA GLU D 732 38.34 -47.03 2.76
C GLU D 732 39.80 -46.76 2.45
N ASP D 733 40.62 -46.41 3.45
CA ASP D 733 42.06 -46.24 3.27
C ASP D 733 42.79 -47.27 4.12
N LEU D 734 43.05 -48.43 3.52
CA LEU D 734 43.78 -49.48 4.22
C LEU D 734 45.27 -49.30 4.03
N TYR D 735 46.03 -49.54 5.11
CA TYR D 735 47.47 -49.37 5.13
C TYR D 735 48.14 -50.70 5.48
N LEU D 736 49.22 -51.03 4.77
CA LEU D 736 49.95 -52.28 4.97
C LEU D 736 51.45 -52.01 5.00
N ILE D 737 52.15 -52.73 5.87
CA ILE D 737 53.59 -52.57 6.07
C ILE D 737 54.22 -53.95 6.13
N GLU D 738 55.45 -54.06 5.63
CA GLU D 738 56.19 -55.31 5.60
C GLU D 738 57.27 -55.29 6.67
N GLY D 739 57.29 -56.31 7.51
CA GLY D 739 58.31 -56.44 8.54
C GLY D 739 57.96 -57.59 9.44
N ASP D 740 58.92 -57.94 10.29
CA ASP D 740 58.71 -59.04 11.22
C ASP D 740 57.75 -58.59 12.32
N PRO D 741 56.58 -59.21 12.46
CA PRO D 741 55.69 -58.81 13.56
C PRO D 741 56.29 -59.04 14.93
N GLN D 742 57.10 -60.08 15.11
CA GLN D 742 57.65 -60.38 16.43
C GLN D 742 58.73 -59.39 16.82
N SER D 743 59.63 -59.05 15.89
CA SER D 743 60.68 -58.05 16.11
C SER D 743 60.65 -57.12 14.90
N PHE D 744 59.86 -56.06 15.02
CA PHE D 744 59.56 -55.17 13.91
C PHE D 744 60.65 -54.12 13.74
N ASP D 745 61.46 -54.26 12.70
CA ASP D 745 62.51 -53.29 12.42
C ASP D 745 61.90 -51.95 12.04
N ASP D 746 62.67 -50.88 12.25
CA ASP D 746 62.20 -49.54 11.97
C ASP D 746 61.69 -49.44 10.54
N SER D 747 60.47 -48.93 10.39
CA SER D 747 59.90 -48.76 9.06
C SER D 747 60.75 -47.79 8.25
N VAL D 748 60.71 -47.95 6.93
CA VAL D 748 61.50 -47.10 6.05
C VAL D 748 60.90 -45.69 6.06
N PHE D 749 61.47 -44.82 6.89
CA PHE D 749 61.24 -43.39 6.82
C PHE D 749 62.58 -42.69 6.79
N ASN D 750 62.74 -41.74 5.87
CA ASN D 750 63.86 -40.80 5.93
C ASN D 750 63.44 -39.65 6.84
N ALA D 751 63.33 -39.97 8.12
CA ALA D 751 62.73 -39.08 9.10
C ALA D 751 63.78 -38.17 9.72
N GLU D 752 63.43 -36.89 9.85
CA GLU D 752 64.31 -35.88 10.43
C GLU D 752 63.52 -35.08 11.45
N GLU D 753 64.05 -34.96 12.66
CA GLU D 753 63.29 -34.47 13.80
C GLU D 753 63.46 -32.95 13.93
N GLN D 754 62.35 -32.23 13.96
CA GLN D 754 62.32 -30.79 14.16
C GLN D 754 61.79 -30.47 15.55
N THR D 755 61.81 -29.18 15.88
CA THR D 755 61.23 -28.73 17.15
C THR D 755 59.75 -29.07 17.20
N ASN D 756 59.39 -30.01 18.06
CA ASN D 756 57.99 -30.40 18.26
C ASN D 756 57.35 -30.85 16.95
N ALA D 757 58.12 -31.44 16.06
CA ALA D 757 57.58 -31.89 14.78
C ALA D 757 58.54 -32.89 14.15
N VAL D 758 58.06 -33.52 13.08
CA VAL D 758 58.84 -34.49 12.33
C VAL D 758 58.64 -34.22 10.84
N LEU D 759 59.70 -34.48 10.07
CA LEU D 759 59.68 -34.35 8.61
C LEU D 759 60.10 -35.69 8.03
N VAL D 760 59.32 -36.19 7.07
CA VAL D 760 59.54 -37.52 6.50
C VAL D 760 59.52 -37.40 4.99
N LYS D 761 60.59 -37.88 4.33
CA LYS D 761 60.63 -37.92 2.87
C LYS D 761 59.94 -39.20 2.44
N SER D 762 58.62 -39.12 2.23
CA SER D 762 57.82 -40.32 2.03
C SER D 762 58.20 -41.03 0.73
N SER D 763 58.39 -40.27 -0.34
CA SER D 763 58.57 -40.84 -1.67
C SER D 763 59.36 -39.84 -2.50
N ASP D 764 59.71 -40.25 -3.72
CA ASP D 764 60.29 -39.31 -4.68
C ASP D 764 59.32 -38.15 -4.87
N ARG D 765 59.84 -36.92 -4.72
CA ARG D 765 59.03 -35.74 -4.93
C ARG D 765 57.86 -35.65 -3.95
N GLN D 766 58.00 -36.23 -2.76
CA GLN D 766 57.00 -36.09 -1.70
C GLN D 766 57.67 -36.08 -0.34
N TRP D 767 57.49 -34.98 0.39
CA TRP D 767 57.79 -34.88 1.82
C TRP D 767 56.47 -34.77 2.59
N ARG D 768 56.45 -35.30 3.82
CA ARG D 768 55.32 -35.13 4.73
C ARG D 768 55.81 -34.54 6.04
N TYR D 769 55.10 -33.51 6.52
CA TYR D 769 55.47 -32.80 7.75
C TYR D 769 54.34 -32.91 8.76
N SER D 770 54.69 -33.26 10.00
CA SER D 770 53.70 -33.46 11.06
C SER D 770 54.20 -32.90 12.38
N ARG D 771 53.27 -32.41 13.20
CA ARG D 771 53.54 -31.87 14.52
C ARG D 771 53.18 -32.89 15.60
N TYR D 772 53.76 -32.69 16.78
CA TYR D 772 53.54 -33.61 17.90
C TYR D 772 52.11 -33.50 18.42
N PRO D 773 51.33 -34.60 18.44
CA PRO D 773 50.00 -34.56 19.07
C PRO D 773 50.03 -35.00 20.53
N GLU D 774 48.83 -35.11 21.12
CA GLU D 774 48.61 -35.78 22.39
C GLU D 774 47.60 -36.91 22.19
N LEU D 775 47.49 -37.79 23.18
CA LEU D 775 46.75 -39.03 23.04
C LEU D 775 47.25 -39.79 21.81
N PRO D 776 48.52 -40.15 21.75
CA PRO D 776 49.04 -40.86 20.59
C PRO D 776 48.49 -42.27 20.50
N LEU D 777 48.37 -42.77 19.27
CA LEU D 777 47.87 -44.12 19.06
C LEU D 777 48.83 -45.15 19.61
N PHE D 778 50.12 -44.85 19.61
CA PHE D 778 51.12 -45.73 20.17
C PHE D 778 51.40 -45.39 21.64
N GLY D 779 52.04 -46.32 22.33
CA GLY D 779 52.30 -46.14 23.74
C GLY D 779 51.03 -46.02 24.56
N ARG D 780 49.95 -46.66 24.11
CA ARG D 780 48.68 -46.53 24.81
C ARG D 780 48.83 -46.93 26.27
N ALA D 781 49.41 -48.11 26.52
CA ALA D 781 49.45 -48.68 27.86
C ALA D 781 48.07 -48.66 28.48
N ALA D 782 47.05 -48.84 27.63
CA ALA D 782 45.64 -48.67 27.94
C ALA D 782 45.26 -47.22 28.18
N ARG D 783 46.22 -46.29 28.21
CA ARG D 783 45.95 -44.90 28.54
C ARG D 783 44.88 -44.80 29.63
N GLU D 784 45.01 -45.65 30.65
CA GLU D 784 44.08 -45.64 31.77
C GLU D 784 44.00 -44.29 32.44
N ASN D 785 45.08 -43.51 32.42
CA ASN D 785 45.05 -42.20 33.06
C ASN D 785 44.00 -41.28 32.44
N ARG D 786 43.82 -41.33 31.12
CA ARG D 786 42.75 -40.56 30.50
C ARG D 786 41.38 -41.08 30.90
N LEU D 787 41.22 -42.41 30.94
CA LEU D 787 39.95 -42.96 31.38
C LEU D 787 39.63 -42.51 32.80
N GLU D 788 40.65 -42.44 33.66
CA GLU D 788 40.45 -41.98 35.02
C GLU D 788 40.18 -40.47 35.09
N ALA D 789 40.83 -39.68 34.24
CA ALA D 789 40.51 -38.25 34.20
C ALA D 789 39.05 -38.05 33.79
N LEU D 790 38.60 -38.79 32.79
CA LEU D 790 37.20 -38.71 32.41
C LEU D 790 36.29 -39.22 33.52
N ASN D 791 36.71 -40.26 34.25
CA ASN D 791 35.95 -40.72 35.40
C ASN D 791 35.87 -39.65 36.48
N LEU D 792 36.97 -38.95 36.72
CA LEU D 792 36.98 -37.86 37.69
C LEU D 792 35.99 -36.77 37.29
N GLU D 793 36.00 -36.40 36.02
CA GLU D 793 35.04 -35.41 35.54
C GLU D 793 33.61 -35.92 35.68
N ARG D 794 33.39 -37.18 35.32
CA ARG D 794 32.05 -37.76 35.42
C ARG D 794 31.58 -37.79 36.86
N ASP D 795 32.47 -38.12 37.79
CA ASP D 795 32.09 -38.17 39.19
C ASP D 795 31.85 -36.77 39.75
N ALA D 796 32.61 -35.78 39.29
CA ALA D 796 32.31 -34.40 39.66
C ALA D 796 30.92 -34.00 39.18
N LEU D 797 30.59 -34.34 37.94
CA LEU D 797 29.25 -34.05 37.44
C LEU D 797 28.19 -34.78 38.24
N ALA D 798 28.45 -36.04 38.58
CA ALA D 798 27.49 -36.82 39.36
C ALA D 798 27.26 -36.19 40.74
N GLU D 799 28.34 -35.75 41.39
CA GLU D 799 28.23 -35.11 42.68
C GLU D 799 27.44 -33.81 42.60
N ARG D 800 27.72 -33.00 41.58
CA ARG D 800 26.98 -31.76 41.40
C ARG D 800 25.51 -32.06 41.18
N TYR D 801 25.21 -33.06 40.34
CA TYR D 801 23.83 -33.48 40.13
C TYR D 801 23.16 -33.90 41.42
N ALA D 802 23.88 -34.66 42.25
CA ALA D 802 23.31 -35.11 43.52
C ALA D 802 22.95 -33.92 44.41
N THR D 803 23.86 -32.96 44.52
CA THR D 803 23.57 -31.78 45.33
C THR D 803 22.36 -31.02 44.81
N LEU D 804 22.27 -30.85 43.48
CA LEU D 804 21.13 -30.10 42.93
C LEU D 804 19.83 -30.85 43.14
N SER D 805 19.82 -32.17 42.99
CA SER D 805 18.62 -32.94 43.25
C SER D 805 18.18 -32.79 44.69
N PHE D 806 19.13 -32.87 45.63
CA PHE D 806 18.82 -32.68 47.04
C PHE D 806 18.21 -31.32 47.28
N ASP D 807 18.80 -30.28 46.68
CA ASP D 807 18.29 -28.93 46.87
C ASP D 807 16.85 -28.80 46.36
N VAL D 808 16.57 -29.36 45.18
CA VAL D 808 15.23 -29.30 44.63
C VAL D 808 14.24 -30.00 45.56
N GLN D 809 14.65 -31.14 46.12
CA GLN D 809 13.76 -31.84 47.06
C GLN D 809 13.42 -30.95 48.24
N LYS D 810 14.43 -30.27 48.79
CA LYS D 810 14.18 -29.34 49.90
C LYS D 810 13.17 -28.27 49.50
N ILE D 811 13.37 -27.67 48.33
CA ILE D 811 12.49 -26.58 47.91
C ILE D 811 11.07 -27.07 47.76
N GLN D 812 10.87 -28.24 47.16
CA GLN D 812 9.52 -28.76 47.00
C GLN D 812 8.85 -29.01 48.33
N ARG D 813 9.61 -29.53 49.31
CA ARG D 813 9.02 -29.73 50.63
C ARG D 813 8.54 -28.41 51.23
N ALA D 814 9.35 -27.36 51.12
CA ALA D 814 8.92 -26.05 51.63
C ALA D 814 7.66 -25.58 50.91
N HIS D 815 7.61 -25.77 49.59
CA HIS D 815 6.41 -25.40 48.83
C HIS D 815 5.17 -26.10 49.34
N GLN D 816 5.25 -27.42 49.56
CA GLN D 816 4.10 -28.14 50.07
C GLN D 816 3.66 -27.62 51.42
N ALA D 817 4.63 -27.30 52.28
CA ALA D 817 4.27 -26.74 53.58
C ALA D 817 3.44 -25.46 53.42
N PHE D 818 3.90 -24.56 52.56
CA PHE D 818 3.13 -23.32 52.36
C PHE D 818 1.77 -23.58 51.75
N SER D 819 1.68 -24.49 50.78
CA SER D 819 0.37 -24.79 50.19
C SER D 819 -0.59 -25.24 51.28
N GLN D 820 -0.15 -26.14 52.15
CA GLN D 820 -1.02 -26.62 53.21
C GLN D 820 -1.44 -25.48 54.13
N PHE D 821 -0.47 -24.63 54.51
CA PHE D 821 -0.78 -23.53 55.41
C PHE D 821 -1.87 -22.63 54.84
N VAL D 822 -1.68 -22.15 53.60
CA VAL D 822 -2.70 -21.29 53.03
C VAL D 822 -3.98 -22.05 52.78
N GLY D 823 -3.91 -23.39 52.74
CA GLY D 823 -5.12 -24.17 52.65
C GLY D 823 -5.90 -24.27 53.94
N LYS D 824 -5.26 -24.05 55.09
CA LYS D 824 -5.94 -24.30 56.36
C LYS D 824 -5.86 -23.18 57.40
N HIS D 825 -4.95 -22.22 57.29
CA HIS D 825 -4.87 -21.13 58.25
C HIS D 825 -4.96 -19.73 57.66
N LEU D 826 -4.91 -19.60 56.33
CA LEU D 826 -4.85 -18.27 55.72
C LEU D 826 -6.01 -17.39 56.17
N SER D 827 -7.19 -17.97 56.37
CA SER D 827 -8.35 -17.16 56.72
C SER D 827 -8.13 -16.36 57.99
N VAL D 828 -7.29 -16.84 58.89
CA VAL D 828 -7.05 -16.20 60.18
C VAL D 828 -5.63 -15.65 60.30
N ALA D 829 -4.79 -15.82 59.28
CA ALA D 829 -3.41 -15.39 59.36
C ALA D 829 -3.33 -13.89 59.59
N PHE D 830 -2.39 -13.48 60.46
CA PHE D 830 -2.04 -12.10 60.72
C PHE D 830 -3.14 -11.31 61.41
N ASP D 831 -4.20 -11.96 61.90
CA ASP D 831 -5.20 -11.26 62.67
C ASP D 831 -4.73 -11.04 64.10
N THR D 832 -5.41 -10.14 64.81
CA THR D 832 -5.05 -9.79 66.16
C THR D 832 -5.56 -10.84 67.16
N ASP D 833 -5.11 -10.71 68.40
CA ASP D 833 -5.47 -11.65 69.45
C ASP D 833 -6.91 -11.40 69.89
N PRO D 834 -7.80 -12.40 69.85
CA PRO D 834 -9.20 -12.16 70.25
C PRO D 834 -9.43 -12.02 71.75
N GLU D 835 -8.45 -12.37 72.59
CA GLU D 835 -8.68 -12.34 74.03
C GLU D 835 -8.99 -10.93 74.52
N ALA D 836 -8.34 -9.92 73.96
CA ALA D 836 -8.62 -8.55 74.37
C ALA D 836 -10.08 -8.18 74.11
N GLU D 837 -10.57 -8.53 72.92
CA GLU D 837 -11.95 -8.22 72.58
C GLU D 837 -12.91 -9.00 73.48
N ILE D 838 -12.57 -10.25 73.78
CA ILE D 838 -13.39 -11.04 74.69
C ILE D 838 -13.45 -10.38 76.07
N ARG D 839 -12.31 -9.87 76.54
CA ARG D 839 -12.27 -9.15 77.81
C ARG D 839 -13.19 -7.93 77.78
N GLU D 840 -13.14 -7.18 76.69
CA GLU D 840 -14.00 -6.01 76.57
C GLU D 840 -15.47 -6.41 76.65
N LEU D 841 -15.84 -7.47 75.92
CA LEU D 841 -17.23 -7.94 75.98
C LEU D 841 -17.59 -8.46 77.36
N ARG D 842 -16.61 -8.98 78.12
CA ARG D 842 -16.90 -9.35 79.50
C ARG D 842 -17.22 -8.13 80.35
N GLN D 843 -16.52 -7.02 80.14
CA GLN D 843 -16.89 -5.79 80.82
C GLN D 843 -18.31 -5.37 80.46
N ARG D 844 -18.66 -5.51 79.18
CA ARG D 844 -20.04 -5.23 78.77
C ARG D 844 -21.03 -6.14 79.46
N HIS D 845 -20.70 -7.44 79.60
CA HIS D 845 -21.54 -8.33 80.39
C HIS D 845 -21.75 -7.79 81.80
N THR D 846 -20.66 -7.33 82.44
CA THR D 846 -20.78 -6.87 83.82
C THR D 846 -21.74 -5.69 83.92
N GLU D 847 -21.54 -4.68 83.08
CA GLU D 847 -22.40 -3.50 83.14
C GLU D 847 -23.84 -3.86 82.80
N LEU D 848 -24.03 -4.74 81.82
CA LEU D 848 -25.37 -5.15 81.45
C LEU D 848 -26.06 -5.88 82.59
N GLU D 849 -25.32 -6.73 83.30
CA GLU D 849 -25.92 -7.44 84.43
C GLU D 849 -26.30 -6.46 85.54
N ARG D 850 -25.48 -5.43 85.77
CA ARG D 850 -25.86 -4.39 86.71
C ARG D 850 -27.17 -3.73 86.30
N GLU D 851 -27.29 -3.36 85.02
CA GLU D 851 -28.50 -2.68 84.55
C GLU D 851 -29.72 -3.59 84.66
N VAL D 852 -29.55 -4.87 84.33
CA VAL D 852 -30.64 -5.84 84.46
C VAL D 852 -31.08 -5.93 85.92
N SER D 853 -30.12 -5.96 86.84
CA SER D 853 -30.45 -5.97 88.26
C SER D 853 -31.26 -4.74 88.64
N ARG D 854 -30.84 -3.56 88.15
CA ARG D 854 -31.54 -2.34 88.49
C ARG D 854 -32.98 -2.36 88.02
N PHE D 855 -33.21 -2.76 86.77
CA PHE D 855 -34.57 -2.85 86.26
C PHE D 855 -35.40 -3.89 86.99
N GLU D 856 -34.83 -5.05 87.30
CA GLU D 856 -35.59 -6.07 88.01
C GLU D 856 -35.98 -5.57 89.40
N ASP D 857 -35.04 -4.94 90.11
CA ASP D 857 -35.33 -4.40 91.43
C ASP D 857 -36.41 -3.33 91.36
N GLN D 858 -36.26 -2.40 90.42
CA GLN D 858 -37.20 -1.31 90.29
C GLN D 858 -38.60 -1.82 89.99
N THR D 859 -38.71 -2.77 89.05
CA THR D 859 -40.01 -3.36 88.74
C THR D 859 -40.59 -4.10 89.94
N GLN D 860 -39.76 -4.82 90.68
CA GLN D 860 -40.29 -5.55 91.84
C GLN D 860 -40.87 -4.60 92.87
N GLN D 861 -40.11 -3.58 93.28
CA GLN D 861 -40.63 -2.64 94.26
C GLN D 861 -41.87 -1.92 93.73
N GLN D 862 -41.79 -1.43 92.49
CA GLN D 862 -42.91 -0.71 91.90
C GLN D 862 -44.16 -1.56 91.87
N ARG D 863 -44.06 -2.79 91.36
CA ARG D 863 -45.25 -3.63 91.28
C ARG D 863 -45.76 -4.00 92.66
N GLN D 864 -44.89 -4.17 93.65
CA GLN D 864 -45.40 -4.48 94.99
C GLN D 864 -46.24 -3.33 95.54
N GLN D 865 -45.69 -2.11 95.56
CA GLN D 865 -46.48 -1.00 96.11
C GLN D 865 -47.73 -0.74 95.28
N TYR D 866 -47.61 -0.73 93.95
CA TYR D 866 -48.77 -0.44 93.11
C TYR D 866 -49.82 -1.54 93.22
N ALA D 867 -49.39 -2.80 93.38
CA ALA D 867 -50.32 -3.89 93.54
C ALA D 867 -51.05 -3.81 94.87
N GLN D 868 -50.35 -3.38 95.92
CA GLN D 868 -51.04 -3.15 97.19
C GLN D 868 -52.10 -2.07 97.05
N ALA D 869 -51.78 -0.99 96.33
CA ALA D 869 -52.78 0.05 96.09
C ALA D 869 -53.97 -0.49 95.28
N LYS D 870 -53.68 -1.28 94.25
CA LYS D 870 -54.75 -1.85 93.43
C LYS D 870 -55.66 -2.75 94.27
N GLU D 871 -55.05 -3.57 95.13
CA GLU D 871 -55.84 -4.45 95.99
C GLU D 871 -56.71 -3.63 96.94
N SER D 872 -56.18 -2.52 97.45
CA SER D 872 -57.00 -1.63 98.27
C SER D 872 -58.19 -1.11 97.47
N LEU D 873 -57.97 -0.72 96.21
CA LEU D 873 -59.08 -0.27 95.38
C LEU D 873 -60.13 -1.36 95.20
N THR D 874 -59.69 -2.59 94.94
CA THR D 874 -60.65 -3.69 94.79
C THR D 874 -61.44 -3.93 96.07
N THR D 875 -60.77 -3.89 97.22
CA THR D 875 -61.49 -4.05 98.48
C THR D 875 -62.51 -2.93 98.66
N LEU D 876 -62.15 -1.70 98.33
CA LEU D 876 -63.10 -0.59 98.44
C LEU D 876 -64.33 -0.83 97.58
N ASN D 877 -64.12 -1.14 96.29
CA ASN D 877 -65.26 -1.24 95.38
C ASN D 877 -65.93 -2.62 95.40
N ARG D 878 -65.46 -3.54 96.24
CA ARG D 878 -66.12 -4.82 96.45
C ARG D 878 -66.87 -4.87 97.78
N LEU D 879 -66.27 -4.35 98.85
CA LEU D 879 -66.92 -4.36 100.15
C LEU D 879 -67.82 -3.15 100.35
N ILE D 880 -67.40 -1.97 99.89
CA ILE D 880 -68.15 -0.74 100.13
C ILE D 880 -68.26 0.11 98.87
N PRO D 881 -68.75 -0.43 97.75
CA PRO D 881 -69.06 0.43 96.60
C PRO D 881 -70.33 1.24 96.81
N GLN D 882 -70.18 2.38 97.50
CA GLN D 882 -71.30 3.22 97.95
C GLN D 882 -72.40 2.39 98.60
N VAL D 883 -72.02 1.26 99.19
CA VAL D 883 -72.91 0.47 100.02
C VAL D 883 -73.20 1.23 101.31
N ALA D 1057 -86.30 16.34 94.71
CA ALA D 1057 -86.45 16.42 93.26
C ALA D 1057 -85.25 17.12 92.63
N ARG D 1058 -84.83 18.23 93.24
CA ARG D 1058 -83.77 19.03 92.66
C ARG D 1058 -82.44 18.29 92.62
N GLU D 1059 -82.15 17.46 93.63
CA GLU D 1059 -80.91 16.69 93.60
C GLU D 1059 -80.84 15.80 92.36
N ARG D 1060 -81.91 15.03 92.12
CA ARG D 1060 -81.94 14.12 90.99
C ARG D 1060 -81.87 14.85 89.65
N ARG D 1061 -82.70 15.89 89.48
CA ARG D 1061 -82.67 16.59 88.20
C ARG D 1061 -81.34 17.32 87.98
N ASP D 1062 -80.72 17.83 89.05
CA ASP D 1062 -79.44 18.53 88.89
C ASP D 1062 -78.32 17.58 88.53
N ARG D 1063 -78.24 16.42 89.19
CA ARG D 1063 -77.22 15.46 88.81
C ARG D 1063 -77.47 14.95 87.39
N LEU D 1064 -78.74 14.87 86.99
CA LEU D 1064 -79.05 14.54 85.61
C LEU D 1064 -78.57 15.63 84.65
N HIS D 1065 -78.77 16.90 85.02
CA HIS D 1065 -78.29 18.01 84.18
C HIS D 1065 -76.78 17.91 83.95
N GLU D 1066 -76.02 17.75 85.03
CA GLU D 1066 -74.57 17.73 84.88
C GLU D 1066 -74.11 16.49 84.11
N ALA D 1067 -74.79 15.36 84.30
CA ALA D 1067 -74.51 14.19 83.47
C ALA D 1067 -74.76 14.48 81.99
N LEU D 1068 -75.87 15.16 81.68
CA LEU D 1068 -76.16 15.52 80.30
C LEU D 1068 -75.04 16.39 79.73
N SER D 1069 -74.61 17.39 80.50
CA SER D 1069 -73.55 18.28 80.01
C SER D 1069 -72.28 17.49 79.72
N VAL D 1070 -71.92 16.56 80.60
CA VAL D 1070 -70.70 15.78 80.38
C VAL D 1070 -70.83 14.93 79.12
N ASN D 1071 -71.98 14.28 78.94
CA ASN D 1071 -72.15 13.43 77.76
C ASN D 1071 -72.05 14.26 76.48
N ARG D 1072 -72.71 15.42 76.46
CA ARG D 1072 -72.69 16.25 75.26
C ARG D 1072 -71.29 16.81 74.99
N SER D 1073 -70.55 17.14 76.05
CA SER D 1073 -69.16 17.56 75.86
C SER D 1073 -68.32 16.45 75.25
N ARG D 1074 -68.49 15.21 75.74
CA ARG D 1074 -67.76 14.10 75.15
C ARG D 1074 -68.09 13.94 73.67
N VAL D 1075 -69.37 14.05 73.33
CA VAL D 1075 -69.78 13.92 71.93
C VAL D 1075 -69.09 14.97 71.08
N ASN D 1076 -69.12 16.23 71.52
CA ASN D 1076 -68.50 17.30 70.73
C ASN D 1076 -67.00 17.07 70.57
N GLN D 1077 -66.32 16.70 71.66
CA GLN D 1077 -64.89 16.48 71.59
C GLN D 1077 -64.55 15.40 70.56
N LEU D 1078 -65.25 14.26 70.64
CA LEU D 1078 -64.96 13.17 69.73
C LEU D 1078 -65.25 13.56 68.28
N GLU D 1079 -66.34 14.31 68.06
CA GLU D 1079 -66.65 14.74 66.70
C GLU D 1079 -65.56 15.64 66.13
N LYS D 1080 -65.05 16.57 66.95
CA LYS D 1080 -63.96 17.43 66.47
C LYS D 1080 -62.74 16.60 66.10
N GLN D 1081 -62.36 15.66 66.95
CA GLN D 1081 -61.21 14.82 66.64
C GLN D 1081 -61.41 14.07 65.33
N ILE D 1082 -62.61 13.49 65.14
CA ILE D 1082 -62.87 12.69 63.95
C ILE D 1082 -62.87 13.56 62.69
N ALA D 1083 -63.39 14.78 62.78
CA ALA D 1083 -63.33 15.69 61.64
C ALA D 1083 -61.89 16.01 61.26
N PHE D 1084 -61.05 16.24 62.27
CA PHE D 1084 -59.63 16.47 61.98
C PHE D 1084 -59.02 15.28 61.26
N CYS D 1085 -59.33 14.08 61.75
CA CYS D 1085 -58.83 12.86 61.10
C CYS D 1085 -59.27 12.82 59.64
N GLU D 1086 -60.54 13.14 59.37
CA GLU D 1086 -61.05 13.10 58.01
C GLU D 1086 -60.25 14.02 57.09
N ALA D 1087 -60.06 15.28 57.51
CA ALA D 1087 -59.33 16.21 56.66
C ALA D 1087 -57.93 15.69 56.36
N GLU D 1088 -57.22 15.28 57.42
CA GLU D 1088 -55.83 14.87 57.23
C GLU D 1088 -55.73 13.65 56.31
N MET D 1089 -56.64 12.69 56.48
CA MET D 1089 -56.52 11.47 55.70
C MET D 1089 -56.90 11.71 54.24
N GLU D 1090 -57.84 12.63 54.00
CA GLU D 1090 -58.13 13.01 52.62
C GLU D 1090 -56.90 13.64 51.96
N ASN D 1091 -56.18 14.47 52.69
CA ASN D 1091 -54.96 15.02 52.11
C ASN D 1091 -53.91 13.93 51.87
N VAL D 1092 -53.85 12.92 52.73
CA VAL D 1092 -52.96 11.80 52.43
C VAL D 1092 -53.42 11.04 51.18
N GLN D 1093 -54.73 10.95 50.96
CA GLN D 1093 -55.22 10.35 49.71
C GLN D 1093 -54.71 11.12 48.49
N LYS D 1094 -54.74 12.45 48.57
CA LYS D 1094 -54.21 13.24 47.47
C LYS D 1094 -52.69 13.06 47.34
N LYS D 1095 -51.99 12.87 48.46
CA LYS D 1095 -50.60 12.43 48.37
C LYS D 1095 -50.47 11.12 47.59
N LEU D 1096 -51.39 10.18 47.83
CA LEU D 1096 -51.35 8.92 47.09
C LEU D 1096 -51.47 9.16 45.59
N ARG D 1097 -52.36 10.07 45.19
CA ARG D 1097 -52.47 10.39 43.77
C ARG D 1097 -51.16 10.94 43.21
N LYS D 1098 -50.54 11.87 43.94
CA LYS D 1098 -49.27 12.44 43.46
C LYS D 1098 -48.21 11.35 43.34
N LEU D 1099 -48.12 10.48 44.34
CA LEU D 1099 -47.17 9.38 44.32
C LEU D 1099 -47.47 8.42 43.16
N GLU D 1100 -48.76 8.23 42.87
CA GLU D 1100 -49.14 7.35 41.78
C GLU D 1100 -48.63 7.87 40.44
N ARG D 1101 -48.80 9.17 40.19
CA ARG D 1101 -48.26 9.71 38.94
C ARG D 1101 -46.73 9.64 38.90
N ASP D 1102 -46.07 9.82 40.05
CA ASP D 1102 -44.62 9.63 40.07
C ASP D 1102 -44.24 8.20 39.68
N TYR D 1103 -44.94 7.22 40.24
CA TYR D 1103 -44.74 5.83 39.89
C TYR D 1103 -44.93 5.60 38.40
N TYR D 1104 -45.96 6.23 37.84
CA TYR D 1104 -46.25 6.12 36.41
C TYR D 1104 -45.06 6.58 35.57
N GLN D 1105 -44.50 7.74 35.93
CA GLN D 1105 -43.30 8.24 35.26
C GLN D 1105 -42.15 7.23 35.33
N ILE D 1106 -41.87 6.73 36.54
CA ILE D 1106 -40.78 5.78 36.71
C ILE D 1106 -40.99 4.56 35.83
N ARG D 1107 -42.24 4.11 35.73
CA ARG D 1107 -42.56 2.91 34.98
C ARG D 1107 -42.26 3.09 33.49
N GLU D 1108 -42.65 4.24 32.93
CA GLU D 1108 -42.28 4.49 31.54
C GLU D 1108 -40.76 4.47 31.37
N GLN D 1109 -40.04 5.09 32.31
CA GLN D 1109 -38.58 5.06 32.21
C GLN D 1109 -38.08 3.63 32.08
N VAL D 1110 -38.58 2.74 32.94
CA VAL D 1110 -38.05 1.37 32.97
C VAL D 1110 -38.31 0.66 31.64
N VAL D 1111 -39.55 0.71 31.17
CA VAL D 1111 -39.86 -0.07 29.97
C VAL D 1111 -39.08 0.46 28.77
N SER D 1112 -39.00 1.78 28.63
CA SER D 1112 -38.27 2.35 27.51
C SER D 1112 -36.80 1.98 27.57
N ALA D 1113 -36.22 1.92 28.77
CA ALA D 1113 -34.81 1.52 28.87
C ALA D 1113 -34.61 0.08 28.41
N LYS D 1114 -35.49 -0.83 28.83
CA LYS D 1114 -35.30 -2.22 28.41
C LYS D 1114 -35.37 -2.36 26.90
N ALA D 1115 -36.21 -1.56 26.25
CA ALA D 1115 -36.32 -1.69 24.80
C ALA D 1115 -34.95 -1.55 24.14
N GLY D 1116 -34.09 -0.66 24.67
CA GLY D 1116 -32.76 -0.49 24.11
C GLY D 1116 -31.77 -1.54 24.60
N TRP D 1117 -31.88 -1.93 25.86
CA TRP D 1117 -31.03 -3.02 26.34
C TRP D 1117 -31.14 -4.22 25.40
N CYS D 1118 -32.36 -4.50 24.94
CA CYS D 1118 -32.56 -5.62 24.02
C CYS D 1118 -31.62 -5.53 22.83
N ALA D 1119 -31.62 -4.38 22.15
CA ALA D 1119 -30.83 -4.27 20.93
C ALA D 1119 -29.35 -4.39 21.24
N VAL D 1120 -28.87 -3.72 22.30
CA VAL D 1120 -27.44 -3.78 22.56
C VAL D 1120 -27.00 -5.21 22.85
N MET D 1121 -27.74 -5.92 23.70
CA MET D 1121 -27.35 -7.30 23.96
C MET D 1121 -27.57 -8.22 22.77
N ARG D 1122 -28.34 -7.81 21.77
CA ARG D 1122 -28.38 -8.58 20.53
C ARG D 1122 -27.08 -8.43 19.74
N MET D 1123 -26.60 -7.20 19.60
CA MET D 1123 -25.41 -6.95 18.80
C MET D 1123 -24.15 -7.43 19.52
N VAL D 1124 -24.11 -7.31 20.84
CA VAL D 1124 -22.90 -7.60 21.60
C VAL D 1124 -22.50 -9.08 21.54
N LYS D 1125 -23.40 -9.95 21.09
CA LYS D 1125 -23.10 -11.37 21.08
C LYS D 1125 -22.04 -11.76 20.05
N ASP D 1126 -21.35 -10.79 19.46
CA ASP D 1126 -20.18 -11.09 18.66
C ASP D 1126 -18.95 -11.22 19.56
N ASN D 1127 -19.09 -12.01 20.63
CA ASN D 1127 -18.05 -12.49 21.54
C ASN D 1127 -17.49 -11.41 22.46
N GLY D 1128 -17.94 -10.17 22.29
CA GLY D 1128 -17.49 -9.12 23.20
C GLY D 1128 -18.01 -9.31 24.61
N VAL D 1129 -19.31 -9.60 24.73
CA VAL D 1129 -19.93 -9.70 26.06
C VAL D 1129 -19.35 -10.84 26.85
N GLU D 1130 -18.86 -11.88 26.17
CA GLU D 1130 -18.43 -13.08 26.88
C GLU D 1130 -17.57 -12.72 28.09
N ARG D 1131 -16.44 -12.07 27.87
CA ARG D 1131 -15.69 -11.54 29.00
C ARG D 1131 -15.07 -10.16 28.75
N ARG D 1132 -15.05 -9.69 27.50
CA ARG D 1132 -14.28 -8.47 27.23
C ARG D 1132 -15.02 -7.21 27.70
N LEU D 1133 -16.28 -7.05 27.33
CA LEU D 1133 -17.01 -5.87 27.78
C LEU D 1133 -17.59 -6.05 29.18
N HIS D 1134 -18.00 -7.26 29.53
CA HIS D 1134 -18.66 -7.54 30.81
C HIS D 1134 -17.62 -7.69 31.92
N ARG D 1135 -17.02 -6.55 32.29
CA ARG D 1135 -16.01 -6.48 33.34
C ARG D 1135 -16.71 -6.47 34.71
N ARG D 1136 -17.24 -7.63 35.08
CA ARG D 1136 -18.11 -7.74 36.25
C ARG D 1136 -17.45 -7.28 37.54
N GLU D 1137 -16.14 -7.06 37.56
CA GLU D 1137 -15.55 -6.48 38.75
C GLU D 1137 -16.19 -5.15 39.09
N LEU D 1138 -16.59 -4.39 38.06
CA LEU D 1138 -17.03 -3.01 38.22
C LEU D 1138 -18.42 -2.88 38.86
N ALA D 1139 -19.14 -3.97 39.02
CA ALA D 1139 -20.52 -3.88 39.51
C ALA D 1139 -20.60 -3.33 40.93
N TYR D 1140 -19.50 -3.38 41.69
CA TYR D 1140 -19.47 -2.97 43.08
C TYR D 1140 -18.78 -1.64 43.29
N MET D 1141 -19.04 -0.70 42.38
CA MET D 1141 -18.46 0.64 42.41
C MET D 1141 -19.57 1.67 42.18
N GLU D 1142 -19.33 2.88 42.68
CA GLU D 1142 -20.25 3.98 42.45
C GLU D 1142 -19.98 4.65 41.12
N GLY D 1143 -20.99 5.36 40.61
CA GLY D 1143 -20.91 5.91 39.27
C GLY D 1143 -19.82 6.94 39.07
N GLY D 1144 -19.42 7.64 40.14
CA GLY D 1144 -18.40 8.66 40.00
C GLY D 1144 -17.07 8.09 39.54
N ALA D 1145 -16.66 6.98 40.15
CA ALA D 1145 -15.42 6.32 39.74
C ALA D 1145 -15.53 5.82 38.30
N LEU D 1146 -16.67 5.25 37.94
CA LEU D 1146 -16.86 4.77 36.58
C LEU D 1146 -16.70 5.91 35.58
N ARG D 1147 -17.31 7.05 35.86
CA ARG D 1147 -17.16 8.20 34.97
C ARG D 1147 -15.73 8.69 34.93
N SER D 1148 -15.03 8.70 36.06
CA SER D 1148 -13.64 9.12 36.05
C SER D 1148 -12.82 8.25 35.11
N MET D 1149 -12.99 6.92 35.22
CA MET D 1149 -12.25 6.01 34.34
C MET D 1149 -12.64 6.25 32.89
N SER D 1150 -13.94 6.41 32.61
CA SER D 1150 -14.38 6.62 31.23
C SER D 1150 -13.75 7.88 30.65
N ASP D 1151 -13.74 8.96 31.43
CA ASP D 1151 -13.20 10.22 30.94
C ASP D 1151 -11.71 10.12 30.66
N LYS D 1152 -10.96 9.53 31.58
CA LYS D 1152 -9.52 9.41 31.37
C LYS D 1152 -9.21 8.50 30.18
N ALA D 1153 -9.98 7.43 30.03
CA ALA D 1153 -9.81 6.56 28.86
C ALA D 1153 -10.09 7.31 27.57
N LEU D 1154 -11.14 8.14 27.55
CA LEU D 1154 -11.42 8.94 26.37
C LEU D 1154 -10.28 9.91 26.08
N GLY D 1155 -9.72 10.50 27.13
CA GLY D 1155 -8.57 11.39 26.95
C GLY D 1155 -7.42 10.67 26.26
N ALA D 1156 -7.14 9.44 26.69
CA ALA D 1156 -6.10 8.67 26.00
C ALA D 1156 -6.50 8.35 24.55
N LEU D 1157 -7.75 7.95 24.34
CA LEU D 1157 -8.19 7.55 23.01
C LEU D 1157 -8.03 8.68 22.00
N ARG D 1158 -8.41 9.90 22.39
CA ARG D 1158 -8.32 11.00 21.44
C ARG D 1158 -6.93 11.08 20.83
N LEU D 1159 -5.90 10.90 21.65
CA LEU D 1159 -4.54 10.91 21.15
C LEU D 1159 -4.23 9.66 20.33
N ALA D 1160 -4.63 8.49 20.85
CA ALA D 1160 -4.30 7.25 20.15
C ALA D 1160 -4.89 7.23 18.75
N VAL D 1161 -6.14 7.69 18.61
CA VAL D 1161 -6.88 7.58 17.35
C VAL D 1161 -6.74 8.82 16.49
N ALA D 1162 -5.79 9.71 16.79
CA ALA D 1162 -5.77 11.02 16.15
C ALA D 1162 -5.69 10.90 14.63
N ASP D 1163 -4.87 9.99 14.13
CA ASP D 1163 -4.58 9.97 12.69
C ASP D 1163 -5.72 9.34 11.89
N ASN D 1164 -6.27 8.23 12.36
CA ASN D 1164 -7.31 7.55 11.61
C ASN D 1164 -8.55 8.43 11.49
N GLU D 1165 -9.34 8.17 10.45
CA GLU D 1165 -10.57 8.91 10.23
C GLU D 1165 -11.83 8.09 10.50
N HIS D 1166 -11.87 6.83 10.09
CA HIS D 1166 -13.04 6.00 10.36
C HIS D 1166 -13.28 5.89 11.86
N LEU D 1167 -12.25 5.48 12.59
CA LEU D 1167 -12.37 5.35 14.03
C LEU D 1167 -12.66 6.68 14.68
N ARG D 1168 -12.07 7.76 14.14
CA ARG D 1168 -12.30 9.07 14.72
C ARG D 1168 -13.77 9.47 14.56
N ASP D 1169 -14.35 9.20 13.39
CA ASP D 1169 -15.78 9.48 13.19
C ASP D 1169 -16.62 8.67 14.17
N ALA D 1170 -16.32 7.37 14.31
CA ALA D 1170 -17.11 6.54 15.21
C ALA D 1170 -17.02 7.03 16.65
N LEU D 1171 -15.81 7.33 17.11
CA LEU D 1171 -15.64 7.84 18.46
C LEU D 1171 -16.42 9.14 18.65
N ARG D 1172 -16.34 10.04 17.67
CA ARG D 1172 -17.12 11.26 17.75
C ARG D 1172 -18.59 10.95 17.94
N LEU D 1173 -19.12 10.04 17.13
CA LEU D 1173 -20.54 9.71 17.23
C LEU D 1173 -20.88 9.07 18.56
N SER D 1174 -19.90 8.47 19.24
CA SER D 1174 -20.23 7.66 20.40
C SER D 1174 -20.59 8.47 21.65
N GLU D 1175 -20.26 9.77 21.72
CA GLU D 1175 -20.26 10.44 23.01
C GLU D 1175 -21.62 11.00 23.43
N ASP D 1176 -22.69 10.78 22.68
CA ASP D 1176 -24.02 11.16 23.17
C ASP D 1176 -24.55 10.09 24.12
N PRO D 1177 -24.86 10.43 25.38
CA PRO D 1177 -25.27 9.38 26.32
C PRO D 1177 -26.59 8.72 25.96
N LYS D 1178 -27.38 9.33 25.09
CA LYS D 1178 -28.72 8.87 24.77
C LYS D 1178 -28.76 7.80 23.69
N ARG D 1179 -27.60 7.39 23.16
CA ARG D 1179 -27.51 6.36 22.12
C ARG D 1179 -26.39 5.37 22.45
N PRO D 1180 -26.62 4.49 23.43
CA PRO D 1180 -25.54 3.61 23.90
C PRO D 1180 -24.93 2.69 22.84
N GLU D 1181 -25.74 2.14 21.93
CA GLU D 1181 -25.22 1.14 21.00
C GLU D 1181 -24.06 1.68 20.16
N ARG D 1182 -23.98 3.00 20.03
CA ARG D 1182 -22.89 3.62 19.29
C ARG D 1182 -21.52 3.25 19.85
N LYS D 1183 -21.40 3.14 21.17
CA LYS D 1183 -20.11 2.79 21.76
C LYS D 1183 -19.68 1.38 21.38
N VAL D 1184 -20.60 0.42 21.44
CA VAL D 1184 -20.25 -0.95 21.05
C VAL D 1184 -19.91 -0.99 19.57
N GLN D 1185 -20.60 -0.19 18.77
CA GLN D 1185 -20.27 -0.12 17.35
C GLN D 1185 -18.85 0.41 17.15
N PHE D 1186 -18.45 1.39 17.94
CA PHE D 1186 -17.07 1.87 17.93
C PHE D 1186 -16.10 0.75 18.29
N PHE D 1187 -16.45 -0.03 19.31
CA PHE D 1187 -15.61 -1.16 19.70
C PHE D 1187 -15.44 -2.17 18.56
N ILE D 1188 -16.55 -2.48 17.88
CA ILE D 1188 -16.49 -3.40 16.75
C ILE D 1188 -15.59 -2.84 15.66
N ALA D 1189 -15.70 -1.54 15.38
CA ALA D 1189 -14.83 -0.93 14.38
C ALA D 1189 -13.37 -1.12 14.75
N VAL D 1190 -13.03 -0.89 16.02
CA VAL D 1190 -11.65 -1.03 16.45
C VAL D 1190 -11.17 -2.46 16.23
N TYR D 1191 -11.96 -3.44 16.66
CA TYR D 1191 -11.53 -4.83 16.49
C TYR D 1191 -11.33 -5.19 15.03
N GLN D 1192 -12.26 -4.79 14.15
CA GLN D 1192 -12.09 -5.12 12.73
C GLN D 1192 -10.82 -4.47 12.16
N HIS D 1193 -10.61 -3.20 12.52
CA HIS D 1193 -9.44 -2.47 12.04
C HIS D 1193 -8.16 -3.19 12.47
N LEU D 1194 -8.11 -3.65 13.72
CA LEU D 1194 -6.94 -4.41 14.16
C LEU D 1194 -6.80 -5.71 13.39
N ARG D 1195 -7.90 -6.44 13.20
CA ARG D 1195 -7.81 -7.72 12.52
C ARG D 1195 -7.19 -7.59 11.14
N GLU D 1196 -7.47 -6.49 10.44
CA GLU D 1196 -6.82 -6.36 9.13
C GLU D 1196 -5.30 -6.25 9.24
N ARG D 1197 -4.79 -5.69 10.33
CA ARG D 1197 -3.36 -5.40 10.47
C ARG D 1197 -2.54 -6.52 11.11
N ILE D 1198 -3.13 -7.69 11.35
CA ILE D 1198 -2.46 -8.75 12.12
C ILE D 1198 -1.18 -9.25 11.45
N ARG D 1199 -1.13 -9.26 10.11
CA ARG D 1199 0.00 -9.83 9.38
C ARG D 1199 0.13 -11.33 9.68
N GLN D 1200 -0.84 -12.09 9.17
CA GLN D 1200 -0.92 -13.51 9.49
C GLN D 1200 0.19 -14.36 8.88
N ASP D 1201 1.12 -13.75 8.15
CA ASP D 1201 2.27 -14.51 7.69
C ASP D 1201 2.99 -15.20 8.86
N ILE D 1202 3.03 -14.52 10.01
CA ILE D 1202 3.73 -15.03 11.18
C ILE D 1202 2.79 -15.34 12.33
N ILE D 1203 1.52 -14.95 12.23
CA ILE D 1203 0.55 -15.08 13.31
C ILE D 1203 -0.71 -15.69 12.71
N ARG D 1204 -1.50 -16.36 13.55
CA ARG D 1204 -2.69 -17.02 13.04
C ARG D 1204 -3.97 -16.65 13.79
N THR D 1205 -3.85 -16.25 15.05
CA THR D 1205 -5.03 -15.88 15.83
C THR D 1205 -5.75 -14.71 15.15
N ASP D 1206 -7.08 -14.83 15.07
CA ASP D 1206 -7.88 -13.71 14.57
C ASP D 1206 -8.14 -12.68 15.65
N ASP D 1207 -8.33 -13.12 16.90
CA ASP D 1207 -8.56 -12.19 18.01
C ASP D 1207 -7.26 -11.48 18.37
N PRO D 1208 -7.20 -10.15 18.28
CA PRO D 1208 -5.95 -9.45 18.63
C PRO D 1208 -5.50 -9.68 20.06
N VAL D 1209 -6.45 -9.70 21.00
CA VAL D 1209 -6.10 -9.85 22.40
C VAL D 1209 -5.28 -11.12 22.60
N ASP D 1210 -5.64 -12.19 21.90
CA ASP D 1210 -4.85 -13.40 21.94
C ASP D 1210 -3.55 -13.24 21.17
N ALA D 1211 -3.52 -12.34 20.17
CA ALA D 1211 -2.30 -12.16 19.39
C ALA D 1211 -1.19 -11.52 20.22
N ILE D 1212 -1.55 -10.79 21.28
CA ILE D 1212 -0.51 -10.20 22.13
C ILE D 1212 0.48 -11.24 22.62
N GLU D 1213 -0.02 -12.39 23.08
CA GLU D 1213 0.87 -13.42 23.59
C GLU D 1213 1.84 -13.90 22.53
N GLN D 1214 1.38 -14.01 21.29
CA GLN D 1214 2.28 -14.47 20.23
C GLN D 1214 3.34 -13.43 19.93
N MET D 1215 2.98 -12.14 19.96
CA MET D 1215 4.03 -11.12 19.82
C MET D 1215 5.05 -11.22 20.95
N GLU D 1216 4.58 -11.47 22.18
CA GLU D 1216 5.51 -11.60 23.30
C GLU D 1216 6.46 -12.77 23.08
N ILE D 1217 5.92 -13.91 22.63
CA ILE D 1217 6.75 -15.09 22.38
C ILE D 1217 7.78 -14.79 21.30
N GLU D 1218 7.36 -14.09 20.24
CA GLU D 1218 8.31 -13.74 19.18
C GLU D 1218 9.43 -12.87 19.72
N LEU D 1219 9.11 -11.89 20.57
CA LEU D 1219 10.18 -11.08 21.14
C LEU D 1219 11.14 -11.93 21.95
N ALA D 1220 10.63 -12.83 22.79
CA ALA D 1220 11.54 -13.64 23.59
C ALA D 1220 12.44 -14.50 22.69
N ARG D 1221 11.85 -15.17 21.71
CA ARG D 1221 12.62 -16.06 20.85
C ARG D 1221 13.65 -15.28 20.04
N LEU D 1222 13.26 -14.15 19.48
CA LEU D 1222 14.21 -13.37 18.68
C LEU D 1222 15.36 -12.86 19.54
N THR D 1223 15.07 -12.39 20.75
CA THR D 1223 16.14 -11.97 21.62
C THR D 1223 17.07 -13.13 21.96
N GLU D 1224 16.52 -14.35 22.05
CA GLU D 1224 17.40 -15.48 22.32
C GLU D 1224 18.27 -15.82 21.11
N GLU D 1225 17.72 -15.74 19.90
CA GLU D 1225 18.51 -16.05 18.70
C GLU D 1225 19.64 -15.06 18.50
N LEU D 1226 19.50 -13.85 19.02
CA LEU D 1226 20.46 -12.78 18.81
C LEU D 1226 21.80 -13.03 19.49
N THR D 1227 21.93 -14.09 20.29
CA THR D 1227 23.05 -14.26 21.20
C THR D 1227 24.46 -14.09 20.64
N ALA D 1228 24.95 -15.02 19.80
CA ALA D 1228 26.36 -15.01 19.41
C ALA D 1228 26.71 -16.26 18.60
N ARG D 1229 27.73 -16.15 17.74
CA ARG D 1229 28.32 -17.31 17.08
C ARG D 1229 29.85 -17.34 17.11
N GLU D 1230 30.47 -16.21 16.80
CA GLU D 1230 31.90 -15.91 16.98
C GLU D 1230 32.87 -16.91 16.34
N GLN D 1231 32.46 -17.68 15.32
CA GLN D 1231 33.42 -18.50 14.58
C GLN D 1231 34.03 -17.74 13.39
N LYS D 1232 34.74 -16.65 13.69
CA LYS D 1232 35.18 -15.66 12.70
C LYS D 1232 36.63 -15.90 12.32
N LEU D 1233 36.87 -16.31 11.07
CA LEU D 1233 38.23 -16.49 10.56
C LEU D 1233 38.17 -16.61 9.04
N ALA D 1234 38.85 -15.72 8.32
CA ALA D 1234 38.78 -15.73 6.85
C ALA D 1234 40.02 -15.07 6.25
N ILE D 1235 40.11 -15.18 4.92
CA ILE D 1235 41.16 -14.59 4.10
C ILE D 1235 41.08 -13.07 4.13
N SER D 1236 42.14 -12.41 3.66
CA SER D 1236 42.20 -10.96 3.68
C SER D 1236 43.18 -10.44 2.63
N SER D 1237 42.98 -9.18 2.26
CA SER D 1237 43.91 -8.39 1.45
C SER D 1237 44.63 -9.16 0.35
N LYS D 1238 45.94 -9.36 0.51
CA LYS D 1238 46.78 -9.79 -0.61
C LYS D 1238 46.21 -11.02 -1.30
N SER D 1239 45.76 -12.00 -0.52
CA SER D 1239 45.30 -13.25 -1.13
C SER D 1239 44.12 -13.02 -2.05
N VAL D 1240 43.19 -12.14 -1.66
CA VAL D 1240 42.08 -11.80 -2.54
C VAL D 1240 42.60 -11.20 -3.84
N ALA D 1241 43.56 -10.29 -3.73
CA ALA D 1241 44.13 -9.69 -4.93
C ALA D 1241 44.75 -10.76 -5.81
N ASN D 1242 45.43 -11.75 -5.21
CA ASN D 1242 46.08 -12.77 -6.01
C ASN D 1242 45.06 -13.65 -6.74
N ILE D 1243 43.98 -14.04 -6.08
CA ILE D 1243 42.98 -14.85 -6.78
C ILE D 1243 42.35 -14.04 -7.91
N ILE D 1244 42.07 -12.77 -7.67
CA ILE D 1244 41.53 -11.94 -8.75
C ILE D 1244 42.51 -11.85 -9.90
N ARG D 1245 43.79 -11.60 -9.59
CA ARG D 1245 44.79 -11.49 -10.65
C ARG D 1245 44.91 -12.78 -11.44
N LYS D 1246 44.93 -13.93 -10.77
CA LYS D 1246 45.04 -15.19 -11.50
C LYS D 1246 43.82 -15.43 -12.37
N THR D 1247 42.62 -15.13 -11.87
CA THR D 1247 41.43 -15.28 -12.70
C THR D 1247 41.51 -14.39 -13.94
N ILE D 1248 41.92 -13.14 -13.75
CA ILE D 1248 42.08 -12.23 -14.88
C ILE D 1248 43.09 -12.78 -15.86
N GLN D 1249 44.21 -13.28 -15.36
CA GLN D 1249 45.27 -13.77 -16.22
C GLN D 1249 44.80 -14.97 -17.04
N ARG D 1250 44.08 -15.89 -16.40
CA ARG D 1250 43.58 -17.05 -17.10
C ARG D 1250 42.59 -16.65 -18.18
N GLU D 1251 41.69 -15.70 -17.89
CA GLU D 1251 40.76 -15.26 -18.91
C GLU D 1251 41.50 -14.61 -20.08
N GLN D 1252 42.49 -13.76 -19.78
CA GLN D 1252 43.25 -13.14 -20.86
C GLN D 1252 43.92 -14.19 -21.73
N ASN D 1253 44.50 -15.22 -21.10
CA ASN D 1253 45.20 -16.24 -21.88
C ASN D 1253 44.22 -17.04 -22.75
N ARG D 1254 43.09 -17.44 -22.18
CA ARG D 1254 42.13 -18.19 -22.99
C ARG D 1254 41.68 -17.34 -24.18
N ILE D 1255 41.35 -16.07 -23.93
CA ILE D 1255 40.96 -15.21 -25.04
C ILE D 1255 42.06 -15.16 -26.08
N ARG D 1256 43.32 -15.04 -25.63
CA ARG D 1256 44.43 -14.98 -26.57
C ARG D 1256 44.51 -16.26 -27.41
N MET D 1257 44.14 -17.40 -26.83
CA MET D 1257 44.15 -18.64 -27.61
C MET D 1257 43.03 -18.63 -28.64
N LEU D 1258 41.81 -18.28 -28.22
CA LEU D 1258 40.72 -18.15 -29.19
C LEU D 1258 41.10 -17.18 -30.28
N ASN D 1259 41.80 -16.11 -29.92
CA ASN D 1259 42.11 -15.04 -30.85
C ASN D 1259 42.94 -15.54 -32.03
N GLN D 1260 43.80 -16.54 -31.80
CA GLN D 1260 44.71 -16.98 -32.85
C GLN D 1260 43.99 -17.72 -33.97
N GLY D 1261 42.90 -18.40 -33.66
CA GLY D 1261 42.19 -19.14 -34.70
C GLY D 1261 41.60 -18.26 -35.77
N LEU D 1262 41.44 -16.97 -35.49
CA LEU D 1262 40.82 -16.02 -36.41
C LEU D 1262 41.83 -15.19 -37.20
N GLN D 1263 43.13 -15.44 -37.04
CA GLN D 1263 44.10 -14.71 -37.84
C GLN D 1263 43.96 -15.09 -39.31
N ALA D 1264 44.20 -14.10 -40.17
CA ALA D 1264 44.23 -14.31 -41.61
C ALA D 1264 42.92 -14.90 -42.10
N VAL D 1265 41.84 -14.17 -41.86
CA VAL D 1265 40.53 -14.45 -42.45
C VAL D 1265 40.23 -13.31 -43.40
N SER D 1266 39.97 -13.64 -44.66
CA SER D 1266 39.81 -12.65 -45.71
C SER D 1266 38.32 -12.43 -45.97
N PHE D 1267 37.86 -11.21 -45.73
CA PHE D 1267 36.48 -10.80 -45.99
C PHE D 1267 36.57 -9.42 -46.64
N GLY D 1268 36.49 -9.38 -47.96
CA GLY D 1268 36.70 -8.11 -48.64
C GLY D 1268 38.06 -7.56 -48.25
N GLN D 1269 38.07 -6.36 -47.70
CA GLN D 1269 39.31 -5.72 -47.28
C GLN D 1269 39.67 -6.02 -45.83
N VAL D 1270 38.83 -6.73 -45.09
CA VAL D 1270 39.18 -7.14 -43.73
C VAL D 1270 40.08 -8.35 -43.80
N ARG D 1271 41.14 -8.34 -43.00
CA ARG D 1271 42.14 -9.39 -43.01
C ARG D 1271 42.37 -10.05 -41.65
N GLY D 1272 41.70 -9.59 -40.60
CA GLY D 1272 41.82 -10.22 -39.30
C GLY D 1272 40.83 -9.64 -38.32
N VAL D 1273 40.57 -10.41 -37.27
CA VAL D 1273 39.61 -10.04 -36.23
C VAL D 1273 40.22 -10.36 -34.88
N ARG D 1274 39.92 -9.54 -33.87
CA ARG D 1274 40.44 -9.76 -32.52
C ARG D 1274 39.40 -9.39 -31.48
N LEU D 1275 39.56 -9.97 -30.29
CA LEU D 1275 38.85 -9.54 -29.09
C LEU D 1275 39.86 -8.85 -28.19
N ASN D 1276 39.78 -7.54 -28.10
CA ASN D 1276 40.73 -6.76 -27.33
C ASN D 1276 40.27 -6.68 -25.88
N VAL D 1277 41.12 -7.13 -24.97
CA VAL D 1277 40.80 -7.21 -23.54
C VAL D 1277 41.72 -6.26 -22.79
N ASN D 1278 41.15 -5.43 -21.91
CA ASN D 1278 41.91 -4.46 -21.16
C ASN D 1278 41.33 -4.34 -19.76
N VAL D 1279 42.12 -3.77 -18.87
CA VAL D 1279 41.75 -3.61 -17.46
C VAL D 1279 41.48 -2.13 -17.22
N ARG D 1280 40.33 -1.84 -16.61
CA ARG D 1280 39.98 -0.47 -16.29
C ARG D 1280 40.91 0.10 -15.23
N GLU D 1281 41.27 1.38 -15.39
CA GLU D 1281 42.21 2.01 -14.47
C GLU D 1281 41.64 2.07 -13.06
N SER D 1282 40.41 2.56 -12.93
CA SER D 1282 39.85 2.79 -11.61
C SER D 1282 39.87 1.52 -10.78
N HIS D 1283 39.85 0.36 -11.44
CA HIS D 1283 39.97 -0.92 -10.75
C HIS D 1283 41.42 -1.40 -10.65
N ALA D 1284 42.26 -1.06 -11.61
CA ALA D 1284 43.67 -1.44 -11.51
C ALA D 1284 44.32 -0.81 -10.28
N ILE D 1285 44.08 0.48 -10.06
CA ILE D 1285 44.68 1.12 -8.89
C ILE D 1285 44.10 0.51 -7.61
N LEU D 1286 42.80 0.20 -7.61
CA LEU D 1286 42.22 -0.40 -6.43
C LEU D 1286 42.87 -1.75 -6.13
N LEU D 1287 43.08 -2.55 -7.17
CA LEU D 1287 43.70 -3.85 -6.97
C LEU D 1287 45.12 -3.70 -6.44
N ASP D 1288 45.88 -2.75 -6.97
CA ASP D 1288 47.23 -2.52 -6.46
C ASP D 1288 47.22 -2.05 -5.01
N VAL D 1289 46.33 -1.13 -4.67
CA VAL D 1289 46.24 -0.64 -3.31
C VAL D 1289 45.92 -1.79 -2.36
N LEU D 1290 44.93 -2.60 -2.73
CA LEU D 1290 44.57 -3.74 -1.91
C LEU D 1290 45.73 -4.71 -1.79
N SER D 1291 46.60 -4.75 -2.80
CA SER D 1291 47.76 -5.65 -2.73
C SER D 1291 48.83 -5.12 -1.78
N GLU D 1292 49.13 -3.82 -1.80
CA GLU D 1292 50.37 -3.35 -1.19
C GLU D 1292 50.24 -2.24 -0.14
N GLN D 1293 49.12 -1.53 -0.07
CA GLN D 1293 48.97 -0.44 0.89
C GLN D 1293 47.97 -0.77 1.99
N GLN D 1294 47.76 -2.06 2.26
CA GLN D 1294 46.73 -2.49 3.20
C GLN D 1294 46.92 -1.91 4.60
N GLU D 1295 48.17 -1.65 5.02
CA GLU D 1295 48.37 -1.09 6.34
C GLU D 1295 47.83 0.33 6.46
N GLN D 1296 47.60 1.01 5.34
CA GLN D 1296 47.06 2.36 5.34
C GLN D 1296 45.54 2.39 5.49
N HIS D 1297 44.87 1.25 5.32
CA HIS D 1297 43.41 1.19 5.32
C HIS D 1297 42.87 0.10 6.22
N GLN D 1298 43.72 -0.56 7.01
CA GLN D 1298 43.27 -1.70 7.80
C GLN D 1298 42.13 -1.32 8.73
N ASP D 1299 42.06 -0.06 9.16
CA ASP D 1299 40.95 0.38 9.99
C ASP D 1299 39.62 0.09 9.31
N LEU D 1300 39.56 0.29 8.00
CA LEU D 1300 38.32 0.11 7.27
C LEU D 1300 37.99 -1.36 7.02
N PHE D 1301 38.96 -2.26 7.17
CA PHE D 1301 38.75 -3.68 6.89
C PHE D 1301 38.43 -4.50 8.13
N ASN D 1302 39.09 -4.22 9.27
CA ASN D 1302 38.85 -5.00 10.48
C ASN D 1302 37.78 -4.39 11.38
N SER D 1303 37.18 -3.26 11.00
CA SER D 1303 36.07 -2.72 11.75
C SER D 1303 34.88 -3.65 11.65
N GLN D 1304 34.52 -4.31 12.75
CA GLN D 1304 33.49 -5.33 12.73
C GLN D 1304 32.08 -4.77 12.62
N ARG D 1305 31.91 -3.45 12.72
CA ARG D 1305 30.60 -2.85 12.54
C ARG D 1305 30.11 -2.93 11.09
N LEU D 1306 31.00 -3.23 10.14
CA LEU D 1306 30.62 -3.38 8.74
C LEU D 1306 31.29 -4.61 8.15
N THR D 1307 30.62 -5.21 7.16
CA THR D 1307 31.07 -6.45 6.57
C THR D 1307 32.12 -6.20 5.49
N PHE D 1308 32.65 -7.30 4.95
CA PHE D 1308 33.76 -7.21 4.00
C PHE D 1308 33.35 -6.49 2.71
N SER D 1309 32.24 -6.91 2.10
CA SER D 1309 31.82 -6.28 0.86
C SER D 1309 31.59 -4.78 1.06
N GLU D 1310 31.02 -4.42 2.20
CA GLU D 1310 30.87 -3.01 2.53
C GLU D 1310 32.23 -2.33 2.64
N ALA D 1311 33.22 -3.02 3.21
CA ALA D 1311 34.56 -2.47 3.28
C ALA D 1311 35.12 -2.23 1.89
N MET D 1312 34.91 -3.16 0.97
CA MET D 1312 35.36 -2.98 -0.40
C MET D 1312 34.72 -1.76 -1.03
N ALA D 1313 33.40 -1.61 -0.86
CA ALA D 1313 32.71 -0.46 -1.43
C ALA D 1313 33.25 0.84 -0.86
N LYS D 1314 33.46 0.89 0.47
CA LYS D 1314 33.95 2.12 1.08
C LYS D 1314 35.36 2.44 0.62
N LEU D 1315 36.22 1.43 0.51
CA LEU D 1315 37.56 1.69 -0.03
C LEU D 1315 37.47 2.22 -1.45
N TYR D 1316 36.61 1.63 -2.27
CA TYR D 1316 36.48 2.10 -3.65
C TYR D 1316 36.00 3.54 -3.70
N GLN D 1317 35.12 3.94 -2.79
CA GLN D 1317 34.72 5.36 -2.80
C GLN D 1317 35.83 6.24 -2.27
N ARG D 1318 36.68 5.73 -1.38
CA ARG D 1318 37.78 6.53 -0.88
C ARG D 1318 38.75 6.88 -2.01
N LEU D 1319 39.07 5.90 -2.85
CA LEU D 1319 39.72 6.20 -4.11
C LEU D 1319 38.70 6.79 -5.08
N ASN D 1320 39.19 7.51 -6.08
CA ASN D 1320 38.37 8.15 -7.11
C ASN D 1320 37.15 8.81 -6.46
N PRO D 1321 37.36 9.79 -5.58
CA PRO D 1321 36.23 10.33 -4.80
C PRO D 1321 35.13 10.94 -5.65
N GLN D 1322 35.42 11.33 -6.89
CA GLN D 1322 34.39 11.96 -7.72
C GLN D 1322 33.26 11.00 -8.06
N VAL D 1323 33.47 9.70 -7.92
CA VAL D 1323 32.40 8.75 -8.20
C VAL D 1323 31.21 9.02 -7.29
N ASP D 1324 30.02 9.00 -7.88
CA ASP D 1324 28.76 9.08 -7.14
C ASP D 1324 28.10 7.72 -7.07
N MET D 1325 27.26 7.55 -6.05
CA MET D 1325 26.53 6.31 -5.81
C MET D 1325 25.04 6.59 -5.85
N GLY D 1326 24.32 5.81 -6.64
CA GLY D 1326 22.92 6.05 -6.92
C GLY D 1326 21.97 5.59 -5.83
N GLN D 1327 22.24 5.99 -4.58
CA GLN D 1327 21.34 5.65 -3.47
C GLN D 1327 21.12 4.14 -3.39
N ARG D 1328 22.11 3.37 -3.84
CA ARG D 1328 22.05 1.91 -3.77
C ARG D 1328 22.87 1.43 -2.58
N LEU D 1329 22.48 0.29 -2.04
CA LEU D 1329 23.13 -0.20 -0.84
C LEU D 1329 24.62 -0.42 -1.11
N PRO D 1330 25.49 -0.08 -0.16
CA PRO D 1330 26.92 -0.40 -0.37
C PRO D 1330 27.17 -1.88 -0.52
N GLN D 1331 26.28 -2.72 0.02
CA GLN D 1331 26.42 -4.17 -0.13
C GLN D 1331 26.46 -4.58 -1.60
N THR D 1332 25.55 -4.02 -2.40
CA THR D 1332 25.51 -4.37 -3.81
C THR D 1332 26.76 -3.90 -4.54
N ILE D 1333 27.24 -2.69 -4.23
CA ILE D 1333 28.46 -2.20 -4.87
C ILE D 1333 29.63 -3.09 -4.49
N GLY D 1334 29.66 -3.56 -3.25
CA GLY D 1334 30.68 -4.50 -2.83
C GLY D 1334 30.65 -5.76 -3.65
N GLU D 1335 29.49 -6.40 -3.73
CA GLU D 1335 29.41 -7.62 -4.54
C GLU D 1335 29.78 -7.35 -6.00
N GLU D 1336 29.49 -6.16 -6.51
CA GLU D 1336 29.97 -5.83 -7.85
C GLU D 1336 31.48 -5.83 -7.91
N LEU D 1337 32.14 -5.24 -6.91
CA LEU D 1337 33.60 -5.29 -6.88
C LEU D 1337 34.13 -6.71 -6.72
N LEU D 1338 33.34 -7.60 -6.10
CA LEU D 1338 33.79 -8.99 -5.96
C LEU D 1338 33.75 -9.76 -7.28
N ASP D 1339 32.98 -9.31 -8.27
CA ASP D 1339 32.83 -10.04 -9.52
C ASP D 1339 33.95 -9.60 -10.46
N TYR D 1340 34.80 -10.55 -10.85
CA TYR D 1340 35.99 -10.22 -11.62
C TYR D 1340 35.66 -9.62 -12.97
N ARG D 1341 34.55 -10.04 -13.60
CA ARG D 1341 34.25 -9.55 -14.94
C ARG D 1341 34.19 -8.04 -15.00
N ASN D 1342 33.75 -7.40 -13.91
CA ASN D 1342 33.59 -5.95 -13.91
C ASN D 1342 34.91 -5.23 -14.10
N TYR D 1343 36.04 -5.92 -13.92
CA TYR D 1343 37.34 -5.28 -14.08
C TYR D 1343 37.81 -5.22 -15.52
N LEU D 1344 37.11 -5.87 -16.46
CA LEU D 1344 37.60 -6.03 -17.82
C LEU D 1344 36.81 -5.16 -18.79
N GLU D 1345 37.52 -4.64 -19.80
CA GLU D 1345 36.94 -3.86 -20.87
C GLU D 1345 37.15 -4.61 -22.19
N LEU D 1346 36.09 -4.74 -22.98
CA LEU D 1346 36.10 -5.60 -24.15
C LEU D 1346 35.71 -4.85 -25.41
N ASP D 1347 36.44 -5.12 -26.50
CA ASP D 1347 36.20 -4.50 -27.79
C ASP D 1347 36.40 -5.54 -28.88
N VAL D 1348 35.89 -5.22 -30.07
CA VAL D 1348 36.13 -6.00 -31.29
C VAL D 1348 36.87 -5.12 -32.27
N GLU D 1349 37.93 -5.65 -32.87
CA GLU D 1349 38.78 -4.90 -33.77
C GLU D 1349 38.99 -5.69 -35.06
N VAL D 1350 39.21 -4.97 -36.16
CA VAL D 1350 39.43 -5.56 -37.46
C VAL D 1350 40.63 -4.90 -38.12
N ASN D 1351 41.40 -5.68 -38.87
CA ASN D 1351 42.59 -5.20 -39.56
C ASN D 1351 42.22 -4.93 -41.02
N ARG D 1352 41.73 -3.72 -41.28
CA ARG D 1352 41.16 -3.35 -42.57
C ARG D 1352 42.23 -2.79 -43.49
N GLY D 1353 42.39 -3.41 -44.66
CA GLY D 1353 43.13 -2.80 -45.75
C GLY D 1353 44.50 -2.31 -45.32
N SER D 1354 44.87 -1.14 -45.83
CA SER D 1354 46.17 -0.57 -45.50
C SER D 1354 46.24 -0.09 -44.06
N ASP D 1355 45.10 0.09 -43.41
CA ASP D 1355 45.08 0.65 -42.07
C ASP D 1355 45.42 -0.41 -41.02
N GLY D 1356 45.63 0.05 -39.79
CA GLY D 1356 45.92 -0.82 -38.66
C GLY D 1356 44.67 -1.45 -38.09
N TRP D 1357 44.70 -1.69 -36.78
CA TRP D 1357 43.56 -2.29 -36.11
C TRP D 1357 42.55 -1.21 -35.75
N LEU D 1358 41.31 -1.38 -36.21
CA LEU D 1358 40.24 -0.42 -36.04
C LEU D 1358 39.08 -1.08 -35.29
N LYS D 1359 38.36 -0.30 -34.49
CA LYS D 1359 37.17 -0.85 -33.86
C LYS D 1359 36.12 -1.13 -34.92
N ALA D 1360 35.44 -2.26 -34.78
CA ALA D 1360 34.48 -2.72 -35.78
C ALA D 1360 33.18 -1.94 -35.61
N GLU D 1361 32.91 -1.02 -36.53
CA GLU D 1361 31.64 -0.32 -36.60
C GLU D 1361 30.90 -0.74 -37.86
N SER D 1362 29.61 -1.07 -37.71
CA SER D 1362 28.82 -1.54 -38.85
C SER D 1362 28.81 -0.50 -39.96
N GLY D 1363 28.60 0.76 -39.62
CA GLY D 1363 28.50 1.80 -40.63
C GLY D 1363 29.78 2.05 -41.39
N ALA D 1364 30.90 1.51 -40.93
CA ALA D 1364 32.20 1.72 -41.57
C ALA D 1364 32.68 0.47 -42.31
N LEU D 1365 31.77 -0.37 -42.77
CA LEU D 1365 32.11 -1.61 -43.45
C LEU D 1365 31.11 -1.84 -44.58
N SER D 1366 31.55 -2.59 -45.59
CA SER D 1366 30.62 -3.02 -46.61
C SER D 1366 29.70 -4.11 -46.05
N THR D 1367 28.82 -4.61 -46.91
CA THR D 1367 27.85 -5.61 -46.47
C THR D 1367 28.53 -6.94 -46.17
N GLY D 1368 29.34 -7.43 -47.10
CA GLY D 1368 29.98 -8.72 -46.92
C GLY D 1368 30.93 -8.74 -45.73
N GLU D 1369 31.69 -7.65 -45.56
CA GLU D 1369 32.58 -7.56 -44.42
C GLU D 1369 31.80 -7.66 -43.11
N ALA D 1370 30.63 -7.01 -43.06
CA ALA D 1370 29.81 -7.09 -41.85
C ALA D 1370 29.35 -8.52 -41.59
N ILE D 1371 28.89 -9.22 -42.62
CA ILE D 1371 28.44 -10.59 -42.43
C ILE D 1371 29.59 -11.47 -41.93
N GLY D 1372 30.76 -11.34 -42.55
CA GLY D 1372 31.89 -12.15 -42.14
C GLY D 1372 32.31 -11.88 -40.70
N THR D 1373 32.34 -10.61 -40.31
CA THR D 1373 32.71 -10.28 -38.94
C THR D 1373 31.70 -10.88 -37.96
N GLY D 1374 30.41 -10.82 -38.31
CA GLY D 1374 29.40 -11.42 -37.45
C GLY D 1374 29.64 -12.90 -37.24
N MET D 1375 29.90 -13.63 -38.32
CA MET D 1375 30.21 -15.05 -38.17
C MET D 1375 31.41 -15.27 -37.26
N SER D 1376 32.44 -14.44 -37.41
CA SER D 1376 33.62 -14.59 -36.55
C SER D 1376 33.25 -14.48 -35.08
N ILE D 1377 32.53 -13.42 -34.72
CA ILE D 1377 32.20 -13.25 -33.30
C ILE D 1377 31.31 -14.39 -32.81
N LEU D 1378 30.43 -14.90 -33.67
CA LEU D 1378 29.57 -15.99 -33.24
C LEU D 1378 30.38 -17.24 -32.90
N VAL D 1379 31.36 -17.58 -33.74
CA VAL D 1379 32.17 -18.76 -33.39
C VAL D 1379 32.96 -18.50 -32.11
N MET D 1380 33.40 -17.25 -31.88
CA MET D 1380 34.01 -16.95 -30.58
C MET D 1380 33.07 -17.34 -29.45
N VAL D 1381 31.82 -16.92 -29.52
CA VAL D 1381 30.88 -17.20 -28.44
C VAL D 1381 30.72 -18.70 -28.25
N VAL D 1382 30.57 -19.43 -29.36
CA VAL D 1382 30.32 -20.87 -29.25
C VAL D 1382 31.51 -21.56 -28.58
N GLN D 1383 32.73 -21.22 -28.99
CA GLN D 1383 33.89 -21.85 -28.36
C GLN D 1383 33.94 -21.55 -26.88
N SER D 1384 33.68 -20.29 -26.50
CA SER D 1384 33.72 -19.95 -25.10
C SER D 1384 32.70 -20.76 -24.30
N TRP D 1385 31.48 -20.88 -24.83
CA TRP D 1385 30.45 -21.62 -24.11
C TRP D 1385 30.80 -23.09 -23.97
N GLU D 1386 31.38 -23.70 -25.01
CA GLU D 1386 31.78 -25.09 -24.85
C GLU D 1386 32.87 -25.23 -23.80
N GLU D 1387 33.83 -24.32 -23.76
CA GLU D 1387 34.85 -24.44 -22.71
C GLU D 1387 34.21 -24.29 -21.33
N GLU D 1388 33.20 -23.43 -21.22
CA GLU D 1388 32.58 -23.19 -19.92
C GLU D 1388 31.90 -24.46 -19.39
N SER D 1389 31.12 -25.13 -20.24
CA SER D 1389 30.23 -26.18 -19.75
C SER D 1389 30.93 -27.53 -19.56
N ARG D 1390 32.09 -27.73 -20.17
CA ARG D 1390 32.68 -29.07 -20.20
C ARG D 1390 32.93 -29.62 -18.80
N ARG D 1391 33.07 -28.75 -17.81
CA ARG D 1391 33.22 -29.23 -16.43
C ARG D 1391 31.93 -29.79 -15.86
N LEU D 1392 30.80 -29.66 -16.56
CA LEU D 1392 29.54 -30.25 -16.15
C LEU D 1392 29.06 -31.36 -17.08
N ARG D 1393 29.92 -31.84 -17.98
CA ARG D 1393 29.53 -32.83 -18.97
C ARG D 1393 30.39 -34.08 -18.86
N GLY D 1394 29.88 -35.16 -19.45
CA GLY D 1394 30.60 -36.41 -19.43
C GLY D 1394 31.93 -36.31 -20.14
N LYS D 1395 32.91 -37.09 -19.69
CA LYS D 1395 34.25 -37.06 -20.27
C LYS D 1395 34.28 -37.45 -21.73
N ASP D 1396 33.28 -38.16 -22.24
CA ASP D 1396 33.31 -38.63 -23.62
C ASP D 1396 32.15 -38.08 -24.43
N ILE D 1397 31.78 -36.82 -24.19
CA ILE D 1397 30.69 -36.15 -24.88
C ILE D 1397 31.22 -34.88 -25.51
N SER D 1398 30.90 -34.67 -26.78
CA SER D 1398 31.29 -33.46 -27.51
C SER D 1398 30.07 -32.88 -28.21
N PRO D 1399 29.54 -31.76 -27.73
CA PRO D 1399 28.27 -31.25 -28.27
C PRO D 1399 28.34 -30.94 -29.76
N CYS D 1400 27.15 -30.95 -30.39
CA CYS D 1400 27.02 -30.57 -31.79
C CYS D 1400 27.09 -29.06 -31.96
N ARG D 1401 27.55 -28.61 -33.12
CA ARG D 1401 27.66 -27.18 -33.42
C ARG D 1401 27.12 -26.93 -34.82
N LEU D 1402 26.17 -26.00 -34.93
CA LEU D 1402 25.52 -25.71 -36.22
C LEU D 1402 25.04 -24.26 -36.25
N LEU D 1403 25.21 -23.61 -37.40
CA LEU D 1403 24.80 -22.23 -37.61
C LEU D 1403 24.19 -22.05 -38.99
N PHE D 1404 23.47 -20.95 -39.16
CA PHE D 1404 22.71 -20.65 -40.37
C PHE D 1404 23.31 -19.47 -41.12
N LEU D 1405 22.79 -19.27 -42.35
CA LEU D 1405 23.03 -18.04 -43.10
C LEU D 1405 21.93 -17.91 -44.14
N ASP D 1406 21.08 -16.89 -43.99
CA ASP D 1406 20.01 -16.62 -44.94
C ASP D 1406 20.46 -15.58 -45.96
N GLU D 1407 19.93 -15.69 -47.17
CA GLU D 1407 20.33 -14.83 -48.28
C GLU D 1407 21.85 -14.81 -48.43
N ALA D 1408 22.41 -16.02 -48.55
CA ALA D 1408 23.86 -16.15 -48.65
C ALA D 1408 24.42 -15.59 -49.95
N ALA D 1409 23.58 -15.25 -50.92
CA ALA D 1409 24.09 -14.71 -52.17
C ALA D 1409 24.86 -13.43 -51.96
N ARG D 1410 24.71 -12.79 -50.80
CA ARG D 1410 25.38 -11.53 -50.51
C ARG D 1410 26.90 -11.68 -50.39
N LEU D 1411 27.41 -12.89 -50.30
CA LEU D 1411 28.85 -13.13 -50.17
C LEU D 1411 29.45 -13.58 -51.48
N ASP D 1412 30.66 -13.10 -51.78
CA ASP D 1412 31.39 -13.45 -52.97
C ASP D 1412 32.16 -14.77 -52.74
N ALA D 1413 32.59 -15.37 -53.85
CA ALA D 1413 33.22 -16.70 -53.77
C ALA D 1413 34.38 -16.73 -52.78
N LYS D 1414 35.23 -15.71 -52.78
CA LYS D 1414 36.38 -15.70 -51.88
C LYS D 1414 35.92 -15.75 -50.43
N SER D 1415 34.90 -14.96 -50.09
CA SER D 1415 34.38 -14.95 -48.73
C SER D 1415 33.80 -16.30 -48.35
N ILE D 1416 33.09 -16.95 -49.28
CA ILE D 1416 32.51 -18.25 -48.99
C ILE D 1416 33.61 -19.28 -48.77
N ALA D 1417 34.68 -19.21 -49.56
CA ALA D 1417 35.81 -20.11 -49.32
C ALA D 1417 36.38 -19.90 -47.93
N THR D 1418 36.52 -18.64 -47.51
CA THR D 1418 37.01 -18.38 -46.17
C THR D 1418 36.08 -18.97 -45.12
N LEU D 1419 34.77 -18.80 -45.31
CA LEU D 1419 33.81 -19.28 -44.32
C LEU D 1419 33.82 -20.80 -44.25
N PHE D 1420 33.89 -21.46 -45.40
CA PHE D 1420 33.98 -22.92 -45.41
C PHE D 1420 35.25 -23.38 -44.68
N GLU D 1421 36.37 -22.72 -44.93
CA GLU D 1421 37.59 -23.10 -44.23
C GLU D 1421 37.41 -22.96 -42.72
N LEU D 1422 36.83 -21.86 -42.26
CA LEU D 1422 36.63 -21.69 -40.83
C LEU D 1422 35.77 -22.81 -40.25
N CYS D 1423 34.60 -23.04 -40.84
CA CYS D 1423 33.71 -24.02 -40.23
C CYS D 1423 34.33 -25.40 -40.26
N GLU D 1424 35.02 -25.76 -41.35
CA GLU D 1424 35.66 -27.06 -41.41
C GLU D 1424 36.72 -27.21 -40.32
N ARG D 1425 37.53 -26.18 -40.12
CA ARG D 1425 38.54 -26.25 -39.06
C ARG D 1425 37.90 -26.31 -37.70
N LEU D 1426 36.66 -25.83 -37.56
CA LEU D 1426 35.94 -25.82 -36.29
C LEU D 1426 34.92 -26.95 -36.17
N GLN D 1427 34.90 -27.89 -37.10
CA GLN D 1427 34.00 -29.04 -37.02
C GLN D 1427 32.55 -28.60 -36.83
N MET D 1428 32.15 -27.53 -37.50
CA MET D 1428 30.85 -26.91 -37.26
C MET D 1428 30.04 -26.96 -38.54
N GLN D 1429 28.79 -27.41 -38.43
CA GLN D 1429 27.92 -27.59 -39.58
C GLN D 1429 27.29 -26.28 -40.01
N LEU D 1430 26.96 -26.18 -41.30
CA LEU D 1430 26.31 -25.00 -41.87
C LEU D 1430 25.11 -25.37 -42.71
N ILE D 1431 24.08 -24.53 -42.63
CA ILE D 1431 22.92 -24.58 -43.52
C ILE D 1431 22.77 -23.18 -44.11
N ILE D 1432 22.85 -23.08 -45.43
CA ILE D 1432 22.81 -21.80 -46.12
C ILE D 1432 21.72 -21.83 -47.18
N ALA D 1433 21.05 -20.69 -47.36
CA ALA D 1433 20.00 -20.52 -48.34
C ALA D 1433 20.42 -19.47 -49.35
N ALA D 1434 20.23 -19.77 -50.64
CA ALA D 1434 20.54 -18.85 -51.70
C ALA D 1434 19.61 -19.13 -52.86
N PRO D 1435 19.12 -18.10 -53.55
CA PRO D 1435 18.32 -18.36 -54.76
C PRO D 1435 19.18 -18.78 -55.94
N GLU D 1436 19.89 -19.90 -55.76
CA GLU D 1436 20.54 -20.67 -56.81
C GLU D 1436 21.78 -19.94 -57.32
N ASN D 1437 22.01 -18.69 -56.89
CA ASN D 1437 23.13 -17.96 -57.46
C ASN D 1437 24.47 -18.60 -57.14
N ILE D 1438 24.58 -19.29 -56.02
CA ILE D 1438 25.83 -19.93 -55.60
C ILE D 1438 25.66 -21.44 -55.64
N SER D 1439 26.70 -22.12 -56.09
CA SER D 1439 26.72 -23.58 -56.22
C SER D 1439 27.99 -24.13 -55.57
N PRO D 1440 28.03 -24.19 -54.24
CA PRO D 1440 29.23 -24.74 -53.57
C PRO D 1440 29.40 -26.22 -53.89
N GLU D 1441 30.57 -26.57 -54.40
CA GLU D 1441 30.79 -27.94 -54.87
C GLU D 1441 30.79 -28.95 -53.72
N LYS D 1442 31.32 -28.58 -52.56
CA LYS D 1442 31.35 -29.49 -51.43
C LYS D 1442 30.02 -29.45 -50.68
N GLY D 1443 29.61 -30.61 -50.19
CA GLY D 1443 28.41 -30.71 -49.39
C GLY D 1443 27.20 -31.17 -50.17
N THR D 1444 26.05 -31.06 -49.51
CA THR D 1444 24.78 -31.54 -50.05
C THR D 1444 23.92 -30.38 -50.49
N THR D 1445 23.23 -30.56 -51.61
CA THR D 1445 22.40 -29.52 -52.22
C THR D 1445 20.97 -30.02 -52.40
N TYR D 1446 20.00 -29.15 -52.16
CA TYR D 1446 18.59 -29.47 -52.30
C TYR D 1446 17.91 -28.47 -53.23
N LYS D 1447 17.27 -28.98 -54.28
CA LYS D 1447 16.55 -28.16 -55.24
C LYS D 1447 15.06 -28.16 -54.90
N LEU D 1448 14.48 -26.97 -54.78
CA LEU D 1448 13.09 -26.81 -54.39
C LEU D 1448 12.29 -26.15 -55.51
N VAL D 1449 11.05 -26.60 -55.69
CA VAL D 1449 10.14 -26.02 -56.67
C VAL D 1449 8.72 -26.15 -56.12
N ARG D 1450 8.02 -25.03 -56.00
CA ARG D 1450 6.68 -25.00 -55.46
C ARG D 1450 5.66 -25.02 -56.59
N LYS D 1451 4.64 -25.87 -56.46
CA LYS D 1451 3.67 -26.12 -57.51
C LYS D 1451 2.27 -26.15 -56.91
N VAL D 1452 1.27 -26.16 -57.78
CA VAL D 1452 -0.12 -26.31 -57.39
C VAL D 1452 -0.62 -27.65 -57.92
N PHE D 1453 -1.11 -28.49 -57.01
CA PHE D 1453 -1.51 -29.86 -57.32
C PHE D 1453 -2.82 -30.18 -56.62
N LYS D 1454 -3.82 -30.59 -57.39
CA LYS D 1454 -5.18 -30.78 -56.87
C LYS D 1454 -5.63 -29.55 -56.10
N ASN D 1455 -5.32 -28.37 -56.65
CA ASN D 1455 -5.70 -27.10 -56.06
C ASN D 1455 -5.11 -26.93 -54.66
N HIS D 1456 -3.85 -27.34 -54.50
CA HIS D 1456 -3.15 -27.15 -53.25
C HIS D 1456 -1.66 -26.96 -53.51
N GLU D 1457 -1.02 -26.18 -52.64
CA GLU D 1457 0.39 -25.85 -52.78
C GLU D 1457 1.25 -27.04 -52.36
N HIS D 1458 2.25 -27.37 -53.19
CA HIS D 1458 3.08 -28.54 -52.99
C HIS D 1458 4.51 -28.23 -53.43
N VAL D 1459 5.49 -28.71 -52.66
CA VAL D 1459 6.90 -28.44 -52.89
C VAL D 1459 7.59 -29.71 -53.36
N HIS D 1460 8.15 -29.67 -54.56
CA HIS D 1460 8.93 -30.76 -55.12
C HIS D 1460 10.39 -30.59 -54.72
N VAL D 1461 11.02 -31.67 -54.24
CA VAL D 1461 12.36 -31.59 -53.67
C VAL D 1461 13.27 -32.64 -54.32
N VAL D 1462 14.48 -32.23 -54.68
CA VAL D 1462 15.49 -33.11 -55.24
C VAL D 1462 16.82 -32.81 -54.55
N GLY D 1463 17.66 -33.83 -54.43
CA GLY D 1463 18.92 -33.69 -53.72
C GLY D 1463 20.09 -34.25 -54.48
N LEU D 1464 21.26 -33.62 -54.27
CA LEU D 1464 22.52 -34.04 -54.88
C LEU D 1464 23.61 -33.95 -53.82
N ARG D 1465 24.59 -34.84 -53.90
CA ARG D 1465 25.71 -34.78 -52.98
C ARG D 1465 26.85 -35.67 -53.48
N GLY D 1466 28.00 -35.53 -52.82
CA GLY D 1466 29.16 -36.37 -53.09
C GLY D 1466 30.16 -35.80 -54.07
N PHE D 1467 29.85 -34.69 -54.73
CA PHE D 1467 30.78 -34.14 -55.71
C PHE D 1467 32.05 -33.63 -55.04
N GLY D 1468 33.16 -33.78 -55.74
CA GLY D 1468 34.45 -33.33 -55.25
C GLY D 1468 35.33 -34.48 -54.80
N ILE E 2 6.06 13.46 -76.51
CA ILE E 2 7.14 14.21 -75.82
C ILE E 2 8.27 13.25 -75.42
N GLU E 3 9.50 13.74 -75.50
CA GLU E 3 10.68 12.97 -75.16
C GLU E 3 11.07 13.26 -73.71
N ARG E 4 11.06 12.23 -72.88
CA ARG E 4 11.36 12.40 -71.47
C ARG E 4 12.87 12.59 -71.26
N GLY E 5 13.21 13.35 -70.23
CA GLY E 5 14.61 13.59 -69.92
C GLY E 5 15.30 12.34 -69.40
N LYS E 6 16.63 12.38 -69.44
CA LYS E 6 17.44 11.23 -69.08
C LYS E 6 18.71 11.67 -68.36
N PHE E 7 19.22 10.80 -67.49
CA PHE E 7 20.52 11.01 -66.85
C PHE E 7 21.60 10.41 -67.74
N ARG E 8 22.56 11.22 -68.15
CA ARG E 8 23.63 10.73 -69.02
C ARG E 8 24.74 10.04 -68.24
N SER E 9 25.29 10.69 -67.20
CA SER E 9 26.46 10.11 -66.56
C SER E 9 26.61 10.63 -65.13
N LEU E 10 27.48 9.94 -64.38
CA LEU E 10 27.83 10.27 -63.00
C LEU E 10 29.35 10.35 -62.89
N THR E 11 29.85 11.35 -62.18
CA THR E 11 31.28 11.57 -62.03
C THR E 11 31.64 11.67 -60.55
N LEU E 12 32.75 11.03 -60.17
CA LEU E 12 33.28 11.06 -58.81
C LEU E 12 34.70 11.56 -58.85
N VAL E 13 35.07 12.42 -57.90
CA VAL E 13 36.43 12.93 -57.80
C VAL E 13 36.90 12.83 -56.35
N ASN E 14 38.02 12.14 -56.15
CA ASN E 14 38.71 12.08 -54.86
C ASN E 14 37.82 11.48 -53.78
N TRP E 15 37.06 10.46 -54.14
CA TRP E 15 36.33 9.66 -53.17
C TRP E 15 37.22 8.53 -52.66
N ASN E 16 36.70 7.78 -51.68
CA ASN E 16 37.50 6.72 -51.09
C ASN E 16 37.68 5.59 -52.08
N GLY E 17 38.83 5.55 -52.74
CA GLY E 17 39.12 4.55 -53.74
C GLY E 17 39.01 5.05 -55.17
N PHE E 18 38.30 6.14 -55.40
CA PHE E 18 38.17 6.74 -56.73
C PHE E 18 38.90 8.07 -56.73
N PHE E 19 39.83 8.25 -57.67
CA PHE E 19 40.44 9.56 -57.84
C PHE E 19 39.60 10.42 -58.78
N ALA E 20 39.36 9.93 -59.99
CA ALA E 20 38.52 10.64 -60.95
C ALA E 20 37.95 9.59 -61.90
N ARG E 21 36.68 9.22 -61.69
CA ARG E 21 36.03 8.17 -62.46
C ARG E 21 34.66 8.65 -62.91
N THR E 22 34.27 8.25 -64.12
CA THR E 22 33.00 8.67 -64.72
C THR E 22 32.27 7.44 -65.23
N PHE E 23 31.07 7.18 -64.69
CA PHE E 23 30.20 6.11 -65.14
C PHE E 23 29.18 6.66 -66.14
N ASP E 24 29.08 6.03 -67.29
CA ASP E 24 28.10 6.40 -68.31
C ASP E 24 26.85 5.56 -68.11
N LEU E 25 25.75 6.21 -67.74
CA LEU E 25 24.53 5.48 -67.47
C LEU E 25 23.86 5.00 -68.75
N ASP E 26 22.96 4.04 -68.59
CA ASP E 26 22.20 3.44 -69.67
C ASP E 26 20.78 4.01 -69.73
N GLU E 27 20.15 3.85 -70.88
CA GLU E 27 18.79 4.36 -71.06
C GLU E 27 17.79 3.60 -70.19
N LEU E 28 18.00 2.31 -69.97
CA LEU E 28 17.06 1.51 -69.18
C LEU E 28 17.67 0.99 -67.88
N VAL E 29 18.78 0.28 -67.92
CA VAL E 29 19.31 -0.40 -66.74
C VAL E 29 20.83 -0.31 -66.73
N THR E 30 21.40 -0.05 -65.57
CA THR E 30 22.85 -0.01 -65.36
C THR E 30 23.17 -0.88 -64.15
N THR E 31 24.13 -1.80 -64.32
CA THR E 31 24.47 -2.76 -63.28
C THR E 31 25.91 -2.57 -62.83
N LEU E 32 26.14 -2.73 -61.53
CA LEU E 32 27.46 -2.67 -60.94
C LEU E 32 27.77 -4.00 -60.29
N SER E 33 28.92 -4.57 -60.63
CA SER E 33 29.32 -5.89 -60.14
C SER E 33 30.74 -5.82 -59.60
N GLY E 34 31.07 -6.77 -58.74
CA GLY E 34 32.39 -6.87 -58.15
C GLY E 34 32.31 -7.44 -56.75
N GLY E 35 33.41 -8.02 -56.30
CA GLY E 35 33.46 -8.66 -55.00
C GLY E 35 33.12 -7.71 -53.87
N ASN E 36 32.98 -8.30 -52.69
CA ASN E 36 32.62 -7.51 -51.52
C ASN E 36 33.67 -6.44 -51.26
N GLY E 37 33.21 -5.24 -50.93
CA GLY E 37 34.11 -4.14 -50.67
C GLY E 37 34.64 -3.45 -51.90
N ALA E 38 34.14 -3.78 -53.09
CA ALA E 38 34.66 -3.19 -54.31
C ALA E 38 34.33 -1.70 -54.39
N GLY E 39 33.12 -1.31 -53.99
CA GLY E 39 32.74 0.10 -54.02
C GLY E 39 31.41 0.43 -54.67
N LYS E 40 30.54 -0.58 -54.79
CA LYS E 40 29.25 -0.37 -55.44
C LYS E 40 28.34 0.55 -54.61
N SER E 41 28.13 0.19 -53.35
CA SER E 41 27.28 1.00 -52.48
C SER E 41 27.80 2.43 -52.37
N THR E 42 29.13 2.60 -52.44
CA THR E 42 29.71 3.93 -52.41
C THR E 42 29.25 4.75 -53.61
N THR E 43 29.19 4.13 -54.79
CA THR E 43 28.70 4.82 -55.97
C THR E 43 27.24 5.22 -55.80
N MET E 44 26.42 4.31 -55.28
CA MET E 44 25.04 4.67 -54.97
C MET E 44 24.99 5.91 -54.07
N ALA E 45 25.79 5.90 -53.00
CA ALA E 45 25.76 6.98 -52.03
C ALA E 45 26.15 8.30 -52.69
N ALA E 46 27.17 8.27 -53.53
CA ALA E 46 27.57 9.50 -54.22
C ALA E 46 26.43 10.04 -55.06
N PHE E 47 25.74 9.17 -55.79
CA PHE E 47 24.64 9.64 -56.61
C PHE E 47 23.59 10.34 -55.74
N VAL E 48 23.12 9.65 -54.70
CA VAL E 48 22.03 10.21 -53.93
C VAL E 48 22.47 11.51 -53.24
N THR E 49 23.73 11.57 -52.79
CA THR E 49 24.22 12.80 -52.19
C THR E 49 24.13 13.94 -53.19
N ALA E 50 24.57 13.71 -54.41
CA ALA E 50 24.47 14.76 -55.41
C ALA E 50 23.03 15.11 -55.72
N LEU E 51 22.08 14.22 -55.45
CA LEU E 51 20.68 14.53 -55.75
C LEU E 51 20.02 15.34 -54.63
N ILE E 52 20.24 14.96 -53.37
CA ILE E 52 19.62 15.65 -52.23
C ILE E 52 20.68 16.01 -51.20
N PRO E 53 21.34 17.15 -51.32
CA PRO E 53 22.46 17.47 -50.41
C PRO E 53 22.06 17.80 -48.99
N ASP E 54 20.79 17.66 -48.62
CA ASP E 54 20.36 17.98 -47.26
C ASP E 54 21.08 17.05 -46.30
N LEU E 55 22.03 17.62 -45.54
CA LEU E 55 22.84 16.82 -44.63
C LEU E 55 22.06 16.33 -43.42
N THR E 56 20.90 16.92 -43.12
CA THR E 56 20.10 16.40 -42.01
C THR E 56 19.50 15.04 -42.34
N LEU E 57 19.25 14.79 -43.62
CA LEU E 57 18.56 13.56 -44.03
C LEU E 57 19.53 12.42 -44.28
N LEU E 58 20.61 12.68 -45.02
CA LEU E 58 21.52 11.64 -45.47
C LEU E 58 21.97 10.76 -44.30
N HIS E 59 21.74 9.46 -44.45
CA HIS E 59 22.10 8.49 -43.42
C HIS E 59 22.31 7.15 -44.11
N PHE E 60 23.57 6.74 -44.27
CA PHE E 60 23.91 5.55 -45.04
C PHE E 60 24.15 4.38 -44.09
N ARG E 61 23.08 3.69 -43.73
CA ARG E 61 23.21 2.47 -42.97
C ARG E 61 23.73 1.33 -43.84
N ASN E 62 24.22 0.29 -43.17
CA ASN E 62 24.52 -0.96 -43.87
C ASN E 62 23.24 -1.53 -44.46
N THR E 63 23.40 -2.41 -45.44
CA THR E 63 22.22 -3.09 -45.96
C THR E 63 21.60 -3.99 -44.90
N THR E 64 22.42 -4.73 -44.16
CA THR E 64 21.94 -5.29 -42.91
C THR E 64 21.64 -4.17 -41.94
N GLU E 65 20.74 -4.46 -41.00
CA GLU E 65 20.15 -3.43 -40.15
C GLU E 65 19.27 -2.47 -40.93
N ALA E 66 18.76 -2.92 -42.07
CA ALA E 66 17.85 -2.10 -42.86
C ALA E 66 16.55 -1.91 -42.10
N GLY E 67 16.02 -0.69 -42.14
CA GLY E 67 14.73 -0.41 -41.56
C GLY E 67 14.75 -0.14 -40.07
N ALA E 68 15.90 -0.26 -39.41
CA ALA E 68 16.00 0.06 -37.99
C ALA E 68 16.37 1.51 -37.83
N THR E 69 15.49 2.29 -37.20
CA THR E 69 15.75 3.69 -36.91
C THR E 69 16.73 3.75 -35.74
N SER E 70 17.99 4.05 -36.02
CA SER E 70 19.06 3.83 -35.07
C SER E 70 19.60 5.11 -34.45
N GLY E 71 19.53 6.24 -35.13
CA GLY E 71 20.16 7.44 -34.61
C GLY E 71 21.66 7.31 -34.43
N SER E 72 22.30 6.45 -35.22
CA SER E 72 23.72 6.17 -35.08
C SER E 72 24.54 7.43 -34.90
N ARG E 73 25.62 7.31 -34.12
CA ARG E 73 26.51 8.44 -33.90
C ARG E 73 27.03 9.00 -35.22
N ASP E 74 27.32 8.14 -36.19
CA ASP E 74 27.94 8.55 -37.44
C ASP E 74 27.05 8.19 -38.61
N LYS E 75 26.77 9.17 -39.47
CA LYS E 75 25.91 8.96 -40.63
C LYS E 75 26.56 8.13 -41.71
N GLY E 76 27.88 7.91 -41.65
CA GLY E 76 28.55 7.05 -42.60
C GLY E 76 29.01 7.71 -43.88
N LEU E 77 28.81 9.02 -44.04
CA LEU E 77 29.27 9.69 -45.25
C LEU E 77 30.72 10.11 -45.15
N HIS E 78 31.15 10.60 -43.99
CA HIS E 78 32.48 11.18 -43.88
C HIS E 78 33.56 10.21 -44.33
N GLY E 79 33.48 8.96 -43.89
CA GLY E 79 34.53 8.01 -44.20
C GLY E 79 34.66 7.69 -45.68
N LYS E 80 33.62 7.95 -46.46
CA LYS E 80 33.68 7.69 -47.89
C LYS E 80 34.41 8.78 -48.66
N LEU E 81 34.89 9.81 -47.98
CA LEU E 81 35.61 10.91 -48.59
C LEU E 81 37.06 10.91 -48.15
N ARG E 82 37.94 11.38 -49.03
CA ARG E 82 39.34 11.56 -48.71
C ARG E 82 39.62 12.98 -48.27
N ALA E 83 40.85 13.22 -47.80
CA ALA E 83 41.26 14.56 -47.45
C ALA E 83 41.31 15.43 -48.69
N GLY E 84 41.13 16.73 -48.48
CA GLY E 84 41.11 17.67 -49.58
C GLY E 84 39.71 17.86 -50.12
N VAL E 85 39.66 18.38 -51.33
CA VAL E 85 38.39 18.72 -51.98
C VAL E 85 37.87 17.51 -52.74
N CYS E 86 36.54 17.43 -52.85
CA CYS E 86 35.87 16.32 -53.51
C CYS E 86 34.69 16.87 -54.32
N TYR E 87 34.26 16.10 -55.32
CA TYR E 87 33.12 16.47 -56.13
C TYR E 87 32.21 15.27 -56.40
N SER E 88 30.99 15.59 -56.79
CA SER E 88 30.02 14.61 -57.29
C SER E 88 29.04 15.35 -58.18
N THR E 89 28.96 14.96 -59.45
CA THR E 89 28.20 15.71 -60.44
C THR E 89 27.40 14.77 -61.33
N LEU E 90 26.31 15.30 -61.88
CA LEU E 90 25.42 14.58 -62.79
C LEU E 90 25.25 15.39 -64.07
N ASP E 91 25.24 14.70 -65.21
CA ASP E 91 24.95 15.31 -66.50
C ASP E 91 23.57 14.83 -66.93
N VAL E 92 22.72 15.77 -67.34
CA VAL E 92 21.33 15.48 -67.64
C VAL E 92 20.96 16.12 -68.97
N ILE E 93 20.20 15.40 -69.79
CA ILE E 93 19.63 15.93 -71.02
C ILE E 93 18.16 16.22 -70.78
N ASN E 94 17.80 17.49 -70.87
CA ASN E 94 16.44 17.91 -70.61
C ASN E 94 15.52 17.50 -71.77
N SER E 95 14.22 17.51 -71.49
CA SER E 95 13.25 17.25 -72.56
C SER E 95 13.41 18.26 -73.69
N ARG E 96 13.88 19.45 -73.38
CA ARG E 96 14.15 20.47 -74.38
C ARG E 96 15.49 20.26 -75.06
N HIS E 97 16.12 19.11 -74.82
CA HIS E 97 17.44 18.81 -75.40
C HIS E 97 18.47 19.86 -74.99
N GLN E 98 18.47 20.20 -73.70
CA GLN E 98 19.45 21.09 -73.10
C GLN E 98 20.33 20.30 -72.15
N ARG E 99 21.64 20.51 -72.25
CA ARG E 99 22.60 19.80 -71.39
C ARG E 99 22.85 20.65 -70.15
N VAL E 100 22.57 20.09 -68.98
CA VAL E 100 22.76 20.78 -67.71
C VAL E 100 23.53 19.87 -66.77
N VAL E 101 24.47 20.45 -66.04
CA VAL E 101 25.35 19.71 -65.13
C VAL E 101 25.09 20.23 -63.71
N VAL E 102 24.47 19.40 -62.89
CA VAL E 102 24.30 19.68 -61.48
C VAL E 102 25.36 18.93 -60.70
N GLY E 103 25.59 19.35 -59.46
CA GLY E 103 26.60 18.69 -58.64
C GLY E 103 26.78 19.40 -57.33
N VAL E 104 27.75 18.91 -56.55
CA VAL E 104 28.07 19.44 -55.24
C VAL E 104 29.58 19.37 -55.04
N ARG E 105 30.12 20.31 -54.27
CA ARG E 105 31.51 20.23 -53.82
C ARG E 105 31.49 19.78 -52.37
N LEU E 106 32.17 18.68 -52.07
CA LEU E 106 32.23 18.12 -50.73
C LEU E 106 33.63 18.29 -50.15
N GLN E 107 33.69 18.46 -48.84
CA GLN E 107 34.99 18.65 -48.19
C GLN E 107 34.87 18.29 -46.71
N GLN E 108 35.82 17.51 -46.21
CA GLN E 108 35.87 17.18 -44.80
C GLN E 108 36.15 18.42 -43.96
N VAL E 109 35.64 18.41 -42.73
CA VAL E 109 35.86 19.49 -41.78
C VAL E 109 36.92 19.04 -40.78
N ALA E 110 37.97 19.84 -40.63
CA ALA E 110 38.97 19.56 -39.62
C ALA E 110 38.39 19.78 -38.24
N GLY E 111 38.66 18.85 -37.35
CA GLY E 111 38.12 18.88 -36.00
C GLY E 111 37.69 17.50 -35.56
N ARG E 112 37.55 17.34 -34.24
CA ARG E 112 37.24 16.03 -33.68
C ARG E 112 35.94 15.47 -34.26
N ASP E 113 34.91 16.29 -34.40
CA ASP E 113 33.67 15.82 -34.99
C ASP E 113 33.85 15.56 -36.47
N ARG E 114 33.41 14.38 -36.93
CA ARG E 114 33.56 13.99 -38.33
C ARG E 114 32.42 14.59 -39.15
N LYS E 115 32.54 15.90 -39.37
CA LYS E 115 31.54 16.66 -40.10
C LYS E 115 31.97 16.88 -41.54
N VAL E 116 31.01 17.28 -42.37
CA VAL E 116 31.23 17.45 -43.81
C VAL E 116 30.58 18.74 -44.27
N ASP E 117 31.18 19.37 -45.28
CA ASP E 117 30.70 20.59 -45.88
C ASP E 117 30.23 20.33 -47.31
N ILE E 118 29.13 20.97 -47.70
CA ILE E 118 28.55 20.80 -49.03
C ILE E 118 28.24 22.17 -49.61
N LYS E 119 28.54 22.35 -50.89
CA LYS E 119 28.20 23.57 -51.63
C LYS E 119 27.67 23.19 -53.01
N PRO E 120 26.36 23.27 -53.25
CA PRO E 120 25.85 22.90 -54.57
C PRO E 120 26.22 23.93 -55.63
N PHE E 121 26.09 23.50 -56.89
CA PHE E 121 26.34 24.37 -58.03
C PHE E 121 25.67 23.78 -59.25
N MET E 122 25.55 24.60 -60.30
CA MET E 122 24.93 24.17 -61.55
C MET E 122 25.59 24.89 -62.71
N ILE E 123 25.70 24.20 -63.84
CA ILE E 123 26.30 24.72 -65.06
C ILE E 123 25.33 24.51 -66.21
N GLN E 124 25.13 25.54 -67.02
CA GLN E 124 24.25 25.46 -68.19
C GLN E 124 25.01 25.93 -69.42
N GLY E 125 24.66 25.36 -70.56
CA GLY E 125 25.23 25.77 -71.82
C GLY E 125 26.62 25.23 -72.12
N LEU E 126 27.11 24.29 -71.32
CA LEU E 126 28.44 23.76 -71.55
C LEU E 126 28.50 23.07 -72.91
N PRO E 127 29.56 23.28 -73.69
CA PRO E 127 29.63 22.61 -75.00
C PRO E 127 29.62 21.10 -74.85
N THR E 128 29.01 20.43 -75.83
CA THR E 128 28.87 18.98 -75.77
C THR E 128 30.20 18.26 -75.77
N ALA E 129 31.28 18.91 -76.19
CA ALA E 129 32.58 18.26 -76.30
C ALA E 129 33.35 18.21 -75.00
N ILE E 130 32.89 18.90 -73.95
CA ILE E 130 33.61 18.97 -72.69
C ILE E 130 33.16 17.83 -71.80
N GLN E 131 34.12 17.09 -71.25
CA GLN E 131 33.83 16.05 -70.28
C GLN E 131 34.02 16.60 -68.86
N PRO E 132 33.15 16.24 -67.92
CA PRO E 132 33.31 16.77 -66.55
C PRO E 132 34.63 16.37 -65.91
N THR E 133 35.13 15.16 -66.20
CA THR E 133 36.38 14.72 -65.60
C THR E 133 37.51 15.68 -65.92
N GLN E 134 37.58 16.15 -67.17
CA GLN E 134 38.62 17.09 -67.54
C GLN E 134 38.32 18.50 -67.04
N LEU E 135 37.04 18.88 -67.04
CA LEU E 135 36.68 20.23 -66.61
C LEU E 135 37.06 20.46 -65.15
N LEU E 136 36.99 19.42 -64.33
CA LEU E 136 37.24 19.55 -62.89
C LEU E 136 38.70 19.35 -62.50
N THR E 137 39.61 19.10 -63.44
CA THR E 137 41.00 18.85 -63.11
C THR E 137 41.93 19.64 -64.01
N GLU E 138 43.12 19.91 -63.48
CA GLU E 138 44.19 20.61 -64.19
C GLU E 138 45.33 19.65 -64.45
N ASN E 139 45.85 19.67 -65.68
CA ASN E 139 46.94 18.77 -66.07
C ASN E 139 48.25 19.40 -65.63
N VAL E 140 48.80 18.91 -64.51
CA VAL E 140 50.06 19.38 -63.98
C VAL E 140 51.06 18.24 -64.07
N GLY E 141 52.23 18.53 -64.61
CA GLY E 141 53.24 17.52 -64.76
C GLY E 141 52.94 16.59 -65.92
N GLU E 142 53.68 15.50 -65.95
CA GLU E 142 53.59 14.52 -67.03
C GLU E 142 52.42 13.60 -66.74
N ARG E 143 51.21 13.98 -67.17
CA ARG E 143 50.05 13.11 -67.01
C ARG E 143 49.83 12.76 -65.54
N GLN E 144 49.85 13.78 -64.69
CA GLN E 144 49.72 13.66 -63.24
C GLN E 144 48.75 14.71 -62.69
N ALA E 145 47.57 14.78 -63.28
CA ALA E 145 46.64 15.91 -63.08
C ALA E 145 46.40 16.22 -61.61
N ARG E 146 45.91 17.44 -61.38
CA ARG E 146 45.56 17.97 -60.07
C ARG E 146 44.10 18.42 -60.06
N VAL E 147 43.45 18.33 -58.90
CA VAL E 147 42.08 18.81 -58.75
C VAL E 147 42.10 20.28 -58.35
N LEU E 148 41.08 21.03 -58.75
CA LEU E 148 41.06 22.47 -58.54
C LEU E 148 39.80 22.91 -57.79
N PRO E 149 39.92 23.87 -56.87
CA PRO E 149 38.77 24.24 -56.03
C PRO E 149 37.70 25.02 -56.78
N LEU E 150 36.68 25.43 -56.02
CA LEU E 150 35.56 26.15 -56.62
C LEU E 150 35.97 27.48 -57.22
N ASN E 151 36.79 28.27 -56.53
CA ASN E 151 37.14 29.58 -57.07
C ASN E 151 37.91 29.44 -58.39
N GLU E 152 38.87 28.51 -58.42
CA GLU E 152 39.58 28.26 -59.67
C GLU E 152 38.64 27.73 -60.74
N LEU E 153 37.69 26.89 -60.34
CA LEU E 153 36.70 26.37 -61.28
C LEU E 153 35.86 27.49 -61.88
N LYS E 154 35.41 28.42 -61.03
CA LYS E 154 34.62 29.54 -61.49
C LYS E 154 35.44 30.41 -62.44
N ASP E 155 36.70 30.65 -62.12
CA ASP E 155 37.55 31.41 -63.02
C ASP E 155 37.69 30.69 -64.36
N ARG E 156 37.86 29.37 -64.33
CA ARG E 156 38.02 28.62 -65.58
C ARG E 156 36.75 28.71 -66.42
N LEU E 157 35.59 28.62 -65.78
CA LEU E 157 34.34 28.66 -66.51
C LEU E 157 34.03 30.04 -67.05
N ASP E 158 34.22 31.08 -66.22
CA ASP E 158 33.87 32.43 -66.63
C ASP E 158 34.66 32.87 -67.86
N GLU E 159 35.87 32.32 -68.04
CA GLU E 159 36.67 32.67 -69.21
C GLU E 159 36.11 32.07 -70.49
N MET E 160 35.19 31.12 -70.38
CA MET E 160 34.58 30.54 -71.56
C MET E 160 33.44 31.42 -72.06
N GLU E 161 32.92 31.07 -73.24
CA GLU E 161 31.87 31.81 -73.91
C GLU E 161 30.57 31.01 -73.86
N GLY E 162 29.50 31.66 -73.37
CA GLY E 162 28.17 31.11 -73.45
C GLY E 162 27.76 30.23 -72.29
N VAL E 163 28.69 29.76 -71.46
CA VAL E 163 28.36 28.90 -70.34
C VAL E 163 28.00 29.76 -69.13
N GLN E 164 26.98 29.35 -68.40
CA GLN E 164 26.52 30.03 -67.19
C GLN E 164 26.80 29.15 -65.98
N PHE E 165 27.50 29.71 -65.00
CA PHE E 165 27.81 29.03 -63.75
C PHE E 165 27.05 29.72 -62.62
N LYS E 166 26.46 28.92 -61.74
CA LYS E 166 25.71 29.45 -60.60
C LYS E 166 26.04 28.64 -59.36
N GLN E 167 26.22 29.34 -58.24
CA GLN E 167 26.48 28.73 -56.95
C GLN E 167 25.37 29.11 -55.99
N PHE E 168 24.87 28.13 -55.24
CA PHE E 168 23.69 28.32 -54.41
C PHE E 168 24.06 28.48 -52.95
N ASN E 169 23.46 29.47 -52.30
CA ASN E 169 23.63 29.72 -50.88
C ASN E 169 22.60 29.00 -50.03
N SER E 170 21.57 28.41 -50.65
CA SER E 170 20.56 27.66 -49.90
C SER E 170 20.06 26.53 -50.79
N ILE E 171 19.82 25.37 -50.17
CA ILE E 171 19.40 24.19 -50.91
C ILE E 171 18.05 24.41 -51.58
N THR E 172 17.22 25.28 -51.01
CA THR E 172 15.88 25.51 -51.57
C THR E 172 15.96 26.08 -52.98
N ASP E 173 16.83 27.07 -53.19
CA ASP E 173 16.99 27.65 -54.51
C ASP E 173 17.50 26.61 -55.50
N TYR E 174 18.41 25.76 -55.04
CA TYR E 174 18.96 24.71 -55.88
C TYR E 174 17.86 23.75 -56.32
N HIS E 175 17.01 23.35 -55.39
CA HIS E 175 15.88 22.49 -55.75
C HIS E 175 14.91 23.20 -56.68
N ALA E 176 14.67 24.49 -56.47
CA ALA E 176 13.78 25.23 -57.34
C ALA E 176 14.31 25.23 -58.78
N GLN E 177 15.60 25.50 -58.94
CA GLN E 177 16.19 25.48 -60.28
C GLN E 177 16.11 24.08 -60.88
N MET E 178 16.35 23.05 -60.07
CA MET E 178 16.26 21.70 -60.60
C MET E 178 14.85 21.39 -61.09
N PHE E 179 13.83 21.78 -60.31
CA PHE E 179 12.46 21.55 -60.74
C PHE E 179 12.14 22.29 -62.02
N ASP E 180 12.57 23.56 -62.10
CA ASP E 180 12.25 24.35 -63.29
C ASP E 180 12.84 23.73 -64.55
N LEU E 181 13.95 23.02 -64.42
CA LEU E 181 14.60 22.37 -65.54
C LEU E 181 14.17 20.92 -65.72
N GLY E 182 13.12 20.50 -65.04
CA GLY E 182 12.61 19.15 -65.23
C GLY E 182 13.58 18.07 -64.76
N VAL E 183 14.19 18.25 -63.59
CA VAL E 183 15.05 17.23 -63.02
C VAL E 183 14.40 16.51 -61.85
N ILE E 184 13.41 17.11 -61.20
CA ILE E 184 12.68 16.49 -60.11
C ILE E 184 11.19 16.45 -60.48
N PRO E 185 10.45 15.43 -60.07
CA PRO E 185 9.02 15.42 -60.38
C PRO E 185 8.20 16.42 -59.58
N LYS E 186 8.55 16.62 -58.31
CA LYS E 186 7.80 17.49 -57.41
C LYS E 186 8.61 18.74 -57.09
N ARG E 187 7.90 19.81 -56.76
CA ARG E 187 8.53 21.06 -56.34
C ARG E 187 8.71 21.03 -54.83
N LEU E 188 9.95 20.85 -54.38
CA LEU E 188 10.26 20.69 -52.96
C LEU E 188 10.36 22.07 -52.30
N ARG E 189 9.19 22.65 -52.05
CA ARG E 189 9.12 23.98 -51.45
C ARG E 189 9.48 23.96 -49.98
N SER E 190 8.96 22.99 -49.23
CA SER E 190 9.13 22.94 -47.78
C SER E 190 10.02 21.78 -47.38
N ALA E 191 10.50 21.85 -46.14
CA ALA E 191 11.37 20.79 -45.62
C ALA E 191 10.66 19.44 -45.61
N SER E 192 9.37 19.42 -45.27
CA SER E 192 8.64 18.16 -45.23
C SER E 192 8.55 17.52 -46.62
N ASP E 193 8.40 18.34 -47.66
CA ASP E 193 8.42 17.82 -49.02
C ASP E 193 9.76 17.16 -49.31
N ARG E 194 10.84 17.80 -48.88
CA ARG E 194 12.17 17.24 -49.08
C ARG E 194 12.32 15.91 -48.36
N SER E 195 11.75 15.82 -47.16
CA SER E 195 11.77 14.58 -46.41
C SER E 195 11.02 13.47 -47.15
N LYS E 196 9.86 13.80 -47.72
CA LYS E 196 9.11 12.79 -48.47
C LYS E 196 9.93 12.28 -49.66
N PHE E 197 10.56 13.19 -50.40
CA PHE E 197 11.36 12.78 -51.55
C PHE E 197 12.50 11.86 -51.11
N TYR E 198 13.19 12.23 -50.03
CA TYR E 198 14.27 11.39 -49.55
C TYR E 198 13.75 10.03 -49.10
N ARG E 199 12.59 10.00 -48.43
CA ARG E 199 12.01 8.73 -48.04
C ARG E 199 11.84 7.83 -49.25
N LEU E 200 11.32 8.40 -50.34
CA LEU E 200 11.10 7.58 -51.54
C LEU E 200 12.42 6.99 -52.03
N ILE E 201 13.44 7.83 -52.21
CA ILE E 201 14.69 7.30 -52.77
C ILE E 201 15.33 6.29 -51.81
N GLU E 202 15.36 6.59 -50.51
CA GLU E 202 16.01 5.69 -49.56
C GLU E 202 15.29 4.35 -49.52
N ALA E 203 13.96 4.36 -49.53
CA ALA E 203 13.21 3.11 -49.55
C ALA E 203 13.53 2.32 -50.81
N SER E 204 13.65 3.00 -51.95
CA SER E 204 14.04 2.27 -53.15
C SER E 204 15.42 1.66 -53.00
N LEU E 205 16.36 2.41 -52.42
CA LEU E 205 17.74 1.94 -52.33
C LEU E 205 17.82 0.66 -51.51
N TYR E 206 17.24 0.67 -50.29
CA TYR E 206 17.29 -0.54 -49.49
C TYR E 206 16.25 -1.58 -49.89
N GLY E 207 15.24 -1.19 -50.67
CA GLY E 207 14.30 -2.14 -51.22
C GLY E 207 13.31 -2.68 -50.22
N GLY E 208 12.17 -3.15 -50.73
CA GLY E 208 11.16 -3.79 -49.90
C GLY E 208 10.04 -2.85 -49.49
N ILE E 209 9.08 -3.43 -48.76
CA ILE E 209 7.94 -2.69 -48.25
C ILE E 209 8.44 -1.75 -47.16
N SER E 210 8.50 -0.46 -47.45
CA SER E 210 9.00 0.50 -46.48
C SER E 210 7.93 0.77 -45.45
N SER E 211 8.28 0.61 -44.17
CA SER E 211 7.30 0.76 -43.10
C SER E 211 6.68 2.15 -43.11
N ALA E 212 7.50 3.18 -43.33
CA ALA E 212 7.01 4.54 -43.24
C ALA E 212 6.09 4.88 -44.40
N ILE E 213 6.39 4.37 -45.60
CA ILE E 213 5.58 4.71 -46.76
C ILE E 213 4.16 4.22 -46.59
N THR E 214 4.00 2.93 -46.27
CA THR E 214 2.66 2.36 -46.20
C THR E 214 1.83 3.00 -45.10
N ARG E 215 2.47 3.36 -43.98
CA ARG E 215 1.73 3.84 -42.83
C ARG E 215 0.99 5.14 -43.11
N SER E 216 1.51 5.96 -44.03
CA SER E 216 0.97 7.28 -44.33
C SER E 216 0.60 7.41 -45.80
N LEU E 217 0.09 6.32 -46.38
CA LEU E 217 -0.08 6.25 -47.84
C LEU E 217 -0.95 7.37 -48.37
N ARG E 218 -1.96 7.79 -47.60
CA ARG E 218 -2.78 8.93 -48.02
C ARG E 218 -1.89 10.13 -48.32
N ASP E 219 -1.00 10.47 -47.40
CA ASP E 219 -0.20 11.68 -47.54
C ASP E 219 0.65 11.63 -48.80
N TYR E 220 1.14 10.45 -49.17
CA TYR E 220 2.03 10.34 -50.31
C TYR E 220 1.28 10.32 -51.63
N LEU E 221 0.14 9.63 -51.72
CA LEU E 221 -0.50 9.48 -53.03
C LEU E 221 -1.48 10.61 -53.38
N LEU E 222 -2.38 10.95 -52.48
CA LEU E 222 -3.46 11.87 -52.83
C LEU E 222 -2.95 13.31 -52.90
N PRO E 223 -3.21 14.02 -53.99
CA PRO E 223 -2.76 15.42 -54.10
C PRO E 223 -3.75 16.38 -53.46
N GLU E 224 -3.29 17.61 -53.25
CA GLU E 224 -4.09 18.66 -52.66
C GLU E 224 -4.71 19.56 -53.73
N ASN E 225 -5.87 20.14 -53.39
CA ASN E 225 -6.70 20.89 -54.32
C ASN E 225 -6.97 22.27 -53.76
N SER E 226 -6.73 23.30 -54.58
CA SER E 226 -6.92 24.67 -54.11
C SER E 226 -8.38 25.12 -54.17
N GLY E 227 -9.14 24.61 -55.13
CA GLY E 227 -10.56 24.96 -55.20
C GLY E 227 -11.29 24.57 -53.94
N VAL E 228 -10.94 23.43 -53.35
CA VAL E 228 -11.55 23.02 -52.09
C VAL E 228 -11.22 24.03 -51.01
N ARG E 229 -9.96 24.47 -50.95
CA ARG E 229 -9.54 25.43 -49.93
C ARG E 229 -10.30 26.74 -50.06
N LYS E 230 -10.45 27.25 -51.29
CA LYS E 230 -11.05 28.56 -51.48
C LYS E 230 -12.46 28.63 -50.93
N ALA E 231 -13.26 27.59 -51.16
CA ALA E 231 -14.59 27.55 -50.56
C ALA E 231 -14.50 27.34 -49.05
N PHE E 232 -13.61 26.44 -48.61
CA PHE E 232 -13.50 26.14 -47.19
C PHE E 232 -12.94 27.28 -46.35
N GLN E 233 -12.39 28.33 -46.96
CA GLN E 233 -11.90 29.44 -46.16
C GLN E 233 -13.01 30.06 -45.30
N ASP E 234 -14.16 30.30 -45.92
CA ASP E 234 -15.28 30.91 -45.21
C ASP E 234 -15.73 30.03 -44.05
N MET E 235 -15.95 28.74 -44.34
CA MET E 235 -16.38 27.83 -43.30
C MET E 235 -15.32 27.67 -42.22
N GLU E 236 -14.06 27.80 -42.59
CA GLU E 236 -12.98 27.78 -41.62
C GLU E 236 -13.13 28.91 -40.63
N ALA E 237 -13.37 30.12 -41.14
CA ALA E 237 -13.63 31.24 -40.23
C ALA E 237 -14.78 30.92 -39.29
N ALA E 238 -15.89 30.43 -39.86
CA ALA E 238 -17.07 30.15 -39.03
C ALA E 238 -16.75 29.14 -37.94
N LEU E 239 -16.07 28.06 -38.31
CA LEU E 239 -15.83 26.97 -37.37
C LEU E 239 -14.85 27.39 -36.28
N ARG E 240 -13.85 28.20 -36.63
CA ARG E 240 -12.97 28.72 -35.60
C ARG E 240 -13.76 29.55 -34.60
N GLU E 241 -14.67 30.39 -35.10
CA GLU E 241 -15.50 31.19 -34.20
C GLU E 241 -16.28 30.29 -33.24
N ASN E 242 -16.85 29.21 -33.79
CA ASN E 242 -17.63 28.29 -32.96
C ASN E 242 -16.74 27.67 -31.89
N ARG E 243 -15.52 27.27 -32.24
CA ARG E 243 -14.63 26.71 -31.24
C ARG E 243 -14.37 27.70 -30.12
N ILE E 244 -14.13 28.96 -30.48
CA ILE E 244 -13.92 30.00 -29.46
C ILE E 244 -15.05 29.96 -28.45
N THR E 245 -16.28 30.03 -28.95
CA THR E 245 -17.43 30.11 -28.05
C THR E 245 -17.54 28.86 -27.18
N LEU E 246 -17.34 27.68 -27.79
CA LEU E 246 -17.44 26.45 -27.02
C LEU E 246 -16.42 26.43 -25.88
N GLU E 247 -15.19 26.85 -26.15
CA GLU E 247 -14.19 26.80 -25.10
C GLU E 247 -14.53 27.77 -23.96
N ALA E 248 -15.05 28.94 -24.31
CA ALA E 248 -15.48 29.86 -23.24
C ALA E 248 -16.51 29.19 -22.34
N ILE E 249 -17.49 28.51 -22.94
CA ILE E 249 -18.48 27.80 -22.14
C ILE E 249 -17.80 26.75 -21.27
N ARG E 250 -16.90 25.98 -21.87
CA ARG E 250 -16.28 24.87 -21.13
C ARG E 250 -15.50 25.36 -19.94
N VAL E 251 -15.01 26.60 -19.97
CA VAL E 251 -14.34 27.16 -18.81
C VAL E 251 -15.37 27.57 -17.75
N THR E 252 -16.32 28.43 -18.14
CA THR E 252 -17.19 29.03 -17.15
C THR E 252 -18.10 27.99 -16.48
N GLN E 253 -18.57 27.01 -17.24
CA GLN E 253 -19.40 25.95 -16.68
C GLN E 253 -18.69 25.25 -15.52
N SER E 254 -17.43 24.88 -15.72
CA SER E 254 -16.67 24.26 -14.65
C SER E 254 -16.59 25.17 -13.44
N ASP E 255 -16.20 26.42 -13.67
CA ASP E 255 -16.00 27.31 -12.53
C ASP E 255 -17.28 27.40 -11.70
N ARG E 256 -18.42 27.50 -12.37
CA ARG E 256 -19.69 27.60 -11.66
C ARG E 256 -20.00 26.32 -10.90
N ASP E 257 -19.74 25.15 -11.51
CA ASP E 257 -19.98 23.91 -10.78
C ASP E 257 -19.24 23.91 -9.45
N LEU E 258 -17.96 24.28 -9.47
CA LEU E 258 -17.18 24.24 -8.23
C LEU E 258 -17.70 25.25 -7.20
N PHE E 259 -17.95 26.48 -7.63
CA PHE E 259 -18.50 27.46 -6.70
C PHE E 259 -19.75 26.92 -6.03
N LYS E 260 -20.71 26.46 -6.84
CA LYS E 260 -22.01 26.07 -6.29
C LYS E 260 -21.86 24.91 -5.31
N HIS E 261 -21.08 23.90 -5.68
CA HIS E 261 -20.96 22.74 -4.80
C HIS E 261 -20.37 23.16 -3.45
N LEU E 262 -19.29 23.94 -3.48
CA LEU E 262 -18.70 24.33 -2.19
C LEU E 262 -19.69 25.13 -1.36
N ILE E 263 -20.35 26.12 -1.95
CA ILE E 263 -21.22 26.96 -1.14
C ILE E 263 -22.33 26.13 -0.52
N THR E 264 -23.01 25.32 -1.32
CA THR E 264 -24.15 24.59 -0.80
C THR E 264 -23.74 23.64 0.32
N GLU E 265 -22.66 22.87 0.11
CA GLU E 265 -22.27 21.92 1.14
C GLU E 265 -21.79 22.62 2.41
N ALA E 266 -21.03 23.71 2.27
CA ALA E 266 -20.53 24.39 3.46
C ALA E 266 -21.67 24.98 4.29
N THR E 267 -22.63 25.63 3.63
CA THR E 267 -23.77 26.16 4.37
C THR E 267 -24.58 25.04 5.01
N SER E 268 -24.81 23.94 4.29
CA SER E 268 -25.51 22.82 4.89
C SER E 268 -24.78 22.33 6.14
N TYR E 269 -23.46 22.27 6.08
CA TYR E 269 -22.65 21.76 7.19
C TYR E 269 -22.72 22.67 8.41
N VAL E 270 -22.70 23.98 8.21
CA VAL E 270 -22.57 24.92 9.34
C VAL E 270 -23.92 25.32 9.90
N SER E 271 -24.83 25.77 9.02
CA SER E 271 -26.11 26.31 9.48
C SER E 271 -26.87 25.31 10.33
N ALA E 272 -26.76 24.02 10.01
CA ALA E 272 -27.51 23.00 10.74
C ALA E 272 -27.18 23.04 12.22
N ASP E 273 -25.90 22.98 12.57
CA ASP E 273 -25.51 22.98 13.97
C ASP E 273 -25.72 24.34 14.61
N TYR E 274 -25.55 25.43 13.84
CA TYR E 274 -25.85 26.74 14.41
C TYR E 274 -27.30 26.81 14.88
N MET E 275 -28.22 26.34 14.03
CA MET E 275 -29.63 26.29 14.41
C MET E 275 -29.88 25.32 15.55
N ARG E 276 -29.15 24.20 15.59
CA ARG E 276 -29.31 23.30 16.74
C ARG E 276 -29.06 24.06 18.05
N HIS E 277 -27.93 24.77 18.10
CA HIS E 277 -27.61 25.53 19.31
C HIS E 277 -28.69 26.56 19.62
N ALA E 278 -29.08 27.33 18.60
CA ALA E 278 -30.09 28.35 18.82
C ALA E 278 -31.38 27.74 19.36
N ASN E 279 -31.73 26.55 18.87
CA ASN E 279 -32.97 25.92 19.28
C ASN E 279 -32.90 25.41 20.71
N GLU E 280 -31.77 24.83 21.12
CA GLU E 280 -31.64 24.45 22.52
C GLU E 280 -31.79 25.67 23.43
N ARG E 281 -31.14 26.77 23.07
CA ARG E 281 -31.25 27.96 23.90
C ARG E 281 -32.69 28.48 23.94
N ARG E 282 -33.35 28.51 22.78
CA ARG E 282 -34.75 28.91 22.74
C ARG E 282 -35.60 28.02 23.64
N THR E 283 -35.38 26.72 23.59
CA THR E 283 -36.22 25.78 24.33
C THR E 283 -36.07 25.99 25.83
N HIS E 284 -34.83 26.05 26.31
CA HIS E 284 -34.64 26.25 27.75
C HIS E 284 -35.18 27.60 28.19
N LEU E 285 -35.03 28.64 27.37
CA LEU E 285 -35.63 29.93 27.72
C LEU E 285 -37.15 29.81 27.83
N ASP E 286 -37.78 29.11 26.89
CA ASP E 286 -39.23 28.99 26.93
C ASP E 286 -39.67 28.24 28.18
N GLU E 287 -38.96 27.17 28.52
CA GLU E 287 -39.30 26.44 29.74
C GLU E 287 -39.16 27.34 30.96
N ALA E 288 -38.10 28.14 30.99
CA ALA E 288 -37.88 29.04 32.12
C ALA E 288 -39.00 30.07 32.22
N LEU E 289 -39.44 30.62 31.10
CA LEU E 289 -40.51 31.60 31.14
C LEU E 289 -41.83 30.99 31.60
N ALA E 290 -42.15 29.79 31.10
CA ALA E 290 -43.37 29.13 31.57
C ALA E 290 -43.30 28.89 33.08
N LEU E 291 -42.16 28.40 33.56
CA LEU E 291 -41.99 28.19 34.99
C LEU E 291 -42.12 29.50 35.77
N ARG E 292 -41.51 30.57 35.26
CA ARG E 292 -41.59 31.87 35.90
C ARG E 292 -43.03 32.33 36.04
N GLY E 293 -43.77 32.32 34.92
CA GLY E 293 -45.14 32.81 34.96
C GLY E 293 -46.01 31.98 35.89
N GLU E 294 -45.88 30.66 35.81
CA GLU E 294 -46.67 29.81 36.69
C GLU E 294 -46.32 30.06 38.15
N LEU E 295 -45.03 30.22 38.47
CA LEU E 295 -44.63 30.48 39.84
C LEU E 295 -45.21 31.80 40.34
N PHE E 296 -45.11 32.86 39.55
CA PHE E 296 -45.67 34.14 39.97
C PHE E 296 -47.16 34.05 40.20
N GLY E 297 -47.90 33.48 39.24
CA GLY E 297 -49.34 33.34 39.43
C GLY E 297 -49.69 32.52 40.65
N SER E 298 -49.01 31.39 40.84
CA SER E 298 -49.30 30.52 41.98
C SER E 298 -49.02 31.24 43.29
N HIS E 299 -47.89 31.94 43.36
CA HIS E 299 -47.48 32.60 44.59
C HIS E 299 -48.48 33.69 44.97
N LYS E 300 -48.79 34.58 44.04
CA LYS E 300 -49.73 35.66 44.32
C LYS E 300 -51.11 35.10 44.65
N GLN E 301 -51.55 34.08 43.90
CA GLN E 301 -52.84 33.48 44.15
C GLN E 301 -52.92 32.91 45.56
N LEU E 302 -51.96 32.08 45.95
CA LEU E 302 -52.01 31.47 47.26
C LEU E 302 -51.92 32.50 48.38
N ALA E 303 -51.11 33.55 48.20
CA ALA E 303 -51.05 34.58 49.23
C ALA E 303 -52.42 35.21 49.47
N THR E 304 -53.06 35.69 48.40
CA THR E 304 -54.36 36.32 48.59
C THR E 304 -55.41 35.33 49.09
N GLU E 305 -55.35 34.09 48.58
CA GLU E 305 -56.30 33.06 49.00
C GLU E 305 -56.20 32.83 50.50
N GLN E 306 -54.98 32.67 51.01
CA GLN E 306 -54.80 32.44 52.43
C GLN E 306 -55.28 33.64 53.24
N TYR E 307 -55.02 34.86 52.77
CA TYR E 307 -55.50 36.01 53.53
C TYR E 307 -57.03 35.99 53.66
N ARG E 308 -57.71 35.75 52.54
CA ARG E 308 -59.18 35.71 52.59
C ARG E 308 -59.65 34.61 53.53
N HIS E 309 -59.07 33.42 53.43
CA HIS E 309 -59.50 32.32 54.27
C HIS E 309 -59.24 32.58 55.75
N VAL E 310 -58.12 33.23 56.08
CA VAL E 310 -57.81 33.52 57.48
C VAL E 310 -58.84 34.49 58.05
N GLU E 311 -59.17 35.55 57.29
CA GLU E 311 -60.16 36.49 57.79
C GLU E 311 -61.51 35.81 57.98
N MET E 312 -61.91 35.00 57.01
CA MET E 312 -63.17 34.27 57.15
C MET E 312 -63.13 33.33 58.36
N ALA E 313 -61.97 32.73 58.63
CA ALA E 313 -61.83 31.86 59.80
C ALA E 313 -62.03 32.64 61.09
N ARG E 314 -61.48 33.86 61.16
CA ARG E 314 -61.75 34.69 62.34
C ARG E 314 -63.25 34.91 62.49
N GLU E 315 -63.92 35.23 61.40
CA GLU E 315 -65.37 35.47 61.48
C GLU E 315 -66.11 34.22 61.94
N LEU E 316 -65.71 33.05 61.44
CA LEU E 316 -66.36 31.81 61.87
C LEU E 316 -66.14 31.54 63.36
N ALA E 317 -64.93 31.80 63.86
CA ALA E 317 -64.69 31.63 65.29
C ALA E 317 -65.61 32.54 66.10
N GLU E 318 -65.69 33.80 65.70
CA GLU E 318 -66.56 34.73 66.41
C GLU E 318 -68.01 34.30 66.33
N GLN E 319 -68.45 33.80 65.18
CA GLN E 319 -69.83 33.36 65.04
C GLN E 319 -70.13 32.14 65.89
N SER E 320 -69.17 31.22 66.02
CA SER E 320 -69.38 30.07 66.91
C SER E 320 -69.54 30.52 68.36
N GLY E 321 -68.65 31.40 68.82
CA GLY E 321 -68.78 31.91 70.18
C GLY E 321 -70.11 32.63 70.37
N ALA E 322 -70.48 33.47 69.40
CA ALA E 322 -71.73 34.19 69.48
C ALA E 322 -72.92 33.23 69.46
N SER E 323 -72.81 32.11 68.74
CA SER E 323 -73.89 31.14 68.71
C SER E 323 -74.09 30.51 70.09
N SER E 324 -73.00 30.15 70.76
CA SER E 324 -73.16 29.65 72.13
C SER E 324 -73.76 30.71 73.06
N ASP E 325 -73.28 31.95 72.94
CA ASP E 325 -73.82 33.02 73.77
C ASP E 325 -75.31 33.21 73.51
N LEU E 326 -75.71 33.17 72.23
CA LEU E 326 -77.12 33.31 71.87
C LEU E 326 -77.94 32.13 72.36
N GLU E 327 -77.35 30.93 72.39
CA GLU E 327 -78.04 29.80 73.01
C GLU E 327 -78.40 30.12 74.44
N THR E 328 -77.42 30.59 75.23
CA THR E 328 -77.73 30.95 76.61
C THR E 328 -78.78 32.05 76.68
N ASP E 329 -78.66 33.08 75.84
CA ASP E 329 -79.58 34.21 75.89
C ASP E 329 -81.02 33.77 75.59
N HIS E 330 -81.19 32.97 74.54
CA HIS E 330 -82.54 32.54 74.17
C HIS E 330 -83.08 31.49 75.14
N GLN E 331 -82.23 30.70 75.78
CA GLN E 331 -82.71 29.85 76.86
C GLN E 331 -83.27 30.68 78.00
N ALA E 332 -82.55 31.74 78.40
CA ALA E 332 -83.08 32.63 79.43
C ALA E 332 -84.38 33.29 78.97
N ALA E 333 -84.46 33.66 77.69
CA ALA E 333 -85.67 34.29 77.18
C ALA E 333 -86.86 33.33 77.21
N SER E 334 -86.64 32.06 76.88
CA SER E 334 -87.70 31.07 76.99
C SER E 334 -88.09 30.84 78.45
N ASP E 335 -87.14 30.92 79.38
CA ASP E 335 -87.49 30.88 80.79
C ASP E 335 -88.39 32.05 81.16
N HIS E 336 -88.07 33.24 80.64
CA HIS E 336 -88.95 34.39 80.84
C HIS E 336 -90.35 34.14 80.28
N LEU E 337 -90.42 33.54 79.09
CA LEU E 337 -91.72 33.23 78.50
C LEU E 337 -92.52 32.28 79.39
N ASN E 338 -91.85 31.25 79.92
CA ASN E 338 -92.55 30.32 80.80
C ASN E 338 -93.03 31.01 82.07
N LEU E 339 -92.21 31.91 82.62
CA LEU E 339 -92.65 32.67 83.78
C LEU E 339 -93.88 33.51 83.47
N VAL E 340 -93.91 34.12 82.28
CA VAL E 340 -95.09 34.89 81.88
C VAL E 340 -96.30 33.97 81.75
N GLN E 341 -96.13 32.82 81.09
CA GLN E 341 -97.22 31.85 81.00
C GLN E 341 -97.76 31.52 82.38
N THR E 342 -96.86 31.32 83.35
CA THR E 342 -97.29 31.05 84.72
C THR E 342 -98.09 32.22 85.28
N ALA E 343 -97.63 33.44 85.02
CA ALA E 343 -98.28 34.61 85.61
C ALA E 343 -99.62 34.94 84.98
N MET E 344 -99.93 34.40 83.80
CA MET E 344 -101.22 34.70 83.17
C MET E 344 -102.40 34.42 84.09
N ARG E 345 -102.32 33.38 84.92
CA ARG E 345 -103.45 33.08 85.81
C ARG E 345 -103.70 34.23 86.77
N GLN E 346 -102.64 34.81 87.35
CA GLN E 346 -102.82 35.90 88.29
C GLN E 346 -103.13 37.21 87.58
N GLN E 347 -102.73 37.35 86.32
CA GLN E 347 -102.99 38.58 85.57
C GLN E 347 -104.48 38.88 85.54
N GLN E 516 -96.31 6.93 113.15
CA GLN E 516 -94.94 7.41 113.14
C GLN E 516 -93.93 6.36 112.67
N PRO E 517 -94.07 5.10 113.09
CA PRO E 517 -93.21 4.06 112.51
C PRO E 517 -93.27 4.03 110.99
N LEU E 518 -94.48 4.20 110.44
CA LEU E 518 -94.63 4.15 109.00
C LEU E 518 -93.93 5.31 108.32
N ARG E 519 -93.75 6.43 109.02
CA ARG E 519 -93.04 7.57 108.43
C ARG E 519 -91.58 7.21 108.16
N MET E 520 -90.91 6.62 109.15
CA MET E 520 -89.53 6.19 108.97
C MET E 520 -89.45 5.10 107.92
N ARG E 521 -90.40 4.15 107.95
CA ARG E 521 -90.43 3.13 106.91
C ARG E 521 -90.52 3.76 105.53
N LEU E 522 -91.37 4.77 105.38
CA LEU E 522 -91.53 5.44 104.10
C LEU E 522 -90.23 6.08 103.64
N SER E 523 -89.56 6.82 104.52
CA SER E 523 -88.31 7.46 104.12
C SER E 523 -87.28 6.43 103.68
N GLU E 524 -87.11 5.38 104.47
CA GLU E 524 -86.10 4.37 104.16
C GLU E 524 -86.43 3.69 102.83
N LEU E 525 -87.69 3.34 102.63
CA LEU E 525 -88.11 2.70 101.39
C LEU E 525 -87.92 3.62 100.18
N GLU E 526 -88.12 4.93 100.37
CA GLU E 526 -87.88 5.87 99.28
C GLU E 526 -86.41 5.86 98.88
N GLN E 527 -85.51 5.86 99.86
CA GLN E 527 -84.09 5.74 99.50
C GLN E 527 -83.80 4.41 98.80
N ARG E 528 -84.46 3.32 99.22
CA ARG E 528 -84.26 2.04 98.53
C ARG E 528 -84.68 2.12 97.06
N LEU E 529 -85.84 2.73 96.79
CA LEU E 529 -86.22 2.94 95.39
C LEU E 529 -85.18 3.78 94.65
N ASN E 530 -84.65 4.82 95.30
CA ASN E 530 -83.62 5.63 94.67
C ASN E 530 -82.44 4.76 94.23
N ASN E 531 -81.94 3.92 95.14
CA ASN E 531 -80.80 3.06 94.81
C ASN E 531 -81.16 2.07 93.71
N GLN E 532 -82.38 1.53 93.73
CA GLN E 532 -82.77 0.58 92.69
C GLN E 532 -82.74 1.24 91.32
N GLN E 533 -83.29 2.46 91.22
CA GLN E 533 -83.22 3.17 89.93
C GLN E 533 -81.79 3.49 89.54
N ASN E 534 -80.94 3.87 90.51
CA ASN E 534 -79.54 4.08 90.18
C ASN E 534 -78.92 2.84 89.55
N ALA E 535 -79.13 1.68 90.18
CA ALA E 535 -78.56 0.44 89.66
C ALA E 535 -79.12 0.13 88.28
N GLU E 536 -80.43 0.30 88.09
CA GLU E 536 -81.03 -0.02 86.79
C GLU E 536 -80.46 0.88 85.70
N ARG E 537 -80.36 2.19 85.97
CA ARG E 537 -79.85 3.12 84.99
C ARG E 537 -78.40 2.79 84.62
N LEU E 538 -77.56 2.57 85.63
CA LEU E 538 -76.16 2.25 85.34
C LEU E 538 -76.03 0.94 84.57
N LEU E 539 -76.82 -0.07 84.94
CA LEU E 539 -76.83 -1.31 84.19
C LEU E 539 -77.18 -1.08 82.74
N SER E 540 -78.25 -0.33 82.48
CA SER E 540 -78.68 -0.11 81.11
C SER E 540 -77.61 0.63 80.32
N GLU E 541 -77.03 1.67 80.91
CA GLU E 541 -76.03 2.45 80.18
C GLU E 541 -74.80 1.62 79.85
N PHE E 542 -74.31 0.82 80.79
CA PHE E 542 -73.17 -0.03 80.45
C PHE E 542 -73.55 -1.05 79.39
N CYS E 543 -74.66 -1.78 79.61
CA CYS E 543 -75.06 -2.81 78.67
C CYS E 543 -75.32 -2.25 77.29
N LYS E 544 -75.55 -0.95 77.18
CA LYS E 544 -75.65 -0.31 75.86
C LYS E 544 -74.29 0.14 75.36
N ARG E 545 -73.38 0.53 76.25
CA ARG E 545 -72.05 0.95 75.83
C ARG E 545 -71.24 -0.24 75.30
N GLN E 546 -71.19 -1.33 76.05
CA GLN E 546 -70.63 -2.58 75.59
C GLN E 546 -71.74 -3.63 75.55
N GLY E 547 -71.92 -4.26 74.41
CA GLY E 547 -73.10 -5.05 74.17
C GLY E 547 -74.29 -4.12 73.97
N ARG E 548 -75.44 -4.76 73.83
CA ARG E 548 -76.71 -4.04 73.78
C ARG E 548 -77.67 -4.51 74.88
N GLN E 549 -77.67 -5.80 75.17
CA GLN E 549 -78.28 -6.34 76.39
C GLN E 549 -77.39 -7.51 76.78
N TYR E 550 -76.64 -7.34 77.88
CA TYR E 550 -75.48 -8.19 78.14
C TYR E 550 -75.64 -8.79 79.54
N GLN E 551 -76.40 -9.87 79.61
CA GLN E 551 -76.61 -10.65 80.84
C GLN E 551 -76.51 -9.78 82.09
N ALA E 552 -77.37 -8.76 82.16
CA ALA E 552 -77.43 -7.92 83.35
C ALA E 552 -77.82 -8.70 84.59
N GLU E 553 -78.51 -9.85 84.43
CA GLU E 553 -78.98 -10.58 85.60
C GLU E 553 -77.81 -11.05 86.47
N ASP E 554 -76.74 -11.55 85.85
CA ASP E 554 -75.59 -12.04 86.60
C ASP E 554 -74.35 -11.83 85.73
N LEU E 555 -73.59 -10.79 86.03
CA LEU E 555 -72.51 -10.32 85.17
C LEU E 555 -71.12 -10.55 85.77
N GLU E 556 -71.03 -11.23 86.92
CA GLU E 556 -69.73 -11.51 87.51
C GLU E 556 -68.85 -12.35 86.59
N ALA E 557 -69.45 -13.32 85.92
CA ALA E 557 -68.69 -14.22 85.04
C ALA E 557 -67.95 -13.43 83.97
N LEU E 558 -68.59 -12.40 83.43
CA LEU E 558 -67.93 -11.58 82.42
C LEU E 558 -66.75 -10.83 83.01
N GLN E 559 -66.87 -10.37 84.26
CA GLN E 559 -65.72 -9.74 84.91
C GLN E 559 -64.55 -10.72 85.01
N ASN E 560 -64.84 -11.97 85.39
CA ASN E 560 -63.77 -12.97 85.45
C ASN E 560 -63.13 -13.20 84.09
N GLU E 561 -63.95 -13.34 83.04
CA GLU E 561 -63.39 -13.57 81.71
C GLU E 561 -62.57 -12.38 81.24
N LEU E 562 -63.01 -11.17 81.56
CA LEU E 562 -62.25 -9.99 81.15
C LEU E 562 -60.92 -9.89 81.89
N GLU E 563 -60.89 -10.30 83.16
CA GLU E 563 -59.61 -10.40 83.86
C GLU E 563 -58.70 -11.43 83.19
N ALA E 564 -59.27 -12.56 82.79
CA ALA E 564 -58.48 -13.55 82.06
C ALA E 564 -57.94 -12.95 80.77
N ARG E 565 -58.74 -12.13 80.08
CA ARG E 565 -58.28 -11.48 78.87
C ARG E 565 -57.21 -10.43 79.15
N GLN E 566 -57.21 -9.82 80.34
CA GLN E 566 -56.09 -8.97 80.71
C GLN E 566 -54.81 -9.77 80.91
N GLU E 567 -54.93 -10.95 81.52
CA GLU E 567 -53.77 -11.84 81.57
C GLU E 567 -53.29 -12.18 80.16
N ALA E 568 -54.24 -12.44 79.25
CA ALA E 568 -53.89 -12.65 77.85
C ALA E 568 -53.19 -11.43 77.27
N LEU E 569 -53.61 -10.23 77.67
CA LEU E 569 -52.93 -9.02 77.23
C LEU E 569 -51.46 -9.07 77.62
N SER E 570 -51.19 -9.34 78.89
CA SER E 570 -49.79 -9.37 79.34
C SER E 570 -49.00 -10.41 78.55
N LEU E 571 -49.55 -11.62 78.43
CA LEU E 571 -48.85 -12.67 77.71
C LEU E 571 -48.57 -12.26 76.27
N SER E 572 -49.59 -11.80 75.56
CA SER E 572 -49.46 -11.46 74.15
C SER E 572 -48.44 -10.35 73.95
N VAL E 573 -48.53 -9.29 74.77
CA VAL E 573 -47.63 -8.15 74.55
C VAL E 573 -46.19 -8.55 74.82
N ASN E 574 -45.94 -9.28 75.91
CA ASN E 574 -44.56 -9.69 76.19
C ASN E 574 -44.03 -10.60 75.10
N GLU E 575 -44.81 -11.60 74.68
CA GLU E 575 -44.34 -12.52 73.65
C GLU E 575 -44.03 -11.78 72.36
N GLY E 576 -44.96 -10.93 71.92
CA GLY E 576 -44.75 -10.19 70.69
C GLY E 576 -43.52 -9.31 70.76
N GLY E 577 -43.36 -8.58 71.87
CA GLY E 577 -42.21 -7.69 71.98
C GLY E 577 -40.90 -8.46 71.93
N GLU E 578 -40.78 -9.51 72.75
CA GLU E 578 -39.50 -10.21 72.82
C GLU E 578 -39.19 -10.89 71.49
N ARG E 579 -40.19 -11.54 70.87
CA ARG E 579 -39.95 -12.20 69.59
C ARG E 579 -39.60 -11.20 68.50
N ARG E 580 -40.36 -10.11 68.37
CA ARG E 580 -40.08 -9.16 67.30
C ARG E 580 -38.70 -8.57 67.46
N MET E 581 -38.31 -8.23 68.69
CA MET E 581 -37.01 -7.61 68.88
C MET E 581 -35.87 -8.62 68.72
N GLU E 582 -36.10 -9.89 69.10
CA GLU E 582 -35.08 -10.91 68.88
C GLU E 582 -34.85 -11.15 67.39
N MET E 583 -35.92 -11.22 66.60
CA MET E 583 -35.72 -11.36 65.17
C MET E 583 -35.16 -10.09 64.54
N ARG E 584 -35.39 -8.93 65.15
CA ARG E 584 -34.68 -7.73 64.71
C ARG E 584 -33.18 -7.86 64.96
N GLN E 585 -32.80 -8.46 66.09
CA GLN E 585 -31.37 -8.71 66.32
C GLN E 585 -30.82 -9.71 65.30
N GLU E 586 -31.61 -10.70 64.93
CA GLU E 586 -31.20 -11.59 63.84
C GLU E 586 -31.00 -10.79 62.56
N LEU E 587 -31.88 -9.83 62.31
CA LEU E 587 -31.70 -8.93 61.16
C LEU E 587 -30.38 -8.18 61.26
N GLU E 588 -30.01 -7.73 62.46
CA GLU E 588 -28.73 -7.05 62.63
C GLU E 588 -27.57 -7.98 62.29
N GLN E 589 -27.64 -9.24 62.73
CA GLN E 589 -26.61 -10.21 62.35
C GLN E 589 -26.54 -10.35 60.83
N LEU E 590 -27.70 -10.46 60.18
CA LEU E 590 -27.74 -10.57 58.73
C LEU E 590 -27.14 -9.32 58.07
N LYS E 591 -27.37 -8.15 58.67
CA LYS E 591 -26.83 -6.91 58.13
C LYS E 591 -25.31 -6.91 58.19
N GLN E 592 -24.75 -7.26 59.34
CA GLN E 592 -23.30 -7.38 59.44
C GLN E 592 -22.76 -8.39 58.45
N LYS E 593 -23.46 -9.51 58.28
CA LYS E 593 -23.05 -10.49 57.28
C LYS E 593 -23.01 -9.87 55.89
N ILE E 594 -24.03 -9.10 55.54
CA ILE E 594 -24.06 -8.48 54.22
C ILE E 594 -22.89 -7.52 54.04
N GLN E 595 -22.57 -6.72 55.06
CA GLN E 595 -21.41 -5.85 54.93
C GLN E 595 -20.12 -6.66 54.73
N SER E 596 -19.95 -7.74 55.49
CA SER E 596 -18.74 -8.56 55.32
C SER E 596 -18.68 -9.12 53.91
N LEU E 597 -19.78 -9.70 53.45
CA LEU E 597 -19.81 -10.31 52.12
C LEU E 597 -19.54 -9.26 51.05
N THR E 598 -20.10 -8.06 51.22
CA THR E 598 -19.92 -7.01 50.23
C THR E 598 -18.47 -6.56 50.17
N ALA E 599 -17.83 -6.38 51.32
CA ALA E 599 -16.42 -6.01 51.32
C ALA E 599 -15.58 -7.09 50.63
N ARG E 600 -15.91 -8.36 50.88
CA ARG E 600 -15.14 -9.46 50.32
C ARG E 600 -15.36 -9.63 48.82
N ALA E 601 -16.56 -9.34 48.32
CA ALA E 601 -16.94 -9.70 46.94
C ALA E 601 -15.96 -9.26 45.85
N PRO E 602 -15.59 -7.99 45.73
CA PRO E 602 -14.84 -7.57 44.52
C PRO E 602 -13.52 -8.30 44.35
N VAL E 603 -12.83 -8.59 45.45
CA VAL E 603 -11.57 -9.31 45.38
C VAL E 603 -11.79 -10.69 44.80
N TRP E 604 -12.80 -11.40 45.32
CA TRP E 604 -13.10 -12.73 44.82
C TRP E 604 -13.45 -12.68 43.34
N LEU E 605 -14.19 -11.66 42.93
CA LEU E 605 -14.58 -11.59 41.52
C LEU E 605 -13.35 -11.37 40.62
N ALA E 606 -12.46 -10.44 41.00
CA ALA E 606 -11.25 -10.23 40.21
C ALA E 606 -10.44 -11.51 40.12
N ALA E 607 -10.28 -12.19 41.25
CA ALA E 607 -9.53 -13.43 41.27
C ALA E 607 -10.16 -14.46 40.34
N GLN E 608 -11.49 -14.58 40.37
CA GLN E 608 -12.15 -15.54 39.50
C GLN E 608 -11.96 -15.21 38.03
N ASP E 609 -12.03 -13.92 37.65
CA ASP E 609 -11.79 -13.61 36.24
C ASP E 609 -10.40 -14.04 35.81
N THR E 610 -9.39 -13.70 36.62
CA THR E 610 -8.04 -14.09 36.22
C THR E 610 -7.92 -15.62 36.14
N LEU E 611 -8.51 -16.32 37.10
CA LEU E 611 -8.42 -17.79 37.10
C LEU E 611 -9.08 -18.38 35.86
N ASN E 612 -10.28 -17.90 35.51
CA ASN E 612 -10.95 -18.42 34.34
C ASN E 612 -10.12 -18.18 33.08
N GLN E 613 -9.58 -16.96 32.94
CA GLN E 613 -8.74 -16.68 31.78
C GLN E 613 -7.56 -17.64 31.74
N LEU E 614 -6.92 -17.84 32.89
CA LEU E 614 -5.72 -18.67 32.94
C LEU E 614 -6.03 -20.10 32.55
N CYS E 615 -7.02 -20.71 33.18
CA CYS E 615 -7.28 -22.14 32.91
C CYS E 615 -7.83 -22.34 31.52
N GLU E 616 -8.66 -21.41 31.04
CA GLU E 616 -9.15 -21.52 29.66
C GLU E 616 -7.99 -21.40 28.68
N GLN E 617 -6.99 -20.60 29.00
CA GLN E 617 -5.80 -20.51 28.15
C GLN E 617 -5.10 -21.86 28.04
N SER E 618 -5.21 -22.69 29.08
CA SER E 618 -4.67 -24.05 29.04
C SER E 618 -5.76 -25.03 28.62
N GLY E 619 -5.33 -26.27 28.37
CA GLY E 619 -6.27 -27.31 28.00
C GLY E 619 -7.01 -27.92 29.16
N GLU E 620 -6.41 -27.91 30.34
CA GLU E 620 -6.98 -28.54 31.52
C GLU E 620 -7.62 -27.50 32.42
N THR E 621 -8.66 -27.91 33.14
CA THR E 621 -9.41 -27.02 34.02
C THR E 621 -9.04 -27.29 35.47
N LEU E 622 -8.67 -26.23 36.18
CA LEU E 622 -8.21 -26.32 37.56
C LEU E 622 -9.36 -26.19 38.54
N ALA E 623 -9.22 -26.85 39.69
CA ALA E 623 -10.26 -26.79 40.72
C ALA E 623 -9.77 -26.56 42.14
N SER E 624 -8.47 -26.64 42.41
CA SER E 624 -7.99 -26.51 43.78
C SER E 624 -6.51 -26.15 43.77
N SER E 625 -6.03 -25.72 44.94
CA SER E 625 -4.61 -25.34 45.07
C SER E 625 -3.71 -26.50 44.70
N ASN E 626 -3.96 -27.68 45.27
CA ASN E 626 -3.15 -28.85 44.97
C ASN E 626 -3.20 -29.17 43.48
N ASP E 627 -4.37 -28.98 42.87
CA ASP E 627 -4.50 -29.23 41.43
C ASP E 627 -3.58 -28.30 40.64
N VAL E 628 -3.54 -27.02 41.02
CA VAL E 628 -2.66 -26.07 40.35
C VAL E 628 -1.20 -26.52 40.50
N THR E 629 -0.83 -26.99 41.70
CA THR E 629 0.56 -27.43 41.90
C THR E 629 0.91 -28.60 40.99
N GLU E 630 0.04 -29.61 40.93
CA GLU E 630 0.33 -30.74 40.06
C GLU E 630 0.42 -30.30 38.60
N TYR E 631 -0.39 -29.33 38.20
CA TYR E 631 -0.26 -28.80 36.85
C TYR E 631 1.09 -28.11 36.66
N MET E 632 1.58 -27.41 37.68
CA MET E 632 2.96 -26.90 37.63
C MET E 632 3.94 -28.00 37.27
N GLN E 633 3.85 -29.14 37.98
CA GLN E 633 4.81 -30.21 37.75
C GLN E 633 4.74 -30.74 36.32
N GLN E 634 3.51 -30.97 35.81
CA GLN E 634 3.40 -31.40 34.42
C GLN E 634 4.01 -30.40 33.46
N LEU E 635 3.83 -29.11 33.75
CA LEU E 635 4.43 -28.08 32.90
C LEU E 635 5.94 -28.19 32.89
N LEU E 636 6.55 -28.44 34.06
CA LEU E 636 8.00 -28.60 34.12
C LEU E 636 8.45 -29.78 33.27
N GLU E 637 7.74 -30.90 33.34
CA GLU E 637 8.13 -32.06 32.55
C GLU E 637 8.11 -31.73 31.06
N ARG E 638 7.06 -31.04 30.61
CA ARG E 638 7.03 -30.67 29.19
C ARG E 638 8.18 -29.72 28.83
N GLU E 639 8.53 -28.80 29.73
CA GLU E 639 9.70 -27.97 29.46
C GLU E 639 10.92 -28.84 29.19
N ARG E 640 11.21 -29.77 30.10
CA ARG E 640 12.47 -30.49 30.03
C ARG E 640 12.47 -31.57 28.94
N GLU E 641 11.32 -31.89 28.35
CA GLU E 641 11.34 -32.73 27.15
C GLU E 641 11.56 -31.90 25.89
N ALA E 642 10.76 -30.83 25.74
CA ALA E 642 10.89 -29.98 24.56
C ALA E 642 12.30 -29.44 24.43
N THR E 643 12.94 -29.10 25.55
CA THR E 643 14.29 -28.56 25.49
C THR E 643 15.27 -29.58 24.92
N VAL E 644 15.10 -30.86 25.28
CA VAL E 644 15.99 -31.89 24.76
C VAL E 644 15.86 -31.99 23.25
N GLU E 645 14.63 -32.04 22.73
CA GLU E 645 14.51 -32.08 21.28
C GLU E 645 15.11 -30.83 20.64
N ARG E 646 14.89 -29.67 21.25
CA ARG E 646 15.44 -28.43 20.73
C ARG E 646 16.96 -28.50 20.62
N ASP E 647 17.61 -28.97 21.69
CA ASP E 647 19.07 -29.03 21.70
C ASP E 647 19.59 -30.04 20.69
N GLU E 648 18.94 -31.19 20.57
CA GLU E 648 19.42 -32.19 19.61
C GLU E 648 19.34 -31.66 18.19
N VAL E 649 18.22 -31.01 17.84
CA VAL E 649 18.11 -30.43 16.51
C VAL E 649 19.16 -29.35 16.32
N ALA E 650 19.46 -28.60 17.39
CA ALA E 650 20.52 -27.59 17.31
C ALA E 650 21.86 -28.24 16.98
N ALA E 651 22.15 -29.38 17.60
CA ALA E 651 23.40 -30.07 17.30
C ALA E 651 23.47 -30.48 15.84
N GLN E 652 22.37 -31.03 15.31
CA GLN E 652 22.37 -31.38 13.90
C GLN E 652 22.60 -30.16 13.01
N LYS E 653 21.95 -29.04 13.34
CA LYS E 653 22.11 -27.84 12.53
C LYS E 653 23.55 -27.34 12.55
N ARG E 654 24.18 -27.37 13.72
CA ARG E 654 25.58 -26.96 13.81
C ARG E 654 26.46 -27.85 12.95
N GLU E 655 26.22 -29.16 13.00
CA GLU E 655 27.01 -30.07 12.16
C GLU E 655 26.80 -29.74 10.69
N LEU E 656 25.57 -29.47 10.28
CA LEU E 656 25.31 -29.16 8.89
C LEU E 656 26.03 -27.89 8.44
N GLU E 657 25.98 -26.84 9.25
CA GLU E 657 26.69 -25.63 8.85
C GLU E 657 28.19 -25.88 8.77
N LYS E 658 28.75 -26.62 9.72
CA LYS E 658 30.18 -26.89 9.64
C LYS E 658 30.52 -27.67 8.38
N GLN E 659 29.69 -28.66 8.04
CA GLN E 659 29.93 -29.43 6.83
C GLN E 659 29.84 -28.55 5.58
N ILE E 660 28.83 -27.69 5.52
CA ILE E 660 28.69 -26.79 4.37
C ILE E 660 29.90 -25.88 4.27
N GLU E 661 30.35 -25.37 5.42
CA GLU E 661 31.41 -24.37 5.43
C GLU E 661 32.73 -24.95 4.93
N ARG E 662 32.98 -26.23 5.20
CA ARG E 662 34.21 -26.84 4.72
C ARG E 662 34.29 -26.86 3.20
N LEU E 663 33.16 -26.85 2.51
CA LEU E 663 33.10 -26.95 1.06
C LEU E 663 33.05 -25.61 0.36
N SER E 664 33.26 -24.52 1.11
CA SER E 664 32.93 -23.20 0.59
C SER E 664 34.03 -22.63 -0.32
N GLN E 665 35.25 -22.49 0.20
CA GLN E 665 36.17 -21.51 -0.36
C GLN E 665 37.59 -21.99 -0.14
N PRO E 666 38.55 -21.47 -0.93
CA PRO E 666 38.35 -20.81 -2.23
C PRO E 666 38.15 -21.93 -3.22
N SER E 667 38.95 -22.96 -2.96
CA SER E 667 38.74 -24.31 -3.46
C SER E 667 38.62 -25.16 -2.20
N GLY E 668 37.38 -25.45 -1.80
CA GLY E 668 37.07 -25.97 -0.48
C GLY E 668 38.10 -26.93 0.07
N ALA E 669 38.67 -26.58 1.21
CA ALA E 669 39.78 -27.32 1.79
C ALA E 669 39.92 -26.89 3.24
N GLU E 670 41.07 -27.18 3.84
CA GLU E 670 41.35 -26.75 5.20
C GLU E 670 41.81 -25.29 5.19
N ASP E 671 40.96 -24.44 4.64
CA ASP E 671 41.25 -23.05 4.29
C ASP E 671 41.82 -22.19 5.42
N SER E 672 41.69 -22.63 6.67
CA SER E 672 42.05 -21.76 7.78
C SER E 672 43.48 -21.24 7.62
N ARG E 673 44.42 -22.14 7.36
CA ARG E 673 45.82 -21.78 7.17
C ARG E 673 46.34 -22.05 5.76
N MET E 674 45.68 -22.94 5.01
CA MET E 674 46.25 -23.45 3.77
C MET E 674 46.48 -22.37 2.72
N ILE E 675 45.64 -21.34 2.68
CA ILE E 675 45.81 -20.31 1.65
C ILE E 675 47.10 -19.53 1.87
N ALA E 676 47.31 -19.07 3.10
CA ALA E 676 48.56 -18.42 3.44
C ALA E 676 49.73 -19.37 3.25
N LEU E 677 49.58 -20.63 3.66
CA LEU E 677 50.67 -21.59 3.46
C LEU E 677 50.94 -21.83 1.99
N ALA E 678 49.94 -21.63 1.13
CA ALA E 678 50.13 -21.83 -0.29
C ALA E 678 50.94 -20.70 -0.89
N GLU E 679 50.67 -19.47 -0.47
CA GLU E 679 51.47 -18.37 -1.00
C GLU E 679 52.81 -18.18 -0.30
N ARG E 680 52.97 -18.60 0.95
CA ARG E 680 54.25 -18.38 1.60
C ARG E 680 55.36 -19.22 0.98
N PHE E 681 55.01 -20.24 0.21
CA PHE E 681 55.96 -20.93 -0.66
C PHE E 681 55.55 -20.72 -2.10
N GLY E 682 56.51 -20.86 -3.00
CA GLY E 682 56.24 -20.66 -4.42
C GLY E 682 55.46 -21.82 -5.00
N GLY E 683 54.28 -22.11 -4.46
CA GLY E 683 53.53 -23.29 -4.82
C GLY E 683 52.06 -22.99 -5.07
N VAL E 684 51.34 -24.05 -5.42
CA VAL E 684 49.91 -23.99 -5.72
C VAL E 684 49.23 -25.17 -5.05
N LEU E 685 48.03 -24.93 -4.52
CA LEU E 685 47.27 -25.98 -3.87
C LEU E 685 46.83 -27.02 -4.90
N LEU E 686 47.06 -28.30 -4.57
CA LEU E 686 46.76 -29.37 -5.52
C LEU E 686 45.27 -29.41 -5.85
N SER E 687 44.41 -29.32 -4.84
CA SER E 687 42.98 -29.36 -5.10
C SER E 687 42.56 -28.26 -6.06
N GLU E 688 43.26 -27.13 -6.04
CA GLU E 688 42.94 -26.05 -6.96
C GLU E 688 43.38 -26.39 -8.38
N ILE E 689 44.50 -27.11 -8.53
CA ILE E 689 44.93 -27.54 -9.85
C ILE E 689 43.90 -28.49 -10.45
N TYR E 690 43.26 -29.32 -9.62
CA TYR E 690 42.24 -30.26 -10.06
C TYR E 690 40.83 -29.68 -9.89
N ASP E 691 40.69 -28.37 -9.98
CA ASP E 691 39.37 -27.76 -9.84
C ASP E 691 38.41 -28.22 -10.94
N ASP E 692 38.92 -28.44 -12.14
CA ASP E 692 38.06 -28.56 -13.31
C ASP E 692 37.69 -30.00 -13.65
N ILE E 693 38.18 -30.99 -12.90
CA ILE E 693 38.01 -32.37 -13.33
C ILE E 693 36.54 -32.78 -13.29
N THR E 694 36.19 -33.68 -14.21
CA THR E 694 34.81 -34.13 -14.35
C THR E 694 34.42 -35.06 -13.22
N ILE E 695 33.10 -35.28 -13.11
CA ILE E 695 32.56 -36.12 -12.05
C ILE E 695 32.99 -37.56 -12.19
N ASP E 696 33.26 -38.02 -13.41
CA ASP E 696 33.61 -39.42 -13.65
C ASP E 696 35.02 -39.73 -13.14
N ASP E 697 35.97 -38.82 -13.36
CA ASP E 697 37.33 -39.03 -12.87
C ASP E 697 37.54 -38.55 -11.45
N ALA E 698 36.59 -37.79 -10.88
CA ALA E 698 36.74 -37.29 -9.52
C ALA E 698 36.95 -38.40 -8.50
N PRO E 699 36.11 -39.44 -8.45
CA PRO E 699 36.35 -40.48 -7.45
C PRO E 699 37.67 -41.20 -7.65
N TYR E 700 38.05 -41.48 -8.89
CA TYR E 700 39.34 -42.09 -9.14
C TYR E 700 40.46 -41.24 -8.58
N PHE E 701 40.49 -39.96 -8.92
CA PHE E 701 41.58 -39.11 -8.45
C PHE E 701 41.58 -38.99 -6.94
N SER E 702 40.40 -38.88 -6.34
CA SER E 702 40.34 -38.75 -4.89
C SER E 702 40.88 -39.99 -4.20
N ALA E 703 40.57 -41.18 -4.75
CA ALA E 703 41.16 -42.39 -4.21
C ALA E 703 42.67 -42.42 -4.43
N LEU E 704 43.12 -42.00 -5.62
CA LEU E 704 44.54 -42.05 -5.93
C LEU E 704 45.34 -41.20 -4.96
N TYR E 705 44.96 -39.94 -4.79
CA TYR E 705 45.76 -39.03 -3.99
C TYR E 705 45.57 -39.21 -2.48
N GLY E 706 44.49 -39.85 -2.05
CA GLY E 706 44.32 -40.18 -0.66
C GLY E 706 44.43 -38.98 0.26
N PRO E 707 45.14 -39.14 1.38
CA PRO E 707 45.30 -38.00 2.29
C PRO E 707 45.99 -36.81 1.67
N ALA E 708 46.80 -37.01 0.64
CA ALA E 708 47.57 -35.93 0.04
C ALA E 708 46.75 -35.07 -0.92
N ARG E 709 45.44 -35.28 -1.03
CA ARG E 709 44.65 -34.50 -1.97
C ARG E 709 44.88 -33.01 -1.76
N HIS E 710 44.89 -32.58 -0.51
CA HIS E 710 45.01 -31.16 -0.16
C HIS E 710 46.43 -30.75 0.21
N GLY E 711 47.44 -31.37 -0.39
CA GLY E 711 48.80 -30.88 -0.27
C GLY E 711 49.07 -29.71 -1.20
N ILE E 712 50.31 -29.22 -1.14
CA ILE E 712 50.77 -28.09 -1.95
C ILE E 712 51.83 -28.57 -2.91
N VAL E 713 51.80 -28.07 -4.14
CA VAL E 713 52.83 -28.36 -5.13
C VAL E 713 53.94 -27.32 -5.03
N VAL E 714 55.17 -27.78 -4.86
CA VAL E 714 56.33 -26.89 -4.76
C VAL E 714 57.51 -27.54 -5.51
N PRO E 715 58.03 -26.91 -6.56
CA PRO E 715 58.90 -27.65 -7.49
C PRO E 715 60.29 -28.02 -6.95
N ASP E 716 60.75 -27.45 -5.83
CA ASP E 716 62.08 -27.80 -5.32
C ASP E 716 62.09 -28.56 -4.01
N LEU E 717 61.32 -28.13 -3.01
CA LEU E 717 61.23 -28.82 -1.72
C LEU E 717 62.49 -28.70 -0.88
N SER E 718 63.54 -28.06 -1.40
CA SER E 718 64.68 -27.70 -0.58
C SER E 718 64.60 -26.26 -0.10
N LEU E 719 63.88 -25.41 -0.83
CA LEU E 719 63.70 -24.03 -0.40
C LEU E 719 62.80 -23.95 0.83
N VAL E 720 61.93 -24.94 1.02
CA VAL E 720 61.13 -24.98 2.23
C VAL E 720 61.94 -25.42 3.44
N ARG E 721 63.01 -26.18 3.24
CA ARG E 721 63.73 -26.74 4.39
C ARG E 721 64.14 -25.67 5.40
N PRO E 722 64.64 -24.49 5.02
CA PRO E 722 64.87 -23.46 6.03
C PRO E 722 63.58 -22.90 6.62
N HIS E 723 62.56 -22.66 5.80
CA HIS E 723 61.31 -22.11 6.32
C HIS E 723 60.63 -23.04 7.31
N LEU E 724 60.88 -24.35 7.19
CA LEU E 724 60.02 -25.33 7.83
C LEU E 724 59.99 -25.18 9.34
N GLU E 725 61.14 -24.92 9.97
CA GLU E 725 61.18 -24.86 11.43
C GLU E 725 60.17 -23.86 11.97
N THR E 726 59.82 -22.85 11.18
CA THR E 726 58.89 -21.82 11.63
C THR E 726 57.45 -22.30 11.65
N LEU E 727 57.12 -23.40 10.97
CA LEU E 727 55.73 -23.83 10.90
C LEU E 727 55.25 -24.37 12.23
N GLU E 728 54.70 -23.48 13.05
CA GLU E 728 54.02 -23.85 14.27
C GLU E 728 52.51 -23.76 14.14
N ASP E 729 52.02 -23.15 13.06
CA ASP E 729 50.60 -22.91 12.82
C ASP E 729 50.24 -23.54 11.47
N CYS E 730 49.78 -24.78 11.50
CA CYS E 730 49.51 -25.52 10.28
C CYS E 730 48.71 -26.76 10.64
N PRO E 731 48.06 -27.39 9.67
CA PRO E 731 47.38 -28.66 9.95
C PRO E 731 48.37 -29.69 10.47
N GLU E 732 47.86 -30.62 11.28
CA GLU E 732 48.76 -31.55 11.97
C GLU E 732 49.53 -32.42 11.00
N ASP E 733 49.10 -32.51 9.74
CA ASP E 733 49.79 -33.31 8.74
C ASP E 733 49.76 -32.55 7.41
N LEU E 734 50.89 -31.96 7.05
CA LEU E 734 51.02 -31.17 5.85
C LEU E 734 51.71 -31.98 4.76
N TYR E 735 51.20 -31.88 3.54
CA TYR E 735 51.71 -32.65 2.40
C TYR E 735 52.28 -31.70 1.36
N LEU E 736 53.46 -32.04 0.85
CA LEU E 736 54.16 -31.23 -0.14
C LEU E 736 54.56 -32.11 -1.32
N ILE E 737 54.42 -31.58 -2.52
CA ILE E 737 54.70 -32.33 -3.74
C ILE E 737 55.54 -31.46 -4.66
N GLU E 738 56.40 -32.11 -5.45
CA GLU E 738 57.31 -31.43 -6.34
C GLU E 738 56.86 -31.63 -7.78
N GLY E 739 56.80 -30.54 -8.53
CA GLY E 739 56.44 -30.61 -9.94
C GLY E 739 56.10 -29.22 -10.44
N ASP E 740 55.85 -29.14 -11.73
CA ASP E 740 55.51 -27.87 -12.33
C ASP E 740 54.09 -27.49 -11.94
N PRO E 741 53.88 -26.40 -11.20
CA PRO E 741 52.50 -26.05 -10.82
C PRO E 741 51.60 -25.80 -12.01
N GLN E 742 52.11 -25.24 -13.10
CA GLN E 742 51.26 -24.92 -14.24
C GLN E 742 50.88 -26.14 -15.08
N SER E 743 51.80 -27.09 -15.24
CA SER E 743 51.56 -28.28 -16.06
C SER E 743 52.02 -29.52 -15.30
N PHE E 744 51.66 -29.58 -14.03
CA PHE E 744 52.04 -30.66 -13.13
C PHE E 744 51.79 -32.03 -13.74
N ASP E 745 52.86 -32.83 -13.84
CA ASP E 745 52.75 -34.21 -14.32
C ASP E 745 52.27 -35.11 -13.19
N ASP E 746 51.56 -36.18 -13.56
CA ASP E 746 51.13 -37.16 -12.57
C ASP E 746 52.29 -37.55 -11.67
N SER E 747 52.17 -37.24 -10.39
CA SER E 747 53.18 -37.61 -9.42
C SER E 747 53.55 -39.08 -9.59
N VAL E 748 54.84 -39.36 -9.67
CA VAL E 748 55.27 -40.75 -9.80
C VAL E 748 54.74 -41.53 -8.61
N PHE E 749 53.70 -42.32 -8.86
CA PHE E 749 53.14 -43.22 -7.87
C PHE E 749 53.34 -44.63 -8.40
N ASN E 750 53.56 -45.58 -7.49
CA ASN E 750 53.57 -46.97 -7.92
C ASN E 750 52.12 -47.45 -7.95
N ALA E 751 51.28 -46.71 -8.65
CA ALA E 751 49.84 -46.92 -8.59
C ALA E 751 49.43 -48.11 -9.44
N GLU E 752 48.28 -48.69 -9.09
CA GLU E 752 47.76 -49.85 -9.81
C GLU E 752 46.25 -49.87 -9.66
N GLU E 753 45.54 -49.69 -10.77
CA GLU E 753 44.09 -49.66 -10.74
C GLU E 753 43.53 -51.06 -10.48
N GLN E 754 42.50 -51.14 -9.65
CA GLN E 754 41.78 -52.37 -9.37
C GLN E 754 40.29 -52.08 -9.44
N THR E 755 39.48 -53.14 -9.31
CA THR E 755 38.04 -52.98 -9.33
C THR E 755 37.60 -52.00 -8.26
N ASN E 756 37.12 -50.83 -8.68
CA ASN E 756 36.54 -49.85 -7.76
C ASN E 756 37.52 -49.50 -6.63
N ALA E 757 38.81 -49.57 -6.90
CA ALA E 757 39.82 -49.25 -5.90
C ALA E 757 41.17 -49.09 -6.58
N VAL E 758 42.14 -48.59 -5.82
CA VAL E 758 43.49 -48.33 -6.32
C VAL E 758 44.50 -48.78 -5.28
N LEU E 759 45.54 -49.48 -5.74
CA LEU E 759 46.67 -49.86 -4.91
C LEU E 759 47.86 -48.97 -5.23
N VAL E 760 48.66 -48.65 -4.21
CA VAL E 760 49.84 -47.82 -4.39
C VAL E 760 50.92 -48.26 -3.42
N LYS E 761 52.16 -48.30 -3.91
CA LYS E 761 53.33 -48.47 -3.05
C LYS E 761 53.85 -47.09 -2.67
N SER E 762 53.69 -46.72 -1.40
CA SER E 762 54.16 -45.43 -0.94
C SER E 762 55.66 -45.44 -0.70
N SER E 763 56.19 -46.53 -0.15
CA SER E 763 57.59 -46.63 0.21
C SER E 763 57.98 -48.10 0.19
N ASP E 764 59.28 -48.35 0.22
CA ASP E 764 59.77 -49.71 0.39
C ASP E 764 59.16 -50.31 1.65
N ARG E 765 58.48 -51.44 1.49
CA ARG E 765 57.77 -52.11 2.58
C ARG E 765 56.54 -51.33 3.05
N GLN E 766 55.93 -50.53 2.17
CA GLN E 766 54.68 -49.85 2.48
C GLN E 766 53.77 -49.80 1.25
N TRP E 767 52.49 -50.09 1.47
CA TRP E 767 51.43 -50.03 0.47
C TRP E 767 50.18 -49.41 1.07
N ARG E 768 49.41 -48.69 0.23
CA ARG E 768 48.11 -48.15 0.61
C ARG E 768 47.08 -48.62 -0.41
N TYR E 769 45.87 -48.94 0.08
CA TYR E 769 44.77 -49.42 -0.76
C TYR E 769 43.54 -48.56 -0.48
N SER E 770 43.10 -47.81 -1.49
CA SER E 770 42.03 -46.85 -1.35
C SER E 770 40.82 -47.29 -2.17
N ARG E 771 39.66 -47.38 -1.51
CA ARG E 771 38.41 -47.66 -2.19
C ARG E 771 37.77 -46.38 -2.71
N TYR E 772 37.15 -46.47 -3.88
CA TYR E 772 36.48 -45.34 -4.54
C TYR E 772 35.45 -44.72 -3.61
N PRO E 773 35.63 -43.49 -3.17
CA PRO E 773 34.57 -42.80 -2.44
C PRO E 773 33.52 -42.23 -3.37
N GLU E 774 32.40 -41.81 -2.78
CA GLU E 774 31.33 -41.12 -3.49
C GLU E 774 31.22 -39.67 -3.02
N LEU E 775 31.07 -38.77 -3.99
CA LEU E 775 31.03 -37.32 -3.76
C LEU E 775 32.36 -36.86 -3.17
N PRO E 776 33.42 -36.84 -3.99
CA PRO E 776 34.76 -36.57 -3.46
C PRO E 776 35.12 -35.11 -3.25
N LEU E 777 36.41 -34.88 -3.02
CA LEU E 777 36.98 -33.54 -2.87
C LEU E 777 37.23 -32.89 -4.23
N PHE E 778 38.09 -33.49 -5.05
CA PHE E 778 38.42 -32.92 -6.34
C PHE E 778 37.17 -32.72 -7.18
N GLY E 779 37.34 -32.05 -8.30
CA GLY E 779 36.23 -31.72 -9.15
C GLY E 779 35.30 -30.74 -8.48
N ARG E 780 35.85 -29.65 -7.96
CA ARG E 780 35.03 -28.66 -7.28
C ARG E 780 34.27 -27.81 -8.27
N ALA E 781 33.51 -28.47 -9.14
CA ALA E 781 32.45 -27.82 -9.90
C ALA E 781 31.11 -28.37 -9.44
N ALA E 782 30.94 -29.69 -9.39
CA ALA E 782 29.71 -30.27 -8.88
C ALA E 782 29.71 -30.42 -7.36
N ARG E 783 30.84 -30.24 -6.70
CA ARG E 783 30.79 -30.25 -5.24
C ARG E 783 29.97 -29.08 -4.74
N GLU E 784 29.87 -28.03 -5.55
CA GLU E 784 28.82 -27.04 -5.35
C GLU E 784 27.44 -27.68 -5.47
N ASN E 785 27.29 -28.67 -6.35
CA ASN E 785 26.03 -29.40 -6.42
C ASN E 785 25.71 -30.05 -5.08
N ARG E 786 26.70 -30.68 -4.46
CA ARG E 786 26.40 -31.33 -3.19
C ARG E 786 26.14 -30.30 -2.09
N LEU E 787 26.87 -29.19 -2.09
CA LEU E 787 26.56 -28.21 -1.04
C LEU E 787 25.21 -27.57 -1.27
N GLU E 788 24.74 -27.53 -2.53
CA GLU E 788 23.37 -27.13 -2.79
C GLU E 788 22.40 -28.11 -2.14
N ALA E 789 22.67 -29.40 -2.30
CA ALA E 789 21.84 -30.39 -1.61
C ALA E 789 21.88 -30.17 -0.10
N LEU E 790 23.04 -29.85 0.44
CA LEU E 790 23.16 -29.61 1.88
C LEU E 790 22.39 -28.37 2.31
N ASN E 791 22.39 -27.31 1.51
CA ASN E 791 21.57 -26.14 1.83
C ASN E 791 20.11 -26.52 1.89
N LEU E 792 19.66 -27.30 0.90
CA LEU E 792 18.27 -27.76 0.92
C LEU E 792 17.99 -28.56 2.18
N GLU E 793 18.95 -29.39 2.60
CA GLU E 793 18.77 -30.17 3.82
C GLU E 793 18.68 -29.27 5.06
N ARG E 794 19.56 -28.26 5.13
CA ARG E 794 19.65 -27.44 6.33
C ARG E 794 18.46 -26.51 6.48
N ASP E 795 17.79 -26.17 5.37
CA ASP E 795 16.58 -25.36 5.47
C ASP E 795 15.55 -26.01 6.41
N ALA E 796 15.33 -27.32 6.24
CA ALA E 796 14.36 -28.02 7.06
C ALA E 796 14.74 -27.98 8.53
N LEU E 797 16.03 -28.17 8.83
CA LEU E 797 16.46 -28.13 10.22
C LEU E 797 16.22 -26.74 10.81
N ALA E 798 16.49 -25.69 10.05
CA ALA E 798 16.24 -24.35 10.57
C ALA E 798 14.75 -24.16 10.89
N GLU E 799 13.88 -24.59 9.98
CA GLU E 799 12.45 -24.45 10.20
C GLU E 799 12.02 -25.21 11.46
N ARG E 800 12.43 -26.47 11.57
CA ARG E 800 12.01 -27.30 12.69
C ARG E 800 12.53 -26.72 14.00
N TYR E 801 13.77 -26.24 14.00
CA TYR E 801 14.34 -25.63 15.20
C TYR E 801 13.55 -24.39 15.59
N ALA E 802 13.13 -23.59 14.61
CA ALA E 802 12.31 -22.42 14.92
C ALA E 802 11.05 -22.84 15.66
N THR E 803 10.34 -23.85 15.14
CA THR E 803 9.12 -24.26 15.82
C THR E 803 9.39 -24.75 17.23
N LEU E 804 10.45 -25.54 17.42
CA LEU E 804 10.73 -26.08 18.75
C LEU E 804 11.07 -24.96 19.74
N SER E 805 11.86 -23.98 19.31
CA SER E 805 12.19 -22.87 20.19
C SER E 805 10.94 -22.10 20.57
N PHE E 806 10.05 -21.88 19.60
CA PHE E 806 8.79 -21.19 19.90
C PHE E 806 8.02 -21.95 20.97
N ASP E 807 7.95 -23.28 20.84
CA ASP E 807 7.21 -24.07 21.81
C ASP E 807 7.82 -23.94 23.21
N VAL E 808 9.15 -24.00 23.30
CA VAL E 808 9.79 -23.87 24.61
C VAL E 808 9.47 -22.52 25.24
N GLN E 809 9.53 -21.46 24.44
CA GLN E 809 9.20 -20.14 24.99
C GLN E 809 7.76 -20.10 25.47
N LYS E 810 6.84 -20.72 24.73
CA LYS E 810 5.45 -20.75 25.16
C LYS E 810 5.32 -21.42 26.53
N ILE E 811 5.99 -22.56 26.71
CA ILE E 811 5.90 -23.25 27.99
C ILE E 811 6.46 -22.37 29.11
N GLN E 812 7.61 -21.74 28.86
CA GLN E 812 8.22 -20.93 29.90
C GLN E 812 7.31 -19.79 30.32
N ARG E 813 6.70 -19.11 29.33
CA ARG E 813 5.79 -18.03 29.68
C ARG E 813 4.55 -18.54 30.39
N ALA E 814 4.07 -19.74 30.06
CA ALA E 814 2.94 -20.28 30.80
C ALA E 814 3.28 -20.48 32.27
N HIS E 815 4.47 -21.01 32.55
CA HIS E 815 4.89 -21.13 33.94
C HIS E 815 4.99 -19.77 34.60
N GLN E 816 5.53 -18.77 33.89
CA GLN E 816 5.61 -17.43 34.44
C GLN E 816 4.22 -16.91 34.80
N ALA E 817 3.24 -17.16 33.94
CA ALA E 817 1.88 -16.70 34.19
C ALA E 817 1.32 -17.34 35.45
N PHE E 818 1.48 -18.66 35.59
CA PHE E 818 0.97 -19.32 36.79
C PHE E 818 1.65 -18.81 38.05
N SER E 819 2.97 -18.57 37.99
CA SER E 819 3.67 -18.06 39.16
C SER E 819 3.16 -16.67 39.52
N GLN E 820 3.01 -15.78 38.54
CA GLN E 820 2.47 -14.45 38.78
C GLN E 820 1.11 -14.56 39.44
N PHE E 821 0.27 -15.45 38.89
CA PHE E 821 -1.06 -15.69 39.42
C PHE E 821 -0.99 -16.03 40.90
N VAL E 822 -0.25 -17.08 41.25
CA VAL E 822 -0.26 -17.50 42.64
C VAL E 822 0.34 -16.42 43.53
N GLY E 823 1.28 -15.63 43.00
CA GLY E 823 1.82 -14.53 43.78
C GLY E 823 0.75 -13.53 44.16
N LYS E 824 -0.20 -13.30 43.25
CA LYS E 824 -1.20 -12.24 43.43
C LYS E 824 -2.60 -12.73 43.78
N HIS E 825 -2.83 -14.03 43.91
CA HIS E 825 -4.18 -14.58 43.77
C HIS E 825 -4.66 -15.50 44.89
N LEU E 826 -3.79 -16.33 45.48
CA LEU E 826 -4.27 -17.41 46.35
C LEU E 826 -5.09 -16.93 47.54
N SER E 827 -4.95 -15.68 47.95
CA SER E 827 -5.60 -15.26 49.19
C SER E 827 -7.11 -15.55 49.16
N VAL E 828 -7.70 -15.63 47.97
CA VAL E 828 -9.14 -15.79 47.84
C VAL E 828 -9.50 -16.85 46.80
N ALA E 829 -8.51 -17.59 46.31
CA ALA E 829 -8.76 -18.54 45.24
C ALA E 829 -9.75 -19.62 45.68
N PHE E 830 -10.59 -20.04 44.74
CA PHE E 830 -11.49 -21.18 44.89
C PHE E 830 -12.47 -21.04 46.04
N ASP E 831 -12.72 -19.84 46.53
CA ASP E 831 -13.67 -19.68 47.61
C ASP E 831 -15.10 -19.64 47.07
N THR E 832 -16.06 -19.73 47.98
CA THR E 832 -17.47 -19.80 47.60
C THR E 832 -17.97 -18.45 47.06
N ASP E 833 -18.93 -18.52 46.14
CA ASP E 833 -19.38 -17.35 45.38
C ASP E 833 -20.18 -16.40 46.27
N PRO E 834 -19.81 -15.12 46.37
CA PRO E 834 -20.57 -14.21 47.23
C PRO E 834 -21.90 -13.75 46.64
N GLU E 835 -22.02 -13.67 45.31
CA GLU E 835 -23.29 -13.27 44.72
C GLU E 835 -24.43 -14.13 45.27
N ALA E 836 -24.23 -15.45 45.28
CA ALA E 836 -25.26 -16.36 45.77
C ALA E 836 -25.66 -16.01 47.20
N GLU E 837 -24.68 -15.87 48.08
CA GLU E 837 -24.99 -15.73 49.50
C GLU E 837 -25.61 -14.38 49.79
N ILE E 838 -25.16 -13.33 49.09
CA ILE E 838 -25.78 -12.03 49.22
C ILE E 838 -27.23 -12.10 48.77
N ARG E 839 -27.49 -12.81 47.66
CA ARG E 839 -28.87 -12.92 47.20
C ARG E 839 -29.71 -13.60 48.27
N GLU E 840 -29.17 -14.66 48.87
CA GLU E 840 -29.90 -15.38 49.92
C GLU E 840 -30.21 -14.48 51.11
N LEU E 841 -29.22 -13.73 51.58
CA LEU E 841 -29.47 -12.89 52.74
C LEU E 841 -30.46 -11.78 52.42
N ARG E 842 -30.49 -11.31 51.18
CA ARG E 842 -31.53 -10.34 50.83
C ARG E 842 -32.92 -10.99 50.78
N GLN E 843 -33.00 -12.26 50.37
CA GLN E 843 -34.27 -12.98 50.52
C GLN E 843 -34.69 -13.03 51.99
N ARG E 844 -33.73 -13.34 52.87
CA ARG E 844 -34.02 -13.37 54.31
C ARG E 844 -34.50 -12.02 54.81
N HIS E 845 -33.85 -10.94 54.37
CA HIS E 845 -34.30 -9.61 54.76
C HIS E 845 -35.73 -9.36 54.31
N THR E 846 -36.07 -9.76 53.09
CA THR E 846 -37.43 -9.54 52.60
C THR E 846 -38.45 -10.26 53.48
N GLU E 847 -38.24 -11.55 53.70
CA GLU E 847 -39.20 -12.31 54.51
C GLU E 847 -39.24 -11.80 55.94
N LEU E 848 -38.10 -11.40 56.49
CA LEU E 848 -38.06 -10.86 57.83
C LEU E 848 -38.81 -9.55 57.93
N GLU E 849 -38.73 -8.72 56.90
CA GLU E 849 -39.53 -7.49 56.89
C GLU E 849 -41.01 -7.81 56.91
N ARG E 850 -41.42 -8.82 56.13
CA ARG E 850 -42.84 -9.21 56.19
C ARG E 850 -43.23 -9.66 57.59
N GLU E 851 -42.37 -10.45 58.24
CA GLU E 851 -42.68 -10.94 59.58
C GLU E 851 -42.71 -9.80 60.59
N VAL E 852 -41.82 -8.82 60.44
CA VAL E 852 -41.84 -7.65 61.31
C VAL E 852 -43.19 -6.93 61.18
N SER E 853 -43.66 -6.78 59.94
CA SER E 853 -44.96 -6.16 59.73
C SER E 853 -46.04 -6.93 60.47
N ARG E 854 -46.02 -8.26 60.37
CA ARG E 854 -47.03 -9.08 61.04
C ARG E 854 -46.96 -8.90 62.56
N PHE E 855 -45.76 -8.94 63.14
CA PHE E 855 -45.64 -8.74 64.58
C PHE E 855 -46.21 -7.40 65.00
N GLU E 856 -45.87 -6.33 64.28
CA GLU E 856 -46.33 -5.01 64.67
C GLU E 856 -47.85 -4.91 64.61
N ASP E 857 -48.43 -5.41 63.52
CA ASP E 857 -49.89 -5.40 63.40
C ASP E 857 -50.53 -6.15 64.57
N GLN E 858 -50.03 -7.35 64.86
CA GLN E 858 -50.64 -8.18 65.89
C GLN E 858 -50.55 -7.51 67.25
N THR E 859 -49.36 -7.00 67.61
CA THR E 859 -49.22 -6.36 68.92
C THR E 859 -50.12 -5.14 69.05
N GLN E 860 -50.17 -4.30 68.01
CA GLN E 860 -51.01 -3.12 68.08
C GLN E 860 -52.47 -3.51 68.29
N GLN E 861 -52.97 -4.42 67.45
CA GLN E 861 -54.37 -4.81 67.53
C GLN E 861 -54.71 -5.39 68.90
N GLN E 862 -53.87 -6.31 69.40
CA GLN E 862 -54.17 -6.94 70.68
C GLN E 862 -54.14 -5.93 71.82
N ARG E 863 -53.18 -5.01 71.81
CA ARG E 863 -53.14 -4.04 72.90
C ARG E 863 -54.36 -3.14 72.87
N GLN E 864 -54.78 -2.66 71.70
CA GLN E 864 -56.00 -1.86 71.65
C GLN E 864 -57.22 -2.64 72.14
N GLN E 865 -57.41 -3.86 71.62
CA GLN E 865 -58.59 -4.64 71.98
C GLN E 865 -58.65 -4.88 73.49
N TYR E 866 -57.55 -5.37 74.05
CA TYR E 866 -57.57 -5.65 75.49
C TYR E 866 -57.62 -4.37 76.32
N ALA E 867 -57.16 -3.24 75.77
CA ALA E 867 -57.31 -1.99 76.51
C ALA E 867 -58.77 -1.56 76.61
N GLN E 868 -59.52 -1.66 75.51
CA GLN E 868 -60.95 -1.38 75.59
C GLN E 868 -61.65 -2.37 76.53
N ALA E 869 -61.22 -3.63 76.50
CA ALA E 869 -61.76 -4.61 77.44
C ALA E 869 -61.50 -4.19 78.88
N LYS E 870 -60.28 -3.70 79.15
CA LYS E 870 -59.95 -3.22 80.49
C LYS E 870 -60.84 -2.06 80.90
N GLU E 871 -61.09 -1.14 79.98
CA GLU E 871 -61.96 0.00 80.31
C GLU E 871 -63.36 -0.47 80.67
N SER E 872 -63.91 -1.41 79.91
CA SER E 872 -65.24 -1.93 80.22
C SER E 872 -65.24 -2.66 81.57
N LEU E 873 -64.18 -3.43 81.84
CA LEU E 873 -64.08 -4.13 83.12
C LEU E 873 -64.06 -3.15 84.28
N THR E 874 -63.30 -2.06 84.14
CA THR E 874 -63.22 -1.08 85.23
C THR E 874 -64.56 -0.39 85.42
N THR E 875 -65.26 -0.07 84.33
CA THR E 875 -66.61 0.51 84.49
C THR E 875 -67.53 -0.45 85.23
N LEU E 876 -67.48 -1.75 84.91
CA LEU E 876 -68.32 -2.71 85.63
C LEU E 876 -67.96 -2.77 87.11
N ASN E 877 -66.69 -2.97 87.43
CA ASN E 877 -66.31 -3.11 88.83
C ASN E 877 -66.30 -1.77 89.57
N ARG E 878 -66.57 -0.67 88.87
CA ARG E 878 -66.80 0.61 89.52
C ARG E 878 -68.28 0.82 89.83
N LEU E 879 -69.13 0.75 88.80
CA LEU E 879 -70.51 1.16 88.93
C LEU E 879 -71.39 0.06 89.52
N ILE E 880 -71.21 -1.18 89.11
CA ILE E 880 -72.09 -2.27 89.55
C ILE E 880 -71.29 -3.50 89.97
N PRO E 881 -70.37 -3.36 90.94
CA PRO E 881 -69.72 -4.56 91.52
C PRO E 881 -70.61 -5.28 92.53
N GLN E 882 -71.50 -6.15 92.05
CA GLN E 882 -72.47 -6.87 92.87
C GLN E 882 -73.55 -5.95 93.43
N VAL E 883 -73.61 -4.70 92.98
CA VAL E 883 -74.74 -3.84 93.32
C VAL E 883 -76.02 -4.42 92.72
N THR E 884 -75.89 -5.19 91.64
CA THR E 884 -77.05 -5.87 91.08
C THR E 884 -77.67 -6.83 92.08
N LEU E 885 -76.84 -7.45 92.94
CA LEU E 885 -77.37 -8.33 93.96
C LEU E 885 -78.09 -7.56 95.06
N LEU E 886 -77.62 -6.35 95.37
CA LEU E 886 -78.38 -5.49 96.27
C LEU E 886 -79.73 -5.14 95.66
N LEU E 887 -79.74 -4.86 94.36
CA LEU E 887 -80.99 -4.62 93.66
C LEU E 887 -81.83 -5.88 93.59
N ASP E 888 -81.22 -7.00 93.19
CA ASP E 888 -81.87 -8.32 93.19
C ASP E 888 -83.14 -8.35 92.34
N GLU E 889 -83.33 -7.36 91.48
CA GLU E 889 -84.52 -7.32 90.62
C GLU E 889 -85.79 -7.46 91.44
N THR E 890 -85.81 -6.81 92.61
CA THR E 890 -86.91 -7.03 93.56
C THR E 890 -88.22 -6.43 93.05
N LEU E 891 -88.18 -5.20 92.55
CA LEU E 891 -89.39 -4.48 92.14
C LEU E 891 -90.38 -4.42 93.30
N ILE E 892 -89.99 -3.70 94.34
CA ILE E 892 -90.77 -3.68 95.59
C ILE E 892 -92.16 -3.10 95.35
N ASP E 893 -92.23 -1.92 94.72
CA ASP E 893 -93.51 -1.27 94.42
C ASP E 893 -94.41 -1.15 95.66
N ARG E 894 -93.81 -0.90 96.82
CA ARG E 894 -94.58 -0.80 98.06
C ARG E 894 -94.68 0.61 98.63
N VAL E 895 -94.04 1.61 98.03
CA VAL E 895 -94.18 2.97 98.52
C VAL E 895 -95.63 3.43 98.41
N GLU E 896 -96.34 2.98 97.37
CA GLU E 896 -97.75 3.34 97.24
C GLU E 896 -98.56 2.78 98.40
N GLU E 897 -98.32 1.53 98.77
CA GLU E 897 -99.04 0.94 99.90
C GLU E 897 -98.70 1.66 101.19
N VAL E 898 -97.43 2.01 101.40
CA VAL E 898 -97.04 2.75 102.60
C VAL E 898 -97.72 4.12 102.61
N ARG E 899 -97.89 4.74 101.45
CA ARG E 899 -98.61 6.01 101.38
C ARG E 899 -100.07 5.82 101.71
N GLU E 900 -100.67 4.71 101.29
CA GLU E 900 -102.06 4.45 101.66
C GLU E 900 -102.21 4.19 103.14
N GLU E 901 -101.23 3.51 103.74
CA GLU E 901 -101.28 3.20 105.17
C GLU E 901 -101.11 4.45 106.00
N ALA E 1053 -98.39 41.74 75.72
CA ALA E 1053 -96.93 41.68 75.79
C ALA E 1053 -96.44 40.24 75.64
N GLU E 1054 -97.23 39.31 76.18
CA GLU E 1054 -96.86 37.90 76.14
C GLU E 1054 -96.71 37.42 74.69
N MET E 1055 -97.69 37.76 73.84
CA MET E 1055 -97.66 37.32 72.46
C MET E 1055 -96.45 37.88 71.71
N ARG E 1056 -96.23 39.19 71.86
CA ARG E 1056 -95.11 39.84 71.18
C ARG E 1056 -93.79 39.24 71.63
N ALA E 1057 -93.64 39.02 72.93
CA ALA E 1057 -92.40 38.45 73.47
C ALA E 1057 -92.14 37.07 72.90
N ARG E 1058 -93.15 36.19 72.95
CA ARG E 1058 -92.93 34.84 72.43
C ARG E 1058 -92.63 34.85 70.94
N GLU E 1059 -93.28 35.74 70.18
CA GLU E 1059 -92.98 35.85 68.75
C GLU E 1059 -91.51 36.22 68.52
N ARG E 1060 -91.05 37.27 69.20
CA ARG E 1060 -89.66 37.71 69.04
C ARG E 1060 -88.69 36.58 69.40
N ARG E 1061 -88.92 35.92 70.55
CA ARG E 1061 -88.03 34.84 70.96
C ARG E 1061 -88.01 33.69 69.95
N ASP E 1062 -89.18 33.32 69.41
CA ASP E 1062 -89.22 32.23 68.44
C ASP E 1062 -88.43 32.57 67.18
N ARG E 1063 -88.62 33.78 66.66
CA ARG E 1063 -87.83 34.21 65.51
C ARG E 1063 -86.34 34.11 65.81
N LEU E 1064 -85.94 34.53 67.01
CA LEU E 1064 -84.51 34.49 67.36
C LEU E 1064 -84.00 33.05 67.44
N HIS E 1065 -84.80 32.14 68.01
CA HIS E 1065 -84.40 30.74 68.05
C HIS E 1065 -84.14 30.19 66.65
N GLU E 1066 -85.06 30.46 65.73
CA GLU E 1066 -84.91 29.94 64.37
C GLU E 1066 -83.64 30.49 63.73
N ALA E 1067 -83.42 31.79 63.87
CA ALA E 1067 -82.22 32.40 63.31
C ALA E 1067 -80.96 31.76 63.89
N LEU E 1068 -80.95 31.49 65.19
CA LEU E 1068 -79.78 30.88 65.81
C LEU E 1068 -79.50 29.49 65.25
N SER E 1069 -80.54 28.69 65.05
CA SER E 1069 -80.33 27.38 64.43
C SER E 1069 -79.67 27.53 63.08
N VAL E 1070 -80.17 28.45 62.26
CA VAL E 1070 -79.57 28.67 60.94
C VAL E 1070 -78.10 29.06 61.08
N ASN E 1071 -77.80 29.93 62.05
CA ASN E 1071 -76.42 30.39 62.23
C ASN E 1071 -75.50 29.23 62.55
N ARG E 1072 -75.93 28.34 63.45
CA ARG E 1072 -75.07 27.20 63.78
C ARG E 1072 -74.81 26.34 62.54
N SER E 1073 -75.83 26.07 61.75
CA SER E 1073 -75.62 25.26 60.54
C SER E 1073 -74.62 25.93 59.60
N ARG E 1074 -74.79 27.24 59.39
CA ARG E 1074 -73.89 27.96 58.50
C ARG E 1074 -72.45 27.88 59.00
N VAL E 1075 -72.26 28.08 60.31
CA VAL E 1075 -70.91 28.03 60.86
C VAL E 1075 -70.29 26.67 60.61
N ASN E 1076 -71.06 25.59 60.81
CA ASN E 1076 -70.48 24.26 60.62
C ASN E 1076 -70.00 24.07 59.18
N GLN E 1077 -70.87 24.36 58.20
CA GLN E 1077 -70.45 24.13 56.81
C GLN E 1077 -69.27 25.01 56.42
N LEU E 1078 -69.29 26.29 56.81
CA LEU E 1078 -68.17 27.15 56.46
C LEU E 1078 -66.90 26.75 57.20
N GLU E 1079 -67.02 26.18 58.40
CA GLU E 1079 -65.84 25.64 59.08
C GLU E 1079 -65.22 24.52 58.26
N LYS E 1080 -66.05 23.62 57.74
CA LYS E 1080 -65.51 22.54 56.91
C LYS E 1080 -64.83 23.10 55.68
N GLN E 1081 -65.47 24.07 55.01
CA GLN E 1081 -64.84 24.69 53.85
C GLN E 1081 -63.49 25.30 54.20
N ILE E 1082 -63.43 26.04 55.31
CA ILE E 1082 -62.19 26.70 55.71
C ILE E 1082 -61.09 25.68 55.94
N ALA E 1083 -61.37 24.64 56.72
CA ALA E 1083 -60.34 23.66 57.02
C ALA E 1083 -59.83 23.00 55.73
N PHE E 1084 -60.76 22.54 54.88
CA PHE E 1084 -60.36 21.83 53.68
C PHE E 1084 -59.53 22.72 52.77
N CYS E 1085 -60.01 23.94 52.52
CA CYS E 1085 -59.29 24.80 51.58
C CYS E 1085 -57.93 25.21 52.12
N GLU E 1086 -57.84 25.51 53.42
CA GLU E 1086 -56.55 25.88 53.98
C GLU E 1086 -55.54 24.74 53.83
N ALA E 1087 -55.97 23.52 54.14
CA ALA E 1087 -55.08 22.38 53.94
C ALA E 1087 -54.68 22.24 52.48
N GLU E 1088 -55.63 22.46 51.56
CA GLU E 1088 -55.33 22.36 50.15
C GLU E 1088 -54.30 23.40 49.72
N MET E 1089 -54.43 24.62 50.22
CA MET E 1089 -53.46 25.66 49.87
C MET E 1089 -52.07 25.31 50.38
N GLU E 1090 -51.96 24.75 51.59
CA GLU E 1090 -50.64 24.30 52.04
C GLU E 1090 -50.09 23.22 51.11
N ASN E 1091 -50.95 22.26 50.77
CA ASN E 1091 -50.53 21.15 49.91
C ASN E 1091 -50.06 21.68 48.56
N VAL E 1092 -50.73 22.71 48.04
CA VAL E 1092 -50.35 23.30 46.77
C VAL E 1092 -49.06 24.12 46.91
N GLN E 1093 -48.85 24.75 48.06
CA GLN E 1093 -47.59 25.47 48.26
C GLN E 1093 -46.40 24.54 48.20
N LYS E 1094 -46.57 23.29 48.61
CA LYS E 1094 -45.42 22.38 48.45
C LYS E 1094 -45.10 22.15 46.97
N LYS E 1095 -46.14 22.03 46.12
CA LYS E 1095 -45.92 21.99 44.68
C LYS E 1095 -45.24 23.27 44.19
N LEU E 1096 -45.69 24.42 44.72
CA LEU E 1096 -45.08 25.69 44.37
C LEU E 1096 -43.58 25.67 44.65
N ARG E 1097 -43.19 25.12 45.79
CA ARG E 1097 -41.77 25.08 46.14
C ARG E 1097 -40.99 24.13 45.23
N LYS E 1098 -41.60 23.00 44.85
CA LYS E 1098 -40.93 22.13 43.89
C LYS E 1098 -40.69 22.89 42.58
N LEU E 1099 -41.72 23.60 42.10
CA LEU E 1099 -41.58 24.40 40.90
C LEU E 1099 -40.50 25.46 41.05
N GLU E 1100 -40.40 26.04 42.25
CA GLU E 1100 -39.40 27.07 42.51
C GLU E 1100 -37.99 26.52 42.34
N ARG E 1101 -37.72 25.36 42.94
CA ARG E 1101 -36.41 24.75 42.80
C ARG E 1101 -36.11 24.41 41.34
N ASP E 1102 -37.08 23.84 40.64
CA ASP E 1102 -36.91 23.55 39.21
C ASP E 1102 -36.57 24.82 38.44
N TYR E 1103 -37.30 25.90 38.72
CA TYR E 1103 -37.11 27.17 38.04
C TYR E 1103 -35.72 27.72 38.27
N TYR E 1104 -35.22 27.64 39.51
CA TYR E 1104 -33.84 28.06 39.78
C TYR E 1104 -32.84 27.31 38.93
N GLN E 1105 -32.97 25.98 38.88
CA GLN E 1105 -32.04 25.18 38.09
C GLN E 1105 -32.07 25.61 36.62
N ILE E 1106 -33.27 25.75 36.06
CA ILE E 1106 -33.39 26.14 34.66
C ILE E 1106 -32.80 27.53 34.42
N ARG E 1107 -33.00 28.44 35.37
CA ARG E 1107 -32.45 29.78 35.26
C ARG E 1107 -30.93 29.74 35.10
N GLU E 1108 -30.27 29.00 36.00
CA GLU E 1108 -28.81 28.93 35.91
C GLU E 1108 -28.38 28.36 34.56
N GLN E 1109 -29.06 27.30 34.10
CA GLN E 1109 -28.64 26.68 32.85
C GLN E 1109 -28.78 27.64 31.67
N VAL E 1110 -29.87 28.40 31.63
CA VAL E 1110 -30.09 29.32 30.51
C VAL E 1110 -29.00 30.38 30.49
N VAL E 1111 -28.69 30.96 31.66
CA VAL E 1111 -27.68 32.02 31.68
C VAL E 1111 -26.35 31.47 31.19
N SER E 1112 -25.99 30.26 31.63
CA SER E 1112 -24.72 29.68 31.21
C SER E 1112 -24.67 29.51 29.70
N ALA E 1113 -25.79 29.09 29.09
CA ALA E 1113 -25.81 28.97 27.63
C ALA E 1113 -25.54 30.31 26.96
N LYS E 1114 -26.22 31.37 27.42
CA LYS E 1114 -26.04 32.67 26.78
C LYS E 1114 -24.60 33.14 26.84
N ALA E 1115 -23.95 32.92 27.99
CA ALA E 1115 -22.59 33.42 28.14
C ALA E 1115 -21.68 32.88 27.04
N GLY E 1116 -21.77 31.58 26.75
CA GLY E 1116 -20.97 31.01 25.67
C GLY E 1116 -21.39 31.53 24.30
N TRP E 1117 -22.69 31.63 24.06
CA TRP E 1117 -23.16 32.00 22.72
C TRP E 1117 -22.74 33.42 22.33
N CYS E 1118 -22.49 34.28 23.32
CA CYS E 1118 -22.07 35.65 23.02
C CYS E 1118 -20.83 35.71 22.12
N ALA E 1119 -19.86 34.83 22.35
CA ALA E 1119 -18.62 34.88 21.56
C ALA E 1119 -18.91 34.66 20.09
N VAL E 1120 -19.74 33.66 19.79
CA VAL E 1120 -20.11 33.43 18.40
C VAL E 1120 -20.77 34.66 17.83
N MET E 1121 -21.64 35.32 18.62
CA MET E 1121 -22.29 36.50 18.05
C MET E 1121 -21.29 37.58 17.69
N ARG E 1122 -20.34 37.86 18.58
CA ARG E 1122 -19.34 38.86 18.23
C ARG E 1122 -18.51 38.42 17.04
N MET E 1123 -18.30 37.11 16.88
CA MET E 1123 -17.48 36.59 15.79
C MET E 1123 -18.19 36.57 14.44
N VAL E 1124 -19.51 36.52 14.42
CA VAL E 1124 -20.26 36.40 13.17
C VAL E 1124 -20.81 37.75 12.71
N LYS E 1125 -20.18 38.85 13.15
CA LYS E 1125 -20.56 40.19 12.71
C LYS E 1125 -20.12 40.50 11.29
N ASP E 1126 -19.51 39.54 10.59
CA ASP E 1126 -18.97 39.77 9.25
C ASP E 1126 -20.07 39.77 8.18
N ASN E 1127 -21.34 39.83 8.61
CA ASN E 1127 -22.52 39.77 7.75
C ASN E 1127 -22.74 38.34 7.27
N GLY E 1128 -22.19 37.36 7.99
CA GLY E 1128 -22.44 35.98 7.69
C GLY E 1128 -23.68 35.40 8.29
N VAL E 1129 -24.32 36.13 9.21
CA VAL E 1129 -25.42 35.59 10.01
C VAL E 1129 -26.77 36.03 9.46
N GLU E 1130 -26.86 37.24 8.90
CA GLU E 1130 -28.17 37.83 8.64
C GLU E 1130 -29.09 36.89 7.87
N ARG E 1131 -28.63 36.31 6.76
CA ARG E 1131 -29.50 35.36 6.07
C ARG E 1131 -28.84 34.02 5.76
N ARG E 1132 -27.53 34.00 5.52
CA ARG E 1132 -26.90 32.77 5.05
C ARG E 1132 -26.82 31.73 6.16
N LEU E 1133 -26.46 32.16 7.38
CA LEU E 1133 -26.34 31.22 8.49
C LEU E 1133 -27.66 31.01 9.22
N HIS E 1134 -28.46 32.07 9.38
CA HIS E 1134 -29.73 31.98 10.11
C HIS E 1134 -30.86 31.66 9.13
N ARG E 1135 -30.88 30.42 8.67
CA ARG E 1135 -31.93 29.93 7.78
C ARG E 1135 -33.10 29.49 8.64
N ARG E 1136 -34.07 30.39 8.81
CA ARG E 1136 -35.22 30.12 9.67
C ARG E 1136 -36.01 28.90 9.21
N GLU E 1137 -35.88 28.51 7.94
CA GLU E 1137 -36.56 27.33 7.45
C GLU E 1137 -36.23 26.08 8.27
N LEU E 1138 -35.01 26.01 8.79
CA LEU E 1138 -34.58 24.84 9.56
C LEU E 1138 -34.99 24.89 11.03
N ALA E 1139 -35.53 26.01 11.50
CA ALA E 1139 -35.76 26.18 12.93
C ALA E 1139 -36.66 25.09 13.51
N TYR E 1140 -37.55 24.54 12.69
CA TYR E 1140 -38.56 23.61 13.19
C TYR E 1140 -37.99 22.23 13.52
N MET E 1141 -36.83 21.88 12.98
CA MET E 1141 -36.30 20.54 13.15
C MET E 1141 -35.75 20.30 14.56
N GLU E 1142 -35.47 19.03 14.83
CA GLU E 1142 -34.95 18.54 16.11
C GLU E 1142 -33.48 18.14 15.95
N GLY E 1143 -32.86 17.78 17.07
CA GLY E 1143 -31.43 17.51 17.08
C GLY E 1143 -31.02 16.39 16.14
N GLY E 1144 -31.81 15.31 16.09
CA GLY E 1144 -31.41 14.16 15.29
C GLY E 1144 -31.30 14.49 13.82
N ALA E 1145 -32.31 15.17 13.27
CA ALA E 1145 -32.28 15.52 11.86
C ALA E 1145 -31.09 16.43 11.55
N LEU E 1146 -30.86 17.42 12.41
CA LEU E 1146 -29.76 18.35 12.17
C LEU E 1146 -28.42 17.63 12.18
N ARG E 1147 -28.20 16.76 13.17
CA ARG E 1147 -26.96 16.01 13.19
C ARG E 1147 -26.81 15.12 11.95
N SER E 1148 -27.89 14.45 11.56
CA SER E 1148 -27.81 13.56 10.40
C SER E 1148 -27.41 14.32 9.15
N MET E 1149 -28.05 15.46 8.90
CA MET E 1149 -27.76 16.20 7.68
C MET E 1149 -26.39 16.87 7.75
N SER E 1150 -25.96 17.29 8.94
CA SER E 1150 -24.60 17.79 9.11
C SER E 1150 -23.57 16.72 8.74
N ASP E 1151 -23.78 15.49 9.21
CA ASP E 1151 -22.86 14.41 8.85
C ASP E 1151 -22.87 14.15 7.35
N LYS E 1152 -24.05 14.17 6.73
CA LYS E 1152 -24.09 13.95 5.28
C LYS E 1152 -23.26 15.01 4.59
N ALA E 1153 -23.36 16.27 5.03
CA ALA E 1153 -22.59 17.33 4.41
C ALA E 1153 -21.09 17.12 4.63
N LEU E 1154 -20.70 16.74 5.85
CA LEU E 1154 -19.29 16.57 6.14
C LEU E 1154 -18.68 15.49 5.26
N GLY E 1155 -19.45 14.45 4.98
CA GLY E 1155 -18.96 13.42 4.08
C GLY E 1155 -18.55 13.97 2.72
N ALA E 1156 -19.35 14.87 2.17
CA ALA E 1156 -19.01 15.49 0.89
C ALA E 1156 -17.83 16.46 1.06
N LEU E 1157 -17.79 17.19 2.16
CA LEU E 1157 -16.74 18.18 2.36
C LEU E 1157 -15.36 17.54 2.37
N ARG E 1158 -15.21 16.44 3.12
CA ARG E 1158 -13.90 15.80 3.17
C ARG E 1158 -13.36 15.53 1.77
N LEU E 1159 -14.25 15.10 0.86
CA LEU E 1159 -13.83 14.84 -0.51
C LEU E 1159 -13.57 16.13 -1.26
N ALA E 1160 -14.43 17.13 -1.08
CA ALA E 1160 -14.34 18.35 -1.88
C ALA E 1160 -13.16 19.24 -1.49
N VAL E 1161 -12.55 19.01 -0.33
CA VAL E 1161 -11.50 19.91 0.17
C VAL E 1161 -10.11 19.29 0.12
N ALA E 1162 -9.97 18.04 -0.33
CA ALA E 1162 -8.68 17.36 -0.22
C ALA E 1162 -7.54 18.17 -0.79
N ASP E 1163 -7.76 18.86 -1.92
CA ASP E 1163 -6.65 19.47 -2.63
C ASP E 1163 -5.96 20.54 -1.80
N ASN E 1164 -6.72 21.40 -1.13
CA ASN E 1164 -6.15 22.49 -0.37
C ASN E 1164 -5.60 21.98 0.96
N GLU E 1165 -4.68 22.75 1.54
CA GLU E 1165 -4.03 22.34 2.77
C GLU E 1165 -4.49 23.12 4.00
N HIS E 1166 -4.46 24.46 3.97
CA HIS E 1166 -4.86 25.19 5.17
C HIS E 1166 -6.37 25.13 5.35
N LEU E 1167 -7.12 25.14 4.25
CA LEU E 1167 -8.56 24.93 4.34
C LEU E 1167 -8.88 23.54 4.85
N ARG E 1168 -8.14 22.53 4.40
CA ARG E 1168 -8.31 21.19 4.91
C ARG E 1168 -7.99 21.11 6.39
N ASP E 1169 -6.93 21.79 6.82
CA ASP E 1169 -6.61 21.83 8.25
C ASP E 1169 -7.72 22.52 9.04
N ALA E 1170 -8.28 23.59 8.49
CA ALA E 1170 -9.37 24.28 9.18
C ALA E 1170 -10.58 23.36 9.32
N LEU E 1171 -10.91 22.63 8.26
CA LEU E 1171 -12.01 21.67 8.35
C LEU E 1171 -11.72 20.62 9.43
N ARG E 1172 -10.50 20.12 9.47
CA ARG E 1172 -10.15 19.12 10.48
C ARG E 1172 -10.25 19.70 11.88
N LEU E 1173 -9.84 20.96 12.07
CA LEU E 1173 -9.96 21.59 13.38
C LEU E 1173 -11.41 21.84 13.77
N SER E 1174 -12.28 22.11 12.80
CA SER E 1174 -13.69 22.40 13.08
C SER E 1174 -14.44 21.21 13.64
N GLU E 1175 -13.77 20.07 13.87
CA GLU E 1175 -14.47 18.84 14.18
C GLU E 1175 -15.08 18.82 15.59
N ASP E 1176 -14.46 19.51 16.54
CA ASP E 1176 -14.82 19.34 17.95
C ASP E 1176 -16.13 20.06 18.27
N PRO E 1177 -17.13 19.40 18.85
CA PRO E 1177 -18.38 20.10 19.18
C PRO E 1177 -18.30 20.99 20.40
N LYS E 1178 -17.32 20.79 21.29
CA LYS E 1178 -17.27 21.58 22.52
C LYS E 1178 -16.84 23.02 22.27
N ARG E 1179 -16.37 23.33 21.07
CA ARG E 1179 -15.98 24.68 20.68
C ARG E 1179 -16.64 25.02 19.35
N PRO E 1180 -17.94 25.34 19.36
CA PRO E 1180 -18.67 25.53 18.09
C PRO E 1180 -18.13 26.66 17.21
N GLU E 1181 -17.49 27.67 17.80
CA GLU E 1181 -17.02 28.81 17.00
C GLU E 1181 -16.05 28.37 15.91
N ARG E 1182 -15.42 27.22 16.07
CA ARG E 1182 -14.52 26.71 15.05
C ARG E 1182 -15.24 26.53 13.73
N LYS E 1183 -16.51 26.11 13.78
CA LYS E 1183 -17.30 25.96 12.56
C LYS E 1183 -17.47 27.30 11.85
N VAL E 1184 -17.76 28.37 12.61
CA VAL E 1184 -17.92 29.68 12.02
C VAL E 1184 -16.60 30.15 11.41
N GLN E 1185 -15.48 29.87 12.08
CA GLN E 1185 -14.20 30.21 11.49
C GLN E 1185 -13.99 29.49 10.17
N PHE E 1186 -14.35 28.20 10.11
CA PHE E 1186 -14.21 27.48 8.84
C PHE E 1186 -15.10 28.09 7.76
N PHE E 1187 -16.30 28.51 8.13
CA PHE E 1187 -17.18 29.13 7.14
C PHE E 1187 -16.57 30.42 6.60
N ILE E 1188 -16.02 31.25 7.49
CA ILE E 1188 -15.33 32.46 7.07
C ILE E 1188 -14.20 32.11 6.12
N ALA E 1189 -13.46 31.04 6.44
CA ALA E 1189 -12.37 30.61 5.57
C ALA E 1189 -12.88 30.24 4.19
N VAL E 1190 -14.02 29.56 4.13
CA VAL E 1190 -14.58 29.20 2.82
C VAL E 1190 -14.90 30.44 2.02
N TYR E 1191 -15.53 31.43 2.66
CA TYR E 1191 -15.86 32.65 1.92
C TYR E 1191 -14.61 33.40 1.48
N GLN E 1192 -13.61 33.49 2.36
CA GLN E 1192 -12.35 34.14 1.98
C GLN E 1192 -11.72 33.42 0.80
N HIS E 1193 -11.72 32.09 0.84
CA HIS E 1193 -11.20 31.29 -0.27
C HIS E 1193 -11.89 31.64 -1.57
N LEU E 1194 -13.24 31.68 -1.55
CA LEU E 1194 -13.96 31.92 -2.79
C LEU E 1194 -13.80 33.35 -3.29
N ARG E 1195 -13.62 34.31 -2.39
CA ARG E 1195 -13.64 35.71 -2.80
C ARG E 1195 -12.59 35.98 -3.89
N GLU E 1196 -11.40 35.40 -3.77
CA GLU E 1196 -10.33 35.68 -4.71
C GLU E 1196 -10.63 35.13 -6.11
N ARG E 1197 -11.49 34.12 -6.21
CA ARG E 1197 -11.61 33.35 -7.45
C ARG E 1197 -12.57 33.97 -8.47
N ILE E 1198 -13.05 35.20 -8.23
CA ILE E 1198 -13.85 35.89 -9.24
C ILE E 1198 -13.00 36.24 -10.45
N ARG E 1199 -13.61 36.14 -11.64
CA ARG E 1199 -12.86 36.32 -12.88
C ARG E 1199 -12.60 37.75 -13.34
N GLN E 1200 -13.62 38.54 -13.70
CA GLN E 1200 -13.36 39.86 -14.27
C GLN E 1200 -14.35 40.88 -13.74
N ASP E 1201 -14.20 42.12 -14.24
CA ASP E 1201 -14.83 43.29 -13.63
C ASP E 1201 -16.33 43.14 -13.50
N ILE E 1202 -17.00 42.79 -14.60
CA ILE E 1202 -18.46 42.74 -14.60
C ILE E 1202 -18.97 41.71 -13.59
N ILE E 1203 -18.10 40.82 -13.13
CA ILE E 1203 -18.47 39.80 -12.16
C ILE E 1203 -17.94 40.11 -10.76
N ARG E 1204 -17.54 41.36 -10.51
CA ARG E 1204 -16.86 41.70 -9.26
C ARG E 1204 -17.78 42.03 -8.09
N THR E 1205 -18.99 41.49 -8.11
CA THR E 1205 -19.80 41.44 -6.90
C THR E 1205 -19.03 40.59 -5.89
N ASP E 1206 -18.41 41.25 -4.92
CA ASP E 1206 -17.53 40.58 -3.96
C ASP E 1206 -18.26 39.51 -3.16
N ASP E 1207 -19.58 39.44 -3.26
CA ASP E 1207 -20.33 38.41 -2.55
C ASP E 1207 -20.46 37.18 -3.45
N PRO E 1208 -19.84 36.05 -3.11
CA PRO E 1208 -19.82 34.91 -4.04
C PRO E 1208 -21.20 34.46 -4.52
N VAL E 1209 -22.13 34.28 -3.58
CA VAL E 1209 -23.45 33.79 -3.93
C VAL E 1209 -24.10 34.72 -4.94
N ASP E 1210 -23.85 36.02 -4.79
CA ASP E 1210 -24.34 36.98 -5.79
C ASP E 1210 -23.61 36.81 -7.12
N ALA E 1211 -22.37 36.33 -7.10
CA ALA E 1211 -21.65 36.13 -8.35
C ALA E 1211 -22.17 34.93 -9.13
N ILE E 1212 -22.76 33.96 -8.43
CA ILE E 1212 -23.24 32.76 -9.12
C ILE E 1212 -24.19 33.11 -10.25
N GLU E 1213 -25.19 33.95 -9.95
CA GLU E 1213 -26.21 34.23 -10.96
C GLU E 1213 -25.63 35.00 -12.13
N GLN E 1214 -24.66 35.88 -11.88
CA GLN E 1214 -24.02 36.57 -12.99
C GLN E 1214 -23.28 35.58 -13.89
N MET E 1215 -22.61 34.60 -13.28
CA MET E 1215 -21.97 33.57 -14.09
C MET E 1215 -22.99 32.83 -14.94
N GLU E 1216 -24.13 32.47 -14.34
CA GLU E 1216 -25.14 31.73 -15.10
C GLU E 1216 -25.76 32.58 -16.21
N ILE E 1217 -25.89 33.89 -15.96
CA ILE E 1217 -26.33 34.80 -17.02
C ILE E 1217 -25.34 34.76 -18.19
N GLU E 1218 -24.05 34.74 -17.87
CA GLU E 1218 -23.05 34.59 -18.93
C GLU E 1218 -23.24 33.27 -19.66
N LEU E 1219 -23.53 32.19 -18.93
CA LEU E 1219 -23.76 30.91 -19.59
C LEU E 1219 -24.91 31.00 -20.59
N ALA E 1220 -26.01 31.63 -20.19
CA ALA E 1220 -27.15 31.77 -21.11
C ALA E 1220 -26.76 32.59 -22.35
N ARG E 1221 -26.09 33.72 -22.11
CA ARG E 1221 -25.65 34.57 -23.22
C ARG E 1221 -24.78 33.78 -24.19
N LEU E 1222 -23.83 33.02 -23.64
CA LEU E 1222 -22.94 32.21 -24.44
C LEU E 1222 -23.73 31.18 -25.24
N THR E 1223 -24.75 30.59 -24.62
CA THR E 1223 -25.54 29.59 -25.32
C THR E 1223 -26.22 30.20 -26.54
N GLU E 1224 -26.77 31.41 -26.38
CA GLU E 1224 -27.41 32.06 -27.52
C GLU E 1224 -26.39 32.31 -28.63
N GLU E 1225 -25.21 32.83 -28.26
CA GLU E 1225 -24.20 33.09 -29.28
C GLU E 1225 -23.82 31.80 -30.01
N LEU E 1226 -23.67 30.71 -29.26
CA LEU E 1226 -23.35 29.42 -29.88
C LEU E 1226 -24.44 28.99 -30.85
N THR E 1227 -25.70 29.16 -30.46
CA THR E 1227 -26.79 28.78 -31.35
C THR E 1227 -26.70 29.53 -32.68
N ALA E 1228 -26.49 30.85 -32.60
CA ALA E 1228 -26.40 31.63 -33.82
C ALA E 1228 -25.22 31.19 -34.67
N ARG E 1229 -24.06 30.96 -34.03
CA ARG E 1229 -22.87 30.57 -34.78
C ARG E 1229 -23.04 29.23 -35.48
N GLU E 1230 -23.62 28.25 -34.79
CA GLU E 1230 -23.81 26.96 -35.45
C GLU E 1230 -24.82 27.06 -36.60
N GLN E 1231 -25.85 27.92 -36.45
CA GLN E 1231 -26.74 28.16 -37.57
C GLN E 1231 -25.97 28.72 -38.77
N LYS E 1232 -25.05 29.66 -38.52
CA LYS E 1232 -24.24 30.21 -39.61
C LYS E 1232 -23.39 29.12 -40.26
N LEU E 1233 -22.81 28.26 -39.43
CA LEU E 1233 -21.94 27.19 -39.93
C LEU E 1233 -22.69 26.27 -40.88
N ALA E 1234 -23.95 25.97 -40.58
CA ALA E 1234 -24.69 25.05 -41.46
C ALA E 1234 -24.76 25.56 -42.90
N ILE E 1235 -25.15 26.82 -43.06
CA ILE E 1235 -25.29 27.38 -44.40
C ILE E 1235 -23.93 27.46 -45.07
N SER E 1236 -22.88 27.74 -44.30
CA SER E 1236 -21.55 27.67 -44.91
C SER E 1236 -21.25 26.27 -45.43
N SER E 1237 -21.63 25.24 -44.66
CA SER E 1237 -21.26 23.86 -45.00
C SER E 1237 -21.90 23.40 -46.32
N LYS E 1238 -23.17 23.74 -46.51
CA LYS E 1238 -23.86 23.25 -47.71
C LYS E 1238 -23.10 23.64 -48.98
N SER E 1239 -22.60 24.86 -49.05
CA SER E 1239 -21.94 25.31 -50.27
C SER E 1239 -20.74 24.42 -50.61
N VAL E 1240 -20.04 23.91 -49.60
CA VAL E 1240 -18.79 23.22 -49.82
C VAL E 1240 -19.02 21.75 -50.21
N ALA E 1241 -20.05 21.15 -49.61
CA ALA E 1241 -20.29 19.72 -49.84
C ALA E 1241 -20.20 19.30 -51.31
N ASN E 1242 -20.77 20.13 -52.19
CA ASN E 1242 -20.88 19.76 -53.60
C ASN E 1242 -19.52 19.56 -54.23
N ILE E 1243 -18.65 20.56 -54.09
CA ILE E 1243 -17.34 20.48 -54.71
C ILE E 1243 -16.55 19.34 -54.10
N ILE E 1244 -16.73 19.06 -52.81
CA ILE E 1244 -16.03 17.90 -52.23
C ILE E 1244 -16.45 16.61 -52.93
N ARG E 1245 -17.77 16.43 -53.14
CA ARG E 1245 -18.21 15.23 -53.83
C ARG E 1245 -17.60 15.11 -55.22
N LYS E 1246 -17.59 16.21 -55.97
CA LYS E 1246 -17.02 16.14 -57.32
C LYS E 1246 -15.56 15.72 -57.22
N THR E 1247 -14.82 16.31 -56.28
CA THR E 1247 -13.40 16.01 -56.17
C THR E 1247 -13.15 14.54 -55.89
N ILE E 1248 -13.88 13.98 -54.92
CA ILE E 1248 -13.64 12.58 -54.58
C ILE E 1248 -13.95 11.67 -55.76
N GLN E 1249 -15.02 11.97 -56.51
CA GLN E 1249 -15.28 11.14 -57.67
C GLN E 1249 -14.10 11.19 -58.65
N ARG E 1250 -13.55 12.39 -58.86
CA ARG E 1250 -12.42 12.51 -59.78
C ARG E 1250 -11.25 11.64 -59.32
N GLU E 1251 -10.90 11.74 -58.05
CA GLU E 1251 -9.72 11.01 -57.58
C GLU E 1251 -9.92 9.49 -57.59
N GLN E 1252 -11.13 9.01 -57.24
CA GLN E 1252 -11.34 7.57 -57.36
C GLN E 1252 -11.20 7.11 -58.80
N ASN E 1253 -11.73 7.89 -59.74
CA ASN E 1253 -11.55 7.51 -61.14
C ASN E 1253 -10.09 7.47 -61.51
N ARG E 1254 -9.31 8.45 -61.05
CA ARG E 1254 -7.89 8.47 -61.40
C ARG E 1254 -7.16 7.26 -60.82
N ILE E 1255 -7.41 6.93 -59.55
CA ILE E 1255 -6.72 5.78 -58.96
C ILE E 1255 -7.09 4.50 -59.71
N ARG E 1256 -8.38 4.29 -59.99
CA ARG E 1256 -8.75 3.07 -60.67
C ARG E 1256 -8.15 3.01 -62.07
N MET E 1257 -8.11 4.14 -62.79
CA MET E 1257 -7.43 4.17 -64.07
C MET E 1257 -5.97 3.80 -63.92
N LEU E 1258 -5.37 4.20 -62.80
CA LEU E 1258 -3.95 3.98 -62.58
C LEU E 1258 -3.61 2.52 -62.32
N ASN E 1259 -4.55 1.74 -61.77
CA ASN E 1259 -4.27 0.33 -61.55
C ASN E 1259 -4.07 -0.42 -62.86
N GLN E 1260 -4.81 -0.07 -63.92
CA GLN E 1260 -4.63 -0.74 -65.20
C GLN E 1260 -3.28 -0.48 -65.84
N GLY E 1261 -2.52 0.50 -65.34
CA GLY E 1261 -1.14 0.60 -65.77
C GLY E 1261 -0.28 -0.53 -65.29
N LEU E 1262 -0.83 -1.34 -64.39
CA LEU E 1262 -0.18 -2.54 -63.87
C LEU E 1262 -0.89 -3.75 -64.45
N GLN E 1263 -0.12 -4.71 -64.95
CA GLN E 1263 -0.67 -5.78 -65.79
C GLN E 1263 -0.35 -7.16 -65.22
N ALA E 1264 -0.67 -7.37 -63.95
CA ALA E 1264 -0.51 -8.66 -63.31
C ALA E 1264 0.96 -9.08 -63.26
N VAL E 1265 1.72 -8.29 -62.50
CA VAL E 1265 3.13 -8.56 -62.28
C VAL E 1265 3.29 -9.94 -61.67
N SER E 1266 4.41 -10.58 -61.97
CA SER E 1266 4.72 -11.92 -61.47
C SER E 1266 5.96 -11.84 -60.58
N PHE E 1267 5.77 -12.02 -59.27
CA PHE E 1267 6.88 -12.12 -58.33
C PHE E 1267 6.61 -13.33 -57.45
N GLY E 1268 7.38 -14.39 -57.63
CA GLY E 1268 7.15 -15.58 -56.84
C GLY E 1268 5.71 -16.02 -56.98
N GLN E 1269 5.00 -16.07 -55.86
CA GLN E 1269 3.59 -16.44 -55.86
C GLN E 1269 2.64 -15.25 -55.99
N VAL E 1270 3.15 -14.03 -55.96
CA VAL E 1270 2.30 -12.85 -56.12
C VAL E 1270 2.01 -12.67 -57.61
N ARG E 1271 0.73 -12.63 -57.97
CA ARG E 1271 0.32 -12.53 -59.36
C ARG E 1271 -0.19 -11.14 -59.74
N GLY E 1272 -0.34 -10.23 -58.78
CA GLY E 1272 -0.83 -8.91 -59.10
C GLY E 1272 -0.83 -8.03 -57.87
N VAL E 1273 -0.82 -6.72 -58.13
CA VAL E 1273 -0.83 -5.70 -57.09
C VAL E 1273 -1.90 -4.68 -57.43
N ARG E 1274 -2.59 -4.18 -56.40
CA ARG E 1274 -3.73 -3.30 -56.61
C ARG E 1274 -3.84 -2.33 -55.44
N LEU E 1275 -4.37 -1.15 -55.72
CA LEU E 1275 -4.70 -0.17 -54.70
C LEU E 1275 -6.21 -0.12 -54.51
N ASN E 1276 -6.65 -0.27 -53.26
CA ASN E 1276 -8.06 -0.37 -52.91
C ASN E 1276 -8.50 0.95 -52.28
N VAL E 1277 -9.43 1.63 -52.93
CA VAL E 1277 -9.93 2.93 -52.49
C VAL E 1277 -11.41 2.81 -52.19
N ASN E 1278 -11.81 3.25 -51.00
CA ASN E 1278 -13.22 3.30 -50.62
C ASN E 1278 -13.47 4.55 -49.81
N VAL E 1279 -14.64 5.16 -50.03
CA VAL E 1279 -15.04 6.30 -49.23
C VAL E 1279 -15.45 5.83 -47.84
N ARG E 1280 -15.38 6.75 -46.87
CA ARG E 1280 -15.72 6.44 -45.49
C ARG E 1280 -17.18 6.83 -45.25
N GLU E 1281 -17.98 5.85 -44.85
CA GLU E 1281 -19.40 6.10 -44.62
C GLU E 1281 -19.62 7.12 -43.50
N SER E 1282 -18.78 7.09 -42.48
CA SER E 1282 -18.96 8.02 -41.36
C SER E 1282 -18.92 9.46 -41.84
N HIS E 1283 -17.92 9.81 -42.65
CA HIS E 1283 -17.80 11.19 -43.09
C HIS E 1283 -18.82 11.55 -44.17
N ALA E 1284 -19.20 10.61 -45.03
CA ALA E 1284 -20.27 10.90 -45.96
C ALA E 1284 -21.57 11.21 -45.21
N ILE E 1285 -21.87 10.40 -44.20
CA ILE E 1285 -23.07 10.62 -43.40
C ILE E 1285 -22.99 11.95 -42.68
N LEU E 1286 -21.83 12.28 -42.14
CA LEU E 1286 -21.67 13.54 -41.44
C LEU E 1286 -21.80 14.73 -42.39
N LEU E 1287 -21.32 14.59 -43.63
CA LEU E 1287 -21.53 15.63 -44.62
C LEU E 1287 -23.01 15.79 -44.94
N ASP E 1288 -23.75 14.70 -45.04
CA ASP E 1288 -25.19 14.83 -45.22
C ASP E 1288 -25.82 15.53 -44.04
N VAL E 1289 -25.41 15.19 -42.82
CA VAL E 1289 -25.98 15.80 -41.63
C VAL E 1289 -25.76 17.32 -41.66
N LEU E 1290 -24.56 17.76 -41.98
CA LEU E 1290 -24.29 19.19 -41.96
C LEU E 1290 -24.89 19.90 -43.17
N SER E 1291 -24.92 19.24 -44.32
CA SER E 1291 -25.34 19.92 -45.55
C SER E 1291 -26.81 20.28 -45.52
N GLU E 1292 -27.68 19.31 -45.20
CA GLU E 1292 -29.12 19.48 -45.36
C GLU E 1292 -29.70 20.10 -44.08
N GLN E 1293 -30.39 21.22 -44.24
CA GLN E 1293 -30.81 22.05 -43.13
C GLN E 1293 -32.28 21.85 -42.76
N GLN E 1294 -32.67 22.50 -41.66
CA GLN E 1294 -33.92 22.18 -40.96
C GLN E 1294 -35.17 22.36 -41.83
N GLU E 1295 -35.36 23.54 -42.42
CA GLU E 1295 -36.70 23.90 -42.88
C GLU E 1295 -37.16 23.03 -44.05
N GLN E 1296 -36.32 22.87 -45.07
CA GLN E 1296 -36.73 22.03 -46.20
C GLN E 1296 -36.66 20.55 -45.86
N HIS E 1297 -35.54 20.11 -45.26
CA HIS E 1297 -35.28 18.69 -45.09
C HIS E 1297 -35.82 18.10 -43.79
N GLN E 1298 -36.56 18.86 -42.99
CA GLN E 1298 -37.25 18.26 -41.86
C GLN E 1298 -38.19 17.14 -42.30
N ASP E 1299 -38.73 17.25 -43.52
CA ASP E 1299 -39.50 16.14 -44.09
C ASP E 1299 -38.59 14.99 -44.49
N LEU E 1300 -37.33 15.27 -44.80
CA LEU E 1300 -36.37 14.21 -45.08
C LEU E 1300 -35.80 13.60 -43.82
N PHE E 1301 -35.73 14.36 -42.72
CA PHE E 1301 -35.08 13.92 -41.49
C PHE E 1301 -35.80 12.81 -40.74
N ASN E 1302 -36.93 12.31 -41.22
CA ASN E 1302 -37.60 11.24 -40.47
C ASN E 1302 -36.88 9.90 -40.64
N SER E 1303 -35.67 9.91 -41.19
CA SER E 1303 -34.83 8.72 -41.27
C SER E 1303 -33.99 8.56 -40.01
N GLN E 1304 -33.75 7.29 -39.63
CA GLN E 1304 -33.12 6.96 -38.36
C GLN E 1304 -31.63 7.31 -38.27
N ARG E 1305 -30.99 7.65 -39.39
CA ARG E 1305 -29.54 7.83 -39.38
C ARG E 1305 -29.08 9.28 -39.22
N LEU E 1306 -29.91 10.26 -39.57
CA LEU E 1306 -29.51 11.66 -39.61
C LEU E 1306 -30.33 12.49 -38.63
N THR E 1307 -29.64 13.29 -37.80
CA THR E 1307 -30.30 14.29 -36.97
C THR E 1307 -29.34 15.44 -36.71
N PHE E 1308 -29.91 16.56 -36.26
CA PHE E 1308 -29.13 17.78 -36.03
C PHE E 1308 -28.18 17.62 -34.86
N SER E 1309 -28.67 17.08 -33.74
CA SER E 1309 -27.86 17.04 -32.53
C SER E 1309 -26.53 16.32 -32.75
N GLU E 1310 -26.45 15.48 -33.77
CA GLU E 1310 -25.24 14.69 -34.00
C GLU E 1310 -24.04 15.57 -34.31
N ALA E 1311 -24.27 16.77 -34.84
CA ALA E 1311 -23.16 17.70 -35.07
C ALA E 1311 -22.49 18.06 -33.76
N MET E 1312 -23.29 18.34 -32.73
CA MET E 1312 -22.74 18.53 -31.39
C MET E 1312 -22.24 17.24 -30.77
N ALA E 1313 -22.83 16.09 -31.13
CA ALA E 1313 -22.30 14.84 -30.61
C ALA E 1313 -20.87 14.62 -31.06
N LYS E 1314 -20.52 15.08 -32.26
CA LYS E 1314 -19.14 15.03 -32.71
C LYS E 1314 -18.23 15.94 -31.92
N LEU E 1315 -18.78 16.73 -30.99
CA LEU E 1315 -17.93 17.47 -30.07
C LEU E 1315 -17.02 16.53 -29.30
N TYR E 1316 -17.53 15.35 -28.94
CA TYR E 1316 -16.68 14.34 -28.32
C TYR E 1316 -15.51 13.98 -29.21
N GLN E 1317 -15.78 13.71 -30.49
CA GLN E 1317 -14.72 13.42 -31.44
C GLN E 1317 -13.88 14.66 -31.69
N ARG E 1318 -14.45 15.84 -31.45
CA ARG E 1318 -13.76 17.10 -31.70
C ARG E 1318 -12.50 17.23 -30.86
N LEU E 1319 -12.51 16.75 -29.61
CA LEU E 1319 -11.45 17.12 -28.67
C LEU E 1319 -10.09 16.57 -29.10
N ASN E 1320 -9.99 15.25 -29.36
CA ASN E 1320 -8.71 14.68 -29.78
C ASN E 1320 -8.84 13.37 -30.54
N PRO E 1321 -8.64 13.36 -31.86
CA PRO E 1321 -8.44 12.09 -32.57
C PRO E 1321 -7.04 11.52 -32.36
N GLN E 1322 -6.92 10.21 -32.63
CA GLN E 1322 -5.73 9.43 -32.30
C GLN E 1322 -4.73 9.50 -33.47
N VAL E 1323 -4.29 10.71 -33.83
CA VAL E 1323 -3.28 10.83 -34.88
C VAL E 1323 -1.92 10.44 -34.31
N ASP E 1324 -1.02 9.94 -35.18
CA ASP E 1324 0.23 9.37 -34.73
C ASP E 1324 1.42 10.21 -35.21
N MET E 1325 1.65 10.32 -36.52
CA MET E 1325 2.85 11.00 -37.00
C MET E 1325 2.56 12.44 -37.34
N GLY E 1326 3.52 13.31 -37.03
CA GLY E 1326 3.34 14.74 -37.09
C GLY E 1326 4.14 15.36 -38.23
N GLN E 1327 3.42 16.00 -39.14
CA GLN E 1327 4.01 16.94 -40.08
C GLN E 1327 2.92 17.89 -40.53
N ARG E 1328 3.32 19.12 -40.84
CA ARG E 1328 2.35 20.19 -41.08
C ARG E 1328 1.44 20.29 -39.85
N LEU E 1329 0.13 20.13 -40.01
CA LEU E 1329 -0.73 20.42 -38.86
C LEU E 1329 -2.10 19.75 -38.90
N PRO E 1330 -2.22 18.51 -38.43
CA PRO E 1330 -3.54 17.90 -38.23
C PRO E 1330 -4.08 18.15 -36.82
N GLN E 1331 -5.39 18.44 -36.74
CA GLN E 1331 -5.95 18.80 -35.43
C GLN E 1331 -7.23 18.13 -34.94
N THR E 1332 -8.28 18.00 -35.75
CA THR E 1332 -9.56 17.60 -35.18
C THR E 1332 -10.59 17.31 -36.26
N ILE E 1333 -11.72 16.74 -35.84
CA ILE E 1333 -12.75 16.29 -36.79
C ILE E 1333 -13.26 17.44 -37.63
N GLY E 1334 -13.50 18.60 -37.03
CA GLY E 1334 -13.93 19.74 -37.80
C GLY E 1334 -12.86 20.09 -38.81
N GLU E 1335 -11.64 20.30 -38.33
CA GLU E 1335 -10.51 20.47 -39.23
C GLU E 1335 -10.39 19.28 -40.16
N GLU E 1336 -10.68 18.08 -39.67
CA GLU E 1336 -10.50 16.88 -40.48
C GLU E 1336 -11.44 16.87 -41.68
N LEU E 1337 -12.60 17.50 -41.56
CA LEU E 1337 -13.57 17.56 -42.65
C LEU E 1337 -13.20 18.58 -43.72
N LEU E 1338 -12.30 19.52 -43.41
CA LEU E 1338 -11.96 20.57 -44.35
C LEU E 1338 -11.10 20.09 -45.51
N ASP E 1339 -10.63 18.85 -45.49
CA ASP E 1339 -9.80 18.32 -46.58
C ASP E 1339 -10.44 17.05 -47.12
N TYR E 1340 -10.58 16.98 -48.44
CA TYR E 1340 -11.22 15.84 -49.09
C TYR E 1340 -10.48 14.54 -48.83
N ARG E 1341 -9.16 14.61 -48.64
CA ARG E 1341 -8.36 13.39 -48.51
C ARG E 1341 -8.78 12.55 -47.30
N ASN E 1342 -9.33 13.18 -46.27
CA ASN E 1342 -9.73 12.44 -45.08
C ASN E 1342 -10.96 11.56 -45.31
N TYR E 1343 -11.62 11.69 -46.46
CA TYR E 1343 -12.84 10.96 -46.76
C TYR E 1343 -12.59 9.55 -47.32
N LEU E 1344 -11.37 9.04 -47.26
CA LEU E 1344 -11.02 7.82 -47.98
C LEU E 1344 -10.26 6.85 -47.10
N GLU E 1345 -10.39 5.57 -47.43
CA GLU E 1345 -9.49 4.52 -46.97
C GLU E 1345 -8.70 4.01 -48.16
N LEU E 1346 -7.43 3.70 -47.94
CA LEU E 1346 -6.50 3.47 -49.04
C LEU E 1346 -5.53 2.38 -48.64
N ASP E 1347 -5.58 1.23 -49.31
CA ASP E 1347 -4.79 0.08 -48.91
C ASP E 1347 -4.30 -0.71 -50.12
N VAL E 1348 -3.24 -1.49 -49.88
CA VAL E 1348 -2.54 -2.25 -50.91
C VAL E 1348 -2.95 -3.72 -50.79
N GLU E 1349 -3.20 -4.36 -51.93
CA GLU E 1349 -3.66 -5.74 -51.96
C GLU E 1349 -2.83 -6.52 -52.97
N VAL E 1350 -2.68 -7.83 -52.73
CA VAL E 1350 -1.92 -8.72 -53.60
C VAL E 1350 -2.72 -9.99 -53.84
N ASN E 1351 -2.67 -10.48 -55.07
CA ASN E 1351 -3.38 -11.71 -55.47
C ASN E 1351 -2.44 -12.91 -55.37
N ARG E 1352 -2.08 -13.25 -54.14
CA ARG E 1352 -1.17 -14.36 -53.91
C ARG E 1352 -1.79 -15.67 -54.37
N GLY E 1353 -1.08 -16.36 -55.25
CA GLY E 1353 -1.47 -17.71 -55.66
C GLY E 1353 -2.92 -17.83 -56.07
N SER E 1354 -3.68 -18.61 -55.29
CA SER E 1354 -5.10 -18.81 -55.57
C SER E 1354 -5.96 -18.43 -54.37
N ASP E 1355 -5.44 -17.60 -53.47
CA ASP E 1355 -6.17 -17.17 -52.29
C ASP E 1355 -6.95 -15.89 -52.51
N GLY E 1356 -6.97 -15.35 -53.72
CA GLY E 1356 -7.64 -14.10 -54.00
C GLY E 1356 -6.83 -12.91 -53.51
N TRP E 1357 -7.49 -11.76 -53.47
CA TRP E 1357 -6.84 -10.53 -53.06
C TRP E 1357 -6.76 -10.45 -51.54
N LEU E 1358 -5.55 -10.29 -51.02
CA LEU E 1358 -5.29 -10.19 -49.59
C LEU E 1358 -4.50 -8.93 -49.31
N LYS E 1359 -4.64 -8.42 -48.09
CA LYS E 1359 -3.83 -7.29 -47.67
C LYS E 1359 -2.38 -7.72 -47.52
N ALA E 1360 -1.46 -6.82 -47.89
CA ALA E 1360 -0.04 -7.15 -47.89
C ALA E 1360 0.60 -6.74 -46.56
N GLU E 1361 1.13 -7.72 -45.84
CA GLU E 1361 1.99 -7.48 -44.69
C GLU E 1361 3.34 -8.13 -44.93
N SER E 1362 4.40 -7.45 -44.49
CA SER E 1362 5.75 -7.96 -44.71
C SER E 1362 5.96 -9.32 -44.07
N GLY E 1363 5.45 -9.50 -42.86
CA GLY E 1363 5.66 -10.74 -42.14
C GLY E 1363 4.99 -11.96 -42.74
N ALA E 1364 4.22 -11.79 -43.81
CA ALA E 1364 3.52 -12.88 -44.48
C ALA E 1364 3.85 -12.89 -45.96
N LEU E 1365 5.11 -12.63 -46.29
CA LEU E 1365 5.55 -12.63 -47.68
C LEU E 1365 7.02 -13.04 -47.75
N SER E 1366 7.41 -13.60 -48.88
CA SER E 1366 8.81 -13.92 -49.09
C SER E 1366 9.60 -12.62 -49.32
N THR E 1367 10.92 -12.75 -49.20
CA THR E 1367 11.79 -11.60 -49.43
C THR E 1367 11.62 -11.03 -50.82
N GLY E 1368 11.70 -11.89 -51.85
CA GLY E 1368 11.54 -11.42 -53.21
C GLY E 1368 10.17 -10.83 -53.45
N GLU E 1369 9.13 -11.46 -52.91
CA GLU E 1369 7.78 -10.94 -53.05
C GLU E 1369 7.70 -9.55 -52.43
N ALA E 1370 8.31 -9.37 -51.26
CA ALA E 1370 8.29 -8.07 -50.60
C ALA E 1370 8.98 -7.01 -51.44
N ILE E 1371 10.13 -7.33 -52.02
CA ILE E 1371 10.86 -6.35 -52.82
C ILE E 1371 10.04 -5.96 -54.05
N GLY E 1372 9.48 -6.95 -54.74
CA GLY E 1372 8.66 -6.64 -55.91
C GLY E 1372 7.48 -5.75 -55.58
N THR E 1373 6.79 -6.06 -54.48
CA THR E 1373 5.64 -5.23 -54.09
C THR E 1373 6.08 -3.81 -53.78
N GLY E 1374 7.18 -3.66 -53.05
CA GLY E 1374 7.68 -2.32 -52.75
C GLY E 1374 7.95 -1.51 -54.01
N MET E 1375 8.61 -2.13 -54.99
CA MET E 1375 8.89 -1.40 -56.22
C MET E 1375 7.61 -0.98 -56.93
N SER E 1376 6.62 -1.87 -56.95
CA SER E 1376 5.34 -1.49 -57.54
C SER E 1376 4.79 -0.23 -56.88
N ILE E 1377 4.81 -0.21 -55.54
CA ILE E 1377 4.25 0.92 -54.82
C ILE E 1377 5.00 2.20 -55.19
N LEU E 1378 6.33 2.14 -55.24
CA LEU E 1378 7.09 3.35 -55.51
C LEU E 1378 6.84 3.89 -56.91
N VAL E 1379 6.75 3.00 -57.91
CA VAL E 1379 6.45 3.54 -59.23
C VAL E 1379 5.09 4.21 -59.22
N MET E 1380 4.13 3.66 -58.49
CA MET E 1380 2.82 4.32 -58.46
C MET E 1380 2.93 5.69 -57.84
N VAL E 1381 3.72 5.82 -56.77
CA VAL E 1381 3.87 7.11 -56.10
C VAL E 1381 4.46 8.14 -57.05
N VAL E 1382 5.55 7.78 -57.74
CA VAL E 1382 6.19 8.77 -58.60
C VAL E 1382 5.25 9.19 -59.72
N GLN E 1383 4.47 8.23 -60.26
CA GLN E 1383 3.50 8.60 -61.28
C GLN E 1383 2.49 9.61 -60.73
N SER E 1384 2.02 9.38 -59.50
CA SER E 1384 1.06 10.31 -58.91
C SER E 1384 1.67 11.70 -58.80
N TRP E 1385 2.90 11.79 -58.32
CA TRP E 1385 3.52 13.12 -58.19
C TRP E 1385 3.67 13.80 -59.54
N GLU E 1386 4.07 13.07 -60.57
CA GLU E 1386 4.17 13.71 -61.87
C GLU E 1386 2.82 14.22 -62.33
N GLU E 1387 1.74 13.48 -62.08
CA GLU E 1387 0.44 13.99 -62.49
C GLU E 1387 0.04 15.24 -61.72
N GLU E 1388 0.38 15.30 -60.43
CA GLU E 1388 -0.01 16.46 -59.63
C GLU E 1388 0.59 17.76 -60.19
N SER E 1389 1.86 17.71 -60.58
CA SER E 1389 2.56 18.91 -61.05
C SER E 1389 2.26 19.24 -62.51
N ARG E 1390 1.32 18.55 -63.14
CA ARG E 1390 1.02 18.85 -64.54
C ARG E 1390 0.62 20.32 -64.73
N ARG E 1391 -0.04 20.89 -63.73
CA ARG E 1391 -0.51 22.27 -63.83
C ARG E 1391 0.65 23.27 -63.75
N LEU E 1392 1.54 23.07 -62.78
CA LEU E 1392 2.61 24.04 -62.54
C LEU E 1392 3.68 23.98 -63.63
N ARG E 1393 4.03 22.78 -64.07
CA ARG E 1393 5.10 22.64 -65.04
C ARG E 1393 4.73 23.28 -66.37
N GLY E 1394 5.75 23.68 -67.12
CA GLY E 1394 5.55 24.05 -68.49
C GLY E 1394 5.09 22.86 -69.31
N LYS E 1395 4.39 23.14 -70.41
CA LYS E 1395 3.75 22.05 -71.13
C LYS E 1395 4.78 21.08 -71.66
N ASP E 1396 5.99 21.54 -72.00
CA ASP E 1396 6.90 20.82 -72.86
C ASP E 1396 7.96 20.01 -72.12
N ILE E 1397 7.89 19.92 -70.79
CA ILE E 1397 8.92 19.21 -70.01
C ILE E 1397 8.28 18.02 -69.30
N SER E 1398 8.90 16.85 -69.45
CA SER E 1398 8.55 15.65 -68.72
C SER E 1398 9.72 15.28 -67.80
N PRO E 1399 9.54 15.25 -66.48
CA PRO E 1399 10.69 15.10 -65.59
C PRO E 1399 11.34 13.72 -65.68
N CYS E 1400 12.61 13.68 -65.31
CA CYS E 1400 13.39 12.44 -65.33
C CYS E 1400 12.90 11.46 -64.27
N ARG E 1401 13.18 10.18 -64.52
CA ARG E 1401 12.69 9.09 -63.68
C ARG E 1401 13.84 8.15 -63.38
N LEU E 1402 14.08 7.84 -62.10
CA LEU E 1402 15.23 7.01 -61.74
C LEU E 1402 15.06 6.45 -60.34
N LEU E 1403 15.40 5.16 -60.18
CA LEU E 1403 15.33 4.48 -58.89
C LEU E 1403 16.53 3.54 -58.72
N PHE E 1404 16.70 3.05 -57.49
CA PHE E 1404 17.84 2.22 -57.11
C PHE E 1404 17.36 0.89 -56.53
N LEU E 1405 18.30 -0.05 -56.44
CA LEU E 1405 18.06 -1.31 -55.72
C LEU E 1405 19.41 -1.94 -55.41
N ASP E 1406 19.78 -1.99 -54.12
CA ASP E 1406 21.00 -2.65 -53.70
C ASP E 1406 20.73 -4.11 -53.36
N GLU E 1407 21.80 -4.91 -53.43
CA GLU E 1407 21.71 -6.36 -53.24
C GLU E 1407 20.61 -6.96 -54.10
N ALA E 1408 20.71 -6.72 -55.41
CA ALA E 1408 19.76 -7.28 -56.34
C ALA E 1408 19.83 -8.81 -56.39
N ALA E 1409 20.90 -9.41 -55.85
CA ALA E 1409 21.05 -10.86 -55.92
C ALA E 1409 19.93 -11.58 -55.19
N ARG E 1410 19.19 -10.88 -54.32
CA ARG E 1410 18.09 -11.50 -53.59
C ARG E 1410 16.94 -11.89 -54.51
N LEU E 1411 16.94 -11.42 -55.75
CA LEU E 1411 15.86 -11.70 -56.70
C LEU E 1411 16.30 -12.77 -57.70
N ASP E 1412 15.37 -13.64 -58.07
CA ASP E 1412 15.64 -14.67 -59.06
C ASP E 1412 15.36 -14.17 -60.48
N ALA E 1413 15.69 -15.00 -61.47
CA ALA E 1413 15.66 -14.55 -62.86
C ALA E 1413 14.26 -14.08 -63.27
N LYS E 1414 13.23 -14.83 -62.90
CA LYS E 1414 11.87 -14.45 -63.28
C LYS E 1414 11.51 -13.09 -62.69
N SER E 1415 11.88 -12.86 -61.43
CA SER E 1415 11.57 -11.60 -60.77
C SER E 1415 12.26 -10.43 -61.47
N ILE E 1416 13.54 -10.59 -61.82
CA ILE E 1416 14.25 -9.54 -62.52
C ILE E 1416 13.65 -9.28 -63.89
N ALA E 1417 13.24 -10.34 -64.60
CA ALA E 1417 12.58 -10.12 -65.88
C ALA E 1417 11.34 -9.27 -65.70
N THR E 1418 10.54 -9.58 -64.68
CA THR E 1418 9.35 -8.79 -64.40
C THR E 1418 9.72 -7.33 -64.13
N LEU E 1419 10.74 -7.12 -63.30
CA LEU E 1419 11.13 -5.77 -62.93
C LEU E 1419 11.60 -4.98 -64.16
N PHE E 1420 12.38 -5.60 -65.02
CA PHE E 1420 12.84 -4.91 -66.22
C PHE E 1420 11.69 -4.52 -67.11
N GLU E 1421 10.74 -5.45 -67.35
CA GLU E 1421 9.65 -5.06 -68.25
C GLU E 1421 8.81 -3.95 -67.64
N LEU E 1422 8.56 -4.00 -66.33
CA LEU E 1422 7.83 -2.92 -65.68
C LEU E 1422 8.53 -1.59 -65.92
N CYS E 1423 9.83 -1.52 -65.60
CA CYS E 1423 10.50 -0.23 -65.68
C CYS E 1423 10.62 0.27 -67.11
N GLU E 1424 10.81 -0.62 -68.08
CA GLU E 1424 10.94 -0.14 -69.45
C GLU E 1424 9.60 0.33 -69.99
N ARG E 1425 8.49 -0.30 -69.57
CA ARG E 1425 7.19 0.19 -70.03
C ARG E 1425 6.89 1.58 -69.50
N LEU E 1426 7.46 1.94 -68.36
CA LEU E 1426 7.23 3.25 -67.74
C LEU E 1426 8.35 4.25 -68.01
N GLN E 1427 9.25 3.94 -68.95
CA GLN E 1427 10.40 4.81 -69.22
C GLN E 1427 11.15 5.16 -67.95
N MET E 1428 11.37 4.16 -67.10
CA MET E 1428 12.00 4.35 -65.80
C MET E 1428 13.43 3.84 -65.84
N GLN E 1429 14.37 4.66 -65.41
CA GLN E 1429 15.76 4.25 -65.33
C GLN E 1429 16.03 3.54 -64.02
N LEU E 1430 16.95 2.57 -64.05
CA LEU E 1430 17.31 1.79 -62.88
C LEU E 1430 18.82 1.68 -62.73
N ILE E 1431 19.26 1.63 -61.48
CA ILE E 1431 20.65 1.39 -61.12
C ILE E 1431 20.64 0.30 -60.06
N ILE E 1432 21.25 -0.84 -60.36
CA ILE E 1432 21.22 -1.99 -59.47
C ILE E 1432 22.64 -2.50 -59.24
N ALA E 1433 22.82 -3.17 -58.10
CA ALA E 1433 24.13 -3.65 -57.66
C ALA E 1433 24.01 -5.10 -57.21
N ALA E 1434 25.04 -5.89 -57.50
CA ALA E 1434 25.09 -7.28 -57.05
C ALA E 1434 26.52 -7.77 -57.14
N PRO E 1435 26.95 -8.66 -56.24
CA PRO E 1435 28.32 -9.18 -56.33
C PRO E 1435 28.61 -9.86 -57.65
N GLU E 1436 27.64 -10.56 -58.22
CA GLU E 1436 27.81 -11.32 -59.45
C GLU E 1436 26.92 -10.73 -60.53
N ASN E 1437 27.31 -10.91 -61.79
CA ASN E 1437 26.59 -10.26 -62.88
C ASN E 1437 25.23 -10.93 -63.11
N ILE E 1438 24.18 -10.38 -62.49
CA ILE E 1438 22.87 -10.99 -62.55
C ILE E 1438 22.08 -10.62 -63.81
N SER E 1439 22.53 -9.62 -64.58
CA SER E 1439 21.83 -9.17 -65.78
C SER E 1439 22.79 -9.13 -66.95
N PRO E 1440 22.99 -10.26 -67.64
CA PRO E 1440 24.00 -10.29 -68.71
C PRO E 1440 23.52 -9.81 -70.07
N GLU E 1441 22.21 -9.85 -70.36
CA GLU E 1441 21.71 -9.56 -71.69
C GLU E 1441 20.90 -8.28 -71.79
N LYS E 1442 20.98 -7.40 -70.79
CA LYS E 1442 20.25 -6.15 -70.81
C LYS E 1442 21.14 -5.02 -70.32
N GLY E 1443 21.00 -3.85 -70.93
CA GLY E 1443 21.69 -2.66 -70.48
C GLY E 1443 23.20 -2.78 -70.42
N THR E 1444 23.83 -1.83 -69.73
CA THR E 1444 25.27 -1.78 -69.56
C THR E 1444 25.65 -2.29 -68.18
N THR E 1445 26.90 -2.74 -68.05
CA THR E 1445 27.40 -3.31 -66.82
C THR E 1445 28.86 -2.90 -66.62
N TYR E 1446 29.24 -2.67 -65.37
CA TYR E 1446 30.61 -2.34 -65.02
C TYR E 1446 31.08 -3.29 -63.93
N LYS E 1447 32.37 -3.64 -63.97
CA LYS E 1447 32.99 -4.54 -63.02
C LYS E 1447 34.06 -3.79 -62.26
N LEU E 1448 33.98 -3.81 -60.93
CA LEU E 1448 34.87 -3.06 -60.05
C LEU E 1448 35.80 -4.00 -59.31
N VAL E 1449 37.10 -3.68 -59.31
CA VAL E 1449 38.10 -4.43 -58.58
C VAL E 1449 38.96 -3.45 -57.81
N ARG E 1450 39.14 -3.70 -56.52
CA ARG E 1450 39.91 -2.83 -55.64
C ARG E 1450 41.31 -3.42 -55.44
N LYS E 1451 42.33 -2.59 -55.62
CA LYS E 1451 43.72 -3.00 -55.49
C LYS E 1451 44.39 -2.18 -54.39
N VAL E 1452 45.02 -2.87 -53.44
CA VAL E 1452 45.90 -2.18 -52.50
C VAL E 1452 47.20 -1.87 -53.23
N PHE E 1453 47.68 -0.64 -53.08
CA PHE E 1453 48.74 -0.16 -53.97
C PHE E 1453 49.47 1.01 -53.33
N LYS E 1454 50.74 0.77 -52.99
CA LYS E 1454 51.62 1.77 -52.37
C LYS E 1454 50.95 2.42 -51.16
N ASN E 1455 50.49 1.58 -50.24
CA ASN E 1455 49.94 2.02 -48.95
C ASN E 1455 48.74 2.95 -49.14
N HIS E 1456 47.98 2.74 -50.22
CA HIS E 1456 46.67 3.33 -50.37
C HIS E 1456 45.87 2.41 -51.28
N GLU E 1457 44.67 2.84 -51.65
CA GLU E 1457 43.73 1.99 -52.37
C GLU E 1457 43.33 2.64 -53.67
N HIS E 1458 43.08 1.81 -54.68
CA HIS E 1458 42.70 2.27 -56.01
C HIS E 1458 41.70 1.29 -56.60
N VAL E 1459 40.68 1.82 -57.27
CA VAL E 1459 39.61 1.02 -57.86
C VAL E 1459 39.78 0.99 -59.37
N HIS E 1460 39.75 -0.21 -59.93
CA HIS E 1460 39.85 -0.43 -61.37
C HIS E 1460 38.50 -0.85 -61.91
N VAL E 1461 38.03 -0.19 -62.96
CA VAL E 1461 36.71 -0.41 -63.54
C VAL E 1461 36.89 -0.89 -64.98
N VAL E 1462 36.16 -1.95 -65.34
CA VAL E 1462 36.14 -2.50 -66.69
C VAL E 1462 34.71 -2.85 -67.06
N GLY E 1463 34.36 -2.64 -68.32
CA GLY E 1463 33.03 -2.97 -68.80
C GLY E 1463 32.88 -4.42 -69.19
N LEU E 1464 31.62 -4.86 -69.26
CA LEU E 1464 31.26 -6.21 -69.64
C LEU E 1464 30.25 -6.15 -70.79
N ARG E 1465 30.27 -7.16 -71.65
CA ARG E 1465 29.39 -7.21 -72.81
C ARG E 1465 28.75 -8.58 -72.97
N GLY E 1466 27.51 -8.56 -73.49
CA GLY E 1466 26.68 -9.75 -73.49
C GLY E 1466 27.29 -10.93 -74.22
N PHE E 1467 27.96 -10.67 -75.34
CA PHE E 1467 28.42 -11.73 -76.23
C PHE E 1467 29.84 -11.44 -76.70
N GLY E 1468 30.55 -12.52 -77.02
CA GLY E 1468 31.92 -12.44 -77.48
C GLY E 1468 32.28 -13.58 -78.42
N THR F 3 -55.56 -10.87 17.99
CA THR F 3 -56.54 -10.00 18.69
C THR F 3 -55.86 -9.25 19.83
N ILE F 4 -56.61 -8.99 20.91
CA ILE F 4 -56.04 -8.25 22.04
C ILE F 4 -54.83 -8.97 22.60
N GLU F 5 -54.81 -10.31 22.53
CA GLU F 5 -53.64 -11.06 22.98
C GLU F 5 -52.40 -10.66 22.22
N GLU F 6 -52.54 -10.08 21.02
CA GLU F 6 -51.39 -9.61 20.28
C GLU F 6 -50.56 -8.64 21.10
N ARG F 7 -51.21 -7.92 22.02
CA ARG F 7 -50.45 -7.11 22.97
C ARG F 7 -49.46 -7.97 23.73
N VAL F 8 -49.96 -8.92 24.51
CA VAL F 8 -49.10 -9.72 25.37
C VAL F 8 -48.03 -10.42 24.54
N LYS F 9 -48.45 -11.21 23.56
CA LYS F 9 -47.50 -11.96 22.76
C LYS F 9 -46.54 -11.07 22.01
N LYS F 10 -46.86 -9.78 21.86
CA LYS F 10 -45.88 -8.82 21.37
C LYS F 10 -44.96 -8.39 22.51
N ILE F 11 -45.56 -7.84 23.58
CA ILE F 11 -44.77 -7.24 24.65
C ILE F 11 -43.77 -8.25 25.19
N ILE F 12 -44.22 -9.47 25.46
CA ILE F 12 -43.33 -10.50 25.97
C ILE F 12 -42.03 -10.53 25.16
N GLY F 13 -42.16 -10.66 23.83
CA GLY F 13 -40.96 -10.70 23.02
C GLY F 13 -40.12 -9.46 23.16
N GLU F 14 -40.78 -8.29 23.08
CA GLU F 14 -40.07 -7.03 23.22
C GLU F 14 -39.36 -6.92 24.57
N GLN F 15 -39.81 -7.68 25.57
CA GLN F 15 -39.17 -7.65 26.88
C GLN F 15 -38.17 -8.77 27.09
N LEU F 16 -38.16 -9.79 26.24
CA LEU F 16 -37.30 -10.95 26.43
C LEU F 16 -36.37 -11.20 25.25
N GLY F 17 -36.46 -10.43 24.16
CA GLY F 17 -35.60 -10.62 23.02
C GLY F 17 -36.02 -11.72 22.08
N VAL F 18 -37.02 -12.53 22.44
CA VAL F 18 -37.52 -13.59 21.58
C VAL F 18 -38.58 -13.00 20.65
N LYS F 19 -38.92 -13.73 19.61
CA LYS F 19 -39.95 -13.30 18.67
C LYS F 19 -41.32 -13.74 19.16
N GLN F 20 -42.36 -13.37 18.39
CA GLN F 20 -43.73 -13.62 18.82
C GLN F 20 -44.01 -15.11 18.98
N GLU F 21 -43.55 -15.92 18.03
CA GLU F 21 -43.83 -17.36 18.03
C GLU F 21 -42.88 -18.17 18.89
N GLU F 22 -41.78 -17.57 19.37
CA GLU F 22 -40.81 -18.33 20.13
C GLU F 22 -41.40 -18.88 21.43
N VAL F 23 -42.22 -18.07 22.12
CA VAL F 23 -42.77 -18.47 23.40
C VAL F 23 -43.75 -19.62 23.20
N THR F 24 -43.63 -20.64 24.07
CA THR F 24 -44.54 -21.78 24.07
C THR F 24 -45.33 -21.79 25.37
N ASN F 25 -46.63 -22.07 25.26
CA ASN F 25 -47.51 -21.96 26.43
C ASN F 25 -47.09 -22.91 27.55
N ASN F 26 -46.48 -24.05 27.21
CA ASN F 26 -46.08 -25.02 28.22
C ASN F 26 -44.89 -24.55 29.04
N ALA F 27 -44.04 -23.69 28.48
CA ALA F 27 -42.79 -23.32 29.13
C ALA F 27 -43.03 -22.31 30.25
N SER F 28 -41.96 -22.00 30.96
CA SER F 28 -41.99 -21.08 32.10
C SER F 28 -40.97 -19.97 31.88
N PHE F 29 -41.37 -18.74 32.21
CA PHE F 29 -40.49 -17.59 32.03
C PHE F 29 -39.23 -17.71 32.87
N VAL F 30 -39.37 -18.18 34.12
CA VAL F 30 -38.28 -18.08 35.08
C VAL F 30 -37.04 -18.81 34.58
N GLU F 31 -37.21 -19.99 34.00
CA GLU F 31 -36.09 -20.83 33.61
C GLU F 31 -36.08 -21.23 32.14
N ASP F 32 -37.23 -21.36 31.50
CA ASP F 32 -37.29 -21.84 30.12
C ASP F 32 -37.22 -20.72 29.10
N LEU F 33 -37.21 -19.45 29.53
CA LEU F 33 -37.03 -18.33 28.63
C LEU F 33 -35.75 -17.55 28.88
N GLY F 34 -35.02 -17.83 29.95
CA GLY F 34 -33.79 -17.16 30.25
C GLY F 34 -33.93 -15.87 31.03
N ALA F 35 -35.15 -15.42 31.29
CA ALA F 35 -35.37 -14.19 32.04
C ALA F 35 -35.21 -14.47 33.53
N ASP F 36 -34.30 -13.75 34.17
CA ASP F 36 -34.05 -13.94 35.59
C ASP F 36 -35.07 -13.16 36.41
O 4HH F 37 -37.18 -10.50 37.94
C 4HH F 37 -36.03 -10.92 38.10
CA 4HH F 37 -35.77 -12.34 38.58
N 4HH F 37 -34.83 -13.03 37.72
CB 4HH F 37 -35.23 -12.33 40.01
OG 4HH F 37 -33.97 -11.68 40.08
CJ 4HH F 37 -34.57 -9.65 40.90
CK 4HH F 37 -34.96 -8.38 41.65
CL1 4HH F 37 -34.89 -8.64 43.15
CL2 4HH F 37 -33.96 -7.27 41.31
CL3 4HH F 37 -37.42 -8.98 41.51
CM 4HH F 37 -36.38 -7.91 41.28
OM 4HH F 37 -36.41 -7.50 39.92
NN 4HH F 37 -38.25 -8.82 42.53
ON 4HH F 37 -37.46 -9.97 40.78
P 4HH F 37 -32.56 -11.34 40.63
O1P 4HH F 37 -31.19 -11.47 41.27
O2P 4HH F 37 -32.49 -11.08 39.14
O3P 4HH F 37 -33.20 -10.00 41.27
CO 4HH F 37 -39.37 -9.70 42.80
CP 4HH F 37 -40.70 -8.99 42.74
CQ 4HH F 37 -40.79 -7.87 43.77
CS 4HH F 37 -42.00 -5.89 44.57
CT 4HH F 37 -43.22 -5.08 44.22
NR 4HH F 37 -41.83 -7.04 43.70
OR 4HH F 37 -39.91 -7.72 44.62
SU 4HH F 37 -43.39 -3.61 45.27
HA 4HH F 37 -36.62 -12.82 38.59
H 4HH F 37 -34.14 -13.35 38.12
HB3 4HH F 37 -35.13 -13.24 40.33
HB2 4HH F 37 -35.86 -11.86 40.59
HJ3 4HH F 37 -34.62 -9.50 39.94
HJ2 4HH F 37 -35.17 -10.37 41.14
HL13 4HH F 37 -35.49 -9.37 43.39
HL12 4HH F 37 -35.16 -7.84 43.63
HL11 4HH F 37 -33.98 -8.88 43.41
HL21 4HH F 37 -34.21 -6.46 41.78
HL23 4HH F 37 -33.97 -7.11 40.34
HL22 4HH F 37 -33.07 -7.54 41.58
HL3 4HH F 37 -36.59 -7.14 41.85
HM 4HH F 37 -36.24 -8.16 39.42
HN 4HH F 37 -38.12 -8.13 43.06
HO2 4HH F 37 -39.26 -10.10 43.69
HO3 4HH F 37 -39.38 -10.43 42.15
HP3 4HH F 37 -40.84 -8.61 41.86
HP2 4HH F 37 -41.42 -9.61 42.91
HS2 4HH F 37 -42.08 -6.20 45.50
HS3 4HH F 37 -41.21 -5.32 44.50
HT3 4HH F 37 -43.16 -4.80 43.29
HT2 4HH F 37 -44.01 -5.64 44.33
HR 4HH F 37 -42.44 -7.20 43.09
HU 4HH F 37 -42.35 -3.10 44.97
N LEU F 38 -34.96 -10.17 37.85
CA LEU F 38 -35.11 -8.79 37.40
C LEU F 38 -35.85 -8.72 36.08
N ASP F 39 -35.52 -9.61 35.15
CA ASP F 39 -36.17 -9.58 33.84
C ASP F 39 -37.64 -9.90 33.96
N THR F 40 -38.01 -10.84 34.82
CA THR F 40 -39.43 -11.18 34.98
C THR F 40 -40.18 -10.04 35.67
N VAL F 41 -39.54 -9.38 36.65
CA VAL F 41 -40.16 -8.21 37.25
C VAL F 41 -40.40 -7.15 36.18
N GLU F 42 -39.42 -6.91 35.32
CA GLU F 42 -39.58 -5.94 34.25
C GLU F 42 -40.70 -6.34 33.31
N LEU F 43 -40.81 -7.63 32.99
CA LEU F 43 -41.87 -8.09 32.10
C LEU F 43 -43.24 -7.86 32.69
N VAL F 44 -43.44 -8.26 33.95
CA VAL F 44 -44.75 -8.09 34.57
C VAL F 44 -45.09 -6.62 34.71
N MET F 45 -44.08 -5.79 35.00
CA MET F 45 -44.35 -4.37 35.20
C MET F 45 -44.64 -3.68 33.88
N ALA F 46 -44.00 -4.13 32.80
CA ALA F 46 -44.34 -3.62 31.47
C ALA F 46 -45.76 -4.04 31.08
N LEU F 47 -46.15 -5.27 31.41
CA LEU F 47 -47.53 -5.68 31.19
C LEU F 47 -48.48 -4.77 31.97
N GLU F 48 -48.13 -4.45 33.21
CA GLU F 48 -48.93 -3.53 34.00
C GLU F 48 -49.07 -2.18 33.31
N GLU F 49 -47.95 -1.65 32.80
CA GLU F 49 -47.98 -0.35 32.12
C GLU F 49 -48.86 -0.39 30.88
N GLU F 50 -48.73 -1.45 30.08
CA GLU F 50 -49.41 -1.47 28.79
C GLU F 50 -50.93 -1.41 28.96
N PHE F 51 -51.47 -2.15 29.92
CA PHE F 51 -52.91 -2.24 30.12
C PHE F 51 -53.44 -1.19 31.09
N ASP F 52 -52.60 -0.28 31.56
CA ASP F 52 -53.04 0.82 32.43
C ASP F 52 -53.80 0.28 33.64
N THR F 53 -53.30 -0.80 34.22
CA THR F 53 -53.94 -1.44 35.36
C THR F 53 -52.91 -1.70 36.46
N GLU F 54 -53.31 -2.44 37.49
CA GLU F 54 -52.44 -2.77 38.61
C GLU F 54 -52.50 -4.27 38.88
N ILE F 55 -51.39 -4.82 39.33
CA ILE F 55 -51.29 -6.21 39.72
C ILE F 55 -50.50 -6.30 41.03
N PRO F 56 -51.11 -6.67 42.15
CA PRO F 56 -50.34 -6.76 43.40
C PRO F 56 -49.27 -7.83 43.31
N ASP F 57 -48.45 -7.88 44.36
CA ASP F 57 -47.33 -8.82 44.37
C ASP F 57 -47.82 -10.27 44.32
N GLU F 58 -48.84 -10.59 45.11
CA GLU F 58 -49.29 -11.98 45.20
C GLU F 58 -49.78 -12.49 43.85
N GLU F 59 -50.69 -11.76 43.21
CA GLU F 59 -51.15 -12.15 41.89
C GLU F 59 -50.02 -12.08 40.87
N ALA F 60 -49.20 -11.04 40.94
CA ALA F 60 -48.11 -10.89 39.99
C ALA F 60 -47.17 -12.09 40.01
N GLU F 61 -46.98 -12.72 41.16
CA GLU F 61 -46.07 -13.84 41.25
C GLU F 61 -46.59 -15.09 40.56
N LYS F 62 -47.84 -15.11 40.12
CA LYS F 62 -48.47 -16.29 39.52
C LYS F 62 -48.42 -16.25 37.99
N ILE F 63 -47.40 -15.63 37.42
CA ILE F 63 -47.27 -15.50 35.97
C ILE F 63 -46.02 -16.22 35.46
N THR F 64 -45.49 -17.16 36.24
CA THR F 64 -44.24 -17.82 35.85
C THR F 64 -44.40 -18.59 34.54
N THR F 65 -45.61 -19.01 34.20
CA THR F 65 -45.84 -19.74 32.97
C THR F 65 -46.29 -18.78 31.86
N VAL F 66 -46.06 -19.20 30.62
CA VAL F 66 -46.34 -18.33 29.47
C VAL F 66 -47.83 -18.02 29.39
N GLN F 67 -48.67 -19.04 29.56
CA GLN F 67 -50.11 -18.85 29.35
C GLN F 67 -50.70 -17.88 30.36
N ALA F 68 -50.18 -17.88 31.59
CA ALA F 68 -50.77 -17.05 32.63
C ALA F 68 -50.87 -15.59 32.22
N ALA F 69 -49.94 -15.13 31.38
CA ALA F 69 -49.91 -13.72 31.00
C ALA F 69 -51.23 -13.29 30.36
N ILE F 70 -51.98 -14.23 29.77
CA ILE F 70 -53.25 -13.90 29.15
C ILE F 70 -54.38 -14.31 30.10
N ASP F 71 -54.14 -15.32 30.93
CA ASP F 71 -55.21 -15.85 31.77
C ASP F 71 -55.77 -14.79 32.70
N TYR F 72 -54.89 -14.02 33.35
CA TYR F 72 -55.34 -12.93 34.19
C TYR F 72 -55.83 -11.74 33.37
N ILE F 73 -55.40 -11.63 32.11
CA ILE F 73 -55.76 -10.47 31.30
C ILE F 73 -57.19 -10.59 30.80
N ASN F 74 -57.49 -11.65 30.07
CA ASN F 74 -58.82 -11.84 29.50
C ASN F 74 -59.80 -12.32 30.56
N THR G 3 -18.17 45.98 43.11
CA THR G 3 -19.33 46.79 43.60
C THR G 3 -20.55 46.59 42.71
N ILE G 4 -21.70 47.03 43.19
CA ILE G 4 -22.94 46.86 42.45
C ILE G 4 -22.88 47.62 41.13
N GLU G 5 -22.42 48.87 41.17
CA GLU G 5 -22.43 49.72 39.99
C GLU G 5 -21.46 49.24 38.92
N GLU G 6 -20.52 48.36 39.26
CA GLU G 6 -19.67 47.72 38.26
C GLU G 6 -20.00 46.25 38.06
N ARG G 7 -20.61 45.59 39.04
CA ARG G 7 -21.15 44.26 38.79
C ARG G 7 -22.25 44.32 37.74
N VAL G 8 -23.01 45.41 37.71
CA VAL G 8 -24.01 45.59 36.66
C VAL G 8 -23.34 45.61 35.29
N LYS G 9 -22.21 46.32 35.18
CA LYS G 9 -21.47 46.32 33.91
C LYS G 9 -20.92 44.94 33.60
N LYS G 10 -20.40 44.24 34.62
CA LYS G 10 -19.93 42.88 34.42
C LYS G 10 -21.01 42.02 33.79
N ILE G 11 -22.23 42.12 34.30
CA ILE G 11 -23.33 41.31 33.76
C ILE G 11 -23.72 41.79 32.37
N ILE G 12 -23.85 43.10 32.17
CA ILE G 12 -24.39 43.61 30.92
C ILE G 12 -23.44 43.32 29.77
N GLY G 13 -22.14 43.59 29.96
CA GLY G 13 -21.19 43.38 28.88
C GLY G 13 -21.09 41.92 28.48
N GLU G 14 -21.08 41.02 29.44
CA GLU G 14 -20.95 39.59 29.18
C GLU G 14 -22.27 38.91 28.82
N GLN G 15 -23.40 39.61 28.97
CA GLN G 15 -24.67 39.08 28.51
C GLN G 15 -25.11 39.65 27.17
N LEU G 16 -24.57 40.80 26.78
CA LEU G 16 -24.82 41.38 25.46
C LEU G 16 -23.58 41.38 24.57
N GLY G 17 -22.41 41.14 25.14
CA GLY G 17 -21.18 41.08 24.35
C GLY G 17 -20.64 42.43 23.92
N VAL G 18 -21.21 43.53 24.42
CA VAL G 18 -20.78 44.86 24.01
C VAL G 18 -19.60 45.30 24.87
N LYS G 19 -18.91 46.33 24.41
CA LYS G 19 -17.71 46.80 25.08
C LYS G 19 -18.06 47.45 26.42
N GLN G 20 -17.11 47.37 27.36
CA GLN G 20 -17.29 48.07 28.63
C GLN G 20 -17.40 49.58 28.42
N GLU G 21 -16.65 50.13 27.48
CA GLU G 21 -16.73 51.56 27.19
C GLU G 21 -18.13 51.93 26.71
N GLU G 22 -18.75 51.06 25.91
CA GLU G 22 -20.09 51.35 25.38
C GLU G 22 -21.10 51.47 26.51
N VAL G 23 -21.00 50.61 27.51
CA VAL G 23 -22.01 50.57 28.57
C VAL G 23 -21.77 51.68 29.57
N THR G 24 -22.41 52.83 29.33
CA THR G 24 -22.43 53.93 30.29
C THR G 24 -23.72 53.87 31.09
N ASN G 25 -23.88 54.82 32.01
CA ASN G 25 -25.07 54.80 32.86
C ASN G 25 -26.35 54.98 32.04
N ASN G 26 -26.32 55.87 31.05
CA ASN G 26 -27.50 56.19 30.27
C ASN G 26 -27.63 55.33 29.02
N ALA G 27 -26.73 54.40 28.78
CA ALA G 27 -26.76 53.56 27.58
C ALA G 27 -27.97 52.65 27.64
N SER G 28 -28.96 52.89 26.77
CA SER G 28 -30.12 52.02 26.68
C SER G 28 -29.75 50.71 25.99
N PHE G 29 -30.39 49.62 26.41
CA PHE G 29 -30.02 48.31 25.90
C PHE G 29 -30.39 48.17 24.42
N VAL G 30 -31.63 48.52 24.07
CA VAL G 30 -32.15 48.16 22.75
C VAL G 30 -31.46 48.96 21.65
N GLU G 31 -31.33 50.28 21.83
CA GLU G 31 -30.82 51.13 20.77
C GLU G 31 -29.30 51.26 20.81
N ASP G 32 -28.74 51.46 22.00
CA ASP G 32 -27.28 51.59 22.11
C ASP G 32 -26.60 50.23 22.09
N LEU G 33 -26.99 49.34 23.01
CA LEU G 33 -26.37 48.02 23.12
C LEU G 33 -26.93 47.01 22.12
N GLY G 34 -28.07 47.31 21.50
CA GLY G 34 -28.61 46.45 20.47
C GLY G 34 -29.33 45.22 20.96
N ALA G 35 -29.44 45.02 22.26
CA ALA G 35 -30.10 43.83 22.78
C ALA G 35 -31.58 43.85 22.44
N ASP G 36 -32.05 42.80 21.79
CA ASP G 36 -33.44 42.68 21.36
C ASP G 36 -34.24 41.93 22.43
O 4HH G 37 -35.65 39.97 25.10
C 4HH G 37 -35.77 39.84 23.88
CA 4HH G 37 -36.41 40.93 23.03
N 4HH G 37 -35.47 41.55 22.09
CB 4HH G 37 -37.59 40.38 22.24
OG 4HH G 37 -38.54 39.74 23.06
CJ 4HH G 37 -40.05 37.86 23.97
CK 4HH G 37 -41.13 37.93 25.04
CL1 4HH G 37 -41.04 39.28 25.75
CL2 4HH G 37 -42.50 37.82 24.38
CL3 4HH G 37 -41.95 36.81 27.16
CM 4HH G 37 -40.93 36.79 26.03
OM 4HH G 37 -39.61 36.88 26.57
NN 4HH G 37 -42.85 35.84 27.17
ON 4HH G 37 -41.90 37.69 28.01
P 4HH G 37 -39.23 39.13 21.81
O1P 4HH G 37 -39.05 37.76 21.18
O2P 4HH G 37 -39.88 40.13 20.86
O3P 4HH G 37 -40.28 38.93 23.00
CO 4HH G 37 -43.83 35.69 28.24
CP 4HH G 37 -44.80 36.85 28.30
CQ 4HH G 37 -45.65 36.78 29.56
CS 4HH G 37 -46.94 35.30 31.04
CT 4HH G 37 -46.23 34.18 31.77
NR 4HH G 37 -46.28 35.62 29.79
OR 4HH G 37 -45.72 37.73 30.33
SU 4HH G 37 -46.01 32.70 30.76
HA 4HH G 37 -36.74 41.62 23.63
H 4HH G 37 -35.79 41.62 21.30
HB3 4HH G 37 -37.26 39.76 21.58
HB2 4HH G 37 -38.02 41.12 21.79
HJ3 4HH G 37 -40.09 36.99 23.51
HJ2 4HH G 37 -39.16 37.96 24.37
HL13 4HH G 37 -40.20 39.35 26.23
HL12 4HH G 37 -41.78 39.37 26.38
HL11 4HH G 37 -41.09 40.00 25.09
HL21 4HH G 37 -43.20 37.88 25.06
HL23 4HH G 37 -42.58 36.95 23.92
HL22 4HH G 37 -42.62 38.53 23.72
HL3 4HH G 37 -41.01 35.94 25.54
HM 4HH G 37 -39.51 36.24 27.13
HN 4HH G 37 -42.86 35.26 26.51
HO2 4HH G 37 -43.37 35.61 29.09
HO3 4HH G 37 -44.34 34.87 28.09
HP3 4HH G 37 -44.30 37.69 28.30
HP2 4HH G 37 -45.38 36.84 27.52
HS2 4HH G 37 -46.96 36.10 31.61
HS3 4HH G 37 -47.86 35.03 30.86
HT3 4HH G 37 -45.35 34.50 32.06
HT2 4HH G 37 -46.74 33.95 32.57
HR 4HH G 37 -46.31 35.04 29.14
HU 4HH G 37 -47.18 32.50 30.55
N LEU G 38 -35.35 38.74 23.23
CA LEU G 38 -34.77 37.64 23.96
C LEU G 38 -33.46 38.03 24.64
N ASP G 39 -32.65 38.86 23.98
CA ASP G 39 -31.41 39.30 24.60
C ASP G 39 -31.68 40.07 25.89
N THR G 40 -32.68 40.96 25.89
CA THR G 40 -33.01 41.69 27.10
C THR G 40 -33.59 40.76 28.16
N VAL G 41 -34.38 39.76 27.75
CA VAL G 41 -34.89 38.78 28.70
C VAL G 41 -33.74 38.09 29.40
N GLU G 42 -32.74 37.65 28.64
CA GLU G 42 -31.60 36.97 29.23
C GLU G 42 -30.80 37.93 30.10
N LEU G 43 -30.73 39.21 29.71
CA LEU G 43 -30.03 40.19 30.51
C LEU G 43 -30.69 40.37 31.88
N VAL G 44 -32.02 40.46 31.90
CA VAL G 44 -32.70 40.61 33.18
C VAL G 44 -32.56 39.34 34.02
N MET G 45 -32.61 38.18 33.37
CA MET G 45 -32.40 36.94 34.12
C MET G 45 -31.01 36.90 34.75
N ALA G 46 -30.00 37.32 33.99
CA ALA G 46 -28.64 37.35 34.54
C ALA G 46 -28.51 38.36 35.67
N LEU G 47 -29.15 39.52 35.52
CA LEU G 47 -29.13 40.50 36.60
C LEU G 47 -29.77 39.93 37.87
N GLU G 48 -30.87 39.19 37.71
CA GLU G 48 -31.47 38.52 38.85
C GLU G 48 -30.50 37.53 39.48
N GLU G 49 -29.83 36.73 38.66
CA GLU G 49 -28.95 35.68 39.18
C GLU G 49 -27.76 36.27 39.91
N GLU G 50 -27.17 37.35 39.39
CA GLU G 50 -25.95 37.90 39.97
C GLU G 50 -26.18 38.26 41.43
N PHE G 51 -27.26 38.97 41.73
CA PHE G 51 -27.55 39.45 43.07
C PHE G 51 -28.56 38.59 43.80
N ASP G 52 -28.88 37.41 43.26
CA ASP G 52 -29.71 36.41 43.93
C ASP G 52 -30.99 37.03 44.49
N THR G 53 -31.67 37.81 43.65
CA THR G 53 -32.94 38.44 43.99
C THR G 53 -33.95 38.14 42.89
N GLU G 54 -35.16 38.65 43.08
CA GLU G 54 -36.24 38.47 42.11
C GLU G 54 -36.92 39.81 41.87
N ILE G 55 -37.54 39.95 40.71
CA ILE G 55 -38.13 41.21 40.29
C ILE G 55 -39.53 40.96 39.74
N PRO G 56 -40.48 41.87 39.93
CA PRO G 56 -41.80 41.68 39.31
C PRO G 56 -41.72 41.82 37.80
N ASP G 57 -42.70 41.22 37.13
CA ASP G 57 -42.70 41.23 35.66
C ASP G 57 -42.79 42.65 35.12
N GLU G 58 -43.78 43.42 35.60
CA GLU G 58 -43.99 44.76 35.08
C GLU G 58 -42.83 45.68 35.47
N GLU G 59 -42.45 45.65 36.75
CA GLU G 59 -41.34 46.49 37.19
C GLU G 59 -40.04 46.12 36.50
N ALA G 60 -39.86 44.84 36.16
CA ALA G 60 -38.68 44.43 35.43
C ALA G 60 -38.71 44.95 34.00
N GLU G 61 -39.84 44.76 33.30
CA GLU G 61 -39.93 45.22 31.92
C GLU G 61 -39.81 46.74 31.84
N LYS G 62 -40.16 47.45 32.92
CA LYS G 62 -39.96 48.89 32.93
C LYS G 62 -38.48 49.26 32.80
N ILE G 63 -37.59 48.35 33.19
CA ILE G 63 -36.16 48.60 33.13
C ILE G 63 -35.70 48.45 31.70
N THR G 64 -35.21 49.54 31.10
CA THR G 64 -34.74 49.50 29.71
C THR G 64 -33.48 50.33 29.52
N THR G 65 -32.63 50.43 30.54
CA THR G 65 -31.41 51.22 30.41
C THR G 65 -30.47 50.85 31.55
N VAL G 66 -29.18 51.14 31.34
CA VAL G 66 -28.19 50.87 32.38
C VAL G 66 -28.51 51.66 33.64
N GLN G 67 -28.85 52.94 33.48
CA GLN G 67 -29.22 53.75 34.64
C GLN G 67 -30.44 53.16 35.34
N ALA G 68 -31.47 52.79 34.58
CA ALA G 68 -32.64 52.17 35.18
C ALA G 68 -32.29 50.82 35.79
N ALA G 69 -31.43 50.06 35.12
CA ALA G 69 -31.00 48.77 35.66
C ALA G 69 -30.39 48.94 37.04
N ILE G 70 -29.42 49.85 37.19
CA ILE G 70 -28.80 50.06 38.49
C ILE G 70 -29.83 50.62 39.46
N ASP G 71 -30.69 51.53 39.00
CA ASP G 71 -31.66 52.14 39.89
C ASP G 71 -32.55 51.09 40.55
N TYR G 72 -33.00 50.09 39.78
CA TYR G 72 -33.74 49.01 40.40
C TYR G 72 -32.84 48.09 41.20
N ILE G 73 -31.58 47.93 40.77
CA ILE G 73 -30.65 47.06 41.49
C ILE G 73 -30.22 47.70 42.81
N ASN G 74 -29.91 49.00 42.78
CA ASN G 74 -29.47 49.71 43.99
C ASN G 74 -30.64 50.47 44.62
MG MG H . 13.65 -16.62 -48.08
PG ATP I . 13.16 -16.12 -50.56
O1G ATP I . 13.05 -15.43 -51.86
O2G ATP I . 12.98 -15.21 -49.35
O3G ATP I . 14.46 -16.91 -50.38
PB ATP I . 11.74 -18.54 -49.65
O1B ATP I . 11.93 -19.71 -50.54
O2B ATP I . 12.59 -18.53 -48.38
O3B ATP I . 12.01 -17.20 -50.41
PA ATP I . 9.43 -18.39 -47.83
O1A ATP I . 9.82 -17.23 -47.00
O2A ATP I . 9.74 -19.73 -47.19
O3A ATP I . 10.22 -18.35 -49.19
O5' ATP I . 7.92 -18.39 -48.27
C5' ATP I . 7.38 -19.48 -49.04
C4' ATP I . 5.97 -19.16 -49.47
O4' ATP I . 5.19 -19.07 -48.27
C3' ATP I . 5.89 -17.77 -50.10
O3' ATP I . 4.75 -17.80 -50.95
C2' ATP I . 5.50 -16.87 -48.93
O2' ATP I . 4.62 -15.92 -49.51
C1' ATP I . 4.57 -17.80 -48.16
N9 ATP I . 4.55 -17.48 -46.74
C8 ATP I . 5.61 -17.48 -45.88
N7 ATP I . 5.31 -17.15 -44.65
C5 ATP I . 3.94 -16.91 -44.72
C6 ATP I . 3.00 -16.51 -43.74
N6 ATP I . 3.31 -16.29 -42.46
N1 ATP I . 1.72 -16.36 -44.13
C2 ATP I . 1.41 -16.59 -45.40
N3 ATP I . 2.20 -16.96 -46.41
C4 ATP I . 3.46 -17.11 -46.00
H5'1 ATP I . 7.37 -20.30 -48.52
H5'2 ATP I . 7.92 -19.62 -49.83
H4' ATP I . 5.62 -19.83 -50.07
H3' ATP I . 6.71 -17.50 -50.56
HO3' ATP I . 4.86 -17.20 -51.53
H2' ATP I . 6.24 -16.50 -48.42
HO2' ATP I . 5.12 -15.33 -49.89
H1' ATP I . 3.68 -17.79 -48.53
H8 ATP I . 6.48 -17.70 -46.14
HN61 ATP I . 4.11 -16.40 -42.17
HN62 ATP I . 2.69 -16.05 -41.91
H2 ATP I . 0.51 -16.47 -45.62
MG MG J . 28.54 -2.18 -50.55
PG ATP K . 29.18 -4.91 -50.72
O1G ATP K . 29.71 -6.00 -49.85
O2G ATP K . 28.19 -3.97 -50.00
O3G ATP K . 28.55 -5.42 -52.02
PB ATP K . 30.61 -2.79 -52.18
O1B ATP K . 31.32 -3.25 -53.39
O2B ATP K . 29.28 -2.09 -52.41
O3B ATP K . 30.36 -3.96 -51.18
PA ATP K . 31.23 -0.59 -50.33
O1A ATP K . 30.10 -0.89 -49.44
O2A ATP K . 31.03 0.62 -51.23
O3A ATP K . 31.49 -1.81 -51.29
O5' ATP K . 32.60 -0.41 -49.58
C5' ATP K . 33.82 -0.10 -50.30
C4' ATP K . 34.99 -0.11 -49.37
O4' ATP K . 34.92 1.09 -48.58
C3' ATP K . 34.87 -1.25 -48.36
O3' ATP K . 36.19 -1.57 -47.95
C2' ATP K . 34.23 -0.59 -47.15
O2' ATP K . 34.85 -1.20 -46.03
C1' ATP K . 34.88 0.78 -47.20
N9 ATP K . 34.05 1.79 -46.58
C8 ATP K . 32.75 2.10 -46.88
N7 ATP K . 32.23 3.06 -46.16
C5 ATP K . 33.27 3.42 -45.31
C6 ATP K . 33.37 4.38 -44.28
N6 ATP K . 32.38 5.20 -43.93
N1 ATP K . 34.55 4.48 -43.63
C2 ATP K . 35.56 3.66 -43.98
N3 ATP K . 35.57 2.72 -44.92
C4 ATP K . 34.40 2.64 -45.55
H5'1 ATP K . 33.74 0.79 -50.70
H5'2 ATP K . 33.95 -0.75 -51.01
H4' ATP K . 35.83 -0.18 -49.86
H3' ATP K . 34.36 -2.02 -48.69
HO3' ATP K . 36.19 -2.37 -47.67
H2' ATP K . 33.26 -0.59 -47.12
HO2' ATP K . 34.53 -1.98 -45.97
H1' ATP K . 35.77 0.77 -46.81
H8 ATP K . 32.27 1.66 -47.55
HN61 ATP K . 31.63 5.16 -44.34
HN62 ATP K . 32.51 5.76 -43.30
H2 ATP K . 36.34 3.78 -43.50
#